data_2JZB
#
_entry.id   2JZB
#
loop_
_entity.id
_entity.type
_entity.pdbx_description
1 polymer 'DNA-directed RNA polymerase subunit alpha'
2 polymer 'Transcription elongation protein nusA'
#
loop_
_entity_poly.entity_id
_entity_poly.type
_entity_poly.pdbx_seq_one_letter_code
_entity_poly.pdbx_strand_id
1 'polypeptide(L)'
;GPDLRDVRQPEVKEEKPEFDPILLRPVDDLELTVRSANCLKAEAIHYIGDLVQRTEVELLKTPNLGKKSLTEIKDVLASR
GLSLGMRLENWPPASIADE
;
A
2 'polypeptide(L)' GPSLGDNKPADDLLNLEGVDRDLAFKLAARGVCTLEDLAEQGIDDLADIEGLTDEKAGALIMAARNICWFGDEA B
#
# COMPACT_ATOMS: atom_id res chain seq x y z
N PHE A 19 1.32 -11.44 25.47
CA PHE A 19 0.70 -10.86 24.25
C PHE A 19 1.24 -9.46 24.01
N ASP A 20 2.01 -9.27 22.98
CA ASP A 20 2.58 -7.91 22.70
C ASP A 20 1.43 -6.89 22.73
N PRO A 21 1.55 -5.88 23.61
CA PRO A 21 0.54 -4.83 23.74
C PRO A 21 0.43 -4.00 22.47
N ILE A 22 1.48 -3.91 21.72
CA ILE A 22 1.43 -3.12 20.46
C ILE A 22 0.53 -3.85 19.46
N LEU A 23 0.51 -5.16 19.52
CA LEU A 23 -0.35 -5.93 18.59
C LEU A 23 -1.81 -5.83 19.03
N LEU A 24 -2.07 -5.98 20.29
CA LEU A 24 -3.48 -5.88 20.80
C LEU A 24 -4.00 -4.47 20.56
N ARG A 25 -3.17 -3.47 20.72
CA ARG A 25 -3.63 -2.08 20.49
C ARG A 25 -4.12 -1.94 19.05
N PRO A 26 -5.20 -1.17 18.87
CA PRO A 26 -5.79 -0.95 17.53
C PRO A 26 -4.87 -0.10 16.65
N VAL A 27 -4.66 -0.50 15.42
CA VAL A 27 -3.77 0.27 14.51
C VAL A 27 -4.10 1.76 14.64
N ASP A 28 -5.31 2.08 15.03
CA ASP A 28 -5.69 3.51 15.18
C ASP A 28 -4.95 4.11 16.38
N ASP A 29 -4.66 3.31 17.37
CA ASP A 29 -3.94 3.83 18.56
C ASP A 29 -2.52 4.23 18.15
N LEU A 30 -2.02 3.68 17.08
CA LEU A 30 -0.64 4.04 16.64
C LEU A 30 -0.44 5.55 16.75
N GLU A 31 0.64 5.96 17.34
CA GLU A 31 0.90 7.43 17.48
C GLU A 31 0.87 8.08 16.11
N LEU A 32 1.13 7.34 15.07
CA LEU A 32 1.12 7.92 13.70
C LEU A 32 -0.28 8.43 13.37
N THR A 33 -0.41 9.26 12.37
CA THR A 33 -1.76 9.78 12.01
C THR A 33 -2.67 8.62 11.58
N VAL A 34 -3.95 8.83 11.60
CA VAL A 34 -4.88 7.74 11.20
C VAL A 34 -4.51 7.24 9.81
N ARG A 35 -3.90 8.07 9.01
CA ARG A 35 -3.50 7.64 7.64
C ARG A 35 -2.71 6.33 7.71
N SER A 36 -1.79 6.23 8.65
CA SER A 36 -1.00 4.99 8.78
C SER A 36 -1.94 3.80 9.03
N ALA A 37 -2.82 3.92 9.98
CA ALA A 37 -3.76 2.80 10.27
C ALA A 37 -4.77 2.67 9.13
N ASN A 38 -5.15 3.77 8.53
CA ASN A 38 -6.12 3.71 7.41
C ASN A 38 -5.61 2.78 6.33
N CYS A 39 -4.33 2.80 6.07
CA CYS A 39 -3.77 1.90 5.02
C CYS A 39 -4.03 0.44 5.39
N LEU A 40 -3.46 -0.03 6.47
CA LEU A 40 -3.69 -1.44 6.88
C LEU A 40 -5.16 -1.64 7.23
N LYS A 41 -5.72 -0.75 8.00
CA LYS A 41 -7.14 -0.89 8.39
C LYS A 41 -8.00 -1.05 7.13
N ALA A 42 -7.62 -0.42 6.05
CA ALA A 42 -8.40 -0.55 4.80
C ALA A 42 -8.58 -2.03 4.45
N GLU A 43 -7.70 -2.87 4.94
CA GLU A 43 -7.82 -4.32 4.63
C GLU A 43 -8.70 -5.00 5.69
N ALA A 44 -9.53 -4.23 6.35
CA ALA A 44 -10.41 -4.83 7.39
C ALA A 44 -9.56 -5.21 8.62
N ILE A 45 -8.58 -4.40 8.93
CA ILE A 45 -7.72 -4.72 10.11
C ILE A 45 -7.95 -3.66 11.20
N HIS A 46 -8.26 -4.09 12.39
CA HIS A 46 -8.49 -3.12 13.49
C HIS A 46 -7.43 -3.30 14.58
N TYR A 47 -6.94 -4.50 14.75
CA TYR A 47 -5.90 -4.73 15.79
C TYR A 47 -4.55 -4.93 15.13
N ILE A 48 -3.55 -4.20 15.55
CA ILE A 48 -2.20 -4.35 14.94
C ILE A 48 -1.83 -5.83 14.87
N GLY A 49 -2.32 -6.61 15.80
CA GLY A 49 -2.01 -8.07 15.78
C GLY A 49 -2.17 -8.61 14.36
N ASP A 50 -3.28 -8.32 13.73
CA ASP A 50 -3.49 -8.83 12.34
C ASP A 50 -2.30 -8.43 11.48
N LEU A 51 -1.71 -7.30 11.77
CA LEU A 51 -0.54 -6.85 10.96
C LEU A 51 0.55 -7.93 11.02
N VAL A 52 0.84 -8.43 12.19
CA VAL A 52 1.88 -9.48 12.31
C VAL A 52 1.36 -10.77 11.67
N GLN A 53 0.06 -10.91 11.57
CA GLN A 53 -0.50 -12.13 10.94
C GLN A 53 -0.13 -12.15 9.46
N ARG A 54 -0.12 -11.00 8.83
CA ARG A 54 0.24 -10.95 7.39
C ARG A 54 1.67 -10.39 7.25
N THR A 55 2.42 -10.90 6.32
CA THR A 55 3.82 -10.41 6.14
C THR A 55 3.79 -9.09 5.36
N GLU A 56 4.77 -8.25 5.58
CA GLU A 56 4.80 -6.96 4.84
C GLU A 56 4.73 -7.21 3.33
N VAL A 57 5.40 -8.23 2.87
CA VAL A 57 5.36 -8.55 1.41
C VAL A 57 3.91 -8.65 0.96
N GLU A 58 3.14 -9.49 1.58
CA GLU A 58 1.71 -9.63 1.19
C GLU A 58 1.05 -8.25 1.18
N LEU A 59 1.50 -7.36 2.03
CA LEU A 59 0.91 -6.01 2.08
C LEU A 59 1.47 -5.15 0.94
N LEU A 60 2.75 -5.25 0.70
CA LEU A 60 3.36 -4.44 -0.40
C LEU A 60 2.79 -4.91 -1.75
N LYS A 61 2.13 -6.03 -1.76
CA LYS A 61 1.55 -6.53 -3.04
C LYS A 61 0.15 -5.96 -3.23
N THR A 62 -0.22 -4.99 -2.44
CA THR A 62 -1.58 -4.40 -2.57
C THR A 62 -1.47 -2.89 -2.79
N PRO A 63 -2.28 -2.34 -3.70
CA PRO A 63 -2.28 -0.90 -4.00
C PRO A 63 -2.86 -0.07 -2.85
N ASN A 64 -3.72 -0.65 -2.07
CA ASN A 64 -4.32 0.10 -0.93
C ASN A 64 -3.22 0.80 -0.14
N LEU A 65 -2.01 0.30 -0.21
CA LEU A 65 -0.89 0.94 0.53
C LEU A 65 -0.26 2.03 -0.33
N GLY A 66 0.15 3.12 0.26
CA GLY A 66 0.76 4.22 -0.53
C GLY A 66 2.25 4.31 -0.21
N LYS A 67 3.01 4.94 -1.07
CA LYS A 67 4.47 5.06 -0.81
C LYS A 67 4.69 5.72 0.56
N LYS A 68 3.93 6.73 0.87
CA LYS A 68 4.09 7.40 2.19
C LYS A 68 3.68 6.43 3.31
N SER A 69 2.65 5.66 3.08
CA SER A 69 2.21 4.70 4.12
C SER A 69 3.34 3.74 4.47
N LEU A 70 4.09 3.32 3.48
CA LEU A 70 5.21 2.39 3.75
C LEU A 70 6.19 3.03 4.73
N THR A 71 6.48 4.29 4.56
CA THR A 71 7.42 4.98 5.49
C THR A 71 6.88 4.87 6.92
N GLU A 72 5.63 5.18 7.11
CA GLU A 72 5.05 5.10 8.49
C GLU A 72 5.24 3.69 9.04
N ILE A 73 5.01 2.69 8.24
CA ILE A 73 5.19 1.29 8.72
C ILE A 73 6.62 1.10 9.21
N LYS A 74 7.58 1.53 8.44
CA LYS A 74 9.00 1.38 8.86
C LYS A 74 9.19 2.04 10.23
N ASP A 75 8.60 3.19 10.43
CA ASP A 75 8.74 3.87 11.75
C ASP A 75 8.23 2.95 12.86
N VAL A 76 7.05 2.43 12.71
CA VAL A 76 6.51 1.52 13.76
C VAL A 76 7.31 0.22 13.76
N LEU A 77 7.70 -0.24 12.60
CA LEU A 77 8.49 -1.49 12.53
C LEU A 77 9.81 -1.31 13.27
N ALA A 78 10.29 -0.09 13.37
CA ALA A 78 11.57 0.16 14.08
C ALA A 78 11.45 -0.34 15.52
N SER A 79 10.27 -0.30 16.07
CA SER A 79 10.08 -0.79 17.46
C SER A 79 10.15 -2.31 17.49
N ARG A 80 10.08 -2.93 16.34
CA ARG A 80 10.14 -4.41 16.29
C ARG A 80 8.96 -4.99 17.08
N GLY A 81 8.00 -4.17 17.41
CA GLY A 81 6.82 -4.67 18.17
C GLY A 81 5.75 -5.16 17.19
N LEU A 82 5.75 -4.68 15.98
CA LEU A 82 4.73 -5.12 14.99
C LEU A 82 5.39 -5.30 13.62
N SER A 83 4.85 -6.15 12.80
CA SER A 83 5.44 -6.37 11.45
C SER A 83 6.76 -7.12 11.58
N LEU A 84 6.87 -7.98 12.55
CA LEU A 84 8.14 -8.75 12.73
C LEU A 84 8.06 -10.04 11.90
N GLY A 85 7.12 -10.12 11.01
CA GLY A 85 6.99 -11.35 10.18
C GLY A 85 6.61 -12.54 11.07
N MET A 86 5.68 -12.35 11.96
CA MET A 86 5.27 -13.47 12.85
C MET A 86 4.06 -14.20 12.25
N ARG A 87 3.72 -15.34 12.78
CA ARG A 87 2.56 -16.10 12.23
C ARG A 87 1.67 -16.57 13.38
N LEU A 88 0.42 -16.17 13.37
CA LEU A 88 -0.50 -16.61 14.46
C LEU A 88 -1.57 -17.54 13.89
N GLU A 89 -1.89 -18.60 14.58
CA GLU A 89 -2.93 -19.53 14.06
C GLU A 89 -4.30 -18.87 14.19
N ASN A 90 -4.49 -18.04 15.17
CA ASN A 90 -5.80 -17.35 15.34
C ASN A 90 -5.54 -15.88 15.65
N TRP A 91 -4.93 -15.59 16.76
CA TRP A 91 -4.65 -14.18 17.13
C TRP A 91 -4.28 -14.09 18.61
N PRO A 92 -5.20 -14.52 19.50
CA PRO A 92 -4.98 -14.48 20.96
C PRO A 92 -3.89 -15.48 21.39
N PRO A 93 -2.72 -14.96 21.76
CA PRO A 93 -1.59 -15.80 22.21
C PRO A 93 -1.87 -16.44 23.57
N ALA A 94 -1.13 -17.45 23.93
CA ALA A 94 -1.35 -18.11 25.25
C ALA A 94 -1.40 -17.04 26.34
N SER A 95 -0.74 -15.95 26.15
CA SER A 95 -0.76 -14.87 27.19
C SER A 95 -2.19 -14.42 27.44
N ILE A 96 -2.88 -14.01 26.41
CA ILE A 96 -4.29 -13.55 26.59
C ILE A 96 -5.11 -14.69 27.23
N ALA A 97 -4.82 -15.90 26.87
CA ALA A 97 -5.59 -17.04 27.45
C ALA A 97 -7.08 -16.71 27.46
N ASP A 98 -7.86 -17.46 28.17
CA ASP A 98 -9.33 -17.18 28.22
C ASP A 98 -9.56 -15.74 28.66
N GLU A 99 -8.77 -15.27 29.59
CA GLU A 99 -8.95 -13.86 30.08
C GLU A 99 -7.59 -13.30 30.48
N GLY B 5 -0.36 22.65 -18.31
CA GLY B 5 0.73 21.69 -18.60
C GLY B 5 0.17 20.53 -19.42
N ASP B 6 0.80 20.21 -20.52
CA ASP B 6 0.31 19.09 -21.37
C ASP B 6 0.25 17.81 -20.53
N ASN B 7 1.18 17.64 -19.62
CA ASN B 7 1.18 16.41 -18.78
C ASN B 7 1.26 15.17 -19.67
N LYS B 8 2.11 15.21 -20.66
CA LYS B 8 2.24 14.03 -21.57
C LYS B 8 2.83 12.84 -20.80
N PRO B 9 2.27 11.65 -21.01
CA PRO B 9 2.72 10.43 -20.34
C PRO B 9 4.09 9.98 -20.86
N ALA B 10 4.98 9.59 -19.98
CA ALA B 10 6.33 9.14 -20.42
C ALA B 10 6.21 7.79 -21.12
N ASP B 11 7.18 7.43 -21.92
CA ASP B 11 7.13 6.14 -22.64
C ASP B 11 6.94 5.00 -21.63
N ASP B 12 7.51 5.14 -20.46
CA ASP B 12 7.36 4.08 -19.42
C ASP B 12 5.90 3.94 -19.03
N LEU B 13 5.24 5.04 -18.75
CA LEU B 13 3.81 4.97 -18.35
C LEU B 13 2.96 4.58 -19.56
N LEU B 14 3.29 5.08 -20.72
CA LEU B 14 2.51 4.74 -21.94
C LEU B 14 2.81 3.30 -22.35
N ASN B 15 4.01 2.84 -22.10
CA ASN B 15 4.36 1.44 -22.48
C ASN B 15 3.91 0.48 -21.39
N LEU B 16 3.20 0.97 -20.41
CA LEU B 16 2.73 0.09 -19.30
C LEU B 16 1.63 -0.84 -19.82
N GLU B 17 1.71 -2.11 -19.50
CA GLU B 17 0.67 -3.06 -19.98
C GLU B 17 -0.59 -2.89 -19.13
N GLY B 18 -1.75 -2.97 -19.73
CA GLY B 18 -3.01 -2.82 -18.96
C GLY B 18 -3.45 -1.36 -18.96
N VAL B 19 -2.72 -0.51 -19.65
CA VAL B 19 -3.11 0.93 -19.69
C VAL B 19 -3.12 1.41 -21.14
N ASP B 20 -4.12 2.18 -21.51
CA ASP B 20 -4.18 2.68 -22.91
C ASP B 20 -3.76 4.14 -22.95
N ARG B 21 -3.64 4.71 -24.13
CA ARG B 21 -3.23 6.14 -24.22
C ARG B 21 -4.23 7.01 -23.46
N ASP B 22 -5.50 6.71 -23.56
CA ASP B 22 -6.52 7.52 -22.84
C ASP B 22 -6.27 7.44 -21.33
N LEU B 23 -6.12 6.25 -20.82
CA LEU B 23 -5.87 6.08 -19.36
C LEU B 23 -4.54 6.74 -18.99
N ALA B 24 -3.54 6.58 -19.82
CA ALA B 24 -2.21 7.18 -19.51
C ALA B 24 -2.35 8.71 -19.46
N PHE B 25 -3.14 9.27 -20.33
CA PHE B 25 -3.31 10.75 -20.32
C PHE B 25 -4.01 11.18 -19.04
N LYS B 26 -5.07 10.52 -18.68
CA LYS B 26 -5.80 10.89 -17.43
C LYS B 26 -4.86 10.78 -16.24
N LEU B 27 -4.12 9.70 -16.14
CA LEU B 27 -3.19 9.53 -14.99
C LEU B 27 -2.11 10.61 -15.07
N ALA B 28 -1.62 10.90 -16.24
CA ALA B 28 -0.55 11.94 -16.36
C ALA B 28 -1.14 13.31 -16.01
N ALA B 29 -2.40 13.50 -16.25
CA ALA B 29 -3.03 14.82 -15.92
C ALA B 29 -2.83 15.12 -14.43
N ARG B 30 -2.53 14.12 -13.65
CA ARG B 30 -2.33 14.35 -12.19
C ARG B 30 -0.85 14.65 -11.92
N GLY B 31 -0.18 15.27 -12.86
CA GLY B 31 1.26 15.59 -12.66
C GLY B 31 2.13 14.36 -12.92
N VAL B 32 1.56 13.18 -12.90
CA VAL B 32 2.37 11.96 -13.15
C VAL B 32 2.91 12.00 -14.58
N CYS B 33 4.14 11.59 -14.76
CA CYS B 33 4.73 11.61 -16.13
C CYS B 33 5.47 10.29 -16.40
N THR B 34 6.10 9.74 -15.40
CA THR B 34 6.82 8.45 -15.60
C THR B 34 6.11 7.33 -14.85
N LEU B 35 6.17 6.12 -15.36
CA LEU B 35 5.50 4.99 -14.68
C LEU B 35 5.82 5.03 -13.19
N GLU B 36 7.04 5.36 -12.84
CA GLU B 36 7.41 5.43 -11.40
C GLU B 36 6.48 6.41 -10.70
N ASP B 37 6.32 7.59 -11.24
CA ASP B 37 5.42 8.59 -10.60
C ASP B 37 4.03 7.96 -10.41
N LEU B 38 3.58 7.19 -11.36
CA LEU B 38 2.24 6.55 -11.23
C LEU B 38 2.24 5.66 -9.99
N ALA B 39 3.30 4.93 -9.75
CA ALA B 39 3.35 4.05 -8.56
C ALA B 39 3.27 4.91 -7.30
N GLU B 40 3.84 6.09 -7.33
CA GLU B 40 3.80 6.97 -6.13
C GLU B 40 2.35 7.31 -5.79
N GLN B 41 1.50 7.37 -6.78
CA GLN B 41 0.08 7.70 -6.52
C GLN B 41 -0.58 6.56 -5.74
N GLY B 42 -1.59 6.86 -4.97
CA GLY B 42 -2.27 5.79 -4.18
C GLY B 42 -3.66 5.54 -4.77
N ILE B 43 -4.29 4.46 -4.41
CA ILE B 43 -5.65 4.16 -4.94
C ILE B 43 -6.56 5.37 -4.70
N ASP B 44 -6.39 6.04 -3.60
CA ASP B 44 -7.25 7.22 -3.31
C ASP B 44 -6.90 8.36 -4.28
N ASP B 45 -5.64 8.46 -4.64
CA ASP B 45 -5.23 9.55 -5.58
C ASP B 45 -5.77 9.23 -6.98
N LEU B 46 -5.89 7.97 -7.31
CA LEU B 46 -6.41 7.60 -8.66
C LEU B 46 -7.93 7.81 -8.70
N ALA B 47 -8.58 7.70 -7.57
CA ALA B 47 -10.05 7.89 -7.54
C ALA B 47 -10.39 9.30 -8.03
N ASP B 48 -9.47 10.21 -7.92
CA ASP B 48 -9.74 11.61 -8.39
C ASP B 48 -10.32 11.58 -9.80
N ILE B 49 -9.89 10.65 -10.60
CA ILE B 49 -10.42 10.57 -12.00
C ILE B 49 -11.48 9.46 -12.08
N GLU B 50 -12.64 9.78 -12.59
CA GLU B 50 -13.71 8.75 -12.69
C GLU B 50 -13.30 7.68 -13.70
N GLY B 51 -12.58 8.07 -14.72
CA GLY B 51 -12.15 7.08 -15.75
C GLY B 51 -11.45 5.90 -15.06
N LEU B 52 -10.78 6.15 -13.96
CA LEU B 52 -10.08 5.06 -13.25
C LEU B 52 -10.91 4.60 -12.05
N THR B 53 -10.97 3.33 -11.80
CA THR B 53 -11.75 2.82 -10.63
C THR B 53 -10.81 2.44 -9.49
N ASP B 54 -11.32 2.33 -8.30
CA ASP B 54 -10.44 1.97 -7.15
C ASP B 54 -9.78 0.62 -7.44
N GLU B 55 -10.48 -0.29 -8.05
CA GLU B 55 -9.89 -1.62 -8.36
C GLU B 55 -8.90 -1.47 -9.51
N LYS B 56 -9.27 -0.79 -10.55
CA LYS B 56 -8.35 -0.61 -11.71
C LYS B 56 -7.17 0.28 -11.29
N ALA B 57 -7.43 1.27 -10.48
CA ALA B 57 -6.32 2.17 -10.04
C ALA B 57 -5.31 1.38 -9.22
N GLY B 58 -5.77 0.56 -8.32
CA GLY B 58 -4.83 -0.25 -7.49
C GLY B 58 -4.04 -1.21 -8.38
N ALA B 59 -4.69 -1.84 -9.31
CA ALA B 59 -3.99 -2.78 -10.22
C ALA B 59 -2.87 -2.04 -10.96
N LEU B 60 -3.10 -0.79 -11.27
CA LEU B 60 -2.05 -0.01 -12.00
C LEU B 60 -0.93 0.35 -11.04
N ILE B 61 -1.24 0.61 -9.80
CA ILE B 61 -0.18 0.96 -8.82
C ILE B 61 0.77 -0.22 -8.63
N MET B 62 0.23 -1.37 -8.31
CA MET B 62 1.11 -2.56 -8.11
C MET B 62 1.85 -2.86 -9.41
N ALA B 63 1.19 -2.79 -10.52
CA ALA B 63 1.86 -3.08 -11.82
C ALA B 63 3.05 -2.13 -12.01
N ALA B 64 2.85 -0.86 -11.77
CA ALA B 64 3.96 0.12 -11.93
C ALA B 64 5.04 -0.17 -10.88
N ARG B 65 4.65 -0.33 -9.65
CA ARG B 65 5.65 -0.61 -8.58
C ARG B 65 6.39 -1.91 -8.90
N ASN B 66 5.67 -2.91 -9.33
CA ASN B 66 6.34 -4.21 -9.65
C ASN B 66 7.39 -3.99 -10.74
N ILE B 67 7.10 -3.16 -11.69
CA ILE B 67 8.09 -2.90 -12.78
C ILE B 67 9.36 -2.28 -12.18
N CYS B 68 9.20 -1.39 -11.25
CA CYS B 68 10.39 -0.74 -10.62
C CYS B 68 11.11 -1.75 -9.71
N TRP B 69 10.39 -2.36 -8.81
CA TRP B 69 11.03 -3.34 -7.89
C TRP B 69 11.55 -4.54 -8.70
N PHE B 70 10.82 -4.96 -9.69
CA PHE B 70 11.27 -6.11 -10.51
C PHE B 70 11.92 -5.60 -11.81
N GLY B 71 12.22 -4.33 -11.86
CA GLY B 71 12.86 -3.78 -13.09
C GLY B 71 14.23 -4.41 -13.29
N ASP B 72 14.88 -4.79 -12.21
CA ASP B 72 16.23 -5.41 -12.34
C ASP B 72 16.13 -6.65 -13.22
N GLU B 73 15.05 -7.38 -13.13
CA GLU B 73 14.90 -8.60 -13.97
C GLU B 73 14.15 -8.24 -15.26
N ALA B 74 14.58 -8.78 -16.38
CA ALA B 74 13.90 -8.47 -17.66
C ALA B 74 12.42 -8.85 -17.56
N PHE A 19 0.65 -12.22 25.12
CA PHE A 19 1.45 -11.74 23.96
C PHE A 19 1.55 -10.21 24.00
N ASP A 20 2.24 -9.62 23.05
CA ASP A 20 2.36 -8.14 23.05
C ASP A 20 0.97 -7.50 22.92
N PRO A 21 0.64 -6.59 23.85
CA PRO A 21 -0.65 -5.90 23.87
C PRO A 21 -0.83 -5.01 22.64
N ILE A 22 0.23 -4.45 22.15
CA ILE A 22 0.12 -3.56 20.95
C ILE A 22 -0.31 -4.40 19.74
N LEU A 23 -0.05 -5.68 19.78
CA LEU A 23 -0.44 -6.56 18.65
C LEU A 23 -1.96 -6.78 18.66
N LEU A 24 -2.51 -7.04 19.81
CA LEU A 24 -3.98 -7.26 19.90
C LEU A 24 -4.71 -5.93 19.74
N ARG A 25 -4.03 -4.84 19.98
CA ARG A 25 -4.69 -3.50 19.83
C ARG A 25 -5.10 -3.30 18.37
N PRO A 26 -6.18 -2.55 18.15
CA PRO A 26 -6.69 -2.27 16.80
C PRO A 26 -5.75 -1.36 16.01
N VAL A 27 -5.50 -1.66 14.77
CA VAL A 27 -4.60 -0.81 13.95
C VAL A 27 -4.94 0.67 14.20
N ASP A 28 -6.19 0.96 14.46
CA ASP A 28 -6.58 2.38 14.71
C ASP A 28 -5.84 2.89 15.95
N ASP A 29 -5.57 2.03 16.89
CA ASP A 29 -4.86 2.48 18.12
C ASP A 29 -3.39 2.76 17.79
N LEU A 30 -2.94 2.31 16.64
CA LEU A 30 -1.52 2.56 16.26
C LEU A 30 -1.22 4.06 16.35
N GLU A 31 0.00 4.40 16.64
CA GLU A 31 0.37 5.85 16.73
C GLU A 31 0.13 6.53 15.38
N LEU A 32 0.10 5.77 14.33
CA LEU A 32 -0.12 6.38 12.98
C LEU A 32 -1.52 6.99 12.93
N THR A 33 -1.79 7.79 11.94
CA THR A 33 -3.14 8.42 11.83
C THR A 33 -4.12 7.42 11.23
N VAL A 34 -5.40 7.68 11.33
CA VAL A 34 -6.40 6.74 10.76
C VAL A 34 -5.98 6.35 9.34
N ARG A 35 -5.36 7.24 8.63
CA ARG A 35 -4.93 6.92 7.24
C ARG A 35 -4.11 5.63 7.24
N SER A 36 -3.13 5.53 8.11
CA SER A 36 -2.30 4.30 8.16
C SER A 36 -3.21 3.10 8.48
N ALA A 37 -4.00 3.20 9.51
CA ALA A 37 -4.90 2.06 9.86
C ALA A 37 -5.88 1.82 8.71
N ASN A 38 -6.34 2.86 8.08
CA ASN A 38 -7.30 2.69 6.96
C ASN A 38 -6.68 1.78 5.90
N CYS A 39 -5.40 1.90 5.67
CA CYS A 39 -4.74 1.04 4.66
C CYS A 39 -5.02 -0.43 4.98
N LEU A 40 -4.52 -0.91 6.09
CA LEU A 40 -4.76 -2.33 6.46
C LEU A 40 -6.26 -2.55 6.64
N LYS A 41 -6.92 -1.70 7.37
CA LYS A 41 -8.39 -1.86 7.58
C LYS A 41 -9.09 -2.00 6.23
N ALA A 42 -8.62 -1.28 5.24
CA ALA A 42 -9.26 -1.37 3.90
C ALA A 42 -9.32 -2.84 3.47
N GLU A 43 -8.40 -3.65 3.91
CA GLU A 43 -8.41 -5.08 3.52
C GLU A 43 -9.14 -5.89 4.60
N ALA A 44 -10.00 -5.26 5.35
CA ALA A 44 -10.74 -5.98 6.41
C ALA A 44 -9.79 -6.32 7.57
N ILE A 45 -8.94 -5.40 7.93
CA ILE A 45 -7.98 -5.66 9.04
C ILE A 45 -8.17 -4.60 10.13
N HIS A 46 -8.74 -4.98 11.25
CA HIS A 46 -8.94 -3.99 12.35
C HIS A 46 -8.02 -4.32 13.51
N TYR A 47 -7.33 -5.43 13.43
CA TYR A 47 -6.41 -5.82 14.54
C TYR A 47 -4.96 -5.82 14.03
N ILE A 48 -4.08 -5.15 14.71
CA ILE A 48 -2.65 -5.13 14.26
C ILE A 48 -2.14 -6.56 14.10
N GLY A 49 -2.65 -7.48 14.87
CA GLY A 49 -2.19 -8.89 14.76
C GLY A 49 -2.15 -9.29 13.28
N ASP A 50 -3.18 -8.98 12.54
CA ASP A 50 -3.18 -9.35 11.10
C ASP A 50 -1.91 -8.78 10.44
N LEU A 51 -1.42 -7.68 10.95
CA LEU A 51 -0.20 -7.08 10.37
C LEU A 51 0.94 -8.09 10.48
N VAL A 52 1.15 -8.65 11.64
CA VAL A 52 2.25 -9.65 11.79
C VAL A 52 1.91 -10.90 10.99
N GLN A 53 0.64 -11.19 10.84
CA GLN A 53 0.24 -12.39 10.07
C GLN A 53 0.77 -12.25 8.64
N ARG A 54 0.83 -11.04 8.14
CA ARG A 54 1.35 -10.84 6.75
C ARG A 54 2.71 -10.14 6.83
N THR A 55 3.60 -10.48 5.94
CA THR A 55 4.95 -9.85 5.96
C THR A 55 4.81 -8.36 5.68
N GLU A 56 5.53 -7.54 6.39
CA GLU A 56 5.44 -6.07 6.17
C GLU A 56 5.61 -5.77 4.68
N VAL A 57 6.41 -6.55 4.01
CA VAL A 57 6.62 -6.31 2.54
C VAL A 57 5.26 -6.30 1.83
N GLU A 58 4.49 -7.34 2.00
CA GLU A 58 3.17 -7.39 1.33
C GLU A 58 2.40 -6.10 1.62
N LEU A 59 2.63 -5.51 2.77
CA LEU A 59 1.92 -4.24 3.10
C LEU A 59 2.60 -3.07 2.39
N LEU A 60 3.90 -3.04 2.39
CA LEU A 60 4.62 -1.93 1.70
C LEU A 60 4.19 -1.88 0.23
N LYS A 61 3.63 -2.95 -0.27
CA LYS A 61 3.18 -2.96 -1.70
C LYS A 61 1.81 -2.28 -1.80
N THR A 62 1.08 -2.21 -0.72
CA THR A 62 -0.25 -1.55 -0.77
C THR A 62 -0.09 -0.09 -1.21
N PRO A 63 -0.86 0.31 -2.23
CA PRO A 63 -0.81 1.68 -2.76
C PRO A 63 -1.43 2.70 -1.79
N ASN A 64 -2.16 2.23 -0.81
CA ASN A 64 -2.79 3.17 0.16
C ASN A 64 -1.74 3.64 1.18
N LEU A 65 -0.52 3.24 1.01
CA LEU A 65 0.55 3.67 1.96
C LEU A 65 1.02 5.08 1.60
N GLY A 66 1.45 5.84 2.57
CA GLY A 66 1.92 7.22 2.28
C GLY A 66 3.44 7.28 2.46
N LYS A 67 4.13 7.99 1.60
CA LYS A 67 5.61 8.08 1.73
C LYS A 67 5.97 8.51 3.15
N LYS A 68 5.32 9.53 3.65
CA LYS A 68 5.64 9.99 5.04
C LYS A 68 5.06 8.99 6.05
N SER A 69 4.04 8.27 5.67
CA SER A 69 3.44 7.29 6.61
C SER A 69 4.37 6.08 6.75
N LEU A 70 5.02 5.70 5.69
CA LEU A 70 5.94 4.53 5.77
C LEU A 70 6.96 4.76 6.89
N THR A 71 7.43 5.97 7.04
CA THR A 71 8.43 6.26 8.11
C THR A 71 7.81 5.94 9.47
N GLU A 72 6.67 6.50 9.77
CA GLU A 72 6.02 6.23 11.08
C GLU A 72 5.88 4.72 11.27
N ILE A 73 5.53 4.01 10.22
CA ILE A 73 5.38 2.54 10.35
C ILE A 73 6.70 1.94 10.84
N LYS A 74 7.80 2.36 10.26
CA LYS A 74 9.11 1.82 10.71
C LYS A 74 9.32 2.18 12.18
N ASP A 75 8.83 3.31 12.60
CA ASP A 75 8.99 3.72 14.03
C ASP A 75 8.29 2.69 14.92
N VAL A 76 7.13 2.24 14.53
CA VAL A 76 6.41 1.24 15.35
C VAL A 76 7.17 -0.09 15.32
N LEU A 77 7.59 -0.51 14.16
CA LEU A 77 8.35 -1.80 14.05
C LEU A 77 9.57 -1.75 14.96
N ALA A 78 10.07 -0.57 15.23
CA ALA A 78 11.28 -0.46 16.10
C ALA A 78 10.96 -1.07 17.47
N SER A 79 9.74 -0.95 17.92
CA SER A 79 9.37 -1.52 19.24
C SER A 79 9.48 -3.05 19.18
N ARG A 80 9.51 -3.60 18.00
CA ARG A 80 9.61 -5.08 17.88
C ARG A 80 8.33 -5.73 18.43
N GLY A 81 7.34 -4.93 18.73
CA GLY A 81 6.08 -5.50 19.27
C GLY A 81 5.07 -5.72 18.12
N LEU A 82 5.45 -5.39 16.92
CA LEU A 82 4.52 -5.58 15.77
C LEU A 82 5.33 -5.87 14.51
N SER A 83 4.70 -6.39 13.49
CA SER A 83 5.44 -6.69 12.23
C SER A 83 6.72 -7.47 12.56
N LEU A 84 6.60 -8.56 13.25
CA LEU A 84 7.81 -9.35 13.60
C LEU A 84 8.05 -10.41 12.53
N GLY A 85 7.33 -10.35 11.44
CA GLY A 85 7.51 -11.36 10.36
C GLY A 85 7.14 -12.74 10.88
N MET A 86 6.13 -12.83 11.69
CA MET A 86 5.72 -14.17 12.23
C MET A 86 4.35 -14.55 11.66
N ARG A 87 4.04 -15.82 11.64
CA ARG A 87 2.72 -16.25 11.11
C ARG A 87 2.04 -17.20 12.11
N LEU A 88 0.77 -17.03 12.33
CA LEU A 88 0.06 -17.92 13.29
C LEU A 88 -1.11 -18.61 12.59
N GLU A 89 -1.35 -19.86 12.88
CA GLU A 89 -2.47 -20.58 12.23
C GLU A 89 -3.77 -19.82 12.52
N ASN A 90 -3.85 -19.16 13.64
CA ASN A 90 -5.09 -18.40 13.98
C ASN A 90 -4.71 -16.94 14.23
N TRP A 91 -4.24 -16.63 15.40
CA TRP A 91 -3.85 -15.23 15.71
C TRP A 91 -3.68 -15.06 17.23
N PRO A 92 -4.78 -15.18 17.99
CA PRO A 92 -4.74 -15.05 19.45
C PRO A 92 -4.00 -16.21 20.12
N PRO A 93 -2.79 -15.95 20.63
CA PRO A 93 -1.98 -16.96 21.31
C PRO A 93 -2.55 -17.34 22.68
N ALA A 94 -2.13 -18.43 23.24
CA ALA A 94 -2.66 -18.84 24.57
C ALA A 94 -2.30 -17.77 25.60
N SER A 95 -1.41 -16.88 25.26
CA SER A 95 -1.02 -15.82 26.23
C SER A 95 -2.17 -14.83 26.41
N ILE A 96 -2.86 -14.52 25.34
CA ILE A 96 -4.00 -13.56 25.45
C ILE A 96 -4.97 -14.04 26.53
N ALA A 97 -5.10 -15.32 26.71
CA ALA A 97 -6.02 -15.84 27.76
C ALA A 97 -5.58 -15.35 29.13
N ASP A 98 -4.28 -15.23 29.33
CA ASP A 98 -3.79 -14.76 30.65
C ASP A 98 -4.39 -13.39 30.98
N GLU A 99 -4.57 -12.56 29.99
CA GLU A 99 -5.17 -11.21 30.24
C GLU A 99 -4.35 -10.49 31.30
N GLY B 5 0.54 17.43 -26.30
CA GLY B 5 1.31 16.17 -26.46
C GLY B 5 2.31 16.03 -25.31
N ASP B 6 2.64 17.12 -24.67
CA ASP B 6 3.62 17.06 -23.54
C ASP B 6 3.11 16.07 -22.49
N ASN B 7 1.82 16.05 -22.26
CA ASN B 7 1.27 15.11 -21.23
C ASN B 7 1.02 13.74 -21.88
N LYS B 8 1.26 13.62 -23.16
CA LYS B 8 1.03 12.31 -23.84
C LYS B 8 1.78 11.22 -23.09
N PRO B 9 1.13 10.06 -22.90
CA PRO B 9 1.73 8.92 -22.19
C PRO B 9 2.85 8.27 -23.02
N ALA B 10 3.94 7.94 -22.38
CA ALA B 10 5.07 7.30 -23.13
C ALA B 10 4.70 5.86 -23.49
N ASP B 11 5.25 5.34 -24.54
CA ASP B 11 4.92 3.94 -24.96
C ASP B 11 4.99 3.03 -23.74
N ASP B 12 5.93 3.25 -22.86
CA ASP B 12 6.05 2.39 -21.65
C ASP B 12 4.78 2.55 -20.80
N LEU B 13 4.29 3.75 -20.68
CA LEU B 13 3.05 3.97 -19.87
C LEU B 13 1.86 3.29 -20.57
N LEU B 14 1.90 3.18 -21.86
CA LEU B 14 0.78 2.52 -22.59
C LEU B 14 1.01 1.01 -22.62
N ASN B 15 2.24 0.59 -22.60
CA ASN B 15 2.53 -0.87 -22.63
C ASN B 15 2.19 -1.49 -21.28
N LEU B 16 1.84 -0.68 -20.31
CA LEU B 16 1.51 -1.22 -18.97
C LEU B 16 0.23 -2.06 -19.06
N GLU B 17 0.23 -3.23 -18.46
CA GLU B 17 -0.98 -4.10 -18.51
C GLU B 17 -2.03 -3.58 -17.53
N GLY B 18 -3.28 -3.62 -17.90
CA GLY B 18 -4.35 -3.13 -16.99
C GLY B 18 -4.61 -1.64 -17.25
N VAL B 19 -4.03 -1.11 -18.29
CA VAL B 19 -4.25 0.33 -18.61
C VAL B 19 -4.69 0.48 -20.07
N ASP B 20 -5.73 1.23 -20.31
CA ASP B 20 -6.19 1.41 -21.71
C ASP B 20 -5.64 2.73 -22.27
N ARG B 21 -5.73 2.91 -23.56
CA ARG B 21 -5.21 4.17 -24.16
C ARG B 21 -5.85 5.37 -23.48
N ASP B 22 -7.14 5.31 -23.25
CA ASP B 22 -7.84 6.45 -22.59
C ASP B 22 -7.33 6.59 -21.15
N LEU B 23 -7.31 5.52 -20.41
CA LEU B 23 -6.83 5.59 -19.00
C LEU B 23 -5.41 6.18 -18.98
N ALA B 24 -4.57 5.74 -19.88
CA ALA B 24 -3.17 6.27 -19.90
C ALA B 24 -3.21 7.78 -20.11
N PHE B 25 -4.11 8.26 -20.92
CA PHE B 25 -4.19 9.72 -21.16
C PHE B 25 -4.58 10.44 -19.86
N LYS B 26 -5.54 9.92 -19.16
CA LYS B 26 -5.96 10.56 -17.87
C LYS B 26 -4.80 10.53 -16.88
N LEU B 27 -4.14 9.41 -16.77
CA LEU B 27 -2.99 9.32 -15.82
C LEU B 27 -1.88 10.27 -16.26
N ALA B 28 -1.64 10.35 -17.54
CA ALA B 28 -0.57 11.27 -18.03
C ALA B 28 -0.98 12.72 -17.78
N ALA B 29 -2.26 12.99 -17.78
CA ALA B 29 -2.72 14.39 -17.55
C ALA B 29 -2.13 14.91 -16.23
N ARG B 30 -1.67 14.03 -15.39
CA ARG B 30 -1.07 14.49 -14.10
C ARG B 30 0.44 14.62 -14.26
N GLY B 31 0.89 14.97 -15.43
CA GLY B 31 2.36 15.13 -15.66
C GLY B 31 3.01 13.76 -15.87
N VAL B 32 2.37 12.70 -15.46
CA VAL B 32 2.97 11.35 -15.66
C VAL B 32 3.19 11.08 -17.15
N CYS B 33 4.30 10.49 -17.50
CA CYS B 33 4.57 10.22 -18.94
C CYS B 33 5.10 8.78 -19.09
N THR B 34 5.88 8.32 -18.16
CA THR B 34 6.42 6.94 -18.27
C THR B 34 5.85 6.06 -17.15
N LEU B 35 5.89 4.76 -17.33
CA LEU B 35 5.36 3.85 -16.29
C LEU B 35 5.94 4.27 -14.93
N GLU B 36 7.20 4.60 -14.89
CA GLU B 36 7.82 5.02 -13.61
C GLU B 36 7.01 6.18 -13.02
N ASP B 37 6.62 7.11 -13.85
CA ASP B 37 5.81 8.26 -13.36
C ASP B 37 4.53 7.73 -12.74
N LEU B 38 3.88 6.79 -13.38
CA LEU B 38 2.63 6.23 -12.83
C LEU B 38 2.89 5.74 -11.40
N ALA B 39 3.93 4.98 -11.20
CA ALA B 39 4.23 4.48 -9.83
C ALA B 39 4.37 5.66 -8.88
N GLU B 40 4.96 6.73 -9.34
CA GLU B 40 5.12 7.93 -8.45
C GLU B 40 3.74 8.44 -8.04
N GLN B 41 2.74 8.19 -8.83
CA GLN B 41 1.37 8.67 -8.48
C GLN B 41 0.84 7.86 -7.28
N GLY B 42 -0.03 8.45 -6.51
CA GLY B 42 -0.58 7.72 -5.33
C GLY B 42 -2.09 7.53 -5.51
N ILE B 43 -2.67 6.63 -4.76
CA ILE B 43 -4.13 6.40 -4.90
C ILE B 43 -4.88 7.73 -4.84
N ASP B 44 -4.41 8.65 -4.03
CA ASP B 44 -5.10 9.96 -3.91
C ASP B 44 -4.91 10.74 -5.23
N ASP B 45 -3.76 10.63 -5.83
CA ASP B 45 -3.53 11.37 -7.11
C ASP B 45 -4.45 10.81 -8.20
N LEU B 46 -4.87 9.59 -8.07
CA LEU B 46 -5.77 8.99 -9.09
C LEU B 46 -7.23 9.23 -8.69
N ALA B 47 -7.48 9.35 -7.42
CA ALA B 47 -8.89 9.59 -6.97
C ALA B 47 -9.39 10.92 -7.53
N ASP B 48 -8.49 11.80 -7.88
CA ASP B 48 -8.92 13.11 -8.44
C ASP B 48 -9.76 12.89 -9.69
N ILE B 49 -9.47 11.85 -10.44
CA ILE B 49 -10.24 11.58 -11.68
C ILE B 49 -11.27 10.49 -11.41
N GLU B 50 -12.52 10.74 -11.75
CA GLU B 50 -13.57 9.71 -11.50
C GLU B 50 -13.29 8.47 -12.36
N GLY B 51 -12.72 8.65 -13.51
CA GLY B 51 -12.41 7.50 -14.39
C GLY B 51 -11.56 6.48 -13.62
N LEU B 52 -10.79 6.94 -12.68
CA LEU B 52 -9.93 5.99 -11.90
C LEU B 52 -10.55 5.78 -10.51
N THR B 53 -10.58 4.56 -10.04
CA THR B 53 -11.16 4.29 -8.70
C THR B 53 -10.05 4.06 -7.69
N ASP B 54 -10.37 4.09 -6.42
CA ASP B 54 -9.33 3.87 -5.38
C ASP B 54 -8.67 2.50 -5.60
N GLU B 55 -9.45 1.51 -5.94
CA GLU B 55 -8.87 0.15 -6.16
C GLU B 55 -8.15 0.11 -7.51
N LYS B 56 -8.76 0.64 -8.53
CA LYS B 56 -8.12 0.64 -9.87
C LYS B 56 -6.81 1.41 -9.81
N ALA B 57 -6.82 2.57 -9.21
CA ALA B 57 -5.57 3.38 -9.11
C ALA B 57 -4.54 2.62 -8.28
N GLY B 58 -4.90 2.20 -7.11
CA GLY B 58 -3.93 1.45 -6.25
C GLY B 58 -3.46 0.20 -6.99
N ALA B 59 -4.38 -0.55 -7.55
CA ALA B 59 -3.98 -1.78 -8.29
C ALA B 59 -2.90 -1.43 -9.31
N LEU B 60 -3.10 -0.40 -10.08
CA LEU B 60 -2.08 -0.01 -11.09
C LEU B 60 -0.77 0.35 -10.38
N ILE B 61 -0.85 1.09 -9.31
CA ILE B 61 0.39 1.48 -8.58
C ILE B 61 1.20 0.22 -8.24
N MET B 62 0.59 -0.72 -7.56
CA MET B 62 1.33 -1.98 -7.21
C MET B 62 1.94 -2.58 -8.48
N ALA B 63 1.16 -2.67 -9.53
CA ALA B 63 1.70 -3.25 -10.79
C ALA B 63 2.90 -2.43 -11.26
N ALA B 64 2.74 -1.14 -11.39
CA ALA B 64 3.88 -0.30 -11.85
C ALA B 64 5.03 -0.40 -10.85
N ARG B 65 4.74 -0.24 -9.58
CA ARG B 65 5.82 -0.34 -8.56
C ARG B 65 6.54 -1.67 -8.68
N ASN B 66 5.80 -2.74 -8.82
CA ASN B 66 6.43 -4.09 -8.93
C ASN B 66 7.36 -4.11 -10.16
N ILE B 67 6.98 -3.41 -11.20
CA ILE B 67 7.83 -3.40 -12.43
C ILE B 67 9.14 -2.65 -12.14
N CYS B 68 9.07 -1.59 -11.39
CA CYS B 68 10.31 -0.82 -11.08
C CYS B 68 11.13 -1.58 -10.03
N TRP B 69 10.51 -1.99 -8.96
CA TRP B 69 11.26 -2.74 -7.90
C TRP B 69 11.86 -4.00 -8.51
N PHE B 70 11.11 -4.71 -9.31
CA PHE B 70 11.64 -5.95 -9.95
C PHE B 70 12.20 -5.62 -11.32
N GLY B 71 12.35 -4.36 -11.63
CA GLY B 71 12.90 -3.98 -12.97
C GLY B 71 14.37 -4.40 -13.05
N ASP B 72 15.06 -4.38 -11.95
CA ASP B 72 16.50 -4.79 -11.97
C ASP B 72 16.61 -6.25 -12.41
N GLU B 73 15.69 -7.08 -11.98
CA GLU B 73 15.76 -8.52 -12.37
C GLU B 73 15.81 -8.63 -13.90
N ALA B 74 16.54 -9.58 -14.41
CA ALA B 74 16.64 -9.73 -15.89
C ALA B 74 17.14 -11.13 -16.22
N PHE A 19 1.27 -13.11 23.10
CA PHE A 19 1.59 -12.19 21.96
C PHE A 19 1.68 -10.75 22.48
N ASP A 20 2.55 -9.96 21.90
CA ASP A 20 2.69 -8.55 22.36
C ASP A 20 1.31 -7.89 22.35
N PRO A 21 1.03 -7.05 23.35
CA PRO A 21 -0.25 -6.35 23.47
C PRO A 21 -0.47 -5.36 22.32
N ILE A 22 0.60 -4.91 21.70
CA ILE A 22 0.44 -3.96 20.57
C ILE A 22 -0.29 -4.67 19.43
N LEU A 23 -0.09 -5.96 19.29
CA LEU A 23 -0.77 -6.71 18.21
C LEU A 23 -2.25 -6.89 18.58
N LEU A 24 -2.53 -6.98 19.85
CA LEU A 24 -3.95 -7.16 20.27
C LEU A 24 -4.73 -5.88 19.99
N ARG A 25 -4.14 -4.75 20.24
CA ARG A 25 -4.85 -3.46 19.99
C ARG A 25 -5.19 -3.35 18.50
N PRO A 26 -6.32 -2.70 18.18
CA PRO A 26 -6.77 -2.52 16.80
C PRO A 26 -5.88 -1.54 16.03
N VAL A 27 -5.58 -1.85 14.80
CA VAL A 27 -4.70 -0.94 13.99
C VAL A 27 -5.14 0.51 14.22
N ASP A 28 -6.42 0.74 14.36
CA ASP A 28 -6.90 2.13 14.59
C ASP A 28 -6.25 2.70 15.85
N ASP A 29 -5.95 1.86 16.81
CA ASP A 29 -5.32 2.35 18.06
C ASP A 29 -3.84 2.66 17.79
N LEU A 30 -3.34 2.25 16.65
CA LEU A 30 -1.90 2.51 16.34
C LEU A 30 -1.58 3.98 16.63
N GLU A 31 -0.40 4.24 17.12
CA GLU A 31 -0.02 5.65 17.43
C GLU A 31 -0.10 6.50 16.16
N LEU A 32 -0.09 5.87 15.02
CA LEU A 32 -0.16 6.64 13.74
C LEU A 32 -1.53 7.30 13.63
N THR A 33 -1.68 8.22 12.71
CA THR A 33 -2.99 8.90 12.53
C THR A 33 -4.02 7.91 11.97
N VAL A 34 -5.28 8.20 12.13
CA VAL A 34 -6.31 7.27 11.60
C VAL A 34 -6.00 6.94 10.13
N ARG A 35 -5.56 7.91 9.38
CA ARG A 35 -5.24 7.65 7.94
C ARG A 35 -4.27 6.47 7.85
N SER A 36 -3.22 6.50 8.62
CA SER A 36 -2.24 5.37 8.56
C SER A 36 -2.96 4.06 8.88
N ALA A 37 -3.69 4.02 9.95
CA ALA A 37 -4.41 2.77 10.32
C ALA A 37 -5.48 2.47 9.25
N ASN A 38 -6.10 3.49 8.72
CA ASN A 38 -7.14 3.27 7.68
C ASN A 38 -6.53 2.52 6.50
N CYS A 39 -5.30 2.80 6.17
CA CYS A 39 -4.64 2.09 5.03
C CYS A 39 -4.71 0.58 5.26
N LEU A 40 -4.05 0.10 6.28
CA LEU A 40 -4.06 -1.36 6.55
C LEU A 40 -5.51 -1.82 6.76
N LYS A 41 -6.27 -1.10 7.54
CA LYS A 41 -7.68 -1.50 7.78
C LYS A 41 -8.39 -1.66 6.44
N ALA A 42 -8.09 -0.83 5.49
CA ALA A 42 -8.75 -0.94 4.15
C ALA A 42 -8.58 -2.37 3.62
N GLU A 43 -7.57 -3.06 4.07
CA GLU A 43 -7.35 -4.45 3.59
C GLU A 43 -8.11 -5.43 4.50
N ALA A 44 -9.13 -4.95 5.17
CA ALA A 44 -9.91 -5.85 6.06
C ALA A 44 -9.07 -6.18 7.31
N ILE A 45 -8.33 -5.22 7.81
CA ILE A 45 -7.49 -5.48 9.01
C ILE A 45 -8.06 -4.67 10.19
N HIS A 46 -8.41 -5.34 11.26
CA HIS A 46 -8.96 -4.61 12.43
C HIS A 46 -7.98 -4.73 13.61
N TYR A 47 -7.30 -5.84 13.71
CA TYR A 47 -6.33 -6.02 14.83
C TYR A 47 -4.90 -5.98 14.29
N ILE A 48 -4.04 -5.21 14.89
CA ILE A 48 -2.63 -5.14 14.41
C ILE A 48 -2.10 -6.56 14.22
N GLY A 49 -2.57 -7.49 15.01
CA GLY A 49 -2.09 -8.90 14.86
C GLY A 49 -2.12 -9.29 13.39
N ASP A 50 -3.19 -8.99 12.71
CA ASP A 50 -3.27 -9.35 11.27
C ASP A 50 -2.05 -8.79 10.54
N LEU A 51 -1.58 -7.65 10.94
CA LEU A 51 -0.37 -7.06 10.28
C LEU A 51 0.77 -8.06 10.34
N VAL A 52 1.03 -8.63 11.50
CA VAL A 52 2.14 -9.61 11.60
C VAL A 52 1.72 -10.90 10.91
N GLN A 53 0.47 -11.26 10.98
CA GLN A 53 0.01 -12.50 10.32
C GLN A 53 0.47 -12.48 8.85
N ARG A 54 0.50 -11.31 8.25
CA ARG A 54 0.94 -11.22 6.84
C ARG A 54 2.27 -10.46 6.78
N THR A 55 3.15 -10.85 5.90
CA THR A 55 4.47 -10.15 5.81
C THR A 55 4.23 -8.67 5.48
N GLU A 56 4.97 -7.79 6.10
CA GLU A 56 4.80 -6.34 5.83
C GLU A 56 5.12 -6.06 4.36
N VAL A 57 5.98 -6.85 3.77
CA VAL A 57 6.33 -6.63 2.34
C VAL A 57 5.06 -6.56 1.50
N GLU A 58 4.21 -7.55 1.60
CA GLU A 58 2.95 -7.55 0.82
C GLU A 58 2.23 -6.22 1.04
N LEU A 59 2.30 -5.68 2.22
CA LEU A 59 1.62 -4.39 2.50
C LEU A 59 2.45 -3.26 1.89
N LEU A 60 3.75 -3.37 1.93
CA LEU A 60 4.61 -2.31 1.35
C LEU A 60 4.23 -2.10 -0.12
N LYS A 61 3.76 -3.13 -0.76
CA LYS A 61 3.36 -3.00 -2.19
C LYS A 61 1.95 -2.40 -2.26
N THR A 62 1.22 -2.45 -1.20
CA THR A 62 -0.16 -1.88 -1.21
C THR A 62 -0.09 -0.40 -1.57
N PRO A 63 -0.89 0.01 -2.56
CA PRO A 63 -0.93 1.41 -3.02
C PRO A 63 -1.59 2.33 -1.99
N ASN A 64 -2.19 1.77 -0.97
CA ASN A 64 -2.84 2.61 0.07
C ASN A 64 -1.79 3.15 1.04
N LEU A 65 -0.53 2.87 0.78
CA LEU A 65 0.55 3.37 1.69
C LEU A 65 0.90 4.81 1.31
N GLY A 66 1.27 5.61 2.27
CA GLY A 66 1.63 7.03 1.96
C GLY A 66 3.13 7.22 2.20
N LYS A 67 3.78 7.99 1.35
CA LYS A 67 5.25 8.22 1.53
C LYS A 67 5.53 8.60 2.98
N LYS A 68 4.80 9.56 3.51
CA LYS A 68 5.04 9.98 4.91
C LYS A 68 4.54 8.87 5.85
N SER A 69 3.49 8.19 5.48
CA SER A 69 2.96 7.10 6.35
C SER A 69 4.02 6.02 6.51
N LEU A 70 4.72 5.70 5.46
CA LEU A 70 5.78 4.65 5.56
C LEU A 70 6.72 4.99 6.70
N THR A 71 7.11 6.24 6.82
CA THR A 71 8.03 6.64 7.91
C THR A 71 7.45 6.20 9.25
N GLU A 72 6.21 6.54 9.51
CA GLU A 72 5.59 6.14 10.81
C GLU A 72 5.62 4.62 10.94
N ILE A 73 5.39 3.91 9.86
CA ILE A 73 5.40 2.42 9.93
C ILE A 73 6.77 1.95 10.43
N LYS A 74 7.83 2.49 9.88
CA LYS A 74 9.19 2.07 10.33
C LYS A 74 9.35 2.39 11.82
N ASP A 75 8.83 3.51 12.25
CA ASP A 75 8.95 3.87 13.69
C ASP A 75 8.30 2.79 14.55
N VAL A 76 7.11 2.36 14.19
CA VAL A 76 6.42 1.31 14.98
C VAL A 76 7.15 -0.03 14.79
N LEU A 77 7.49 -0.35 13.58
CA LEU A 77 8.21 -1.65 13.33
C LEU A 77 9.56 -1.63 14.05
N ALA A 78 10.12 -0.47 14.26
CA ALA A 78 11.43 -0.40 14.96
C ALA A 78 11.31 -1.02 16.34
N SER A 79 10.18 -0.91 16.96
CA SER A 79 9.98 -1.49 18.32
C SER A 79 9.76 -3.00 18.19
N ARG A 80 9.66 -3.51 16.98
CA ARG A 80 9.45 -4.96 16.79
C ARG A 80 8.09 -5.34 17.38
N GLY A 81 7.29 -4.38 17.73
CA GLY A 81 5.95 -4.69 18.31
C GLY A 81 5.02 -5.20 17.20
N LEU A 82 5.31 -4.88 15.97
CA LEU A 82 4.46 -5.34 14.85
C LEU A 82 5.33 -5.60 13.61
N SER A 83 4.81 -6.32 12.65
CA SER A 83 5.60 -6.60 11.43
C SER A 83 6.82 -7.47 11.78
N LEU A 84 6.70 -8.28 12.80
CA LEU A 84 7.84 -9.15 13.19
C LEU A 84 8.09 -10.18 12.09
N GLY A 85 7.17 -10.34 11.18
CA GLY A 85 7.35 -11.33 10.08
C GLY A 85 6.96 -12.72 10.58
N MET A 86 5.93 -12.81 11.37
CA MET A 86 5.50 -14.14 11.89
C MET A 86 4.16 -14.51 11.27
N ARG A 87 3.80 -15.78 11.33
CA ARG A 87 2.50 -16.20 10.73
C ARG A 87 1.74 -17.06 11.76
N LEU A 88 0.48 -16.79 11.93
CA LEU A 88 -0.32 -17.59 12.91
C LEU A 88 -1.46 -18.30 12.17
N GLU A 89 -1.80 -19.49 12.60
CA GLU A 89 -2.90 -20.23 11.93
C GLU A 89 -4.22 -19.46 12.12
N ASN A 90 -4.38 -18.82 13.25
CA ASN A 90 -5.63 -18.06 13.50
C ASN A 90 -5.28 -16.62 13.86
N TRP A 91 -4.74 -16.42 15.03
CA TRP A 91 -4.36 -15.04 15.46
C TRP A 91 -4.06 -15.04 16.96
N PRO A 92 -5.08 -15.24 17.81
CA PRO A 92 -4.91 -15.25 19.26
C PRO A 92 -4.13 -16.48 19.75
N PRO A 93 -2.87 -16.28 20.18
CA PRO A 93 -2.02 -17.36 20.65
C PRO A 93 -2.47 -17.87 22.03
N ALA A 94 -2.11 -19.07 22.38
CA ALA A 94 -2.53 -19.62 23.71
C ALA A 94 -2.00 -18.71 24.82
N SER A 95 -1.07 -17.85 24.50
CA SER A 95 -0.51 -16.93 25.53
C SER A 95 -1.59 -15.92 25.94
N ILE A 96 -2.29 -15.36 24.99
CA ILE A 96 -3.35 -14.37 25.32
C ILE A 96 -4.65 -15.09 25.63
N ALA A 97 -4.68 -16.39 25.44
CA ALA A 97 -5.94 -17.16 25.73
C ALA A 97 -6.21 -17.14 27.23
N ASP A 98 -5.19 -17.09 28.03
CA ASP A 98 -5.40 -17.07 29.51
C ASP A 98 -6.29 -15.89 29.88
N GLU A 99 -6.15 -14.79 29.19
CA GLU A 99 -7.00 -13.60 29.50
C GLU A 99 -6.68 -13.10 30.91
N GLY B 5 1.30 17.10 -27.33
CA GLY B 5 1.03 15.81 -26.63
C GLY B 5 2.06 15.61 -25.51
N ASP B 6 2.39 16.66 -24.81
CA ASP B 6 3.39 16.53 -23.70
C ASP B 6 2.86 15.54 -22.66
N ASN B 7 1.57 15.52 -22.44
CA ASN B 7 1.01 14.59 -21.43
C ASN B 7 0.87 13.19 -22.06
N LYS B 8 1.27 13.04 -23.29
CA LYS B 8 1.17 11.70 -23.95
C LYS B 8 1.80 10.64 -23.04
N PRO B 9 1.16 9.46 -22.96
CA PRO B 9 1.65 8.35 -22.13
C PRO B 9 2.93 7.73 -22.71
N ALA B 10 3.85 7.35 -21.86
CA ALA B 10 5.12 6.74 -22.35
C ALA B 10 4.84 5.33 -22.85
N ASP B 11 5.60 4.87 -23.81
CA ASP B 11 5.38 3.49 -24.34
C ASP B 11 5.32 2.50 -23.17
N ASP B 12 6.11 2.71 -22.16
CA ASP B 12 6.10 1.78 -20.99
C ASP B 12 4.74 1.86 -20.30
N LEU B 13 4.25 3.04 -20.05
CA LEU B 13 2.93 3.17 -19.38
C LEU B 13 1.83 2.67 -20.29
N LEU B 14 1.94 2.92 -21.57
CA LEU B 14 0.89 2.45 -22.52
C LEU B 14 0.95 0.93 -22.63
N ASN B 15 2.11 0.36 -22.47
CA ASN B 15 2.22 -1.13 -22.57
C ASN B 15 2.00 -1.74 -21.19
N LEU B 16 1.56 -0.96 -20.24
CA LEU B 16 1.32 -1.50 -18.88
C LEU B 16 0.07 -2.38 -18.89
N GLU B 17 0.14 -3.54 -18.29
CA GLU B 17 -1.04 -4.45 -18.28
C GLU B 17 -2.04 -3.95 -17.23
N GLY B 18 -3.32 -4.04 -17.53
CA GLY B 18 -4.34 -3.58 -16.56
C GLY B 18 -4.67 -2.11 -16.82
N VAL B 19 -4.14 -1.55 -17.88
CA VAL B 19 -4.43 -0.13 -18.20
C VAL B 19 -4.93 -0.01 -19.64
N ASP B 20 -6.00 0.68 -19.85
CA ASP B 20 -6.53 0.84 -21.23
C ASP B 20 -5.80 1.98 -21.94
N ARG B 21 -5.65 1.89 -23.24
CA ARG B 21 -4.95 2.96 -23.99
C ARG B 21 -5.53 4.32 -23.59
N ASP B 22 -6.84 4.42 -23.57
CA ASP B 22 -7.47 5.72 -23.19
C ASP B 22 -7.20 6.02 -21.72
N LEU B 23 -7.25 5.02 -20.88
CA LEU B 23 -6.99 5.24 -19.43
C LEU B 23 -5.59 5.83 -19.25
N ALA B 24 -4.64 5.39 -20.03
CA ALA B 24 -3.25 5.94 -19.90
C ALA B 24 -3.28 7.44 -20.18
N PHE B 25 -4.00 7.88 -21.17
CA PHE B 25 -4.07 9.33 -21.49
C PHE B 25 -4.71 10.08 -20.32
N LYS B 26 -5.78 9.55 -19.79
CA LYS B 26 -6.46 10.23 -18.65
C LYS B 26 -5.48 10.37 -17.49
N LEU B 27 -4.80 9.32 -17.13
CA LEU B 27 -3.82 9.39 -16.02
C LEU B 27 -2.67 10.34 -16.40
N ALA B 28 -2.22 10.26 -17.62
CA ALA B 28 -1.10 11.15 -18.06
C ALA B 28 -1.50 12.61 -17.85
N ALA B 29 -2.77 12.90 -17.89
CA ALA B 29 -3.22 14.30 -17.70
C ALA B 29 -2.62 14.86 -16.41
N ARG B 30 -2.20 14.00 -15.52
CA ARG B 30 -1.61 14.50 -14.25
C ARG B 30 -0.10 14.66 -14.42
N GLY B 31 0.35 14.90 -15.62
CA GLY B 31 1.82 15.08 -15.86
C GLY B 31 2.51 13.72 -15.93
N VAL B 32 1.89 12.69 -15.42
CA VAL B 32 2.54 11.34 -15.48
C VAL B 32 2.73 10.93 -16.93
N CYS B 33 3.88 10.39 -17.26
CA CYS B 33 4.12 9.98 -18.68
C CYS B 33 4.78 8.59 -18.69
N THR B 34 5.64 8.31 -17.76
CA THR B 34 6.31 6.99 -17.73
C THR B 34 5.69 6.12 -16.63
N LEU B 35 5.62 4.84 -16.85
CA LEU B 35 5.02 3.94 -15.82
C LEU B 35 5.63 4.26 -14.46
N GLU B 36 6.91 4.48 -14.40
CA GLU B 36 7.55 4.82 -13.10
C GLU B 36 6.85 6.05 -12.50
N ASP B 37 6.63 7.05 -13.29
CA ASP B 37 5.95 8.28 -12.77
C ASP B 37 4.60 7.87 -12.17
N LEU B 38 3.90 6.98 -12.82
CA LEU B 38 2.58 6.54 -12.29
C LEU B 38 2.78 5.97 -10.88
N ALA B 39 3.80 5.17 -10.70
CA ALA B 39 4.05 4.58 -9.35
C ALA B 39 4.27 5.71 -8.34
N GLU B 40 4.91 6.77 -8.75
CA GLU B 40 5.16 7.90 -7.81
C GLU B 40 3.83 8.46 -7.32
N GLN B 41 2.80 8.36 -8.13
CA GLN B 41 1.47 8.88 -7.71
C GLN B 41 0.85 7.91 -6.70
N GLY B 42 0.19 8.43 -5.70
CA GLY B 42 -0.43 7.54 -4.68
C GLY B 42 -1.93 7.41 -4.97
N ILE B 43 -2.58 6.43 -4.39
CA ILE B 43 -4.04 6.26 -4.64
C ILE B 43 -4.75 7.61 -4.48
N ASP B 44 -4.28 8.43 -3.58
CA ASP B 44 -4.93 9.75 -3.38
C ASP B 44 -4.70 10.62 -4.61
N ASP B 45 -3.54 10.51 -5.22
CA ASP B 45 -3.25 11.33 -6.43
C ASP B 45 -4.14 10.86 -7.58
N LEU B 46 -4.48 9.60 -7.61
CA LEU B 46 -5.34 9.08 -8.71
C LEU B 46 -6.80 9.36 -8.38
N ALA B 47 -7.15 9.40 -7.13
CA ALA B 47 -8.56 9.67 -6.75
C ALA B 47 -9.00 11.02 -7.32
N ASP B 48 -8.06 11.90 -7.58
CA ASP B 48 -8.42 13.23 -8.14
C ASP B 48 -9.21 13.04 -9.44
N ILE B 49 -8.96 11.98 -10.15
CA ILE B 49 -9.70 11.75 -11.42
C ILE B 49 -10.74 10.64 -11.22
N GLU B 50 -11.99 10.92 -11.49
CA GLU B 50 -13.05 9.89 -11.30
C GLU B 50 -12.76 8.70 -12.23
N GLY B 51 -12.17 8.95 -13.36
CA GLY B 51 -11.86 7.83 -14.30
C GLY B 51 -11.10 6.73 -13.56
N LEU B 52 -10.30 7.10 -12.59
CA LEU B 52 -9.53 6.08 -11.84
C LEU B 52 -10.18 5.85 -10.48
N THR B 53 -10.26 4.62 -10.05
CA THR B 53 -10.89 4.34 -8.72
C THR B 53 -9.80 4.03 -7.69
N ASP B 54 -10.10 4.11 -6.43
CA ASP B 54 -9.08 3.82 -5.39
C ASP B 54 -8.53 2.41 -5.59
N GLU B 55 -9.38 1.49 -5.97
CA GLU B 55 -8.91 0.09 -6.19
C GLU B 55 -8.18 0.01 -7.53
N LYS B 56 -8.74 0.57 -8.56
CA LYS B 56 -8.07 0.51 -9.89
C LYS B 56 -6.78 1.31 -9.84
N ALA B 57 -6.82 2.51 -9.32
CA ALA B 57 -5.59 3.34 -9.24
C ALA B 57 -4.52 2.60 -8.44
N GLY B 58 -4.89 2.06 -7.30
CA GLY B 58 -3.89 1.32 -6.48
C GLY B 58 -3.28 0.20 -7.31
N ALA B 59 -4.09 -0.61 -7.94
CA ALA B 59 -3.56 -1.72 -8.76
C ALA B 59 -2.50 -1.19 -9.73
N LEU B 60 -2.82 -0.16 -10.46
CA LEU B 60 -1.82 0.40 -11.42
C LEU B 60 -0.56 0.79 -10.66
N ILE B 61 -0.70 1.30 -9.47
CA ILE B 61 0.51 1.69 -8.68
C ILE B 61 1.35 0.45 -8.39
N MET B 62 0.75 -0.58 -7.86
CA MET B 62 1.52 -1.82 -7.55
C MET B 62 2.29 -2.26 -8.80
N ALA B 63 1.63 -2.32 -9.92
CA ALA B 63 2.33 -2.74 -11.17
C ALA B 63 3.54 -1.85 -11.41
N ALA B 64 3.33 -0.56 -11.47
CA ALA B 64 4.48 0.37 -11.69
C ALA B 64 5.51 0.20 -10.57
N ARG B 65 5.06 0.20 -9.35
CA ARG B 65 6.02 0.03 -8.21
C ARG B 65 6.69 -1.33 -8.31
N ASN B 66 5.95 -2.35 -8.65
CA ASN B 66 6.55 -3.71 -8.75
C ASN B 66 7.70 -3.68 -9.78
N ILE B 67 7.49 -3.07 -10.91
CA ILE B 67 8.56 -3.00 -11.94
C ILE B 67 9.77 -2.26 -11.36
N CYS B 68 9.54 -1.25 -10.58
CA CYS B 68 10.68 -0.48 -9.99
C CYS B 68 11.28 -1.29 -8.84
N TRP B 69 10.47 -1.71 -7.91
CA TRP B 69 11.00 -2.50 -6.76
C TRP B 69 11.64 -3.79 -7.28
N PHE B 70 11.13 -4.33 -8.35
CA PHE B 70 11.71 -5.58 -8.90
C PHE B 70 13.09 -5.29 -9.51
N GLY B 71 13.26 -4.13 -10.08
CA GLY B 71 14.58 -3.79 -10.68
C GLY B 71 15.67 -3.90 -9.62
N ASP B 72 15.38 -3.54 -8.40
CA ASP B 72 16.40 -3.63 -7.33
C ASP B 72 16.91 -5.06 -7.22
N GLU B 73 16.06 -6.02 -7.39
CA GLU B 73 16.50 -7.44 -7.30
C GLU B 73 16.63 -8.03 -8.70
N ALA B 74 17.68 -8.77 -8.95
CA ALA B 74 17.88 -9.37 -10.30
C ALA B 74 19.14 -10.22 -10.30
N PHE A 19 -0.27 -11.75 23.52
CA PHE A 19 0.63 -11.04 22.57
C PHE A 19 0.88 -9.61 23.07
N ASP A 20 1.81 -8.92 22.48
CA ASP A 20 2.11 -7.53 22.92
C ASP A 20 0.83 -6.69 22.85
N PRO A 21 0.72 -5.68 23.73
CA PRO A 21 -0.45 -4.80 23.78
C PRO A 21 -0.57 -3.96 22.50
N ILE A 22 0.51 -3.72 21.83
CA ILE A 22 0.46 -2.92 20.57
C ILE A 22 -0.29 -3.72 19.50
N LEU A 23 -0.24 -5.02 19.59
CA LEU A 23 -0.95 -5.87 18.58
C LEU A 23 -2.45 -5.81 18.83
N LEU A 24 -2.86 -5.95 20.07
CA LEU A 24 -4.31 -5.91 20.38
C LEU A 24 -4.87 -4.53 20.04
N ARG A 25 -4.09 -3.50 20.22
CA ARG A 25 -4.60 -2.13 19.90
C ARG A 25 -5.06 -2.09 18.45
N PRO A 26 -6.15 -1.38 18.18
CA PRO A 26 -6.71 -1.26 16.82
C PRO A 26 -5.80 -0.44 15.91
N VAL A 27 -5.57 -0.92 14.71
CA VAL A 27 -4.69 -0.17 13.76
C VAL A 27 -5.04 1.32 13.82
N ASP A 28 -6.29 1.64 14.01
CA ASP A 28 -6.70 3.06 14.06
C ASP A 28 -5.95 3.75 15.20
N ASP A 29 -5.65 3.03 16.24
CA ASP A 29 -4.93 3.64 17.39
C ASP A 29 -3.47 3.87 17.01
N LEU A 30 -3.00 3.23 15.97
CA LEU A 30 -1.59 3.41 15.54
C LEU A 30 -1.23 4.90 15.60
N GLU A 31 -0.01 5.21 15.95
CA GLU A 31 0.41 6.64 16.03
C GLU A 31 0.34 7.26 14.63
N LEU A 32 0.39 6.46 13.61
CA LEU A 32 0.32 7.01 12.22
C LEU A 32 -1.05 7.64 11.99
N THR A 33 -1.19 8.40 10.94
CA THR A 33 -2.51 9.05 10.67
C THR A 33 -3.55 7.98 10.34
N VAL A 34 -4.80 8.34 10.33
CA VAL A 34 -5.87 7.35 10.02
C VAL A 34 -5.62 6.74 8.64
N ARG A 35 -5.13 7.51 7.71
CA ARG A 35 -4.86 6.97 6.36
C ARG A 35 -3.96 5.74 6.47
N SER A 36 -2.89 5.85 7.21
CA SER A 36 -1.98 4.68 7.36
C SER A 36 -2.75 3.49 7.93
N ALA A 37 -3.46 3.70 9.01
CA ALA A 37 -4.25 2.59 9.61
C ALA A 37 -5.31 2.12 8.61
N ASN A 38 -5.97 3.03 7.95
CA ASN A 38 -7.01 2.64 6.97
C ASN A 38 -6.39 1.70 5.93
N CYS A 39 -5.17 1.95 5.54
CA CYS A 39 -4.51 1.08 4.52
C CYS A 39 -4.66 -0.38 4.95
N LEU A 40 -4.14 -0.74 6.09
CA LEU A 40 -4.25 -2.15 6.55
C LEU A 40 -5.72 -2.55 6.63
N LYS A 41 -6.55 -1.70 7.18
CA LYS A 41 -8.00 -2.01 7.28
C LYS A 41 -8.53 -2.40 5.89
N ALA A 42 -7.95 -1.86 4.86
CA ALA A 42 -8.42 -2.19 3.49
C ALA A 42 -8.46 -3.70 3.31
N GLU A 43 -7.54 -4.41 3.93
CA GLU A 43 -7.52 -5.89 3.79
C GLU A 43 -8.37 -6.51 4.90
N ALA A 44 -9.32 -5.79 5.41
CA ALA A 44 -10.18 -6.34 6.49
C ALA A 44 -9.35 -6.48 7.77
N ILE A 45 -8.52 -5.50 8.06
CA ILE A 45 -7.68 -5.57 9.29
C ILE A 45 -8.20 -4.56 10.31
N HIS A 46 -8.53 -5.02 11.50
CA HIS A 46 -9.03 -4.08 12.53
C HIS A 46 -8.05 -4.03 13.71
N TYR A 47 -7.47 -5.15 14.04
CA TYR A 47 -6.49 -5.18 15.17
C TYR A 47 -5.07 -5.29 14.61
N ILE A 48 -4.17 -4.50 15.10
CA ILE A 48 -2.77 -4.57 14.59
C ILE A 48 -2.32 -6.03 14.55
N GLY A 49 -2.84 -6.85 15.43
CA GLY A 49 -2.44 -8.29 15.44
C GLY A 49 -2.48 -8.82 14.01
N ASP A 50 -3.54 -8.58 13.30
CA ASP A 50 -3.62 -9.07 11.90
C ASP A 50 -2.38 -8.59 11.14
N LEU A 51 -1.86 -7.45 11.51
CA LEU A 51 -0.64 -6.94 10.82
C LEU A 51 0.46 -7.99 10.91
N VAL A 52 0.74 -8.47 12.09
CA VAL A 52 1.80 -9.50 12.23
C VAL A 52 1.36 -10.77 11.49
N GLN A 53 0.07 -10.98 11.39
CA GLN A 53 -0.42 -12.19 10.67
C GLN A 53 0.07 -12.15 9.23
N ARG A 54 0.17 -10.98 8.66
CA ARG A 54 0.66 -10.86 7.26
C ARG A 54 2.07 -10.28 7.26
N THR A 55 2.91 -10.72 6.36
CA THR A 55 4.31 -10.19 6.32
C THR A 55 4.28 -8.73 5.88
N GLU A 56 5.13 -7.92 6.43
CA GLU A 56 5.17 -6.48 6.04
C GLU A 56 5.35 -6.37 4.52
N VAL A 57 6.03 -7.31 3.92
CA VAL A 57 6.24 -7.26 2.45
C VAL A 57 4.88 -7.10 1.74
N GLU A 58 3.94 -7.95 2.06
CA GLU A 58 2.60 -7.85 1.40
C GLU A 58 2.09 -6.42 1.53
N LEU A 59 2.39 -5.76 2.61
CA LEU A 59 1.91 -4.36 2.79
C LEU A 59 2.73 -3.43 1.90
N LEU A 60 3.97 -3.76 1.65
CA LEU A 60 4.82 -2.89 0.79
C LEU A 60 4.29 -2.93 -0.65
N LYS A 61 3.72 -4.03 -1.04
CA LYS A 61 3.18 -4.13 -2.43
C LYS A 61 1.80 -3.47 -2.49
N THR A 62 1.23 -3.19 -1.35
CA THR A 62 -0.11 -2.55 -1.34
C THR A 62 0.02 -1.05 -1.61
N PRO A 63 -0.57 -0.57 -2.72
CA PRO A 63 -0.52 0.84 -3.10
C PRO A 63 -1.35 1.71 -2.15
N ASN A 64 -2.28 1.13 -1.45
CA ASN A 64 -3.12 1.93 -0.51
C ASN A 64 -2.22 2.81 0.35
N LEU A 65 -1.03 2.37 0.64
CA LEU A 65 -0.11 3.19 1.48
C LEU A 65 0.97 3.80 0.59
N GLY A 66 1.40 4.99 0.91
CA GLY A 66 2.45 5.65 0.08
C GLY A 66 3.83 5.22 0.58
N LYS A 67 4.86 5.51 -0.16
CA LYS A 67 6.23 5.12 0.26
C LYS A 67 6.59 5.86 1.56
N LYS A 68 6.25 7.11 1.65
CA LYS A 68 6.58 7.88 2.89
C LYS A 68 5.91 7.21 4.09
N SER A 69 4.70 6.76 3.93
CA SER A 69 4.00 6.10 5.06
C SER A 69 4.83 4.92 5.56
N LEU A 70 5.38 4.16 4.66
CA LEU A 70 6.21 2.99 5.08
C LEU A 70 7.30 3.46 6.04
N THR A 71 7.85 4.62 5.81
CA THR A 71 8.92 5.13 6.72
C THR A 71 8.39 5.16 8.14
N GLU A 72 7.34 5.89 8.39
CA GLU A 72 6.78 5.95 9.77
C GLU A 72 6.48 4.53 10.26
N ILE A 73 5.90 3.71 9.42
CA ILE A 73 5.59 2.32 9.83
C ILE A 73 6.89 1.64 10.25
N LYS A 74 7.89 1.68 9.41
CA LYS A 74 9.19 1.04 9.78
C LYS A 74 9.63 1.58 11.12
N ASP A 75 9.39 2.83 11.38
CA ASP A 75 9.79 3.43 12.69
C ASP A 75 9.14 2.63 13.82
N VAL A 76 7.87 2.38 13.71
CA VAL A 76 7.17 1.59 14.77
C VAL A 76 7.72 0.16 14.76
N LEU A 77 8.05 -0.35 13.61
CA LEU A 77 8.59 -1.73 13.53
C LEU A 77 9.93 -1.79 14.26
N ALA A 78 10.63 -0.70 14.34
CA ALA A 78 11.94 -0.69 15.05
C ALA A 78 11.74 -1.16 16.49
N SER A 79 10.59 -0.89 17.04
CA SER A 79 10.32 -1.32 18.45
C SER A 79 9.96 -2.80 18.47
N ARG A 80 9.80 -3.39 17.31
CA ARG A 80 9.45 -4.84 17.26
C ARG A 80 8.10 -5.05 17.96
N GLY A 81 7.38 -3.99 18.22
CA GLY A 81 6.07 -4.12 18.90
C GLY A 81 5.04 -4.70 17.92
N LEU A 82 5.12 -4.33 16.67
CA LEU A 82 4.15 -4.87 15.68
C LEU A 82 4.89 -5.31 14.40
N SER A 83 4.29 -6.16 13.62
CA SER A 83 4.95 -6.62 12.36
C SER A 83 6.25 -7.35 12.70
N LEU A 84 6.16 -8.44 13.41
CA LEU A 84 7.39 -9.20 13.77
C LEU A 84 7.61 -10.32 12.76
N GLY A 85 6.89 -10.30 11.67
CA GLY A 85 7.05 -11.37 10.64
C GLY A 85 6.65 -12.72 11.25
N MET A 86 5.68 -12.73 12.10
CA MET A 86 5.24 -14.01 12.73
C MET A 86 3.82 -14.36 12.27
N ARG A 87 3.50 -15.62 12.19
CA ARG A 87 2.15 -16.03 11.76
C ARG A 87 1.37 -16.57 12.95
N LEU A 88 0.14 -16.15 13.12
CA LEU A 88 -0.66 -16.65 14.27
C LEU A 88 -1.73 -17.61 13.75
N GLU A 89 -1.96 -18.70 14.43
CA GLU A 89 -2.98 -19.68 13.98
C GLU A 89 -4.33 -18.96 13.87
N ASN A 90 -4.69 -18.22 14.88
CA ASN A 90 -5.99 -17.48 14.84
C ASN A 90 -5.73 -16.00 15.12
N TRP A 91 -5.16 -15.70 16.26
CA TRP A 91 -4.88 -14.28 16.61
C TRP A 91 -4.61 -14.16 18.12
N PRO A 92 -5.64 -14.43 18.94
CA PRO A 92 -5.52 -14.35 20.40
C PRO A 92 -4.62 -15.46 20.96
N PRO A 93 -3.41 -15.10 21.40
CA PRO A 93 -2.45 -16.06 21.97
C PRO A 93 -2.90 -16.56 23.35
N ALA A 94 -2.38 -17.66 23.80
CA ALA A 94 -2.78 -18.19 25.13
C ALA A 94 -2.46 -17.15 26.20
N SER A 95 -1.65 -16.18 25.88
CA SER A 95 -1.30 -15.13 26.87
C SER A 95 -2.53 -14.26 27.16
N ILE A 96 -3.21 -13.83 26.14
CA ILE A 96 -4.41 -12.98 26.34
C ILE A 96 -5.66 -13.86 26.41
N ALA A 97 -5.49 -15.15 26.38
CA ALA A 97 -6.68 -16.06 26.44
C ALA A 97 -7.32 -15.97 27.83
N ASP A 98 -8.61 -16.13 27.90
CA ASP A 98 -9.29 -16.05 29.22
C ASP A 98 -9.19 -17.40 29.95
N GLU A 99 -8.55 -18.35 29.34
CA GLU A 99 -8.41 -19.69 29.99
C GLU A 99 -7.09 -19.74 30.77
N GLY B 5 0.21 22.48 -20.87
CA GLY B 5 0.45 21.29 -20.00
C GLY B 5 -0.22 20.06 -20.60
N ASP B 6 0.20 19.66 -21.76
CA ASP B 6 -0.41 18.46 -22.40
C ASP B 6 -0.28 17.26 -21.47
N ASN B 7 0.80 17.17 -20.75
CA ASN B 7 0.98 16.02 -19.81
C ASN B 7 0.89 14.71 -20.60
N LYS B 8 1.53 14.63 -21.73
CA LYS B 8 1.48 13.38 -22.55
C LYS B 8 2.15 12.25 -21.77
N PRO B 9 1.52 11.06 -21.78
CA PRO B 9 2.05 9.88 -21.08
C PRO B 9 3.31 9.34 -21.77
N ALA B 10 4.28 8.92 -21.00
CA ALA B 10 5.53 8.38 -21.61
C ALA B 10 5.21 7.07 -22.33
N ASP B 11 6.01 6.71 -23.29
CA ASP B 11 5.76 5.45 -24.05
C ASP B 11 5.66 4.28 -23.06
N ASP B 12 6.45 4.30 -22.02
CA ASP B 12 6.41 3.19 -21.02
C ASP B 12 5.02 3.17 -20.36
N LEU B 13 4.55 4.29 -19.92
CA LEU B 13 3.20 4.32 -19.26
C LEU B 13 2.13 3.98 -20.30
N LEU B 14 2.32 4.40 -21.52
CA LEU B 14 1.31 4.10 -22.58
C LEU B 14 1.42 2.63 -22.98
N ASN B 15 2.60 2.07 -22.90
CA ASN B 15 2.77 0.64 -23.27
C ASN B 15 2.43 -0.26 -22.08
N LEU B 16 1.93 0.32 -21.02
CA LEU B 16 1.58 -0.50 -19.83
C LEU B 16 0.27 -1.25 -20.09
N GLU B 17 0.25 -2.53 -19.83
CA GLU B 17 -0.99 -3.32 -20.07
C GLU B 17 -2.00 -3.06 -18.94
N GLY B 18 -3.26 -3.05 -19.25
CA GLY B 18 -4.28 -2.80 -18.19
C GLY B 18 -4.55 -1.30 -18.08
N VAL B 19 -4.01 -0.51 -18.98
CA VAL B 19 -4.24 0.95 -18.93
C VAL B 19 -4.81 1.42 -20.27
N ASP B 20 -5.89 2.17 -20.23
CA ASP B 20 -6.50 2.65 -21.51
C ASP B 20 -5.81 3.95 -21.94
N ARG B 21 -5.69 4.18 -23.21
CA ARG B 21 -5.03 5.42 -23.69
C ARG B 21 -5.62 6.62 -22.97
N ASP B 22 -6.93 6.67 -22.84
CA ASP B 22 -7.56 7.81 -22.15
C ASP B 22 -7.24 7.75 -20.64
N LEU B 23 -7.29 6.58 -20.08
CA LEU B 23 -6.97 6.45 -18.62
C LEU B 23 -5.57 6.98 -18.35
N ALA B 24 -4.61 6.60 -19.15
CA ALA B 24 -3.22 7.09 -18.94
C ALA B 24 -3.20 8.61 -19.00
N PHE B 25 -3.95 9.19 -19.90
CA PHE B 25 -3.97 10.67 -20.02
C PHE B 25 -4.46 11.28 -18.70
N LYS B 26 -5.49 10.72 -18.12
CA LYS B 26 -6.02 11.26 -16.84
C LYS B 26 -4.94 11.15 -15.76
N LEU B 27 -4.27 10.03 -15.68
CA LEU B 27 -3.20 9.86 -14.65
C LEU B 27 -2.04 10.80 -14.98
N ALA B 28 -1.73 10.95 -16.24
CA ALA B 28 -0.59 11.85 -16.61
C ALA B 28 -0.95 13.29 -16.27
N ALA B 29 -2.21 13.63 -16.28
CA ALA B 29 -2.63 15.01 -15.95
C ALA B 29 -2.06 15.41 -14.58
N ARG B 30 -1.69 14.45 -13.79
CA ARG B 30 -1.13 14.75 -12.44
C ARG B 30 0.39 14.89 -12.54
N GLY B 31 0.89 15.32 -13.67
CA GLY B 31 2.37 15.46 -13.82
C GLY B 31 3.01 14.10 -14.11
N VAL B 32 2.33 13.02 -13.81
CA VAL B 32 2.93 11.68 -14.08
C VAL B 32 3.18 11.52 -15.58
N CYS B 33 4.32 11.00 -15.95
CA CYS B 33 4.61 10.83 -17.41
C CYS B 33 5.20 9.44 -17.64
N THR B 34 6.02 8.97 -16.74
CA THR B 34 6.62 7.62 -16.92
C THR B 34 5.91 6.60 -16.05
N LEU B 35 5.82 5.37 -16.49
CA LEU B 35 5.12 4.32 -15.68
C LEU B 35 5.62 4.41 -14.23
N GLU B 36 6.90 4.59 -14.05
CA GLU B 36 7.44 4.68 -12.66
C GLU B 36 6.70 5.80 -11.92
N ASP B 37 6.56 6.94 -12.53
CA ASP B 37 5.85 8.06 -11.86
C ASP B 37 4.45 7.58 -11.44
N LEU B 38 3.77 6.88 -12.31
CA LEU B 38 2.42 6.38 -11.96
C LEU B 38 2.50 5.59 -10.65
N ALA B 39 3.43 4.67 -10.55
CA ALA B 39 3.56 3.88 -9.31
C ALA B 39 3.71 4.83 -8.12
N GLU B 40 4.45 5.89 -8.28
CA GLU B 40 4.63 6.86 -7.16
C GLU B 40 3.26 7.34 -6.68
N GLN B 41 2.33 7.48 -7.58
CA GLN B 41 0.98 7.96 -7.17
C GLN B 41 0.34 6.93 -6.24
N GLY B 42 -0.52 7.36 -5.36
CA GLY B 42 -1.18 6.41 -4.42
C GLY B 42 -2.63 6.19 -4.85
N ILE B 43 -3.19 5.06 -4.52
CA ILE B 43 -4.60 4.79 -4.90
C ILE B 43 -5.45 6.04 -4.62
N ASP B 44 -5.21 6.68 -3.51
CA ASP B 44 -6.00 7.90 -3.17
C ASP B 44 -5.82 8.95 -4.28
N ASP B 45 -4.61 9.12 -4.74
CA ASP B 45 -4.36 10.11 -5.82
C ASP B 45 -5.12 9.69 -7.09
N LEU B 46 -5.41 8.44 -7.22
CA LEU B 46 -6.14 7.96 -8.42
C LEU B 46 -7.65 7.95 -8.14
N ALA B 47 -8.03 7.95 -6.89
CA ALA B 47 -9.47 7.93 -6.55
C ALA B 47 -10.10 9.27 -6.93
N ASP B 48 -9.32 10.31 -6.97
CA ASP B 48 -9.87 11.65 -7.33
C ASP B 48 -10.04 11.74 -8.85
N ILE B 49 -9.77 10.67 -9.55
CA ILE B 49 -9.91 10.70 -11.03
C ILE B 49 -11.16 9.92 -11.44
N GLU B 50 -12.03 10.53 -12.20
CA GLU B 50 -13.27 9.83 -12.62
C GLU B 50 -12.90 8.63 -13.52
N GLY B 51 -13.47 7.49 -13.26
CA GLY B 51 -13.15 6.29 -14.10
C GLY B 51 -12.15 5.42 -13.35
N LEU B 52 -11.31 6.00 -12.55
CA LEU B 52 -10.30 5.20 -11.80
C LEU B 52 -10.91 4.73 -10.48
N THR B 53 -10.83 3.45 -10.20
CA THR B 53 -11.40 2.92 -8.93
C THR B 53 -10.26 2.64 -7.94
N ASP B 54 -10.57 2.52 -6.68
CA ASP B 54 -9.51 2.24 -5.68
C ASP B 54 -8.80 0.93 -6.02
N GLU B 55 -9.53 -0.04 -6.51
CA GLU B 55 -8.90 -1.34 -6.88
C GLU B 55 -8.16 -1.19 -8.21
N LYS B 56 -8.74 -0.52 -9.17
CA LYS B 56 -8.06 -0.35 -10.47
C LYS B 56 -6.76 0.43 -10.28
N ALA B 57 -6.82 1.52 -9.56
CA ALA B 57 -5.59 2.32 -9.33
C ALA B 57 -4.58 1.50 -8.55
N GLY B 58 -5.03 0.76 -7.57
CA GLY B 58 -4.09 -0.08 -6.76
C GLY B 58 -3.40 -1.10 -7.68
N ALA B 59 -4.12 -1.64 -8.61
CA ALA B 59 -3.52 -2.65 -9.53
C ALA B 59 -2.52 -1.96 -10.46
N LEU B 60 -2.82 -0.76 -10.87
CA LEU B 60 -1.88 -0.03 -11.78
C LEU B 60 -0.62 0.35 -11.01
N ILE B 61 -0.72 0.51 -9.72
CA ILE B 61 0.47 0.87 -8.91
C ILE B 61 1.35 -0.37 -8.71
N MET B 62 0.80 -1.40 -8.15
CA MET B 62 1.60 -2.64 -7.94
C MET B 62 2.26 -3.05 -9.25
N ALA B 63 1.57 -2.91 -10.35
CA ALA B 63 2.15 -3.30 -11.66
C ALA B 63 3.33 -2.36 -11.98
N ALA B 64 3.09 -1.09 -11.99
CA ALA B 64 4.20 -0.13 -12.29
C ALA B 64 5.29 -0.28 -11.24
N ARG B 65 4.93 -0.33 -9.98
CA ARG B 65 5.95 -0.47 -8.91
C ARG B 65 6.77 -1.74 -9.16
N ASN B 66 6.12 -2.83 -9.47
CA ASN B 66 6.86 -4.09 -9.71
C ASN B 66 7.87 -3.88 -10.85
N ILE B 67 7.50 -3.11 -11.85
CA ILE B 67 8.43 -2.86 -12.98
C ILE B 67 9.60 -2.01 -12.49
N CYS B 68 9.34 -1.08 -11.62
CA CYS B 68 10.44 -0.22 -11.10
C CYS B 68 11.29 -1.00 -10.10
N TRP B 69 10.67 -1.62 -9.14
CA TRP B 69 11.43 -2.40 -8.13
C TRP B 69 12.12 -3.59 -8.82
N PHE B 70 11.42 -4.27 -9.68
CA PHE B 70 12.04 -5.44 -10.37
C PHE B 70 12.58 -4.99 -11.73
N GLY B 71 12.66 -3.71 -11.96
CA GLY B 71 13.19 -3.22 -13.26
C GLY B 71 14.69 -3.47 -13.34
N ASP B 72 15.17 -3.96 -14.45
CA ASP B 72 16.63 -4.23 -14.57
C ASP B 72 17.42 -2.97 -14.18
N GLU B 73 16.94 -1.82 -14.54
CA GLU B 73 17.66 -0.57 -14.19
C GLU B 73 17.77 -0.46 -12.67
N ALA B 74 16.78 -0.93 -11.95
CA ALA B 74 16.83 -0.86 -10.46
C ALA B 74 17.62 -2.04 -9.92
N PHE A 19 2.24 -11.27 23.74
CA PHE A 19 1.95 -10.36 22.61
C PHE A 19 1.89 -8.92 23.11
N ASP A 20 2.73 -8.07 22.59
CA ASP A 20 2.73 -6.65 23.04
C ASP A 20 1.33 -6.06 22.82
N PRO A 21 0.95 -5.08 23.65
CA PRO A 21 -0.36 -4.43 23.56
C PRO A 21 -0.53 -3.66 22.25
N ILE A 22 0.56 -3.26 21.65
CA ILE A 22 0.45 -2.52 20.36
C ILE A 22 -0.28 -3.42 19.36
N LEU A 23 -0.09 -4.71 19.46
CA LEU A 23 -0.78 -5.64 18.51
C LEU A 23 -2.25 -5.72 18.88
N LEU A 24 -2.55 -5.67 20.15
CA LEU A 24 -3.97 -5.74 20.60
C LEU A 24 -4.68 -4.44 20.25
N ARG A 25 -3.93 -3.38 20.03
CA ARG A 25 -4.55 -2.08 19.69
C ARG A 25 -4.96 -2.09 18.21
N PRO A 26 -6.09 -1.44 17.89
CA PRO A 26 -6.61 -1.37 16.51
C PRO A 26 -5.73 -0.49 15.62
N VAL A 27 -5.50 -0.91 14.41
CA VAL A 27 -4.66 -0.10 13.49
C VAL A 27 -5.06 1.38 13.60
N ASP A 28 -6.32 1.65 13.80
CA ASP A 28 -6.77 3.06 13.93
C ASP A 28 -6.08 3.71 15.13
N ASP A 29 -5.79 2.94 16.14
CA ASP A 29 -5.13 3.52 17.35
C ASP A 29 -3.64 3.74 17.05
N LEU A 30 -3.16 3.25 15.94
CA LEU A 30 -1.73 3.44 15.59
C LEU A 30 -1.40 4.93 15.55
N GLU A 31 -0.22 5.30 15.95
CA GLU A 31 0.15 6.75 15.94
C GLU A 31 0.09 7.28 14.51
N LEU A 32 0.11 6.41 13.54
CA LEU A 32 0.06 6.86 12.12
C LEU A 32 -1.29 7.53 11.85
N THR A 33 -1.44 8.17 10.73
CA THR A 33 -2.73 8.84 10.42
C THR A 33 -3.78 7.80 10.03
N VAL A 34 -5.03 8.18 10.02
CA VAL A 34 -6.09 7.21 9.66
C VAL A 34 -5.77 6.57 8.31
N ARG A 35 -5.05 7.27 7.47
CA ARG A 35 -4.70 6.68 6.14
C ARG A 35 -3.90 5.39 6.35
N SER A 36 -2.99 5.39 7.28
CA SER A 36 -2.20 4.16 7.53
C SER A 36 -3.13 3.02 7.94
N ALA A 37 -3.99 3.26 8.89
CA ALA A 37 -4.93 2.18 9.32
C ALA A 37 -5.89 1.87 8.19
N ASN A 38 -6.29 2.87 7.44
CA ASN A 38 -7.24 2.62 6.32
C ASN A 38 -6.61 1.63 5.33
N CYS A 39 -5.34 1.75 5.08
CA CYS A 39 -4.67 0.81 4.14
C CYS A 39 -4.99 -0.63 4.56
N LEU A 40 -4.51 -1.05 5.70
CA LEU A 40 -4.79 -2.44 6.16
C LEU A 40 -6.28 -2.59 6.41
N LYS A 41 -6.90 -1.62 7.02
CA LYS A 41 -8.36 -1.71 7.28
C LYS A 41 -9.11 -2.05 5.99
N ALA A 42 -8.69 -1.46 4.89
CA ALA A 42 -9.37 -1.75 3.59
C ALA A 42 -9.42 -3.25 3.37
N GLU A 43 -8.50 -3.98 3.93
CA GLU A 43 -8.50 -5.46 3.75
C GLU A 43 -9.30 -6.12 4.87
N ALA A 44 -10.15 -5.37 5.52
CA ALA A 44 -10.95 -5.95 6.63
C ALA A 44 -10.05 -6.20 7.85
N ILE A 45 -9.12 -5.32 8.08
CA ILE A 45 -8.20 -5.51 9.25
C ILE A 45 -8.27 -4.27 10.15
N HIS A 46 -8.88 -4.39 11.30
CA HIS A 46 -8.97 -3.23 12.22
C HIS A 46 -8.04 -3.45 13.42
N TYR A 47 -7.41 -4.59 13.49
CA TYR A 47 -6.49 -4.86 14.63
C TYR A 47 -5.06 -4.96 14.10
N ILE A 48 -4.13 -4.32 14.76
CA ILE A 48 -2.72 -4.38 14.30
C ILE A 48 -2.24 -5.83 14.38
N GLY A 49 -2.75 -6.59 15.31
CA GLY A 49 -2.32 -8.00 15.44
C GLY A 49 -2.37 -8.67 14.06
N ASP A 50 -3.45 -8.46 13.33
CA ASP A 50 -3.55 -9.08 11.99
C ASP A 50 -2.32 -8.71 11.17
N LEU A 51 -1.82 -7.52 11.33
CA LEU A 51 -0.61 -7.11 10.55
C LEU A 51 0.49 -8.15 10.77
N VAL A 52 0.75 -8.51 12.00
CA VAL A 52 1.81 -9.52 12.26
C VAL A 52 1.35 -10.88 11.72
N GLN A 53 0.06 -11.06 11.58
CA GLN A 53 -0.45 -12.36 11.05
C GLN A 53 0.01 -12.51 9.60
N ARG A 54 0.11 -11.43 8.88
CA ARG A 54 0.56 -11.51 7.46
C ARG A 54 2.00 -11.01 7.36
N THR A 55 2.79 -11.61 6.51
CA THR A 55 4.21 -11.17 6.38
C THR A 55 4.24 -9.70 5.94
N GLU A 56 5.12 -8.93 6.52
CA GLU A 56 5.19 -7.48 6.15
C GLU A 56 5.42 -7.37 4.64
N VAL A 57 6.05 -8.34 4.04
CA VAL A 57 6.31 -8.29 2.57
C VAL A 57 4.98 -8.06 1.85
N GLU A 58 3.98 -8.84 2.16
CA GLU A 58 2.66 -8.67 1.48
C GLU A 58 2.22 -7.21 1.58
N LEU A 59 2.50 -6.58 2.69
CA LEU A 59 2.10 -5.15 2.85
C LEU A 59 2.97 -4.28 1.93
N LEU A 60 4.23 -4.63 1.80
CA LEU A 60 5.13 -3.82 0.93
C LEU A 60 4.65 -3.93 -0.52
N LYS A 61 3.98 -5.00 -0.85
CA LYS A 61 3.48 -5.16 -2.25
C LYS A 61 2.05 -4.63 -2.35
N THR A 62 1.69 -3.70 -1.51
CA THR A 62 0.31 -3.15 -1.55
C THR A 62 0.38 -1.67 -1.95
N PRO A 63 -0.50 -1.27 -2.88
CA PRO A 63 -0.55 0.13 -3.37
C PRO A 63 -1.13 1.07 -2.32
N ASN A 64 -1.92 0.56 -1.40
CA ASN A 64 -2.51 1.45 -0.35
C ASN A 64 -1.40 2.16 0.42
N LEU A 65 -0.25 1.55 0.51
CA LEU A 65 0.87 2.20 1.25
C LEU A 65 1.76 2.97 0.27
N GLY A 66 1.97 4.23 0.53
CA GLY A 66 2.84 5.03 -0.38
C GLY A 66 4.28 5.01 0.13
N LYS A 67 5.20 5.53 -0.64
CA LYS A 67 6.62 5.53 -0.19
C LYS A 67 6.72 6.14 1.20
N LYS A 68 5.92 7.14 1.48
CA LYS A 68 5.97 7.77 2.83
C LYS A 68 5.29 6.86 3.86
N SER A 69 4.22 6.22 3.48
CA SER A 69 3.53 5.31 4.44
C SER A 69 4.50 4.24 4.93
N LEU A 70 5.19 3.60 4.02
CA LEU A 70 6.16 2.54 4.45
C LEU A 70 7.10 3.13 5.49
N THR A 71 7.58 4.32 5.30
CA THR A 71 8.50 4.94 6.29
C THR A 71 7.87 4.86 7.68
N GLU A 72 6.67 5.34 7.82
CA GLU A 72 6.01 5.29 9.16
C GLU A 72 6.01 3.85 9.66
N ILE A 73 5.78 2.90 8.79
CA ILE A 73 5.78 1.48 9.22
C ILE A 73 7.14 1.14 9.84
N LYS A 74 8.21 1.59 9.23
CA LYS A 74 9.56 1.30 9.78
C LYS A 74 9.67 1.90 11.18
N ASP A 75 9.16 3.10 11.37
CA ASP A 75 9.24 3.73 12.71
C ASP A 75 8.54 2.84 13.73
N VAL A 76 7.37 2.36 13.42
CA VAL A 76 6.64 1.48 14.37
C VAL A 76 7.31 0.10 14.39
N LEU A 77 7.76 -0.37 13.26
CA LEU A 77 8.43 -1.70 13.22
C LEU A 77 9.66 -1.68 14.11
N ALA A 78 10.24 -0.54 14.32
CA ALA A 78 11.45 -0.44 15.19
C ALA A 78 11.12 -0.98 16.58
N SER A 79 9.92 -0.81 17.01
CA SER A 79 9.52 -1.30 18.36
C SER A 79 9.72 -2.82 18.45
N ARG A 80 9.89 -3.46 17.32
CA ARG A 80 10.09 -4.93 17.33
C ARG A 80 8.83 -5.62 17.88
N GLY A 81 7.76 -4.88 18.05
CA GLY A 81 6.51 -5.50 18.57
C GLY A 81 5.44 -5.49 17.48
N LEU A 82 5.70 -4.84 16.38
CA LEU A 82 4.69 -4.78 15.28
C LEU A 82 5.35 -5.24 13.97
N SER A 83 4.72 -6.14 13.27
CA SER A 83 5.29 -6.63 11.98
C SER A 83 6.55 -7.46 12.26
N LEU A 84 6.43 -8.48 13.05
CA LEU A 84 7.63 -9.32 13.36
C LEU A 84 7.51 -10.64 12.59
N GLY A 85 6.73 -10.67 11.55
CA GLY A 85 6.56 -11.93 10.77
C GLY A 85 6.03 -13.03 11.69
N MET A 86 5.12 -12.69 12.57
CA MET A 86 4.56 -13.72 13.49
C MET A 86 3.38 -14.43 12.81
N ARG A 87 2.91 -15.49 13.41
CA ARG A 87 1.76 -16.23 12.81
C ARG A 87 0.84 -16.74 13.92
N LEU A 88 -0.42 -16.44 13.85
CA LEU A 88 -1.36 -16.91 14.90
C LEU A 88 -2.50 -17.70 14.26
N GLU A 89 -2.84 -18.83 14.82
CA GLU A 89 -3.95 -19.64 14.24
C GLU A 89 -5.25 -18.83 14.34
N ASN A 90 -5.45 -18.14 15.44
CA ASN A 90 -6.69 -17.33 15.60
C ASN A 90 -6.30 -15.86 15.77
N TRP A 91 -5.81 -15.50 16.92
CA TRP A 91 -5.40 -14.08 17.15
C TRP A 91 -5.14 -13.86 18.65
N PRO A 92 -6.14 -14.12 19.49
CA PRO A 92 -6.02 -13.95 20.95
C PRO A 92 -5.05 -14.97 21.57
N PRO A 93 -3.86 -14.51 21.98
CA PRO A 93 -2.86 -15.38 22.59
C PRO A 93 -3.27 -15.81 24.00
N ALA A 94 -2.62 -16.80 24.54
CA ALA A 94 -2.97 -17.26 25.91
C ALA A 94 -2.66 -16.16 26.93
N SER A 95 -1.77 -15.26 26.59
CA SER A 95 -1.41 -14.16 27.52
C SER A 95 -2.51 -13.10 27.50
N ILE A 96 -3.06 -12.83 26.35
CA ILE A 96 -4.14 -11.80 26.26
C ILE A 96 -5.30 -12.20 27.17
N ALA A 97 -5.40 -13.46 27.51
CA ALA A 97 -6.52 -13.92 28.38
C ALA A 97 -6.30 -13.40 29.80
N ASP A 98 -5.07 -13.19 30.19
CA ASP A 98 -4.80 -12.68 31.56
C ASP A 98 -5.58 -11.39 31.79
N GLU A 99 -5.72 -10.58 30.78
CA GLU A 99 -6.47 -9.29 30.94
C GLU A 99 -7.89 -9.61 31.42
N GLY B 5 0.18 20.55 -18.49
CA GLY B 5 -0.11 21.19 -19.81
C GLY B 5 -0.57 20.11 -20.80
N ASP B 6 0.28 19.74 -21.72
CA ASP B 6 -0.11 18.70 -22.71
C ASP B 6 -0.60 17.46 -21.98
N ASN B 7 0.00 17.13 -20.86
CA ASN B 7 -0.43 15.93 -20.11
C ASN B 7 -0.30 14.69 -21.00
N LYS B 8 0.79 14.57 -21.71
CA LYS B 8 0.97 13.39 -22.60
C LYS B 8 1.64 12.25 -21.81
N PRO B 9 1.04 11.05 -21.87
CA PRO B 9 1.56 9.88 -21.17
C PRO B 9 2.86 9.37 -21.81
N ALA B 10 3.84 9.02 -21.02
CA ALA B 10 5.12 8.52 -21.57
C ALA B 10 4.87 7.21 -22.32
N ASP B 11 5.69 6.89 -23.28
CA ASP B 11 5.49 5.61 -24.03
C ASP B 11 5.48 4.45 -23.05
N ASP B 12 6.29 4.51 -22.03
CA ASP B 12 6.32 3.40 -21.03
C ASP B 12 4.95 3.31 -20.34
N LEU B 13 4.40 4.42 -19.94
CA LEU B 13 3.08 4.39 -19.26
C LEU B 13 2.00 4.01 -20.27
N LEU B 14 2.12 4.47 -21.48
CA LEU B 14 1.09 4.14 -22.51
C LEU B 14 1.21 2.65 -22.88
N ASN B 15 2.40 2.13 -22.86
CA ASN B 15 2.57 0.68 -23.21
C ASN B 15 2.46 -0.18 -21.95
N LEU B 16 2.07 0.41 -20.85
CA LEU B 16 1.93 -0.37 -19.59
C LEU B 16 0.68 -1.26 -19.68
N GLU B 17 0.78 -2.49 -19.27
CA GLU B 17 -0.39 -3.39 -19.32
C GLU B 17 -1.34 -3.07 -18.17
N GLY B 18 -2.62 -3.19 -18.40
CA GLY B 18 -3.60 -2.89 -17.31
C GLY B 18 -4.07 -1.44 -17.43
N VAL B 19 -3.48 -0.69 -18.33
CA VAL B 19 -3.89 0.74 -18.49
C VAL B 19 -4.36 0.96 -19.94
N ASP B 20 -5.45 1.66 -20.12
CA ASP B 20 -5.95 1.92 -21.49
C ASP B 20 -5.37 3.23 -22.00
N ARG B 21 -5.23 3.37 -23.29
CA ARG B 21 -4.66 4.64 -23.85
C ARG B 21 -5.40 5.83 -23.23
N ASP B 22 -6.69 5.71 -23.06
CA ASP B 22 -7.47 6.84 -22.46
C ASP B 22 -7.07 7.02 -20.99
N LEU B 23 -6.89 5.93 -20.28
CA LEU B 23 -6.50 6.04 -18.85
C LEU B 23 -5.11 6.66 -18.75
N ALA B 24 -4.25 6.39 -19.69
CA ALA B 24 -2.89 6.98 -19.64
C ALA B 24 -2.99 8.50 -19.65
N PHE B 25 -3.74 9.06 -20.57
CA PHE B 25 -3.89 10.53 -20.62
C PHE B 25 -4.55 11.02 -19.33
N LYS B 26 -5.57 10.35 -18.88
CA LYS B 26 -6.25 10.77 -17.62
C LYS B 26 -5.23 10.86 -16.49
N LEU B 27 -4.28 9.96 -16.47
CA LEU B 27 -3.25 9.99 -15.39
C LEU B 27 -2.34 11.20 -15.60
N ALA B 28 -2.00 11.50 -16.82
CA ALA B 28 -1.11 12.67 -17.10
C ALA B 28 -1.79 13.94 -16.56
N ALA B 29 -3.09 14.00 -16.61
CA ALA B 29 -3.80 15.22 -16.11
C ALA B 29 -3.23 15.62 -14.75
N ARG B 30 -2.86 14.66 -13.95
CA ARG B 30 -2.29 14.98 -12.62
C ARG B 30 -0.78 15.12 -12.72
N GLY B 31 -0.28 15.37 -13.90
CA GLY B 31 1.20 15.53 -14.08
C GLY B 31 1.86 14.15 -14.14
N VAL B 32 1.21 13.13 -13.68
CA VAL B 32 1.82 11.76 -13.72
C VAL B 32 1.63 11.16 -15.12
N CYS B 33 2.71 11.00 -15.85
CA CYS B 33 2.59 10.43 -17.21
C CYS B 33 3.56 9.25 -17.36
N THR B 34 4.75 9.40 -16.87
CA THR B 34 5.75 8.28 -16.99
C THR B 34 5.38 7.18 -16.01
N LEU B 35 5.61 5.94 -16.38
CA LEU B 35 5.27 4.81 -15.46
C LEU B 35 5.85 5.10 -14.07
N GLU B 36 7.07 5.54 -14.00
CA GLU B 36 7.68 5.84 -12.68
C GLU B 36 6.80 6.84 -11.94
N ASP B 37 6.37 7.88 -12.60
CA ASP B 37 5.51 8.89 -11.94
C ASP B 37 4.27 8.19 -11.36
N LEU B 38 3.71 7.26 -12.09
CA LEU B 38 2.51 6.55 -11.58
C LEU B 38 2.85 5.84 -10.27
N ALA B 39 4.00 5.20 -10.21
CA ALA B 39 4.39 4.50 -8.97
C ALA B 39 4.48 5.51 -7.82
N GLU B 40 4.87 6.72 -8.13
CA GLU B 40 4.99 7.76 -7.05
C GLU B 40 3.59 8.11 -6.55
N GLN B 41 2.59 8.03 -7.39
CA GLN B 41 1.21 8.36 -6.95
C GLN B 41 0.64 7.19 -6.16
N GLY B 42 -0.03 7.47 -5.06
CA GLY B 42 -0.61 6.37 -4.25
C GLY B 42 -2.09 6.21 -4.59
N ILE B 43 -2.67 5.08 -4.28
CA ILE B 43 -4.11 4.86 -4.59
C ILE B 43 -4.90 6.11 -4.20
N ASP B 44 -4.57 6.71 -3.09
CA ASP B 44 -5.30 7.93 -2.65
C ASP B 44 -5.13 9.03 -3.70
N ASP B 45 -3.96 9.12 -4.29
CA ASP B 45 -3.73 10.16 -5.33
C ASP B 45 -4.53 9.83 -6.59
N LEU B 46 -4.78 8.57 -6.82
CA LEU B 46 -5.57 8.17 -8.02
C LEU B 46 -7.06 8.33 -7.73
N ALA B 47 -7.44 8.19 -6.50
CA ALA B 47 -8.88 8.33 -6.15
C ALA B 47 -9.36 9.74 -6.51
N ASP B 48 -8.46 10.68 -6.59
CA ASP B 48 -8.84 12.08 -6.94
C ASP B 48 -9.58 12.07 -8.28
N ILE B 49 -9.24 11.17 -9.15
CA ILE B 49 -9.92 11.11 -10.47
C ILE B 49 -10.94 9.96 -10.48
N GLU B 50 -12.19 10.27 -10.65
CA GLU B 50 -13.23 9.19 -10.67
C GLU B 50 -12.86 8.15 -11.72
N GLY B 51 -12.20 8.55 -12.77
CA GLY B 51 -11.81 7.58 -13.83
C GLY B 51 -11.03 6.42 -13.19
N LEU B 52 -10.29 6.69 -12.16
CA LEU B 52 -9.52 5.60 -11.49
C LEU B 52 -10.16 5.26 -10.15
N THR B 53 -10.25 4.00 -9.83
CA THR B 53 -10.87 3.59 -8.53
C THR B 53 -9.77 3.18 -7.56
N ASP B 54 -10.10 3.09 -6.29
CA ASP B 54 -9.06 2.69 -5.29
C ASP B 54 -8.51 1.32 -5.65
N GLU B 55 -9.34 0.43 -6.11
CA GLU B 55 -8.85 -0.94 -6.48
C GLU B 55 -8.10 -0.86 -7.82
N LYS B 56 -8.65 -0.19 -8.78
CA LYS B 56 -7.96 -0.09 -10.10
C LYS B 56 -6.65 0.65 -9.93
N ALA B 57 -6.66 1.77 -9.25
CA ALA B 57 -5.40 2.54 -9.06
C ALA B 57 -4.39 1.68 -8.30
N GLY B 58 -4.84 0.88 -7.38
CA GLY B 58 -3.91 0.02 -6.60
C GLY B 58 -3.22 -0.96 -7.56
N ALA B 59 -3.96 -1.56 -8.45
CA ALA B 59 -3.34 -2.52 -9.40
C ALA B 59 -2.35 -1.79 -10.31
N LEU B 60 -2.66 -0.58 -10.68
CA LEU B 60 -1.73 0.19 -11.57
C LEU B 60 -0.46 0.56 -10.79
N ILE B 61 -0.59 0.82 -9.52
CA ILE B 61 0.61 1.20 -8.72
C ILE B 61 1.52 -0.03 -8.57
N MET B 62 1.02 -1.11 -8.04
CA MET B 62 1.86 -2.31 -7.86
C MET B 62 2.50 -2.69 -9.21
N ALA B 63 1.76 -2.57 -10.27
CA ALA B 63 2.30 -2.92 -11.61
C ALA B 63 3.50 -2.02 -11.92
N ALA B 64 3.31 -0.73 -11.86
CA ALA B 64 4.43 0.21 -12.15
C ALA B 64 5.53 0.01 -11.11
N ARG B 65 5.18 -0.12 -9.87
CA ARG B 65 6.21 -0.31 -8.81
C ARG B 65 7.06 -1.54 -9.14
N ASN B 66 6.43 -2.62 -9.54
CA ASN B 66 7.20 -3.84 -9.88
C ASN B 66 8.10 -3.57 -11.09
N ILE B 67 7.62 -2.80 -12.02
CA ILE B 67 8.45 -2.49 -13.22
C ILE B 67 9.67 -1.66 -12.80
N CYS B 68 9.49 -0.76 -11.87
CA CYS B 68 10.64 0.07 -11.42
C CYS B 68 11.60 -0.78 -10.59
N TRP B 69 11.09 -1.46 -9.60
CA TRP B 69 11.97 -2.31 -8.75
C TRP B 69 12.54 -3.46 -9.58
N PHE B 70 11.78 -3.96 -10.52
CA PHE B 70 12.27 -5.08 -11.37
C PHE B 70 12.81 -4.52 -12.69
N GLY B 71 12.95 -3.24 -12.79
CA GLY B 71 13.48 -2.64 -14.05
C GLY B 71 14.88 -3.17 -14.32
N ASP B 72 15.58 -3.57 -13.30
CA ASP B 72 16.96 -4.09 -13.50
C ASP B 72 16.93 -5.24 -14.51
N GLU B 73 15.89 -6.04 -14.49
CA GLU B 73 15.81 -7.18 -15.45
C GLU B 73 15.07 -6.72 -16.71
N ALA B 74 15.44 -7.26 -17.84
CA ALA B 74 14.76 -6.86 -19.11
C ALA B 74 15.14 -5.41 -19.45
N PHE A 19 2.03 -12.84 23.64
CA PHE A 19 2.34 -12.15 22.36
C PHE A 19 2.54 -10.66 22.62
N ASP A 20 3.00 -9.93 21.65
CA ASP A 20 3.20 -8.47 21.83
C ASP A 20 1.85 -7.79 22.02
N PRO A 21 1.74 -6.91 23.02
CA PRO A 21 0.49 -6.18 23.30
C PRO A 21 0.13 -5.21 22.17
N ILE A 22 1.11 -4.76 21.43
CA ILE A 22 0.85 -3.83 20.31
C ILE A 22 0.05 -4.57 19.23
N LEU A 23 0.16 -5.87 19.16
CA LEU A 23 -0.58 -6.64 18.14
C LEU A 23 -2.06 -6.72 18.54
N LEU A 24 -2.34 -7.02 19.78
CA LEU A 24 -3.75 -7.11 20.23
C LEU A 24 -4.40 -5.73 20.17
N ARG A 25 -3.62 -4.69 20.30
CA ARG A 25 -4.20 -3.32 20.24
C ARG A 25 -4.71 -3.05 18.82
N PRO A 26 -5.82 -2.31 18.70
CA PRO A 26 -6.42 -1.99 17.40
C PRO A 26 -5.55 -0.99 16.62
N VAL A 27 -5.31 -1.26 15.37
CA VAL A 27 -4.47 -0.34 14.56
C VAL A 27 -4.89 1.11 14.85
N ASP A 28 -6.14 1.34 15.12
CA ASP A 28 -6.60 2.72 15.43
C ASP A 28 -5.89 3.23 16.68
N ASP A 29 -5.55 2.35 17.58
CA ASP A 29 -4.86 2.78 18.82
C ASP A 29 -3.43 3.20 18.49
N LEU A 30 -2.96 2.86 17.32
CA LEU A 30 -1.58 3.23 16.93
C LEU A 30 -1.35 4.72 17.23
N GLU A 31 -0.20 5.06 17.76
CA GLU A 31 0.08 6.49 18.08
C GLU A 31 0.11 7.30 16.78
N LEU A 32 0.20 6.65 15.66
CA LEU A 32 0.24 7.38 14.36
C LEU A 32 -1.14 8.01 14.09
N THR A 33 -1.23 8.80 13.06
CA THR A 33 -2.55 9.45 12.75
C THR A 33 -3.55 8.37 12.31
N VAL A 34 -4.81 8.69 12.35
CA VAL A 34 -5.84 7.68 11.94
C VAL A 34 -5.61 7.27 10.49
N ARG A 35 -4.98 8.12 9.72
CA ARG A 35 -4.72 7.77 8.29
C ARG A 35 -3.85 6.52 8.21
N SER A 36 -2.82 6.46 9.02
CA SER A 36 -1.93 5.27 9.00
C SER A 36 -2.74 4.02 9.32
N ALA A 37 -3.52 4.06 10.36
CA ALA A 37 -4.34 2.87 10.72
C ALA A 37 -5.41 2.65 9.65
N ASN A 38 -5.99 3.70 9.14
CA ASN A 38 -7.03 3.54 8.09
C ASN A 38 -6.43 2.77 6.91
N CYS A 39 -5.20 3.00 6.59
CA CYS A 39 -4.56 2.27 5.47
C CYS A 39 -4.74 0.77 5.65
N LEU A 40 -4.16 0.22 6.68
CA LEU A 40 -4.30 -1.24 6.93
C LEU A 40 -5.78 -1.58 7.13
N LYS A 41 -6.47 -0.80 7.91
CA LYS A 41 -7.92 -1.07 8.15
C LYS A 41 -8.64 -1.21 6.80
N ALA A 42 -8.24 -0.44 5.83
CA ALA A 42 -8.90 -0.52 4.49
C ALA A 42 -8.87 -1.97 4.01
N GLU A 43 -7.99 -2.77 4.54
CA GLU A 43 -7.92 -4.20 4.10
C GLU A 43 -8.75 -5.06 5.05
N ALA A 44 -9.71 -4.47 5.71
CA ALA A 44 -10.56 -5.27 6.65
C ALA A 44 -9.72 -5.68 7.87
N ILE A 45 -8.85 -4.82 8.32
CA ILE A 45 -8.00 -5.17 9.50
C ILE A 45 -8.35 -4.23 10.66
N HIS A 46 -8.64 -4.77 11.81
CA HIS A 46 -8.98 -3.91 12.97
C HIS A 46 -7.92 -4.10 14.07
N TYR A 47 -7.29 -5.24 14.11
CA TYR A 47 -6.25 -5.47 15.15
C TYR A 47 -4.86 -5.53 14.51
N ILE A 48 -3.90 -4.91 15.11
CA ILE A 48 -2.52 -4.93 14.53
C ILE A 48 -2.07 -6.37 14.33
N GLY A 49 -2.55 -7.28 15.15
CA GLY A 49 -2.14 -8.70 15.00
C GLY A 49 -2.23 -9.09 13.53
N ASP A 50 -3.30 -8.75 12.87
CA ASP A 50 -3.42 -9.11 11.43
C ASP A 50 -2.18 -8.57 10.69
N LEU A 51 -1.64 -7.48 11.16
CA LEU A 51 -0.43 -6.91 10.50
C LEU A 51 0.68 -7.96 10.49
N VAL A 52 0.96 -8.56 11.61
CA VAL A 52 2.03 -9.60 11.64
C VAL A 52 1.59 -10.79 10.78
N GLN A 53 0.30 -11.01 10.69
CA GLN A 53 -0.19 -12.15 9.86
C GLN A 53 0.28 -11.94 8.42
N ARG A 54 0.33 -10.71 7.97
CA ARG A 54 0.78 -10.43 6.58
C ARG A 54 2.25 -10.01 6.62
N THR A 55 3.00 -10.29 5.59
CA THR A 55 4.44 -9.89 5.57
C THR A 55 4.55 -8.40 5.21
N GLU A 56 5.47 -7.72 5.84
CA GLU A 56 5.64 -6.26 5.54
C GLU A 56 5.87 -6.07 4.03
N VAL A 57 6.41 -7.05 3.36
CA VAL A 57 6.65 -6.91 1.90
C VAL A 57 5.34 -6.49 1.22
N GLU A 58 4.30 -7.25 1.40
CA GLU A 58 3.01 -6.88 0.77
C GLU A 58 2.56 -5.53 1.30
N LEU A 59 2.93 -5.22 2.53
CA LEU A 59 2.54 -3.91 3.12
C LEU A 59 3.17 -2.78 2.30
N LEU A 60 4.37 -2.98 1.82
CA LEU A 60 5.03 -1.91 1.01
C LEU A 60 4.46 -1.93 -0.41
N LYS A 61 3.91 -3.05 -0.82
CA LYS A 61 3.33 -3.12 -2.19
C LYS A 61 1.93 -2.52 -2.18
N THR A 62 1.34 -2.37 -1.03
CA THR A 62 -0.03 -1.79 -0.95
C THR A 62 0.05 -0.29 -1.22
N PRO A 63 -0.61 0.16 -2.30
CA PRO A 63 -0.62 1.58 -2.68
C PRO A 63 -1.47 2.42 -1.72
N ASN A 64 -2.36 1.79 -1.01
CA ASN A 64 -3.23 2.56 -0.06
C ASN A 64 -2.35 3.40 0.88
N LEU A 65 -1.10 3.05 1.00
CA LEU A 65 -0.19 3.83 1.89
C LEU A 65 0.69 4.75 1.04
N GLY A 66 0.79 6.00 1.42
CA GLY A 66 1.64 6.94 0.64
C GLY A 66 3.11 6.69 0.95
N LYS A 67 3.99 7.08 0.08
CA LYS A 67 5.44 6.87 0.32
C LYS A 67 5.80 7.37 1.73
N LYS A 68 5.23 8.47 2.14
CA LYS A 68 5.54 9.00 3.50
C LYS A 68 4.88 8.10 4.56
N SER A 69 3.70 7.63 4.29
CA SER A 69 3.01 6.75 5.28
C SER A 69 3.83 5.48 5.49
N LEU A 70 4.28 4.86 4.43
CA LEU A 70 5.09 3.62 4.58
C LEU A 70 6.26 3.89 5.51
N THR A 71 6.90 5.03 5.37
CA THR A 71 8.05 5.35 6.25
C THR A 71 7.63 5.22 7.71
N GLU A 72 6.54 5.85 8.08
CA GLU A 72 6.06 5.75 9.49
C GLU A 72 5.88 4.27 9.86
N ILE A 73 5.37 3.48 8.96
CA ILE A 73 5.16 2.04 9.26
C ILE A 73 6.51 1.41 9.64
N LYS A 74 7.52 1.64 8.85
CA LYS A 74 8.85 1.05 9.18
C LYS A 74 9.28 1.50 10.57
N ASP A 75 9.05 2.74 10.91
CA ASP A 75 9.43 3.23 12.26
C ASP A 75 8.72 2.39 13.32
N VAL A 76 7.45 2.16 13.15
CA VAL A 76 6.71 1.34 14.15
C VAL A 76 7.31 -0.07 14.20
N LEU A 77 7.69 -0.59 13.06
CA LEU A 77 8.29 -1.95 13.04
C LEU A 77 9.48 -2.00 14.00
N ALA A 78 10.09 -0.88 14.26
CA ALA A 78 11.26 -0.86 15.18
C ALA A 78 10.86 -1.43 16.53
N SER A 79 9.67 -1.13 16.98
CA SER A 79 9.21 -1.66 18.29
C SER A 79 9.38 -3.19 18.32
N ARG A 80 9.47 -3.79 17.16
CA ARG A 80 9.65 -5.27 17.12
C ARG A 80 8.41 -5.95 17.69
N GLY A 81 7.37 -5.20 17.92
CA GLY A 81 6.12 -5.81 18.48
C GLY A 81 5.06 -5.88 17.38
N LEU A 82 5.37 -5.42 16.20
CA LEU A 82 4.36 -5.47 15.09
C LEU A 82 5.06 -5.87 13.80
N SER A 83 4.35 -6.55 12.93
CA SER A 83 4.97 -6.98 11.65
C SER A 83 6.29 -7.70 11.92
N LEU A 84 6.24 -8.82 12.59
CA LEU A 84 7.50 -9.57 12.89
C LEU A 84 7.68 -10.69 11.86
N GLY A 85 6.87 -10.70 10.83
CA GLY A 85 6.99 -11.77 9.80
C GLY A 85 6.49 -13.10 10.37
N MET A 86 5.55 -13.06 11.27
CA MET A 86 5.03 -14.31 11.86
C MET A 86 3.57 -14.51 11.44
N ARG A 87 3.14 -15.74 11.33
CA ARG A 87 1.73 -16.00 10.93
C ARG A 87 1.05 -16.89 11.98
N LEU A 88 -0.21 -16.65 12.24
CA LEU A 88 -0.92 -17.47 13.25
C LEU A 88 -2.09 -18.21 12.59
N GLU A 89 -2.32 -19.44 12.96
CA GLU A 89 -3.46 -20.18 12.35
C GLU A 89 -4.76 -19.41 12.60
N ASN A 90 -4.90 -18.86 13.78
CA ASN A 90 -6.14 -18.09 14.09
C ASN A 90 -5.75 -16.66 14.49
N TRP A 91 -5.16 -16.49 15.64
CA TRP A 91 -4.75 -15.13 16.07
C TRP A 91 -4.39 -15.15 17.56
N PRO A 92 -5.33 -15.56 18.43
CA PRO A 92 -5.11 -15.63 19.88
C PRO A 92 -4.08 -16.70 20.26
N PRO A 93 -2.88 -16.27 20.67
CA PRO A 93 -1.80 -17.17 21.07
C PRO A 93 -2.07 -17.82 22.44
N ALA A 94 -1.37 -18.85 22.77
CA ALA A 94 -1.58 -19.51 24.09
C ALA A 94 -1.19 -18.55 25.21
N SER A 95 -0.37 -17.58 24.92
CA SER A 95 0.04 -16.61 25.96
C SER A 95 -1.09 -15.61 26.21
N ILE A 96 -1.77 -15.20 25.18
CA ILE A 96 -2.89 -14.23 25.37
C ILE A 96 -3.92 -14.82 26.34
N ALA A 97 -3.93 -16.12 26.48
CA ALA A 97 -4.92 -16.75 27.40
C ALA A 97 -4.65 -16.29 28.83
N ASP A 98 -5.69 -16.14 29.62
CA ASP A 98 -5.50 -15.69 31.03
C ASP A 98 -4.57 -16.67 31.75
N GLU A 99 -4.71 -17.94 31.49
CA GLU A 99 -3.83 -18.94 32.17
C GLU A 99 -2.38 -18.69 31.76
N GLY B 5 2.13 14.49 -26.79
CA GLY B 5 2.03 15.84 -26.16
C GLY B 5 2.81 15.86 -24.86
N ASP B 6 2.80 16.96 -24.16
CA ASP B 6 3.56 17.03 -22.88
C ASP B 6 3.04 15.95 -21.92
N ASN B 7 1.77 15.67 -21.95
CA ASN B 7 1.20 14.63 -21.04
C ASN B 7 1.31 13.26 -21.71
N LYS B 8 2.00 13.18 -22.81
CA LYS B 8 2.14 11.87 -23.51
C LYS B 8 2.73 10.84 -22.54
N PRO B 9 2.12 9.65 -22.48
CA PRO B 9 2.57 8.57 -21.59
C PRO B 9 3.91 7.98 -22.06
N ALA B 10 4.78 7.66 -21.14
CA ALA B 10 6.10 7.08 -21.53
C ALA B 10 5.90 5.62 -21.95
N ASP B 11 6.80 5.10 -22.75
CA ASP B 11 6.68 3.68 -23.19
C ASP B 11 6.37 2.81 -21.98
N ASP B 12 6.99 3.09 -20.85
CA ASP B 12 6.73 2.27 -19.64
C ASP B 12 5.25 2.36 -19.28
N LEU B 13 4.71 3.55 -19.24
CA LEU B 13 3.26 3.70 -18.89
C LEU B 13 2.41 3.12 -20.01
N LEU B 14 2.81 3.30 -21.24
CA LEU B 14 2.01 2.75 -22.38
C LEU B 14 2.24 1.24 -22.48
N ASN B 15 3.39 0.78 -22.08
CA ASN B 15 3.67 -0.69 -22.16
C ASN B 15 3.24 -1.36 -20.85
N LEU B 16 2.54 -0.65 -20.01
CA LEU B 16 2.09 -1.25 -18.73
C LEU B 16 0.88 -2.15 -18.98
N GLU B 17 0.91 -3.36 -18.49
CA GLU B 17 -0.25 -4.27 -18.70
C GLU B 17 -1.37 -3.91 -17.73
N GLY B 18 -2.60 -4.07 -18.15
CA GLY B 18 -3.74 -3.73 -17.25
C GLY B 18 -4.10 -2.26 -17.42
N VAL B 19 -3.52 -1.60 -18.38
CA VAL B 19 -3.83 -0.16 -18.60
C VAL B 19 -4.29 0.05 -20.05
N ASP B 20 -5.41 0.70 -20.24
CA ASP B 20 -5.91 0.93 -21.63
C ASP B 20 -5.22 2.16 -22.22
N ARG B 21 -4.99 2.17 -23.50
CA ARG B 21 -4.32 3.35 -24.12
C ARG B 21 -5.03 4.63 -23.69
N ASP B 22 -6.34 4.61 -23.62
CA ASP B 22 -7.08 5.82 -23.20
C ASP B 22 -6.90 6.03 -21.70
N LEU B 23 -6.92 4.98 -20.93
CA LEU B 23 -6.74 5.12 -19.46
C LEU B 23 -5.38 5.76 -19.17
N ALA B 24 -4.36 5.34 -19.87
CA ALA B 24 -3.00 5.93 -19.65
C ALA B 24 -3.05 7.43 -19.92
N PHE B 25 -3.79 7.84 -20.91
CA PHE B 25 -3.88 9.30 -21.23
C PHE B 25 -4.55 10.03 -20.07
N LYS B 26 -5.59 9.46 -19.51
CA LYS B 26 -6.29 10.13 -18.38
C LYS B 26 -5.32 10.29 -17.21
N LEU B 27 -4.66 9.23 -16.82
CA LEU B 27 -3.71 9.33 -15.69
C LEU B 27 -2.58 10.29 -16.05
N ALA B 28 -2.07 10.20 -17.25
CA ALA B 28 -0.97 11.12 -17.66
C ALA B 28 -1.43 12.56 -17.53
N ALA B 29 -2.70 12.81 -17.72
CA ALA B 29 -3.22 14.21 -17.61
C ALA B 29 -2.94 14.74 -16.20
N ARG B 30 -2.66 13.86 -15.27
CA ARG B 30 -2.38 14.31 -13.88
C ARG B 30 -0.88 14.59 -13.73
N GLY B 31 -0.25 15.05 -14.77
CA GLY B 31 1.21 15.35 -14.69
C GLY B 31 2.02 14.05 -14.85
N VAL B 32 1.41 12.92 -14.66
CA VAL B 32 2.15 11.64 -14.80
C VAL B 32 2.60 11.48 -16.25
N CYS B 33 3.82 11.07 -16.47
CA CYS B 33 4.31 10.90 -17.86
C CYS B 33 5.01 9.55 -18.00
N THR B 34 5.66 9.09 -16.97
CA THR B 34 6.36 7.77 -17.06
C THR B 34 5.70 6.77 -16.10
N LEU B 35 5.59 5.53 -16.49
CA LEU B 35 4.96 4.52 -15.60
C LEU B 35 5.55 4.68 -14.19
N GLU B 36 6.82 4.95 -14.09
CA GLU B 36 7.44 5.14 -12.75
C GLU B 36 6.68 6.24 -12.01
N ASP B 37 6.45 7.35 -12.67
CA ASP B 37 5.70 8.46 -12.01
C ASP B 37 4.37 7.92 -11.50
N LEU B 38 3.71 7.11 -12.29
CA LEU B 38 2.41 6.53 -11.84
C LEU B 38 2.61 5.85 -10.48
N ALA B 39 3.61 5.02 -10.37
CA ALA B 39 3.86 4.33 -9.07
C ALA B 39 4.01 5.38 -7.97
N GLU B 40 4.59 6.50 -8.28
CA GLU B 40 4.76 7.57 -7.24
C GLU B 40 3.39 8.12 -6.86
N GLN B 41 2.45 8.08 -7.76
CA GLN B 41 1.09 8.60 -7.45
C GLN B 41 0.46 7.77 -6.33
N GLY B 42 -0.58 8.26 -5.73
CA GLY B 42 -1.24 7.50 -4.63
C GLY B 42 -2.69 7.19 -5.02
N ILE B 43 -3.25 6.15 -4.49
CA ILE B 43 -4.66 5.80 -4.82
C ILE B 43 -5.55 7.01 -4.61
N ASP B 44 -5.26 7.81 -3.63
CA ASP B 44 -6.10 9.02 -3.36
C ASP B 44 -5.90 10.03 -4.50
N ASP B 45 -4.72 10.11 -5.05
CA ASP B 45 -4.48 11.07 -6.16
C ASP B 45 -5.14 10.56 -7.43
N LEU B 46 -5.22 9.26 -7.58
CA LEU B 46 -5.86 8.70 -8.81
C LEU B 46 -7.38 8.84 -8.69
N ALA B 47 -7.91 8.72 -7.51
CA ALA B 47 -9.38 8.84 -7.33
C ALA B 47 -9.85 10.18 -7.90
N ASP B 48 -8.98 11.13 -8.04
CA ASP B 48 -9.38 12.45 -8.60
C ASP B 48 -10.15 12.23 -9.90
N ILE B 49 -9.76 11.27 -10.68
CA ILE B 49 -10.47 11.01 -11.97
C ILE B 49 -11.50 9.89 -11.77
N GLU B 50 -12.74 10.14 -12.08
CA GLU B 50 -13.77 9.08 -11.92
C GLU B 50 -13.43 7.88 -12.81
N GLY B 51 -12.90 8.14 -13.97
CA GLY B 51 -12.54 7.01 -14.89
C GLY B 51 -11.73 5.97 -14.12
N LEU B 52 -10.94 6.39 -13.18
CA LEU B 52 -10.12 5.42 -12.40
C LEU B 52 -10.80 5.13 -11.07
N THR B 53 -10.75 3.90 -10.63
CA THR B 53 -11.40 3.55 -9.33
C THR B 53 -10.32 3.39 -8.25
N ASP B 54 -10.71 3.38 -7.01
CA ASP B 54 -9.71 3.22 -5.92
C ASP B 54 -8.92 1.93 -6.13
N GLU B 55 -9.57 0.88 -6.54
CA GLU B 55 -8.86 -0.41 -6.76
C GLU B 55 -8.07 -0.33 -8.06
N LYS B 56 -8.66 0.15 -9.12
CA LYS B 56 -7.93 0.26 -10.41
C LYS B 56 -6.71 1.17 -10.23
N ALA B 57 -6.86 2.21 -9.47
CA ALA B 57 -5.72 3.14 -9.25
C ALA B 57 -4.64 2.43 -8.41
N GLY B 58 -5.02 1.86 -7.31
CA GLY B 58 -4.01 1.15 -6.46
C GLY B 58 -3.41 -0.01 -7.24
N ALA B 59 -4.24 -0.82 -7.86
CA ALA B 59 -3.70 -1.97 -8.64
C ALA B 59 -2.63 -1.47 -9.61
N LEU B 60 -2.89 -0.38 -10.28
CA LEU B 60 -1.87 0.16 -11.23
C LEU B 60 -0.61 0.55 -10.46
N ILE B 61 -0.78 1.14 -9.31
CA ILE B 61 0.42 1.55 -8.51
C ILE B 61 1.31 0.32 -8.29
N MET B 62 0.77 -0.73 -7.73
CA MET B 62 1.58 -1.95 -7.50
C MET B 62 2.25 -2.37 -8.81
N ALA B 63 1.51 -2.38 -9.88
CA ALA B 63 2.11 -2.77 -11.19
C ALA B 63 3.19 -1.77 -11.57
N ALA B 64 2.92 -0.50 -11.43
CA ALA B 64 3.95 0.53 -11.78
C ALA B 64 5.16 0.36 -10.87
N ARG B 65 4.94 0.33 -9.59
CA ARG B 65 6.08 0.18 -8.64
C ARG B 65 6.81 -1.14 -8.94
N ASN B 66 6.07 -2.18 -9.23
CA ASN B 66 6.72 -3.48 -9.53
C ASN B 66 7.70 -3.31 -10.69
N ILE B 67 7.32 -2.56 -11.70
CA ILE B 67 8.23 -2.34 -12.85
C ILE B 67 9.52 -1.69 -12.36
N CYS B 68 9.42 -0.81 -11.40
CA CYS B 68 10.63 -0.14 -10.87
C CYS B 68 11.36 -1.07 -9.90
N TRP B 69 10.67 -1.60 -8.93
CA TRP B 69 11.32 -2.51 -7.95
C TRP B 69 11.84 -3.76 -8.66
N PHE B 70 11.05 -4.35 -9.50
CA PHE B 70 11.51 -5.58 -10.21
C PHE B 70 12.49 -5.19 -11.33
N GLY B 71 12.33 -4.02 -11.88
CA GLY B 71 13.24 -3.58 -12.97
C GLY B 71 14.67 -3.51 -12.45
N ASP B 72 14.83 -3.28 -11.17
CA ASP B 72 16.21 -3.19 -10.60
C ASP B 72 16.96 -4.49 -10.89
N GLU B 73 16.27 -5.60 -10.86
CA GLU B 73 16.95 -6.90 -11.13
C GLU B 73 17.57 -6.87 -12.53
N ALA B 74 16.96 -6.17 -13.45
CA ALA B 74 17.52 -6.09 -14.83
C ALA B 74 18.18 -4.72 -15.04
N PHE A 19 0.99 -11.33 25.21
CA PHE A 19 0.44 -10.74 23.96
C PHE A 19 0.94 -9.32 23.80
N ASP A 20 1.71 -9.05 22.78
CA ASP A 20 2.23 -7.66 22.57
C ASP A 20 1.06 -6.69 22.53
N PRO A 21 1.09 -5.66 23.39
CA PRO A 21 0.02 -4.65 23.46
C PRO A 21 -0.05 -3.82 22.17
N ILE A 22 1.01 -3.78 21.42
CA ILE A 22 0.99 -3.00 20.15
C ILE A 22 0.13 -3.76 19.13
N LEU A 23 0.11 -5.06 19.21
CA LEU A 23 -0.70 -5.85 18.25
C LEU A 23 -2.19 -5.74 18.64
N LEU A 24 -2.49 -5.87 19.90
CA LEU A 24 -3.91 -5.77 20.33
C LEU A 24 -4.42 -4.35 20.08
N ARG A 25 -3.58 -3.37 20.25
CA ARG A 25 -4.03 -1.97 20.01
C ARG A 25 -4.59 -1.86 18.59
N PRO A 26 -5.66 -1.08 18.42
CA PRO A 26 -6.30 -0.89 17.11
C PRO A 26 -5.42 -0.08 16.16
N VAL A 27 -5.26 -0.54 14.95
CA VAL A 27 -4.40 0.18 13.97
C VAL A 27 -4.72 1.68 14.05
N ASP A 28 -5.91 2.04 14.43
CA ASP A 28 -6.28 3.48 14.52
C ASP A 28 -5.45 4.14 15.63
N ASP A 29 -5.11 3.39 16.64
CA ASP A 29 -4.30 3.97 17.76
C ASP A 29 -2.85 4.15 17.33
N LEU A 30 -2.49 3.64 16.18
CA LEU A 30 -1.08 3.78 15.71
C LEU A 30 -0.60 5.20 15.98
N GLU A 31 0.55 5.34 16.60
CA GLU A 31 1.07 6.70 16.89
C GLU A 31 1.33 7.45 15.57
N LEU A 32 1.36 6.74 14.47
CA LEU A 32 1.61 7.40 13.17
C LEU A 32 0.39 8.24 12.79
N THR A 33 0.27 8.61 11.53
CA THR A 33 -0.89 9.42 11.10
C THR A 33 -2.11 8.51 10.89
N VAL A 34 -3.30 9.05 10.98
CA VAL A 34 -4.52 8.22 10.79
C VAL A 34 -4.46 7.56 9.41
N ARG A 35 -3.74 8.15 8.49
CA ARG A 35 -3.66 7.56 7.12
C ARG A 35 -3.12 6.13 7.22
N SER A 36 -2.11 5.92 8.02
CA SER A 36 -1.55 4.55 8.16
C SER A 36 -2.64 3.59 8.65
N ALA A 37 -3.38 3.98 9.64
CA ALA A 37 -4.46 3.09 10.15
C ALA A 37 -5.57 2.99 9.11
N ASN A 38 -5.90 4.08 8.46
CA ASN A 38 -6.97 4.05 7.44
C ASN A 38 -6.59 3.06 6.33
N CYS A 39 -5.32 2.92 6.05
CA CYS A 39 -4.88 1.98 4.99
C CYS A 39 -5.19 0.54 5.42
N LEU A 40 -4.54 0.09 6.46
CA LEU A 40 -4.79 -1.31 6.93
C LEU A 40 -6.29 -1.50 7.19
N LYS A 41 -6.90 -0.58 7.89
CA LYS A 41 -8.36 -0.71 8.18
C LYS A 41 -9.11 -0.92 6.87
N ALA A 42 -8.72 -0.24 5.83
CA ALA A 42 -9.42 -0.41 4.51
C ALA A 42 -9.48 -1.89 4.16
N GLU A 43 -8.58 -2.68 4.69
CA GLU A 43 -8.59 -4.14 4.38
C GLU A 43 -9.38 -4.88 5.45
N ALA A 44 -10.27 -4.21 6.13
CA ALA A 44 -11.07 -4.88 7.19
C ALA A 44 -10.16 -5.26 8.36
N ILE A 45 -9.16 -4.46 8.62
CA ILE A 45 -8.23 -4.78 9.75
C ILE A 45 -8.26 -3.63 10.76
N HIS A 46 -8.85 -3.84 11.91
CA HIS A 46 -8.91 -2.77 12.93
C HIS A 46 -7.91 -3.07 14.05
N TYR A 47 -7.36 -4.25 14.06
CA TYR A 47 -6.38 -4.61 15.12
C TYR A 47 -4.99 -4.78 14.50
N ILE A 48 -4.00 -4.20 15.10
CA ILE A 48 -2.62 -4.32 14.53
C ILE A 48 -2.20 -5.79 14.54
N GLY A 49 -2.69 -6.55 15.48
CA GLY A 49 -2.33 -7.99 15.53
C GLY A 49 -2.60 -8.62 14.17
N ASP A 50 -3.70 -8.28 13.55
CA ASP A 50 -4.01 -8.87 12.22
C ASP A 50 -2.82 -8.64 11.28
N LEU A 51 -2.16 -7.52 11.40
CA LEU A 51 -1.00 -7.24 10.52
C LEU A 51 0.05 -8.34 10.73
N VAL A 52 0.34 -8.67 11.95
CA VAL A 52 1.36 -9.74 12.20
C VAL A 52 0.79 -11.08 11.75
N GLN A 53 -0.51 -11.19 11.69
CA GLN A 53 -1.13 -12.46 11.24
C GLN A 53 -0.82 -12.67 9.75
N ARG A 54 -0.74 -11.60 9.02
CA ARG A 54 -0.44 -11.71 7.56
C ARG A 54 1.00 -11.28 7.32
N THR A 55 1.69 -11.92 6.41
CA THR A 55 3.10 -11.54 6.13
C THR A 55 3.15 -10.07 5.68
N GLU A 56 4.10 -9.32 6.16
CA GLU A 56 4.20 -7.89 5.75
C GLU A 56 4.47 -7.81 4.24
N VAL A 57 5.15 -8.79 3.70
CA VAL A 57 5.45 -8.77 2.24
C VAL A 57 4.14 -8.57 1.47
N GLU A 58 3.15 -9.37 1.75
CA GLU A 58 1.85 -9.23 1.03
C GLU A 58 1.39 -7.78 1.10
N LEU A 59 1.58 -7.13 2.23
CA LEU A 59 1.15 -5.71 2.35
C LEU A 59 2.10 -4.83 1.55
N LEU A 60 3.38 -5.13 1.59
CA LEU A 60 4.35 -4.31 0.82
C LEU A 60 3.97 -4.30 -0.65
N LYS A 61 3.41 -5.38 -1.13
CA LYS A 61 3.02 -5.45 -2.56
C LYS A 61 1.59 -4.91 -2.71
N THR A 62 1.11 -4.20 -1.73
CA THR A 62 -0.28 -3.66 -1.83
C THR A 62 -0.22 -2.16 -2.15
N PRO A 63 -1.07 -1.71 -3.08
CA PRO A 63 -1.12 -0.30 -3.50
C PRO A 63 -1.71 0.59 -2.40
N ASN A 64 -2.51 0.04 -1.53
CA ASN A 64 -3.12 0.85 -0.44
C ASN A 64 -2.01 1.52 0.38
N LEU A 65 -0.81 0.99 0.31
CA LEU A 65 0.31 1.59 1.09
C LEU A 65 0.88 2.78 0.31
N GLY A 66 1.39 3.77 1.00
CA GLY A 66 1.96 4.96 0.30
C GLY A 66 3.47 5.00 0.51
N LYS A 67 4.21 5.48 -0.45
CA LYS A 67 5.69 5.55 -0.30
C LYS A 67 6.04 6.29 0.99
N LYS A 68 5.39 7.39 1.25
CA LYS A 68 5.69 8.16 2.49
C LYS A 68 5.27 7.33 3.71
N SER A 69 4.13 6.69 3.64
CA SER A 69 3.66 5.88 4.80
C SER A 69 4.63 4.71 5.03
N LEU A 70 5.23 4.20 3.98
CA LEU A 70 6.18 3.08 4.14
C LEU A 70 7.25 3.46 5.16
N THR A 71 7.74 4.66 5.11
CA THR A 71 8.78 5.10 6.08
C THR A 71 8.26 4.87 7.50
N GLU A 72 7.04 5.21 7.76
CA GLU A 72 6.48 5.01 9.14
C GLU A 72 6.38 3.51 9.43
N ILE A 73 6.01 2.73 8.45
CA ILE A 73 5.89 1.26 8.68
C ILE A 73 7.23 0.71 9.16
N LYS A 74 8.30 1.07 8.50
CA LYS A 74 9.64 0.57 8.92
C LYS A 74 9.98 1.12 10.31
N ASP A 75 9.60 2.34 10.58
CA ASP A 75 9.91 2.93 11.91
C ASP A 75 9.28 2.06 13.01
N VAL A 76 8.06 1.66 12.83
CA VAL A 76 7.40 0.81 13.86
C VAL A 76 8.06 -0.58 13.88
N LEU A 77 8.33 -1.13 12.74
CA LEU A 77 8.97 -2.48 12.70
C LEU A 77 10.26 -2.45 13.51
N ALA A 78 10.90 -1.32 13.59
CA ALA A 78 12.17 -1.25 14.37
C ALA A 78 11.89 -1.65 15.81
N SER A 79 10.75 -1.31 16.33
CA SER A 79 10.41 -1.69 17.72
C SER A 79 9.95 -3.14 17.76
N ARG A 80 9.91 -3.79 16.64
CA ARG A 80 9.46 -5.21 16.61
C ARG A 80 8.07 -5.31 17.22
N GLY A 81 7.39 -4.20 17.33
CA GLY A 81 6.02 -4.21 17.93
C GLY A 81 5.03 -4.86 16.95
N LEU A 82 5.16 -4.59 15.69
CA LEU A 82 4.22 -5.19 14.70
C LEU A 82 4.93 -5.40 13.35
N SER A 83 4.39 -6.24 12.52
CA SER A 83 5.02 -6.49 11.19
C SER A 83 6.24 -7.39 11.36
N LEU A 84 6.22 -8.25 12.35
CA LEU A 84 7.37 -9.17 12.56
C LEU A 84 7.20 -10.41 11.70
N GLY A 85 6.33 -10.36 10.73
CA GLY A 85 6.12 -11.55 9.85
C GLY A 85 5.80 -12.77 10.71
N MET A 86 4.99 -12.60 11.71
CA MET A 86 4.64 -13.75 12.59
C MET A 86 3.45 -14.51 12.00
N ARG A 87 3.05 -15.59 12.61
CA ARG A 87 1.90 -16.38 12.07
C ARG A 87 1.04 -16.88 13.23
N LEU A 88 -0.23 -16.59 13.21
CA LEU A 88 -1.12 -17.04 14.31
C LEU A 88 -2.30 -17.81 13.72
N GLU A 89 -2.66 -18.93 14.31
CA GLU A 89 -3.81 -19.70 13.78
C GLU A 89 -5.08 -18.86 13.87
N ASN A 90 -5.23 -18.10 14.91
CA ASN A 90 -6.44 -17.24 15.05
C ASN A 90 -6.00 -15.79 15.28
N TRP A 91 -5.44 -15.49 16.41
CA TRP A 91 -4.99 -14.10 16.69
C TRP A 91 -4.68 -13.94 18.18
N PRO A 92 -5.71 -14.04 19.04
CA PRO A 92 -5.55 -13.90 20.49
C PRO A 92 -4.77 -15.08 21.10
N PRO A 93 -3.51 -14.84 21.50
CA PRO A 93 -2.66 -15.87 22.11
C PRO A 93 -3.14 -16.23 23.52
N ALA A 94 -2.70 -17.35 24.03
CA ALA A 94 -3.13 -17.75 25.40
C ALA A 94 -2.75 -16.64 26.40
N SER A 95 -1.87 -15.77 26.01
CA SER A 95 -1.47 -14.66 26.92
C SER A 95 -2.65 -13.74 27.17
N ILE A 96 -3.39 -13.42 26.15
CA ILE A 96 -4.57 -12.52 26.32
C ILE A 96 -5.53 -13.13 27.34
N ALA A 97 -5.59 -14.43 27.40
CA ALA A 97 -6.51 -15.09 28.37
C ALA A 97 -6.10 -14.72 29.80
N ASP A 98 -4.83 -14.54 30.03
CA ASP A 98 -4.37 -14.18 31.40
C ASP A 98 -5.09 -12.91 31.85
N GLU A 99 -5.32 -11.98 30.96
CA GLU A 99 -6.01 -10.73 31.34
C GLU A 99 -5.26 -10.06 32.50
N GLY B 5 -1.59 22.38 -19.62
CA GLY B 5 -0.93 21.10 -19.24
C GLY B 5 -1.23 20.04 -20.29
N ASP B 6 -0.35 19.84 -21.23
CA ASP B 6 -0.59 18.82 -22.28
C ASP B 6 -0.89 17.47 -21.63
N ASN B 7 -0.24 17.17 -20.53
CA ASN B 7 -0.49 15.86 -19.85
C ASN B 7 -0.17 14.72 -20.82
N LYS B 8 0.99 14.74 -21.41
CA LYS B 8 1.36 13.65 -22.35
C LYS B 8 1.97 12.48 -21.58
N PRO B 9 1.40 11.27 -21.73
CA PRO B 9 1.89 10.07 -21.05
C PRO B 9 3.25 9.62 -21.61
N ALA B 10 4.12 9.16 -20.75
CA ALA B 10 5.46 8.70 -21.23
C ALA B 10 5.34 7.27 -21.78
N ASP B 11 6.28 6.86 -22.58
CA ASP B 11 6.21 5.47 -23.14
C ASP B 11 6.07 4.47 -21.99
N ASP B 12 6.73 4.73 -20.89
CA ASP B 12 6.62 3.78 -19.73
C ASP B 12 5.17 3.72 -19.26
N LEU B 13 4.55 4.84 -19.05
CA LEU B 13 3.13 4.84 -18.58
C LEU B 13 2.25 4.19 -19.65
N LEU B 14 2.54 4.42 -20.90
CA LEU B 14 1.72 3.83 -21.98
C LEU B 14 2.18 2.39 -22.24
N ASN B 15 3.40 2.07 -21.89
CA ASN B 15 3.90 0.69 -22.12
C ASN B 15 3.57 -0.19 -20.91
N LEU B 16 2.80 0.33 -19.99
CA LEU B 16 2.44 -0.47 -18.79
C LEU B 16 1.33 -1.45 -19.15
N GLU B 17 1.50 -2.71 -18.82
CA GLU B 17 0.45 -3.72 -19.14
C GLU B 17 -0.82 -3.41 -18.35
N GLY B 18 -1.97 -3.51 -18.97
CA GLY B 18 -3.24 -3.23 -18.26
C GLY B 18 -3.56 -1.74 -18.35
N VAL B 19 -2.82 -1.02 -19.15
CA VAL B 19 -3.09 0.45 -19.29
C VAL B 19 -3.35 0.79 -20.76
N ASP B 20 -4.40 1.51 -21.04
CA ASP B 20 -4.71 1.86 -22.45
C ASP B 20 -4.31 3.32 -22.70
N ARG B 21 -4.16 3.69 -23.95
CA ARG B 21 -3.76 5.09 -24.26
C ARG B 21 -4.66 6.06 -23.51
N ASP B 22 -5.95 5.83 -23.52
CA ASP B 22 -6.87 6.74 -22.79
C ASP B 22 -6.53 6.74 -21.30
N LEU B 23 -6.36 5.58 -20.73
CA LEU B 23 -6.02 5.51 -19.28
C LEU B 23 -4.77 6.34 -19.01
N ALA B 24 -3.78 6.23 -19.86
CA ALA B 24 -2.53 7.02 -19.64
C ALA B 24 -2.88 8.51 -19.63
N PHE B 25 -3.72 8.95 -20.52
CA PHE B 25 -4.09 10.39 -20.55
C PHE B 25 -4.69 10.78 -19.20
N LYS B 26 -5.55 9.97 -18.66
CA LYS B 26 -6.16 10.30 -17.34
C LYS B 26 -5.06 10.46 -16.30
N LEU B 27 -4.11 9.56 -16.28
CA LEU B 27 -3.00 9.66 -15.29
C LEU B 27 -2.24 10.97 -15.51
N ALA B 28 -1.95 11.29 -16.75
CA ALA B 28 -1.21 12.56 -17.02
C ALA B 28 -2.02 13.75 -16.51
N ALA B 29 -3.31 13.69 -16.60
CA ALA B 29 -4.15 14.82 -16.11
C ALA B 29 -3.74 15.17 -14.69
N ARG B 30 -3.38 14.20 -13.89
CA ARG B 30 -2.98 14.48 -12.49
C ARG B 30 -1.47 14.74 -12.44
N GLY B 31 -0.88 15.13 -13.53
CA GLY B 31 0.59 15.40 -13.54
C GLY B 31 1.36 14.08 -13.65
N VAL B 32 0.74 12.97 -13.35
CA VAL B 32 1.45 11.67 -13.45
C VAL B 32 1.48 11.21 -14.91
N CYS B 33 2.63 11.24 -15.53
CA CYS B 33 2.71 10.80 -16.95
C CYS B 33 3.76 9.70 -17.09
N THR B 34 4.82 9.77 -16.32
CA THR B 34 5.87 8.74 -16.41
C THR B 34 5.47 7.51 -15.59
N LEU B 35 5.74 6.33 -16.09
CA LEU B 35 5.37 5.10 -15.33
C LEU B 35 5.85 5.25 -13.89
N GLU B 36 7.02 5.79 -13.68
CA GLU B 36 7.52 5.97 -12.29
C GLU B 36 6.57 6.92 -11.54
N ASP B 37 6.10 7.93 -12.21
CA ASP B 37 5.18 8.89 -11.54
C ASP B 37 3.91 8.15 -11.11
N LEU B 38 3.43 7.25 -11.93
CA LEU B 38 2.21 6.48 -11.55
C LEU B 38 2.51 5.64 -10.31
N ALA B 39 3.69 5.08 -10.23
CA ALA B 39 4.03 4.26 -9.04
C ALA B 39 4.03 5.15 -7.79
N GLU B 40 4.38 6.39 -7.93
CA GLU B 40 4.40 7.30 -6.76
C GLU B 40 2.97 7.64 -6.35
N GLN B 41 2.07 7.66 -7.30
CA GLN B 41 0.65 7.98 -6.98
C GLN B 41 0.10 6.92 -6.01
N GLY B 42 -0.92 7.25 -5.27
CA GLY B 42 -1.49 6.27 -4.31
C GLY B 42 -2.94 5.97 -4.70
N ILE B 43 -3.44 4.83 -4.32
CA ILE B 43 -4.85 4.48 -4.68
C ILE B 43 -5.78 5.64 -4.32
N ASP B 44 -5.53 6.29 -3.22
CA ASP B 44 -6.39 7.43 -2.82
C ASP B 44 -6.25 8.57 -3.83
N ASP B 45 -5.07 8.77 -4.34
CA ASP B 45 -4.87 9.86 -5.34
C ASP B 45 -5.54 9.46 -6.66
N LEU B 46 -5.58 8.20 -6.95
CA LEU B 46 -6.21 7.75 -8.22
C LEU B 46 -7.73 7.80 -8.08
N ALA B 47 -8.24 7.60 -6.90
CA ALA B 47 -9.71 7.64 -6.69
C ALA B 47 -10.25 9.02 -7.11
N ASP B 48 -9.41 10.02 -7.10
CA ASP B 48 -9.88 11.38 -7.50
C ASP B 48 -10.55 11.31 -8.86
N ILE B 49 -10.11 10.42 -9.71
CA ILE B 49 -10.73 10.30 -11.07
C ILE B 49 -11.61 9.06 -11.10
N GLU B 50 -12.84 9.21 -11.52
CA GLU B 50 -13.76 8.03 -11.59
C GLU B 50 -13.22 7.03 -12.62
N GLY B 51 -12.60 7.51 -13.67
CA GLY B 51 -12.06 6.59 -14.70
C GLY B 51 -11.19 5.52 -14.02
N LEU B 52 -10.59 5.85 -12.91
CA LEU B 52 -9.74 4.85 -12.21
C LEU B 52 -10.48 4.32 -10.97
N THR B 53 -10.42 3.04 -10.73
CA THR B 53 -11.10 2.47 -9.54
C THR B 53 -10.08 2.16 -8.45
N ASP B 54 -10.51 2.01 -7.24
CA ASP B 54 -9.56 1.70 -6.13
C ASP B 54 -8.79 0.41 -6.46
N GLU B 55 -9.46 -0.55 -7.05
CA GLU B 55 -8.78 -1.82 -7.39
C GLU B 55 -7.91 -1.62 -8.64
N LYS B 56 -8.44 -0.98 -9.65
CA LYS B 56 -7.65 -0.75 -10.89
C LYS B 56 -6.49 0.19 -10.57
N ALA B 57 -6.75 1.26 -9.88
CA ALA B 57 -5.65 2.21 -9.54
C ALA B 57 -4.57 1.50 -8.73
N GLY B 58 -4.97 0.72 -7.76
CA GLY B 58 -3.97 0.00 -6.93
C GLY B 58 -3.17 -0.97 -7.81
N ALA B 59 -3.84 -1.80 -8.56
CA ALA B 59 -3.11 -2.76 -9.43
C ALA B 59 -2.08 -2.00 -10.28
N LEU B 60 -2.38 -0.79 -10.65
CA LEU B 60 -1.41 -0.01 -11.48
C LEU B 60 -0.27 0.49 -10.59
N ILE B 61 -0.56 0.86 -9.38
CA ILE B 61 0.51 1.35 -8.46
C ILE B 61 1.55 0.24 -8.26
N MET B 62 1.11 -0.91 -7.81
CA MET B 62 2.07 -2.03 -7.59
C MET B 62 2.76 -2.37 -8.91
N ALA B 63 2.02 -2.51 -9.97
CA ALA B 63 2.64 -2.84 -11.28
C ALA B 63 3.65 -1.75 -11.65
N ALA B 64 3.22 -0.51 -11.66
CA ALA B 64 4.15 0.60 -12.01
C ALA B 64 5.32 0.62 -11.02
N ARG B 65 5.03 0.57 -9.76
CA ARG B 65 6.13 0.60 -8.74
C ARG B 65 7.09 -0.57 -9.01
N ASN B 66 6.56 -1.73 -9.28
CA ASN B 66 7.46 -2.89 -9.55
C ASN B 66 8.38 -2.58 -10.72
N ILE B 67 7.88 -1.91 -11.72
CA ILE B 67 8.75 -1.57 -12.89
C ILE B 67 9.88 -0.64 -12.44
N CYS B 68 9.59 0.25 -11.53
CA CYS B 68 10.66 1.18 -11.05
C CYS B 68 11.75 0.39 -10.34
N TRP B 69 11.38 -0.43 -9.39
CA TRP B 69 12.41 -1.22 -8.66
C TRP B 69 13.14 -2.14 -9.64
N PHE B 70 12.43 -2.69 -10.59
CA PHE B 70 13.09 -3.60 -11.58
C PHE B 70 14.10 -2.80 -12.40
N GLY B 71 13.84 -1.54 -12.62
CA GLY B 71 14.79 -0.71 -13.42
C GLY B 71 16.15 -0.67 -12.72
N ASP B 72 16.16 -0.77 -11.42
CA ASP B 72 17.46 -0.73 -10.69
C ASP B 72 18.40 -1.79 -11.27
N GLU B 73 17.87 -2.93 -11.64
CA GLU B 73 18.75 -3.99 -12.22
C GLU B 73 19.41 -3.47 -13.50
N ALA B 74 18.72 -2.64 -14.23
CA ALA B 74 19.31 -2.10 -15.49
C ALA B 74 20.65 -1.45 -15.19
N PHE A 19 2.81 -11.61 23.38
CA PHE A 19 2.36 -10.63 22.35
C PHE A 19 2.19 -9.26 22.99
N ASP A 20 3.09 -8.35 22.72
CA ASP A 20 2.98 -6.98 23.31
C ASP A 20 1.57 -6.44 23.06
N PRO A 21 1.12 -5.51 23.91
CA PRO A 21 -0.22 -4.91 23.79
C PRO A 21 -0.35 -4.10 22.50
N ILE A 22 0.74 -3.61 21.98
CA ILE A 22 0.67 -2.84 20.71
C ILE A 22 -0.04 -3.70 19.67
N LEU A 23 0.16 -4.98 19.72
CA LEU A 23 -0.52 -5.88 18.75
C LEU A 23 -1.99 -6.02 19.14
N LEU A 24 -2.27 -6.10 20.42
CA LEU A 24 -3.68 -6.23 20.87
C LEU A 24 -4.41 -4.91 20.65
N ARG A 25 -3.69 -3.83 20.58
CA ARG A 25 -4.35 -2.50 20.37
C ARG A 25 -4.84 -2.40 18.93
N PRO A 26 -6.02 -1.80 18.74
CA PRO A 26 -6.62 -1.63 17.40
C PRO A 26 -5.85 -0.60 16.57
N VAL A 27 -5.61 -0.88 15.32
CA VAL A 27 -4.87 0.09 14.47
C VAL A 27 -5.42 1.50 14.70
N ASP A 28 -6.66 1.60 15.11
CA ASP A 28 -7.25 2.94 15.37
C ASP A 28 -6.56 3.58 16.58
N ASP A 29 -6.13 2.76 17.51
CA ASP A 29 -5.45 3.30 18.71
C ASP A 29 -4.04 3.77 18.35
N LEU A 30 -3.58 3.44 17.18
CA LEU A 30 -2.22 3.87 16.75
C LEU A 30 -2.11 5.39 16.83
N GLU A 31 -1.04 5.89 17.37
CA GLU A 31 -0.87 7.37 17.47
C GLU A 31 -0.77 7.97 16.06
N LEU A 32 -0.41 7.17 15.09
CA LEU A 32 -0.29 7.70 13.70
C LEU A 32 -1.66 8.19 13.23
N THR A 33 -1.70 8.89 12.13
CA THR A 33 -3.01 9.39 11.61
C THR A 33 -3.84 8.23 11.09
N VAL A 34 -5.11 8.44 10.85
CA VAL A 34 -5.96 7.34 10.33
C VAL A 34 -5.47 6.91 8.95
N ARG A 35 -4.79 7.77 8.25
CA ARG A 35 -4.27 7.41 6.90
C ARG A 35 -3.43 6.14 7.00
N SER A 36 -2.56 6.08 7.98
CA SER A 36 -1.70 4.86 8.13
C SER A 36 -2.56 3.68 8.56
N ALA A 37 -3.43 3.88 9.52
CA ALA A 37 -4.29 2.76 9.98
C ALA A 37 -5.21 2.32 8.84
N ASN A 38 -5.78 3.27 8.13
CA ASN A 38 -6.68 2.91 7.00
C ASN A 38 -5.97 1.94 6.06
N CYS A 39 -4.69 2.16 5.83
CA CYS A 39 -3.94 1.25 4.92
C CYS A 39 -4.17 -0.20 5.34
N LEU A 40 -3.76 -0.56 6.53
CA LEU A 40 -3.95 -1.96 6.99
C LEU A 40 -5.44 -2.33 6.91
N LYS A 41 -6.30 -1.46 7.37
CA LYS A 41 -7.75 -1.77 7.31
C LYS A 41 -8.15 -2.13 5.88
N ALA A 42 -7.50 -1.53 4.92
CA ALA A 42 -7.84 -1.83 3.50
C ALA A 42 -7.78 -3.34 3.28
N GLU A 43 -6.89 -4.02 3.96
CA GLU A 43 -6.80 -5.50 3.78
C GLU A 43 -7.68 -6.19 4.81
N ALA A 44 -8.71 -5.53 5.27
CA ALA A 44 -9.61 -6.15 6.28
C ALA A 44 -8.86 -6.31 7.61
N ILE A 45 -8.14 -5.30 8.03
CA ILE A 45 -7.39 -5.40 9.30
C ILE A 45 -7.96 -4.40 10.32
N HIS A 46 -8.35 -4.86 11.47
CA HIS A 46 -8.90 -3.94 12.49
C HIS A 46 -7.96 -3.88 13.70
N TYR A 47 -7.40 -5.00 14.08
CA TYR A 47 -6.47 -5.02 15.24
C TYR A 47 -5.02 -5.11 14.73
N ILE A 48 -4.14 -4.33 15.28
CA ILE A 48 -2.73 -4.38 14.81
C ILE A 48 -2.28 -5.84 14.74
N GLY A 49 -2.82 -6.68 15.58
CA GLY A 49 -2.43 -8.11 15.55
C GLY A 49 -2.46 -8.61 14.10
N ASP A 50 -3.51 -8.35 13.40
CA ASP A 50 -3.58 -8.82 11.98
C ASP A 50 -2.34 -8.32 11.23
N LEU A 51 -1.84 -7.17 11.61
CA LEU A 51 -0.62 -6.64 10.94
C LEU A 51 0.48 -7.69 10.97
N VAL A 52 0.77 -8.22 12.13
CA VAL A 52 1.83 -9.27 12.22
C VAL A 52 1.36 -10.53 11.51
N GLN A 53 0.08 -10.80 11.56
CA GLN A 53 -0.44 -12.01 10.87
C GLN A 53 0.03 -12.00 9.41
N ARG A 54 0.15 -10.83 8.85
CA ARG A 54 0.60 -10.74 7.43
C ARG A 54 2.04 -10.20 7.39
N THR A 55 2.80 -10.58 6.40
CA THR A 55 4.21 -10.08 6.32
C THR A 55 4.23 -8.68 5.71
N GLU A 56 5.26 -7.93 5.97
CA GLU A 56 5.34 -6.55 5.41
C GLU A 56 5.41 -6.62 3.89
N VAL A 57 6.00 -7.66 3.36
CA VAL A 57 6.09 -7.79 1.88
C VAL A 57 4.69 -7.65 1.27
N GLU A 58 3.74 -8.37 1.78
CA GLU A 58 2.36 -8.28 1.23
C GLU A 58 1.90 -6.83 1.28
N LEU A 59 2.26 -6.11 2.32
CA LEU A 59 1.84 -4.69 2.42
C LEU A 59 2.65 -3.85 1.43
N LEU A 60 3.91 -4.13 1.28
CA LEU A 60 4.74 -3.36 0.32
C LEU A 60 4.12 -3.46 -1.08
N LYS A 61 3.51 -4.57 -1.38
CA LYS A 61 2.88 -4.74 -2.72
C LYS A 61 1.51 -4.08 -2.72
N THR A 62 0.99 -3.75 -1.58
CA THR A 62 -0.34 -3.10 -1.51
C THR A 62 -0.20 -1.59 -1.67
N PRO A 63 -0.69 -1.04 -2.79
CA PRO A 63 -0.62 0.40 -3.08
C PRO A 63 -1.54 1.20 -2.18
N ASN A 64 -2.45 0.55 -1.49
CA ASN A 64 -3.39 1.29 -0.60
C ASN A 64 -2.60 2.24 0.29
N LEU A 65 -1.46 1.82 0.79
CA LEU A 65 -0.65 2.72 1.66
C LEU A 65 0.22 3.63 0.79
N GLY A 66 0.40 4.86 1.20
CA GLY A 66 1.23 5.79 0.39
C GLY A 66 2.72 5.53 0.68
N LYS A 67 3.58 6.05 -0.15
CA LYS A 67 5.04 5.83 0.07
C LYS A 67 5.47 6.49 1.38
N LYS A 68 4.98 7.66 1.65
CA LYS A 68 5.36 8.36 2.91
C LYS A 68 4.86 7.56 4.11
N SER A 69 3.68 7.00 4.01
CA SER A 69 3.14 6.20 5.15
C SER A 69 4.08 5.03 5.45
N LEU A 70 4.60 4.39 4.43
CA LEU A 70 5.52 3.25 4.66
C LEU A 70 6.65 3.69 5.59
N THR A 71 7.12 4.90 5.43
CA THR A 71 8.22 5.39 6.31
C THR A 71 7.77 5.38 7.77
N GLU A 72 6.58 5.86 8.03
CA GLU A 72 6.08 5.87 9.44
C GLU A 72 5.94 4.44 9.95
N ILE A 73 5.36 3.57 9.15
CA ILE A 73 5.21 2.15 9.59
C ILE A 73 6.58 1.55 9.90
N LYS A 74 7.51 1.67 8.99
CA LYS A 74 8.86 1.11 9.23
C LYS A 74 9.40 1.63 10.56
N ASP A 75 9.15 2.88 10.86
CA ASP A 75 9.66 3.45 12.14
C ASP A 75 9.02 2.70 13.31
N VAL A 76 7.73 2.52 13.29
CA VAL A 76 7.06 1.79 14.40
C VAL A 76 7.37 0.29 14.30
N LEU A 77 7.36 -0.24 13.11
CA LEU A 77 7.65 -1.68 12.93
C LEU A 77 9.11 -1.96 13.32
N ALA A 78 9.96 -0.98 13.19
CA ALA A 78 11.39 -1.18 13.55
C ALA A 78 11.50 -1.61 15.02
N SER A 79 10.57 -1.19 15.84
CA SER A 79 10.62 -1.57 17.28
C SER A 79 10.18 -3.03 17.44
N ARG A 80 9.84 -3.68 16.35
CA ARG A 80 9.39 -5.10 16.45
C ARG A 80 8.01 -5.16 17.12
N GLY A 81 7.43 -4.02 17.41
CA GLY A 81 6.09 -4.01 18.06
C GLY A 81 5.04 -4.51 17.07
N LEU A 82 5.29 -4.32 15.80
CA LEU A 82 4.30 -4.77 14.78
C LEU A 82 5.05 -5.35 13.57
N SER A 83 4.44 -6.26 12.86
CA SER A 83 5.13 -6.85 11.68
C SER A 83 6.37 -7.62 12.14
N LEU A 84 6.18 -8.70 12.87
CA LEU A 84 7.35 -9.48 13.35
C LEU A 84 7.49 -10.74 12.48
N GLY A 85 6.76 -10.83 11.40
CA GLY A 85 6.85 -12.02 10.53
C GLY A 85 6.30 -13.24 11.28
N MET A 86 5.39 -13.03 12.18
CA MET A 86 4.81 -14.17 12.94
C MET A 86 3.34 -14.36 12.56
N ARG A 87 2.86 -15.58 12.57
CA ARG A 87 1.44 -15.83 12.21
C ARG A 87 0.77 -16.63 13.33
N LEU A 88 -0.46 -16.33 13.63
CA LEU A 88 -1.16 -17.08 14.71
C LEU A 88 -2.36 -17.83 14.12
N GLU A 89 -2.61 -19.02 14.59
CA GLU A 89 -3.78 -19.79 14.06
C GLU A 89 -5.07 -19.04 14.38
N ASN A 90 -5.10 -18.37 15.50
CA ASN A 90 -6.33 -17.61 15.87
C ASN A 90 -5.97 -16.12 15.98
N TRP A 91 -5.42 -15.71 17.08
CA TRP A 91 -5.05 -14.28 17.23
C TRP A 91 -4.75 -13.97 18.71
N PRO A 92 -5.76 -14.14 19.59
CA PRO A 92 -5.60 -13.89 21.02
C PRO A 92 -4.69 -14.91 21.69
N PRO A 93 -3.47 -14.49 22.07
CA PRO A 93 -2.50 -15.36 22.72
C PRO A 93 -2.86 -15.60 24.19
N ALA A 94 -2.31 -16.62 24.79
CA ALA A 94 -2.62 -16.90 26.22
C ALA A 94 -2.19 -15.71 27.08
N SER A 95 -1.40 -14.83 26.53
CA SER A 95 -0.95 -13.64 27.31
C SER A 95 -2.13 -12.69 27.56
N ILE A 96 -3.01 -12.57 26.61
CA ILE A 96 -4.18 -11.66 26.79
C ILE A 96 -5.37 -12.44 27.34
N ALA A 97 -5.24 -13.73 27.47
CA ALA A 97 -6.37 -14.55 28.00
C ALA A 97 -6.73 -14.07 29.42
N ASP A 98 -5.74 -13.66 30.17
CA ASP A 98 -6.02 -13.19 31.56
C ASP A 98 -7.02 -12.03 31.51
N GLU A 99 -6.91 -11.17 30.54
CA GLU A 99 -7.85 -10.02 30.45
C GLU A 99 -9.10 -10.45 29.66
N GLY B 5 0.10 22.82 -19.88
CA GLY B 5 0.43 21.49 -19.27
C GLY B 5 -0.04 20.37 -20.19
N ASP B 6 0.72 20.06 -21.20
CA ASP B 6 0.32 18.98 -22.14
C ASP B 6 0.12 17.67 -21.35
N ASN B 7 0.93 17.44 -20.35
CA ASN B 7 0.78 16.20 -19.56
C ASN B 7 0.87 14.98 -20.48
N LYS B 8 1.76 15.02 -21.44
CA LYS B 8 1.88 13.87 -22.38
C LYS B 8 2.46 12.67 -21.63
N PRO B 9 1.82 11.50 -21.76
CA PRO B 9 2.26 10.27 -21.11
C PRO B 9 3.57 9.73 -21.73
N ALA B 10 4.43 9.17 -20.92
CA ALA B 10 5.70 8.62 -21.46
C ALA B 10 5.43 7.31 -22.18
N ASP B 11 6.16 7.03 -23.22
CA ASP B 11 5.94 5.76 -23.97
C ASP B 11 5.87 4.59 -22.98
N ASP B 12 6.61 4.67 -21.90
CA ASP B 12 6.58 3.57 -20.90
C ASP B 12 5.20 3.52 -20.23
N LEU B 13 4.70 4.64 -19.80
CA LEU B 13 3.36 4.65 -19.13
C LEU B 13 2.28 4.32 -20.17
N LEU B 14 2.44 4.79 -21.37
CA LEU B 14 1.41 4.50 -22.42
C LEU B 14 1.53 3.04 -22.85
N ASN B 15 2.71 2.49 -22.82
CA ASN B 15 2.88 1.06 -23.23
C ASN B 15 2.70 0.16 -22.01
N LEU B 16 2.23 0.70 -20.92
CA LEU B 16 2.04 -0.12 -19.69
C LEU B 16 0.82 -1.04 -19.87
N GLU B 17 0.95 -2.29 -19.55
CA GLU B 17 -0.20 -3.22 -19.70
C GLU B 17 -1.20 -2.99 -18.56
N GLY B 18 -2.47 -3.14 -18.84
CA GLY B 18 -3.49 -2.93 -17.78
C GLY B 18 -3.96 -1.47 -17.80
N VAL B 19 -3.42 -0.67 -18.67
CA VAL B 19 -3.83 0.77 -18.74
C VAL B 19 -4.31 1.09 -20.15
N ASP B 20 -5.42 1.79 -20.26
CA ASP B 20 -5.93 2.14 -21.61
C ASP B 20 -5.25 3.41 -22.11
N ARG B 21 -5.03 3.52 -23.38
CA ARG B 21 -4.37 4.74 -23.93
C ARG B 21 -5.06 5.98 -23.37
N ASP B 22 -6.36 5.98 -23.36
CA ASP B 22 -7.10 7.17 -22.83
C ASP B 22 -6.88 7.28 -21.33
N LEU B 23 -6.84 6.16 -20.65
CA LEU B 23 -6.62 6.19 -19.17
C LEU B 23 -5.25 6.78 -18.87
N ALA B 24 -4.28 6.49 -19.70
CA ALA B 24 -2.90 7.04 -19.46
C ALA B 24 -2.94 8.56 -19.55
N PHE B 25 -3.66 9.10 -20.50
CA PHE B 25 -3.72 10.58 -20.63
C PHE B 25 -4.43 11.17 -19.41
N LYS B 26 -5.56 10.62 -19.05
CA LYS B 26 -6.30 11.15 -17.87
C LYS B 26 -5.40 11.08 -16.63
N LEU B 27 -4.70 10.00 -16.47
CA LEU B 27 -3.80 9.87 -15.28
C LEU B 27 -2.62 10.84 -15.43
N ALA B 28 -2.13 11.01 -16.62
CA ALA B 28 -0.98 11.93 -16.84
C ALA B 28 -1.38 13.35 -16.41
N ALA B 29 -2.64 13.67 -16.47
CA ALA B 29 -3.09 15.03 -16.07
C ALA B 29 -2.67 15.30 -14.62
N ARG B 30 -2.32 14.27 -13.89
CA ARG B 30 -1.90 14.46 -12.48
C ARG B 30 -0.39 14.67 -12.42
N GLY B 31 0.18 15.21 -13.45
CA GLY B 31 1.66 15.44 -13.45
C GLY B 31 2.40 14.13 -13.78
N VAL B 32 1.76 13.00 -13.63
CA VAL B 32 2.45 11.72 -13.93
C VAL B 32 2.77 11.65 -15.43
N CYS B 33 3.97 11.27 -15.77
CA CYS B 33 4.34 11.19 -17.21
C CYS B 33 5.09 9.89 -17.49
N THR B 34 5.88 9.44 -16.54
CA THR B 34 6.65 8.18 -16.75
C THR B 34 6.04 7.05 -15.91
N LEU B 35 6.17 5.83 -16.35
CA LEU B 35 5.61 4.70 -15.58
C LEU B 35 6.08 4.79 -14.12
N GLU B 36 7.34 5.09 -13.93
CA GLU B 36 7.86 5.20 -12.53
C GLU B 36 7.01 6.21 -11.76
N ASP B 37 6.68 7.31 -12.37
CA ASP B 37 5.86 8.33 -11.68
C ASP B 37 4.51 7.72 -11.30
N LEU B 38 3.93 6.94 -12.18
CA LEU B 38 2.61 6.32 -11.89
C LEU B 38 2.75 5.41 -10.66
N ALA B 39 3.84 4.71 -10.55
CA ALA B 39 4.04 3.81 -9.39
C ALA B 39 4.15 4.64 -8.11
N GLU B 40 4.76 5.79 -8.19
CA GLU B 40 4.90 6.64 -6.98
C GLU B 40 3.51 7.08 -6.50
N GLN B 41 2.60 7.31 -7.41
CA GLN B 41 1.24 7.74 -7.00
C GLN B 41 0.56 6.60 -6.22
N GLY B 42 -0.24 6.93 -5.25
CA GLY B 42 -0.93 5.87 -4.46
C GLY B 42 -2.39 5.78 -4.90
N ILE B 43 -3.03 4.68 -4.63
CA ILE B 43 -4.46 4.54 -5.05
C ILE B 43 -5.22 5.81 -4.66
N ASP B 44 -4.87 6.41 -3.56
CA ASP B 44 -5.57 7.66 -3.14
C ASP B 44 -5.31 8.74 -4.19
N ASP B 45 -4.13 8.79 -4.73
CA ASP B 45 -3.82 9.82 -5.76
C ASP B 45 -4.63 9.52 -7.02
N LEU B 46 -4.89 8.27 -7.29
CA LEU B 46 -5.67 7.92 -8.51
C LEU B 46 -7.16 8.11 -8.23
N ALA B 47 -7.58 7.87 -7.01
CA ALA B 47 -9.02 8.04 -6.66
C ALA B 47 -9.46 9.47 -6.99
N ASP B 48 -8.58 10.42 -6.84
CA ASP B 48 -8.95 11.83 -7.14
C ASP B 48 -9.67 11.89 -8.49
N ILE B 49 -9.38 10.98 -9.37
CA ILE B 49 -10.06 10.99 -10.70
C ILE B 49 -11.08 9.86 -10.75
N GLU B 50 -12.33 10.19 -10.98
CA GLU B 50 -13.38 9.13 -11.04
C GLU B 50 -12.99 8.09 -12.10
N GLY B 51 -12.33 8.52 -13.14
CA GLY B 51 -11.92 7.55 -14.20
C GLY B 51 -11.12 6.41 -13.58
N LEU B 52 -10.44 6.67 -12.50
CA LEU B 52 -9.63 5.60 -11.84
C LEU B 52 -10.37 5.10 -10.60
N THR B 53 -10.42 3.81 -10.41
CA THR B 53 -11.13 3.26 -9.21
C THR B 53 -10.09 2.81 -8.18
N ASP B 54 -10.49 2.64 -6.95
CA ASP B 54 -9.53 2.21 -5.91
C ASP B 54 -8.91 0.86 -6.31
N GLU B 55 -9.68 0.00 -6.91
CA GLU B 55 -9.14 -1.33 -7.33
C GLU B 55 -8.30 -1.15 -8.59
N LYS B 56 -8.81 -0.43 -9.55
CA LYS B 56 -8.05 -0.23 -10.82
C LYS B 56 -6.75 0.52 -10.52
N ALA B 57 -6.82 1.54 -9.71
CA ALA B 57 -5.59 2.31 -9.39
C ALA B 57 -4.60 1.41 -8.64
N GLY B 58 -5.09 0.66 -7.69
CA GLY B 58 -4.18 -0.25 -6.92
C GLY B 58 -3.55 -1.26 -7.88
N ALA B 59 -4.27 -1.70 -8.86
CA ALA B 59 -3.70 -2.68 -9.83
C ALA B 59 -2.62 -2.00 -10.68
N LEU B 60 -2.81 -0.74 -11.00
CA LEU B 60 -1.79 -0.02 -11.82
C LEU B 60 -0.52 0.19 -11.00
N ILE B 61 -0.66 0.44 -9.72
CA ILE B 61 0.54 0.64 -8.87
C ILE B 61 1.30 -0.67 -8.73
N MET B 62 0.66 -1.70 -8.26
CA MET B 62 1.34 -3.01 -8.10
C MET B 62 2.01 -3.40 -9.41
N ALA B 63 1.36 -3.14 -10.52
CA ALA B 63 1.97 -3.50 -11.84
C ALA B 63 3.13 -2.56 -12.13
N ALA B 64 2.92 -1.28 -12.00
CA ALA B 64 4.02 -0.31 -12.26
C ALA B 64 5.15 -0.53 -11.27
N ARG B 65 4.83 -0.66 -10.00
CA ARG B 65 5.89 -0.88 -8.98
C ARG B 65 6.69 -2.13 -9.34
N ASN B 66 6.02 -3.20 -9.71
CA ASN B 66 6.73 -4.45 -10.07
C ASN B 66 7.70 -4.16 -11.22
N ILE B 67 7.29 -3.37 -12.16
CA ILE B 67 8.18 -3.05 -13.32
C ILE B 67 9.40 -2.27 -12.80
N CYS B 68 9.20 -1.41 -11.85
CA CYS B 68 10.35 -0.62 -11.31
C CYS B 68 11.27 -1.55 -10.50
N TRP B 69 10.72 -2.32 -9.62
CA TRP B 69 11.56 -3.25 -8.81
C TRP B 69 12.19 -4.31 -9.72
N PHE B 70 11.49 -4.69 -10.75
CA PHE B 70 12.03 -5.71 -11.68
C PHE B 70 13.05 -5.07 -12.62
N GLY B 71 12.82 -3.84 -13.00
CA GLY B 71 13.77 -3.15 -13.92
C GLY B 71 13.96 -3.98 -15.18
N ASP B 72 15.17 -4.15 -15.63
CA ASP B 72 15.41 -4.96 -16.86
C ASP B 72 14.72 -6.32 -16.71
N GLU B 73 14.76 -6.90 -15.55
CA GLU B 73 14.11 -8.22 -15.35
C GLU B 73 12.62 -8.11 -15.75
N ALA B 74 12.01 -7.00 -15.47
CA ALA B 74 10.57 -6.83 -15.82
C ALA B 74 10.41 -6.90 -17.35
N PHE A 19 2.38 -12.83 22.97
CA PHE A 19 1.36 -11.95 22.36
C PHE A 19 1.69 -10.49 22.66
N ASP A 20 2.41 -9.84 21.78
CA ASP A 20 2.76 -8.42 22.01
C ASP A 20 1.48 -7.60 22.18
N PRO A 21 1.46 -6.69 23.17
CA PRO A 21 0.30 -5.83 23.44
C PRO A 21 0.00 -4.88 22.29
N ILE A 22 1.03 -4.47 21.57
CA ILE A 22 0.80 -3.56 20.43
C ILE A 22 -0.06 -4.27 19.38
N LEU A 23 0.05 -5.58 19.32
CA LEU A 23 -0.76 -6.34 18.32
C LEU A 23 -2.21 -6.39 18.80
N LEU A 24 -2.42 -6.63 20.07
CA LEU A 24 -3.81 -6.69 20.59
C LEU A 24 -4.50 -5.36 20.35
N ARG A 25 -3.77 -4.28 20.43
CA ARG A 25 -4.39 -2.94 20.19
C ARG A 25 -4.83 -2.83 18.73
N PRO A 26 -5.94 -2.11 18.49
CA PRO A 26 -6.48 -1.92 17.14
C PRO A 26 -5.58 -1.02 16.28
N VAL A 27 -5.42 -1.35 15.03
CA VAL A 27 -4.56 -0.51 14.14
C VAL A 27 -4.88 0.96 14.38
N ASP A 28 -6.13 1.28 14.61
CA ASP A 28 -6.49 2.71 14.85
C ASP A 28 -5.71 3.25 16.06
N ASP A 29 -5.40 2.39 17.00
CA ASP A 29 -4.63 2.84 18.19
C ASP A 29 -3.18 3.12 17.80
N LEU A 30 -2.79 2.73 16.62
CA LEU A 30 -1.39 2.96 16.18
C LEU A 30 -1.07 4.46 16.28
N GLU A 31 0.17 4.80 16.51
CA GLU A 31 0.54 6.24 16.62
C GLU A 31 0.26 6.93 15.28
N LEU A 32 0.23 6.20 14.21
CA LEU A 32 -0.04 6.82 12.88
C LEU A 32 -1.44 7.44 12.88
N THR A 33 -1.74 8.25 11.90
CA THR A 33 -3.08 8.89 11.84
C THR A 33 -4.11 7.86 11.38
N VAL A 34 -5.37 8.13 11.60
CA VAL A 34 -6.43 7.17 11.17
C VAL A 34 -6.17 6.75 9.72
N ARG A 35 -5.78 7.68 8.88
CA ARG A 35 -5.53 7.33 7.46
C ARG A 35 -4.59 6.13 7.38
N SER A 36 -3.50 6.16 8.09
CA SER A 36 -2.55 5.01 8.05
C SER A 36 -3.28 3.75 8.51
N ALA A 37 -3.93 3.80 9.65
CA ALA A 37 -4.66 2.60 10.14
C ALA A 37 -5.76 2.23 9.15
N ASN A 38 -6.41 3.20 8.57
CA ASN A 38 -7.49 2.90 7.59
C ASN A 38 -6.93 2.06 6.45
N CYS A 39 -5.71 2.31 6.06
CA CYS A 39 -5.10 1.51 4.96
C CYS A 39 -5.16 0.03 5.31
N LEU A 40 -4.65 -0.33 6.46
CA LEU A 40 -4.68 -1.77 6.87
C LEU A 40 -6.13 -2.24 6.96
N LYS A 41 -6.96 -1.47 7.62
CA LYS A 41 -8.40 -1.88 7.75
C LYS A 41 -8.97 -2.17 6.36
N ALA A 42 -8.59 -1.40 5.38
CA ALA A 42 -9.12 -1.64 4.01
C ALA A 42 -8.91 -3.11 3.62
N GLU A 43 -7.89 -3.72 4.15
CA GLU A 43 -7.63 -5.15 3.82
C GLU A 43 -8.32 -6.05 4.86
N ALA A 44 -9.35 -5.56 5.48
CA ALA A 44 -10.05 -6.39 6.50
C ALA A 44 -9.15 -6.58 7.73
N ILE A 45 -8.53 -5.52 8.18
CA ILE A 45 -7.64 -5.63 9.37
C ILE A 45 -8.15 -4.71 10.48
N HIS A 46 -8.49 -5.26 11.62
CA HIS A 46 -9.00 -4.41 12.73
C HIS A 46 -7.97 -4.37 13.85
N TYR A 47 -7.35 -5.48 14.13
CA TYR A 47 -6.33 -5.50 15.22
C TYR A 47 -4.92 -5.56 14.61
N ILE A 48 -4.01 -4.79 15.13
CA ILE A 48 -2.63 -4.80 14.57
C ILE A 48 -2.16 -6.24 14.40
N GLY A 49 -2.64 -7.13 15.23
CA GLY A 49 -2.23 -8.56 15.10
C GLY A 49 -2.28 -8.98 13.64
N ASP A 50 -3.34 -8.64 12.95
CA ASP A 50 -3.43 -9.00 11.51
C ASP A 50 -2.18 -8.51 10.79
N LEU A 51 -1.63 -7.40 11.21
CA LEU A 51 -0.41 -6.87 10.57
C LEU A 51 0.69 -7.93 10.66
N VAL A 52 0.91 -8.47 11.82
CA VAL A 52 1.96 -9.52 11.96
C VAL A 52 1.57 -10.73 11.11
N GLN A 53 0.30 -10.88 10.84
CA GLN A 53 -0.16 -12.03 10.01
C GLN A 53 0.38 -11.84 8.59
N ARG A 54 0.45 -10.62 8.13
CA ARG A 54 0.96 -10.36 6.76
C ARG A 54 2.43 -9.94 6.86
N THR A 55 3.18 -10.08 5.78
CA THR A 55 4.60 -9.69 5.83
C THR A 55 4.75 -8.19 5.57
N GLU A 56 5.80 -7.58 6.05
CA GLU A 56 5.99 -6.12 5.84
C GLU A 56 6.10 -5.84 4.34
N VAL A 57 6.72 -6.73 3.60
CA VAL A 57 6.86 -6.51 2.13
C VAL A 57 5.49 -6.23 1.53
N GLU A 58 4.51 -7.05 1.84
CA GLU A 58 3.15 -6.81 1.28
C GLU A 58 2.73 -5.37 1.57
N LEU A 59 3.18 -4.82 2.67
CA LEU A 59 2.82 -3.42 3.00
C LEU A 59 3.51 -2.47 2.02
N LEU A 60 4.75 -2.74 1.72
CA LEU A 60 5.50 -1.86 0.77
C LEU A 60 4.86 -1.97 -0.62
N LYS A 61 4.21 -3.06 -0.90
CA LYS A 61 3.56 -3.23 -2.24
C LYS A 61 2.16 -2.62 -2.20
N THR A 62 1.67 -2.31 -1.04
CA THR A 62 0.30 -1.72 -0.95
C THR A 62 0.37 -0.21 -1.22
N PRO A 63 -0.20 0.22 -2.36
CA PRO A 63 -0.21 1.64 -2.75
C PRO A 63 -1.13 2.48 -1.86
N ASN A 64 -1.98 1.84 -1.11
CA ASN A 64 -2.91 2.60 -0.22
C ASN A 64 -2.10 3.41 0.79
N LEU A 65 -0.92 2.98 1.10
CA LEU A 65 -0.08 3.72 2.08
C LEU A 65 0.74 4.80 1.35
N GLY A 66 0.90 5.94 1.96
CA GLY A 66 1.69 7.02 1.31
C GLY A 66 3.15 6.91 1.72
N LYS A 67 4.02 7.65 1.07
CA LYS A 67 5.46 7.59 1.42
C LYS A 67 5.64 7.95 2.90
N LYS A 68 4.92 8.93 3.38
CA LYS A 68 5.04 9.32 4.81
C LYS A 68 4.44 8.23 5.69
N SER A 69 3.31 7.72 5.32
CA SER A 69 2.66 6.65 6.13
C SER A 69 3.61 5.45 6.24
N LEU A 70 4.14 5.00 5.14
CA LEU A 70 5.08 3.84 5.18
C LEU A 70 6.23 4.15 6.14
N THR A 71 6.75 5.35 6.10
CA THR A 71 7.86 5.71 7.01
C THR A 71 7.45 5.45 8.47
N GLU A 72 6.33 5.98 8.87
CA GLU A 72 5.86 5.76 10.26
C GLU A 72 5.79 4.25 10.56
N ILE A 73 5.35 3.48 9.61
CA ILE A 73 5.27 2.01 9.82
C ILE A 73 6.65 1.47 10.18
N LYS A 74 7.64 1.78 9.38
CA LYS A 74 9.01 1.28 9.68
C LYS A 74 9.42 1.69 11.09
N ASP A 75 9.12 2.91 11.47
CA ASP A 75 9.49 3.37 12.85
C ASP A 75 8.88 2.43 13.88
N VAL A 76 7.64 2.05 13.71
CA VAL A 76 6.99 1.14 14.68
C VAL A 76 7.68 -0.22 14.62
N LEU A 77 8.02 -0.67 13.45
CA LEU A 77 8.70 -1.99 13.32
C LEU A 77 9.95 -2.01 14.21
N ALA A 78 10.51 -0.87 14.48
CA ALA A 78 11.72 -0.82 15.34
C ALA A 78 11.41 -1.45 16.70
N SER A 79 10.20 -1.32 17.15
CA SER A 79 9.83 -1.91 18.47
C SER A 79 9.90 -3.44 18.37
N ARG A 80 9.93 -3.97 17.19
CA ARG A 80 10.00 -5.45 17.03
C ARG A 80 8.78 -6.08 17.68
N GLY A 81 7.78 -5.30 17.99
CA GLY A 81 6.57 -5.86 18.64
C GLY A 81 5.42 -5.92 17.62
N LEU A 82 5.68 -5.54 16.39
CA LEU A 82 4.61 -5.59 15.35
C LEU A 82 5.24 -5.84 13.98
N SER A 83 4.59 -6.61 13.15
CA SER A 83 5.14 -6.88 11.79
C SER A 83 6.41 -7.72 11.93
N LEU A 84 6.43 -8.65 12.84
CA LEU A 84 7.64 -9.50 13.01
C LEU A 84 7.54 -10.72 12.08
N GLY A 85 6.70 -10.66 11.09
CA GLY A 85 6.56 -11.81 10.17
C GLY A 85 5.97 -13.00 10.92
N MET A 86 5.07 -12.76 11.84
CA MET A 86 4.46 -13.89 12.61
C MET A 86 3.25 -14.43 11.84
N ARG A 87 2.76 -15.56 12.23
CA ARG A 87 1.57 -16.15 11.53
C ARG A 87 0.66 -16.83 12.56
N LEU A 88 -0.61 -16.55 12.51
CA LEU A 88 -1.55 -17.18 13.48
C LEU A 88 -2.74 -17.78 12.73
N GLU A 89 -3.18 -18.95 13.12
CA GLU A 89 -4.35 -19.57 12.43
C GLU A 89 -5.54 -18.63 12.53
N ASN A 90 -5.76 -18.06 13.68
CA ASN A 90 -6.90 -17.12 13.85
C ASN A 90 -6.37 -15.77 14.32
N TRP A 91 -5.89 -15.70 15.53
CA TRP A 91 -5.35 -14.42 16.05
C TRP A 91 -5.13 -14.54 17.56
N PRO A 92 -6.19 -14.84 18.32
CA PRO A 92 -6.11 -14.98 19.78
C PRO A 92 -5.29 -16.21 20.19
N PRO A 93 -4.08 -15.98 20.71
CA PRO A 93 -3.20 -17.07 21.16
C PRO A 93 -3.70 -17.73 22.43
N ALA A 94 -3.39 -18.98 22.64
CA ALA A 94 -3.86 -19.68 23.87
C ALA A 94 -3.53 -18.83 25.10
N SER A 95 -2.51 -18.03 25.03
CA SER A 95 -2.14 -17.17 26.19
C SER A 95 -3.22 -16.11 26.40
N ILE A 96 -3.84 -15.66 25.34
CA ILE A 96 -4.90 -14.62 25.49
C ILE A 96 -6.04 -15.18 26.35
N ALA A 97 -6.20 -16.47 26.39
CA ALA A 97 -7.29 -17.07 27.21
C ALA A 97 -7.11 -16.67 28.66
N ASP A 98 -8.19 -16.45 29.37
CA ASP A 98 -8.08 -16.05 30.81
C ASP A 98 -7.36 -17.16 31.58
N GLU A 99 -7.60 -18.39 31.25
CA GLU A 99 -6.93 -19.51 31.97
C GLU A 99 -5.51 -19.67 31.45
N GLY B 5 -0.57 16.71 -25.37
CA GLY B 5 0.80 16.50 -25.92
C GLY B 5 1.80 16.41 -24.77
N ASP B 6 1.96 17.46 -24.02
CA ASP B 6 2.93 17.43 -22.89
C ASP B 6 2.53 16.32 -21.91
N ASN B 7 1.26 16.10 -21.74
CA ASN B 7 0.81 15.02 -20.81
C ASN B 7 0.79 13.67 -21.53
N LYS B 8 1.26 13.64 -22.76
CA LYS B 8 1.27 12.35 -23.52
C LYS B 8 1.99 11.28 -22.69
N PRO B 9 1.36 10.12 -22.52
CA PRO B 9 1.94 9.00 -21.77
C PRO B 9 3.14 8.37 -22.48
N ALA B 10 4.16 8.02 -21.76
CA ALA B 10 5.35 7.40 -22.40
C ALA B 10 5.00 5.98 -22.86
N ASP B 11 5.67 5.50 -23.88
CA ASP B 11 5.38 4.12 -24.37
C ASP B 11 5.40 3.15 -23.20
N ASP B 12 6.30 3.33 -22.28
CA ASP B 12 6.38 2.40 -21.12
C ASP B 12 5.05 2.46 -20.36
N LEU B 13 4.53 3.63 -20.14
CA LEU B 13 3.24 3.76 -19.41
C LEU B 13 2.12 3.09 -20.23
N LEU B 14 2.23 3.15 -21.54
CA LEU B 14 1.18 2.51 -22.38
C LEU B 14 1.42 1.01 -22.45
N ASN B 15 2.66 0.59 -22.36
CA ASN B 15 2.96 -0.87 -22.42
C ASN B 15 2.65 -1.51 -21.07
N LEU B 16 2.20 -0.74 -20.11
CA LEU B 16 1.89 -1.31 -18.78
C LEU B 16 0.59 -2.14 -18.87
N GLU B 17 0.59 -3.31 -18.30
CA GLU B 17 -0.62 -4.16 -18.36
C GLU B 17 -1.69 -3.59 -17.41
N GLY B 18 -2.93 -3.63 -17.82
CA GLY B 18 -4.02 -3.09 -16.95
C GLY B 18 -4.22 -1.60 -17.25
N VAL B 19 -3.59 -1.11 -18.29
CA VAL B 19 -3.76 0.33 -18.63
C VAL B 19 -4.12 0.45 -20.12
N ASP B 20 -5.20 1.14 -20.43
CA ASP B 20 -5.59 1.29 -21.85
C ASP B 20 -5.07 2.63 -22.38
N ARG B 21 -5.00 2.79 -23.67
CA ARG B 21 -4.50 4.06 -24.25
C ARG B 21 -5.31 5.23 -23.70
N ASP B 22 -6.61 5.10 -23.70
CA ASP B 22 -7.47 6.20 -23.18
C ASP B 22 -7.23 6.36 -21.67
N LEU B 23 -7.20 5.28 -20.95
CA LEU B 23 -6.98 5.38 -19.47
C LEU B 23 -5.61 6.00 -19.21
N ALA B 24 -4.61 5.63 -19.96
CA ALA B 24 -3.26 6.22 -19.75
C ALA B 24 -3.33 7.73 -19.93
N PHE B 25 -4.06 8.19 -20.90
CA PHE B 25 -4.16 9.66 -21.13
C PHE B 25 -4.83 10.31 -19.93
N LYS B 26 -5.92 9.75 -19.46
CA LYS B 26 -6.61 10.34 -18.27
C LYS B 26 -5.64 10.42 -17.09
N LEU B 27 -4.92 9.37 -16.83
CA LEU B 27 -3.97 9.39 -15.70
C LEU B 27 -2.82 10.36 -16.01
N ALA B 28 -2.40 10.41 -17.24
CA ALA B 28 -1.28 11.33 -17.59
C ALA B 28 -1.69 12.78 -17.29
N ALA B 29 -2.97 13.06 -17.31
CA ALA B 29 -3.43 14.45 -17.02
C ALA B 29 -2.76 14.96 -15.75
N ARG B 30 -2.31 14.07 -14.90
CA ARG B 30 -1.65 14.51 -13.63
C ARG B 30 -0.15 14.70 -13.87
N GLY B 31 0.23 14.96 -15.09
CA GLY B 31 1.68 15.16 -15.39
C GLY B 31 2.40 13.81 -15.49
N VAL B 32 1.81 12.75 -14.98
CA VAL B 32 2.48 11.43 -15.07
C VAL B 32 2.61 11.03 -16.54
N CYS B 33 3.77 10.58 -16.94
CA CYS B 33 3.97 10.18 -18.36
C CYS B 33 4.73 8.86 -18.43
N THR B 34 5.69 8.66 -17.56
CA THR B 34 6.46 7.40 -17.59
C THR B 34 5.92 6.45 -16.52
N LEU B 35 6.03 5.16 -16.75
CA LEU B 35 5.53 4.18 -15.75
C LEU B 35 6.04 4.56 -14.36
N GLU B 36 7.29 4.95 -14.28
CA GLU B 36 7.85 5.35 -12.95
C GLU B 36 6.99 6.46 -12.35
N ASP B 37 6.69 7.46 -13.12
CA ASP B 37 5.85 8.58 -12.60
C ASP B 37 4.54 7.99 -12.05
N LEU B 38 3.98 7.04 -12.74
CA LEU B 38 2.70 6.43 -12.26
C LEU B 38 2.92 5.87 -10.85
N ALA B 39 3.98 5.14 -10.64
CA ALA B 39 4.24 4.58 -9.30
C ALA B 39 4.35 5.72 -8.28
N GLU B 40 4.84 6.85 -8.68
CA GLU B 40 4.96 8.00 -7.74
C GLU B 40 3.57 8.42 -7.27
N GLN B 41 2.59 8.32 -8.12
CA GLN B 41 1.21 8.72 -7.73
C GLN B 41 0.68 7.74 -6.68
N GLY B 42 -0.27 8.16 -5.87
CA GLY B 42 -0.82 7.25 -4.84
C GLY B 42 -2.31 7.02 -5.10
N ILE B 43 -2.85 5.92 -4.65
CA ILE B 43 -4.28 5.64 -4.88
C ILE B 43 -5.10 6.88 -4.53
N ASP B 44 -4.78 7.54 -3.44
CA ASP B 44 -5.54 8.75 -3.05
C ASP B 44 -5.46 9.79 -4.19
N ASP B 45 -4.30 9.96 -4.77
CA ASP B 45 -4.15 10.94 -5.87
C ASP B 45 -4.96 10.47 -7.08
N LEU B 46 -5.10 9.18 -7.24
CA LEU B 46 -5.88 8.66 -8.40
C LEU B 46 -7.37 8.78 -8.11
N ALA B 47 -7.74 8.79 -6.86
CA ALA B 47 -9.18 8.91 -6.51
C ALA B 47 -9.71 10.25 -7.02
N ASP B 48 -8.86 11.25 -7.10
CA ASP B 48 -9.33 12.57 -7.59
C ASP B 48 -10.01 12.42 -8.95
N ILE B 49 -9.57 11.47 -9.73
CA ILE B 49 -10.20 11.25 -11.07
C ILE B 49 -11.17 10.08 -10.99
N GLU B 50 -12.41 10.31 -11.33
CA GLU B 50 -13.41 9.21 -11.28
C GLU B 50 -12.99 8.09 -12.24
N GLY B 51 -12.26 8.42 -13.26
CA GLY B 51 -11.81 7.37 -14.22
C GLY B 51 -10.98 6.32 -13.49
N LEU B 52 -10.35 6.70 -12.40
CA LEU B 52 -9.53 5.72 -11.65
C LEU B 52 -10.21 5.39 -10.31
N THR B 53 -10.27 4.14 -9.96
CA THR B 53 -10.92 3.75 -8.67
C THR B 53 -9.84 3.42 -7.65
N ASP B 54 -10.19 3.42 -6.39
CA ASP B 54 -9.18 3.09 -5.34
C ASP B 54 -8.59 1.70 -5.60
N GLU B 55 -9.40 0.78 -6.05
CA GLU B 55 -8.89 -0.59 -6.33
C GLU B 55 -8.12 -0.59 -7.65
N LYS B 56 -8.66 0.02 -8.66
CA LYS B 56 -7.97 0.06 -9.98
C LYS B 56 -6.67 0.87 -9.84
N ALA B 57 -6.73 1.97 -9.14
CA ALA B 57 -5.51 2.80 -8.98
C ALA B 57 -4.45 2.02 -8.20
N GLY B 58 -4.86 1.32 -7.17
CA GLY B 58 -3.88 0.53 -6.37
C GLY B 58 -3.21 -0.51 -7.27
N ALA B 59 -3.97 -1.18 -8.09
CA ALA B 59 -3.38 -2.20 -8.98
C ALA B 59 -2.38 -1.55 -9.95
N LEU B 60 -2.67 -0.36 -10.39
CA LEU B 60 -1.74 0.33 -11.33
C LEU B 60 -0.43 0.67 -10.60
N ILE B 61 -0.52 1.09 -9.37
CA ILE B 61 0.72 1.44 -8.61
C ILE B 61 1.57 0.20 -8.41
N MET B 62 1.01 -0.83 -7.82
CA MET B 62 1.80 -2.08 -7.60
C MET B 62 2.42 -2.54 -8.92
N ALA B 63 1.68 -2.43 -9.99
CA ALA B 63 2.24 -2.88 -11.31
C ALA B 63 3.43 -1.99 -11.68
N ALA B 64 3.24 -0.70 -11.74
CA ALA B 64 4.36 0.21 -12.11
C ALA B 64 5.48 0.09 -11.06
N ARG B 65 5.13 0.08 -9.80
CA ARG B 65 6.18 -0.03 -8.75
C ARG B 65 6.95 -1.34 -8.92
N ASN B 66 6.26 -2.43 -9.13
CA ASN B 66 6.96 -3.74 -9.29
C ASN B 66 7.91 -3.65 -10.49
N ILE B 67 7.50 -3.03 -11.55
CA ILE B 67 8.38 -2.92 -12.75
C ILE B 67 9.62 -2.09 -12.40
N CYS B 68 9.45 -1.07 -11.60
CA CYS B 68 10.61 -0.21 -11.23
C CYS B 68 11.53 -0.99 -10.29
N TRP B 69 10.99 -1.56 -9.24
CA TRP B 69 11.84 -2.33 -8.30
C TRP B 69 12.35 -3.61 -8.96
N PHE B 70 11.50 -4.25 -9.73
CA PHE B 70 11.93 -5.51 -10.41
C PHE B 70 12.38 -5.18 -11.85
N GLY B 71 12.63 -3.94 -12.13
CA GLY B 71 13.06 -3.56 -13.51
C GLY B 71 14.36 -4.29 -13.86
N ASP B 72 15.20 -4.52 -12.89
CA ASP B 72 16.48 -5.23 -13.17
C ASP B 72 16.18 -6.61 -13.74
N GLU B 73 15.14 -7.25 -13.26
CA GLU B 73 14.80 -8.60 -13.78
C GLU B 73 14.47 -8.51 -15.27
N ALA B 74 13.91 -7.41 -15.69
CA ALA B 74 13.57 -7.25 -17.14
C ALA B 74 12.42 -8.21 -17.49
N PHE A 19 1.54 -12.32 25.49
CA PHE A 19 0.95 -11.68 24.27
C PHE A 19 1.28 -10.19 24.27
N ASP A 20 1.85 -9.71 23.20
CA ASP A 20 2.21 -8.25 23.13
C ASP A 20 0.92 -7.43 23.14
N PRO A 21 0.91 -6.35 23.94
CA PRO A 21 -0.26 -5.46 24.05
C PRO A 21 -0.53 -4.72 22.73
N ILE A 22 0.47 -4.54 21.93
CA ILE A 22 0.27 -3.83 20.62
C ILE A 22 -0.33 -4.80 19.61
N LEU A 23 -0.18 -6.07 19.83
CA LEU A 23 -0.75 -7.06 18.87
C LEU A 23 -2.27 -7.12 19.05
N LEU A 24 -2.73 -7.03 20.26
CA LEU A 24 -4.20 -7.08 20.51
C LEU A 24 -4.80 -5.69 20.28
N ARG A 25 -4.03 -4.66 20.49
CA ARG A 25 -4.56 -3.28 20.29
C ARG A 25 -4.94 -3.09 18.82
N PRO A 26 -6.02 -2.33 18.56
CA PRO A 26 -6.49 -2.07 17.20
C PRO A 26 -5.56 -1.12 16.45
N VAL A 27 -5.49 -1.26 15.15
CA VAL A 27 -4.58 -0.38 14.34
C VAL A 27 -4.89 1.09 14.65
N ASP A 28 -6.15 1.42 14.80
CA ASP A 28 -6.52 2.84 15.10
C ASP A 28 -5.82 3.29 16.38
N ASP A 29 -5.60 2.38 17.30
CA ASP A 29 -4.93 2.76 18.58
C ASP A 29 -3.44 2.99 18.33
N LEU A 30 -2.95 2.58 17.19
CA LEU A 30 -1.50 2.78 16.90
C LEU A 30 -1.13 4.25 17.15
N GLU A 31 0.06 4.49 17.64
CA GLU A 31 0.48 5.89 17.89
C GLU A 31 0.67 6.62 16.57
N LEU A 32 0.76 5.90 15.49
CA LEU A 32 0.94 6.55 14.16
C LEU A 32 -0.25 7.48 13.88
N THR A 33 -0.30 8.05 12.71
CA THR A 33 -1.43 8.97 12.37
C THR A 33 -2.59 8.15 11.82
N VAL A 34 -3.78 8.69 11.86
CA VAL A 34 -4.96 7.94 11.33
C VAL A 34 -4.71 7.56 9.88
N ARG A 35 -3.95 8.36 9.17
CA ARG A 35 -3.67 8.04 7.74
C ARG A 35 -3.06 6.64 7.65
N SER A 36 -2.10 6.35 8.48
CA SER A 36 -1.47 4.99 8.44
C SER A 36 -2.49 3.94 8.86
N ALA A 37 -3.22 4.19 9.90
CA ALA A 37 -4.24 3.20 10.36
C ALA A 37 -5.34 3.09 9.31
N ASN A 38 -5.72 4.18 8.72
CA ASN A 38 -6.80 4.13 7.68
C ASN A 38 -6.36 3.20 6.55
N CYS A 39 -5.08 3.13 6.27
CA CYS A 39 -4.61 2.25 5.18
C CYS A 39 -5.00 0.79 5.50
N LEU A 40 -4.46 0.26 6.56
CA LEU A 40 -4.79 -1.16 6.92
C LEU A 40 -6.30 -1.26 7.19
N LYS A 41 -6.84 -0.37 7.97
CA LYS A 41 -8.31 -0.42 8.26
C LYS A 41 -9.09 -0.42 6.94
N ALA A 42 -8.64 0.33 5.98
CA ALA A 42 -9.36 0.36 4.67
C ALA A 42 -9.48 -1.07 4.13
N GLU A 43 -8.61 -1.95 4.52
CA GLU A 43 -8.67 -3.35 4.03
C GLU A 43 -9.51 -4.19 5.00
N ALA A 44 -10.34 -3.56 5.78
CA ALA A 44 -11.17 -4.32 6.75
C ALA A 44 -10.30 -4.86 7.89
N ILE A 45 -9.29 -4.12 8.27
CA ILE A 45 -8.41 -4.59 9.37
C ILE A 45 -8.43 -3.58 10.51
N HIS A 46 -9.07 -3.91 11.61
CA HIS A 46 -9.12 -2.97 12.75
C HIS A 46 -8.24 -3.48 13.89
N TYR A 47 -7.66 -4.64 13.73
CA TYR A 47 -6.79 -5.19 14.80
C TYR A 47 -5.34 -5.26 14.29
N ILE A 48 -4.42 -4.77 15.06
CA ILE A 48 -2.99 -4.82 14.62
C ILE A 48 -2.57 -6.28 14.39
N GLY A 49 -3.15 -7.18 15.13
CA GLY A 49 -2.79 -8.62 14.95
C GLY A 49 -2.76 -8.96 13.46
N ASP A 50 -3.77 -8.57 12.73
CA ASP A 50 -3.78 -8.86 11.27
C ASP A 50 -2.49 -8.36 10.65
N LEU A 51 -1.96 -7.28 11.14
CA LEU A 51 -0.68 -6.74 10.59
C LEU A 51 0.39 -7.83 10.64
N VAL A 52 0.56 -8.45 11.77
CA VAL A 52 1.58 -9.52 11.89
C VAL A 52 1.17 -10.70 10.99
N GLN A 53 -0.11 -10.82 10.72
CA GLN A 53 -0.58 -11.93 9.86
C GLN A 53 -0.01 -11.75 8.44
N ARG A 54 0.11 -10.53 8.00
CA ARG A 54 0.67 -10.27 6.65
C ARG A 54 2.15 -9.91 6.77
N THR A 55 2.96 -10.38 5.86
CA THR A 55 4.41 -10.06 5.93
C THR A 55 4.63 -8.58 5.57
N GLU A 56 5.52 -7.92 6.27
CA GLU A 56 5.78 -6.49 5.95
C GLU A 56 6.01 -6.31 4.46
N VAL A 57 6.52 -7.33 3.81
CA VAL A 57 6.76 -7.22 2.34
C VAL A 57 5.48 -6.78 1.65
N GLU A 58 4.38 -7.45 1.92
CA GLU A 58 3.10 -7.06 1.28
C GLU A 58 2.84 -5.57 1.54
N LEU A 59 3.25 -5.08 2.67
CA LEU A 59 3.03 -3.64 2.98
C LEU A 59 3.83 -2.79 1.98
N LEU A 60 5.03 -3.19 1.69
CA LEU A 60 5.85 -2.39 0.72
C LEU A 60 5.23 -2.48 -0.66
N LYS A 61 4.58 -3.58 -0.97
CA LYS A 61 3.95 -3.72 -2.31
C LYS A 61 2.55 -3.09 -2.28
N THR A 62 2.06 -2.75 -1.12
CA THR A 62 0.70 -2.14 -1.03
C THR A 62 0.81 -0.65 -1.29
N PRO A 63 0.23 -0.18 -2.41
CA PRO A 63 0.24 1.24 -2.79
C PRO A 63 -0.65 2.08 -1.88
N ASN A 64 -1.56 1.45 -1.19
CA ASN A 64 -2.47 2.22 -0.28
C ASN A 64 -1.63 3.02 0.72
N LEU A 65 -0.45 2.54 1.03
CA LEU A 65 0.41 3.26 2.01
C LEU A 65 1.34 4.22 1.27
N GLY A 66 1.50 5.42 1.76
CA GLY A 66 2.39 6.40 1.07
C GLY A 66 3.79 6.31 1.67
N LYS A 67 4.70 7.09 1.18
CA LYS A 67 6.10 7.04 1.71
C LYS A 67 6.08 7.45 3.19
N LYS A 68 5.28 8.41 3.55
CA LYS A 68 5.23 8.84 4.97
C LYS A 68 4.65 7.72 5.83
N SER A 69 3.62 7.07 5.37
CA SER A 69 3.02 5.96 6.15
C SER A 69 4.06 4.87 6.38
N LEU A 70 4.73 4.45 5.34
CA LEU A 70 5.76 3.39 5.50
C LEU A 70 6.75 3.80 6.60
N THR A 71 7.19 5.04 6.58
CA THR A 71 8.15 5.50 7.61
C THR A 71 7.56 5.26 9.01
N GLU A 72 6.30 5.58 9.19
CA GLU A 72 5.66 5.36 10.52
C GLU A 72 5.72 3.87 10.88
N ILE A 73 5.43 3.01 9.92
CA ILE A 73 5.46 1.55 10.21
C ILE A 73 6.85 1.16 10.69
N LYS A 74 7.88 1.61 10.02
CA LYS A 74 9.26 1.27 10.45
C LYS A 74 9.49 1.76 11.87
N ASP A 75 8.99 2.93 12.19
CA ASP A 75 9.19 3.45 13.58
C ASP A 75 8.59 2.48 14.59
N VAL A 76 7.36 2.07 14.38
CA VAL A 76 6.73 1.12 15.34
C VAL A 76 7.44 -0.24 15.26
N LEU A 77 7.79 -0.66 14.08
CA LEU A 77 8.49 -1.97 13.95
C LEU A 77 9.74 -1.98 14.83
N ALA A 78 10.31 -0.83 15.07
CA ALA A 78 11.53 -0.77 15.93
C ALA A 78 11.21 -1.36 17.30
N SER A 79 10.00 -1.20 17.76
CA SER A 79 9.63 -1.75 19.09
C SER A 79 9.47 -3.27 18.98
N ARG A 80 9.39 -3.78 17.79
CA ARG A 80 9.22 -5.24 17.61
C ARG A 80 7.89 -5.68 18.22
N GLY A 81 7.05 -4.74 18.56
CA GLY A 81 5.74 -5.11 19.17
C GLY A 81 4.78 -5.57 18.06
N LEU A 82 4.93 -5.06 16.86
CA LEU A 82 4.03 -5.48 15.76
C LEU A 82 4.85 -5.65 14.47
N SER A 83 4.39 -6.48 13.57
CA SER A 83 5.13 -6.68 12.30
C SER A 83 6.40 -7.49 12.57
N LEU A 84 6.31 -8.52 13.36
CA LEU A 84 7.50 -9.34 13.67
C LEU A 84 7.67 -10.42 12.58
N GLY A 85 6.98 -10.28 11.49
CA GLY A 85 7.10 -11.28 10.40
C GLY A 85 6.43 -12.59 10.84
N MET A 86 5.34 -12.49 11.56
CA MET A 86 4.64 -13.72 12.02
C MET A 86 3.60 -14.13 10.99
N ARG A 87 3.07 -15.32 11.11
CA ARG A 87 2.04 -15.79 10.13
C ARG A 87 0.98 -16.61 10.87
N LEU A 88 -0.26 -16.25 10.73
CA LEU A 88 -1.34 -17.02 11.42
C LEU A 88 -2.54 -17.18 10.49
N GLU A 89 -3.05 -18.38 10.38
CA GLU A 89 -4.22 -18.60 9.48
C GLU A 89 -5.37 -17.69 9.91
N ASN A 90 -5.72 -17.73 11.17
CA ASN A 90 -6.83 -16.86 11.67
C ASN A 90 -6.37 -16.14 12.93
N TRP A 91 -5.13 -15.74 12.97
CA TRP A 91 -4.61 -15.02 14.17
C TRP A 91 -5.09 -15.72 15.44
N PRO A 92 -4.78 -17.02 15.59
CA PRO A 92 -5.17 -17.82 16.75
C PRO A 92 -4.03 -17.96 17.76
N PRO A 93 -3.67 -16.88 18.47
CA PRO A 93 -2.60 -16.91 19.47
C PRO A 93 -3.00 -17.72 20.71
N ALA A 94 -2.15 -18.59 21.16
CA ALA A 94 -2.48 -19.41 22.36
C ALA A 94 -2.61 -18.50 23.58
N SER A 95 -1.92 -17.39 23.58
CA SER A 95 -2.00 -16.46 24.74
C SER A 95 -3.44 -15.94 24.87
N ILE A 96 -4.04 -15.53 23.78
CA ILE A 96 -5.44 -15.02 23.85
C ILE A 96 -6.37 -16.14 24.33
N ALA A 97 -6.03 -17.36 24.04
CA ALA A 97 -6.90 -18.49 24.47
C ALA A 97 -6.86 -18.63 26.00
N ASP A 98 -7.94 -19.05 26.60
CA ASP A 98 -7.95 -19.20 28.08
C ASP A 98 -6.82 -20.13 28.52
N GLU A 99 -6.59 -21.18 27.77
CA GLU A 99 -5.50 -22.12 28.14
C GLU A 99 -4.82 -22.64 26.87
N GLY B 5 -2.80 20.91 -20.58
CA GLY B 5 -1.69 20.58 -21.53
C GLY B 5 -2.06 19.34 -22.33
N ASP B 6 -1.30 19.03 -23.34
CA ASP B 6 -1.59 17.83 -24.17
C ASP B 6 -1.77 16.60 -23.26
N ASN B 7 -0.96 16.50 -22.24
CA ASN B 7 -1.07 15.34 -21.32
C ASN B 7 -0.87 14.04 -22.11
N LYS B 8 0.19 13.96 -22.88
CA LYS B 8 0.44 12.73 -23.67
C LYS B 8 1.12 11.68 -22.80
N PRO B 9 0.56 10.47 -22.75
CA PRO B 9 1.09 9.36 -21.94
C PRO B 9 2.41 8.83 -22.53
N ALA B 10 3.38 8.58 -21.71
CA ALA B 10 4.68 8.06 -22.23
C ALA B 10 4.46 6.68 -22.84
N ASP B 11 5.35 6.26 -23.70
CA ASP B 11 5.19 4.91 -24.34
C ASP B 11 5.22 3.83 -23.26
N ASP B 12 5.95 4.05 -22.21
CA ASP B 12 6.04 3.02 -21.12
C ASP B 12 4.67 2.91 -20.43
N LEU B 13 4.05 4.02 -20.14
CA LEU B 13 2.73 3.98 -19.47
C LEU B 13 1.68 3.44 -20.45
N LEU B 14 1.77 3.83 -21.69
CA LEU B 14 0.77 3.34 -22.69
C LEU B 14 0.95 1.84 -22.89
N ASN B 15 2.17 1.36 -22.80
CA ASN B 15 2.41 -0.10 -22.99
C ASN B 15 2.35 -0.80 -21.62
N LEU B 16 1.89 -0.11 -20.61
CA LEU B 16 1.81 -0.73 -19.26
C LEU B 16 0.60 -1.66 -19.19
N GLU B 17 0.77 -2.85 -18.70
CA GLU B 17 -0.38 -3.80 -18.60
C GLU B 17 -1.35 -3.31 -17.53
N GLY B 18 -2.62 -3.53 -17.74
CA GLY B 18 -3.63 -3.08 -16.73
C GLY B 18 -4.04 -1.64 -17.03
N VAL B 19 -3.38 -1.00 -17.96
CA VAL B 19 -3.74 0.41 -18.30
C VAL B 19 -4.37 0.45 -19.70
N ASP B 20 -5.57 0.95 -19.81
CA ASP B 20 -6.22 1.02 -21.14
C ASP B 20 -5.71 2.24 -21.91
N ARG B 21 -5.83 2.23 -23.21
CA ARG B 21 -5.34 3.40 -24.01
C ARG B 21 -5.93 4.69 -23.44
N ASP B 22 -7.23 4.75 -23.33
CA ASP B 22 -7.87 5.97 -22.77
C ASP B 22 -7.48 6.12 -21.31
N LEU B 23 -7.36 5.02 -20.61
CA LEU B 23 -6.98 5.08 -19.17
C LEU B 23 -5.62 5.78 -19.04
N ALA B 24 -4.70 5.47 -19.91
CA ALA B 24 -3.36 6.12 -19.84
C ALA B 24 -3.54 7.63 -19.98
N PHE B 25 -4.29 8.05 -20.96
CA PHE B 25 -4.51 9.51 -21.15
C PHE B 25 -5.01 10.12 -19.84
N LYS B 26 -5.89 9.44 -19.17
CA LYS B 26 -6.41 9.97 -17.88
C LYS B 26 -5.25 10.15 -16.91
N LEU B 27 -4.31 9.24 -16.92
CA LEU B 27 -3.15 9.36 -15.99
C LEU B 27 -2.33 10.62 -16.36
N ALA B 28 -2.21 10.90 -17.62
CA ALA B 28 -1.43 12.10 -18.05
C ALA B 28 -2.14 13.36 -17.56
N ALA B 29 -3.45 13.36 -17.59
CA ALA B 29 -4.19 14.56 -17.13
C ALA B 29 -3.62 15.05 -15.80
N ARG B 30 -3.21 14.15 -14.96
CA ARG B 30 -2.64 14.56 -13.64
C ARG B 30 -1.13 14.72 -13.76
N GLY B 31 -0.64 14.94 -14.95
CA GLY B 31 0.83 15.10 -15.14
C GLY B 31 1.52 13.73 -15.17
N VAL B 32 0.89 12.71 -14.67
CA VAL B 32 1.53 11.36 -14.69
C VAL B 32 1.41 10.76 -16.09
N CYS B 33 2.51 10.63 -16.77
CA CYS B 33 2.46 10.05 -18.15
C CYS B 33 3.44 8.88 -18.26
N THR B 34 4.61 9.03 -17.69
CA THR B 34 5.61 7.92 -17.76
C THR B 34 5.24 6.83 -16.76
N LEU B 35 5.41 5.59 -17.14
CA LEU B 35 5.08 4.48 -16.21
C LEU B 35 5.68 4.79 -14.84
N GLU B 36 6.91 5.24 -14.81
CA GLU B 36 7.54 5.57 -13.51
C GLU B 36 6.70 6.62 -12.77
N ASP B 37 6.19 7.59 -13.49
CA ASP B 37 5.35 8.63 -12.84
C ASP B 37 4.15 7.97 -12.16
N LEU B 38 3.56 7.00 -12.80
CA LEU B 38 2.39 6.31 -12.19
C LEU B 38 2.84 5.58 -10.91
N ALA B 39 4.01 5.01 -10.93
CA ALA B 39 4.50 4.30 -9.72
C ALA B 39 4.64 5.29 -8.57
N GLU B 40 5.02 6.49 -8.86
CA GLU B 40 5.18 7.52 -7.78
C GLU B 40 3.80 7.96 -7.29
N GLN B 41 2.81 7.90 -8.14
CA GLN B 41 1.45 8.32 -7.73
C GLN B 41 0.90 7.33 -6.71
N GLY B 42 0.08 7.79 -5.79
CA GLY B 42 -0.50 6.86 -4.77
C GLY B 42 -1.95 6.57 -5.12
N ILE B 43 -2.47 5.45 -4.68
CA ILE B 43 -3.89 5.12 -5.00
C ILE B 43 -4.76 6.35 -4.74
N ASP B 44 -4.45 7.12 -3.75
CA ASP B 44 -5.26 8.34 -3.46
C ASP B 44 -5.14 9.31 -4.62
N ASP B 45 -3.97 9.44 -5.20
CA ASP B 45 -3.79 10.38 -6.34
C ASP B 45 -4.59 9.86 -7.55
N LEU B 46 -4.76 8.57 -7.64
CA LEU B 46 -5.52 8.01 -8.79
C LEU B 46 -7.02 8.16 -8.54
N ALA B 47 -7.41 8.26 -7.30
CA ALA B 47 -8.87 8.41 -6.99
C ALA B 47 -9.36 9.74 -7.55
N ASP B 48 -8.48 10.68 -7.76
CA ASP B 48 -8.89 12.00 -8.30
C ASP B 48 -9.70 11.79 -9.59
N ILE B 49 -9.38 10.77 -10.34
CA ILE B 49 -10.13 10.53 -11.60
C ILE B 49 -11.16 9.40 -11.38
N GLU B 50 -12.40 9.66 -11.66
CA GLU B 50 -13.44 8.62 -11.46
C GLU B 50 -13.04 7.36 -12.22
N GLY B 51 -12.57 7.50 -13.43
CA GLY B 51 -12.16 6.32 -14.23
C GLY B 51 -11.18 5.46 -13.41
N LEU B 52 -10.46 6.07 -12.52
CA LEU B 52 -9.49 5.29 -11.69
C LEU B 52 -10.13 4.93 -10.36
N THR B 53 -10.15 3.66 -10.02
CA THR B 53 -10.76 3.24 -8.73
C THR B 53 -9.66 2.93 -7.72
N ASP B 54 -10.01 2.85 -6.46
CA ASP B 54 -8.97 2.55 -5.42
C ASP B 54 -8.30 1.21 -5.74
N GLU B 55 -9.05 0.25 -6.20
CA GLU B 55 -8.46 -1.07 -6.53
C GLU B 55 -7.66 -0.97 -7.82
N LYS B 56 -8.23 -0.35 -8.83
CA LYS B 56 -7.51 -0.22 -10.12
C LYS B 56 -6.21 0.57 -9.91
N ALA B 57 -6.28 1.64 -9.17
CA ALA B 57 -5.06 2.46 -8.93
C ALA B 57 -4.04 1.62 -8.15
N GLY B 58 -4.48 0.88 -7.19
CA GLY B 58 -3.53 0.04 -6.40
C GLY B 58 -2.85 -0.97 -7.31
N ALA B 59 -3.61 -1.64 -8.14
CA ALA B 59 -3.01 -2.66 -9.05
C ALA B 59 -2.03 -1.96 -10.00
N LEU B 60 -2.31 -0.74 -10.38
CA LEU B 60 -1.40 -0.02 -11.30
C LEU B 60 -0.08 0.28 -10.59
N ILE B 61 -0.13 0.82 -9.41
CA ILE B 61 1.12 1.13 -8.66
C ILE B 61 1.95 -0.14 -8.49
N MET B 62 1.38 -1.15 -7.90
CA MET B 62 2.14 -2.42 -7.69
C MET B 62 2.72 -2.88 -9.03
N ALA B 63 2.00 -2.72 -10.10
CA ALA B 63 2.52 -3.16 -11.43
C ALA B 63 3.67 -2.25 -11.85
N ALA B 64 3.47 -0.96 -11.75
CA ALA B 64 4.56 -0.01 -12.14
C ALA B 64 5.76 -0.19 -11.21
N ARG B 65 5.53 -0.30 -9.93
CA ARG B 65 6.66 -0.47 -8.98
C ARG B 65 7.44 -1.73 -9.33
N ASN B 66 6.75 -2.82 -9.59
CA ASN B 66 7.46 -4.08 -9.94
C ASN B 66 8.30 -3.86 -11.20
N ILE B 67 7.77 -3.17 -12.16
CA ILE B 67 8.55 -2.92 -13.42
C ILE B 67 9.79 -2.09 -13.11
N CYS B 68 9.67 -1.16 -12.19
CA CYS B 68 10.85 -0.32 -11.85
C CYS B 68 11.83 -1.11 -10.97
N TRP B 69 11.33 -1.73 -9.95
CA TRP B 69 12.23 -2.54 -9.05
C TRP B 69 12.74 -3.77 -9.81
N PHE B 70 11.89 -4.40 -10.56
CA PHE B 70 12.33 -5.62 -11.32
C PHE B 70 12.71 -5.21 -12.75
N GLY B 71 12.68 -3.94 -13.05
CA GLY B 71 13.04 -3.50 -14.43
C GLY B 71 14.50 -3.84 -14.71
N ASP B 72 15.30 -3.93 -13.69
CA ASP B 72 16.75 -4.27 -13.90
C ASP B 72 16.85 -5.58 -14.68
N GLU B 73 15.98 -6.51 -14.41
CA GLU B 73 16.02 -7.81 -15.13
C GLU B 73 15.94 -7.56 -16.64
N ALA B 74 16.65 -8.34 -17.41
CA ALA B 74 16.60 -8.14 -18.89
C ALA B 74 15.56 -9.07 -19.50
N PHE A 19 0.43 -12.51 24.53
CA PHE A 19 0.88 -12.11 23.16
C PHE A 19 1.16 -10.61 23.13
N ASP A 20 1.95 -10.15 22.20
CA ASP A 20 2.26 -8.70 22.11
C ASP A 20 0.94 -7.92 22.06
N PRO A 21 0.68 -7.09 23.07
CA PRO A 21 -0.54 -6.27 23.14
C PRO A 21 -0.60 -5.24 22.02
N ILE A 22 0.53 -4.86 21.49
CA ILE A 22 0.53 -3.86 20.39
C ILE A 22 -0.08 -4.50 19.14
N LEU A 23 0.08 -5.79 18.98
CA LEU A 23 -0.51 -6.47 17.80
C LEU A 23 -2.02 -6.59 17.96
N LEU A 24 -2.46 -7.01 19.12
CA LEU A 24 -3.92 -7.15 19.35
C LEU A 24 -4.60 -5.78 19.21
N ARG A 25 -3.86 -4.73 19.44
CA ARG A 25 -4.46 -3.37 19.31
C ARG A 25 -4.99 -3.19 17.89
N PRO A 26 -6.16 -2.55 17.75
CA PRO A 26 -6.79 -2.32 16.44
C PRO A 26 -5.99 -1.33 15.59
N VAL A 27 -5.70 -1.68 14.37
CA VAL A 27 -4.93 -0.76 13.49
C VAL A 27 -5.49 0.66 13.64
N ASP A 28 -6.74 0.79 13.95
CA ASP A 28 -7.34 2.15 14.12
C ASP A 28 -6.69 2.84 15.31
N ASP A 29 -6.29 2.08 16.30
CA ASP A 29 -5.64 2.70 17.50
C ASP A 29 -4.26 3.23 17.12
N LEU A 30 -3.73 2.79 16.01
CA LEU A 30 -2.38 3.27 15.58
C LEU A 30 -2.30 4.79 15.79
N GLU A 31 -1.27 5.25 16.45
CA GLU A 31 -1.14 6.72 16.68
C GLU A 31 -1.16 7.45 15.34
N LEU A 32 -0.85 6.77 14.28
CA LEU A 32 -0.85 7.43 12.94
C LEU A 32 -2.26 7.94 12.62
N THR A 33 -2.41 8.67 11.55
CA THR A 33 -3.75 9.19 11.19
C THR A 33 -4.68 8.03 10.83
N VAL A 34 -5.96 8.29 10.72
CA VAL A 34 -6.91 7.19 10.38
C VAL A 34 -6.58 6.63 8.99
N ARG A 35 -5.88 7.39 8.18
CA ARG A 35 -5.52 6.89 6.83
C ARG A 35 -4.63 5.66 6.97
N SER A 36 -3.71 5.68 7.89
CA SER A 36 -2.81 4.50 8.08
C SER A 36 -3.65 3.27 8.41
N ALA A 37 -4.54 3.38 9.37
CA ALA A 37 -5.39 2.22 9.73
C ALA A 37 -6.34 1.90 8.58
N ASN A 38 -6.89 2.92 7.97
CA ASN A 38 -7.83 2.67 6.83
C ASN A 38 -7.11 1.84 5.75
N CYS A 39 -5.84 2.08 5.54
CA CYS A 39 -5.10 1.31 4.51
C CYS A 39 -5.26 -0.19 4.79
N LEU A 40 -4.74 -0.66 5.89
CA LEU A 40 -4.87 -2.10 6.21
C LEU A 40 -6.34 -2.46 6.41
N LYS A 41 -7.05 -1.65 7.14
CA LYS A 41 -8.50 -1.94 7.37
C LYS A 41 -9.20 -2.15 6.03
N ALA A 42 -8.83 -1.39 5.03
CA ALA A 42 -9.47 -1.55 3.70
C ALA A 42 -9.41 -3.01 3.27
N GLU A 43 -8.42 -3.73 3.73
CA GLU A 43 -8.30 -5.17 3.34
C GLU A 43 -9.04 -6.02 4.38
N ALA A 44 -9.96 -5.45 5.09
CA ALA A 44 -10.71 -6.24 6.11
C ALA A 44 -9.79 -6.58 7.28
N ILE A 45 -8.88 -5.70 7.60
CA ILE A 45 -7.95 -5.97 8.73
C ILE A 45 -8.11 -4.89 9.81
N HIS A 46 -8.70 -5.23 10.92
CA HIS A 46 -8.89 -4.21 11.99
C HIS A 46 -7.89 -4.48 13.13
N TYR A 47 -7.26 -5.61 13.11
CA TYR A 47 -6.28 -5.93 14.18
C TYR A 47 -4.85 -5.87 13.62
N ILE A 48 -3.95 -5.25 14.32
CA ILE A 48 -2.54 -5.17 13.84
C ILE A 48 -1.95 -6.57 13.73
N GLY A 49 -2.40 -7.48 14.56
CA GLY A 49 -1.85 -8.87 14.50
C GLY A 49 -1.80 -9.32 13.04
N ASP A 50 -2.82 -9.05 12.28
CA ASP A 50 -2.82 -9.46 10.85
C ASP A 50 -1.55 -8.92 10.19
N LEU A 51 -1.13 -7.73 10.57
CA LEU A 51 0.10 -7.15 9.97
C LEU A 51 1.26 -8.12 10.16
N VAL A 52 1.43 -8.63 11.35
CA VAL A 52 2.54 -9.59 11.60
C VAL A 52 2.24 -10.90 10.87
N GLN A 53 0.98 -11.19 10.64
CA GLN A 53 0.63 -12.44 9.94
C GLN A 53 1.19 -12.39 8.51
N ARG A 54 1.28 -11.21 7.96
CA ARG A 54 1.83 -11.09 6.58
C ARG A 54 3.16 -10.34 6.64
N THR A 55 4.05 -10.61 5.71
CA THR A 55 5.36 -9.91 5.72
C THR A 55 5.15 -8.41 5.50
N GLU A 56 5.90 -7.59 6.18
CA GLU A 56 5.74 -6.12 6.01
C GLU A 56 5.92 -5.76 4.53
N VAL A 57 6.75 -6.47 3.83
CA VAL A 57 6.97 -6.18 2.38
C VAL A 57 5.62 -6.14 1.67
N GLU A 58 4.82 -7.15 1.84
CA GLU A 58 3.49 -7.17 1.18
C GLU A 58 2.76 -5.86 1.48
N LEU A 59 2.98 -5.31 2.64
CA LEU A 59 2.30 -4.03 2.99
C LEU A 59 2.95 -2.88 2.22
N LEU A 60 4.26 -2.83 2.20
CA LEU A 60 4.94 -1.75 1.45
C LEU A 60 4.47 -1.75 0.00
N LYS A 61 3.92 -2.84 -0.44
CA LYS A 61 3.42 -2.92 -1.85
C LYS A 61 2.04 -2.28 -1.92
N THR A 62 1.28 -2.35 -0.86
CA THR A 62 -0.08 -1.74 -0.86
C THR A 62 0.03 -0.24 -1.15
N PRO A 63 -0.70 0.23 -2.18
CA PRO A 63 -0.69 1.64 -2.57
C PRO A 63 -1.41 2.52 -1.55
N ASN A 64 -2.25 1.93 -0.74
CA ASN A 64 -2.99 2.73 0.28
C ASN A 64 -2.00 3.33 1.28
N LEU A 65 -0.88 2.70 1.48
CA LEU A 65 0.12 3.24 2.44
C LEU A 65 0.68 4.56 1.91
N GLY A 66 0.97 5.49 2.79
CA GLY A 66 1.52 6.79 2.33
C GLY A 66 3.03 6.81 2.56
N LYS A 67 3.77 7.48 1.71
CA LYS A 67 5.24 7.54 1.87
C LYS A 67 5.57 8.04 3.28
N LYS A 68 4.85 9.01 3.77
CA LYS A 68 5.12 9.53 5.14
C LYS A 68 4.58 8.55 6.18
N SER A 69 3.53 7.83 5.85
CA SER A 69 2.96 6.86 6.82
C SER A 69 3.98 5.76 7.09
N LEU A 70 4.60 5.24 6.07
CA LEU A 70 5.61 4.17 6.28
C LEU A 70 6.64 4.62 7.31
N THR A 71 7.12 5.83 7.18
CA THR A 71 8.12 6.34 8.16
C THR A 71 7.61 6.14 9.58
N GLU A 72 6.44 6.63 9.88
CA GLU A 72 5.89 6.45 11.25
C GLU A 72 5.88 4.97 11.61
N ILE A 73 5.42 4.13 10.72
CA ILE A 73 5.39 2.67 11.01
C ILE A 73 6.81 2.19 11.32
N LYS A 74 7.78 2.66 10.58
CA LYS A 74 9.19 2.23 10.83
C LYS A 74 9.56 2.58 12.28
N ASP A 75 9.14 3.72 12.75
CA ASP A 75 9.46 4.12 14.14
C ASP A 75 8.81 3.12 15.10
N VAL A 76 7.57 2.80 14.90
CA VAL A 76 6.88 1.84 15.80
C VAL A 76 7.41 0.42 15.52
N LEU A 77 7.71 0.13 14.29
CA LEU A 77 8.23 -1.22 13.95
C LEU A 77 9.55 -1.45 14.67
N ALA A 78 10.27 -0.40 14.98
CA ALA A 78 11.57 -0.57 15.68
C ALA A 78 11.35 -1.29 17.00
N SER A 79 10.25 -1.05 17.65
CA SER A 79 9.96 -1.72 18.94
C SER A 79 9.89 -3.24 18.72
N ARG A 80 9.78 -3.66 17.49
CA ARG A 80 9.69 -5.12 17.21
C ARG A 80 8.32 -5.65 17.64
N GLY A 81 7.46 -4.79 18.12
CA GLY A 81 6.12 -5.25 18.55
C GLY A 81 5.28 -5.60 17.31
N LEU A 82 5.64 -5.06 16.18
CA LEU A 82 4.87 -5.36 14.94
C LEU A 82 5.84 -5.71 13.81
N SER A 83 5.37 -6.44 12.82
CA SER A 83 6.25 -6.83 11.68
C SER A 83 7.04 -8.11 12.04
N LEU A 84 8.27 -8.18 11.64
CA LEU A 84 9.10 -9.39 11.95
C LEU A 84 8.55 -10.59 11.18
N GLY A 85 7.71 -10.35 10.21
CA GLY A 85 7.13 -11.47 9.41
C GLY A 85 6.77 -12.63 10.34
N MET A 86 6.12 -12.34 11.45
CA MET A 86 5.73 -13.42 12.38
C MET A 86 4.77 -14.38 11.68
N ARG A 87 4.50 -15.51 12.27
CA ARG A 87 3.57 -16.48 11.64
C ARG A 87 2.62 -17.05 12.69
N LEU A 88 1.35 -17.05 12.40
CA LEU A 88 0.35 -17.58 13.37
C LEU A 88 -0.66 -18.46 12.64
N GLU A 89 -0.87 -19.66 13.09
CA GLU A 89 -1.85 -20.55 12.42
C GLU A 89 -3.12 -19.76 12.09
N ASN A 90 -3.61 -19.01 13.04
CA ASN A 90 -4.84 -18.19 12.80
C ASN A 90 -4.59 -16.76 13.26
N TRP A 91 -4.23 -16.59 14.51
CA TRP A 91 -3.97 -15.21 15.03
C TRP A 91 -3.95 -15.24 16.56
N PRO A 92 -5.06 -15.64 17.20
CA PRO A 92 -5.16 -15.71 18.65
C PRO A 92 -4.27 -16.81 19.24
N PRO A 93 -3.18 -16.40 19.90
CA PRO A 93 -2.24 -17.35 20.53
C PRO A 93 -2.82 -17.97 21.80
N ALA A 94 -2.24 -19.04 22.26
CA ALA A 94 -2.76 -19.69 23.51
C ALA A 94 -2.75 -18.68 24.66
N SER A 95 -2.03 -17.60 24.51
CA SER A 95 -1.97 -16.59 25.61
C SER A 95 -3.35 -15.95 25.79
N ILE A 96 -3.98 -15.57 24.71
CA ILE A 96 -5.33 -14.95 24.82
C ILE A 96 -6.28 -15.90 25.55
N ALA A 97 -6.16 -17.18 25.31
CA ALA A 97 -7.05 -18.15 25.99
C ALA A 97 -6.80 -18.11 27.50
N ASP A 98 -5.57 -17.89 27.90
CA ASP A 98 -5.26 -17.85 29.35
C ASP A 98 -6.14 -16.79 30.03
N GLU A 99 -6.38 -15.69 29.36
CA GLU A 99 -7.22 -14.63 29.97
C GLU A 99 -6.77 -14.37 31.41
N GLY B 5 1.52 15.57 -26.71
CA GLY B 5 3.00 15.37 -26.71
C GLY B 5 3.49 15.16 -25.28
N ASP B 6 3.65 16.23 -24.53
CA ASP B 6 4.12 16.08 -23.13
C ASP B 6 3.10 15.26 -22.32
N ASN B 7 1.85 15.37 -22.65
CA ASN B 7 0.82 14.60 -21.91
C ASN B 7 0.62 13.24 -22.58
N LYS B 8 1.56 12.82 -23.38
CA LYS B 8 1.44 11.50 -24.07
C LYS B 8 1.89 10.39 -23.11
N PRO B 9 1.13 9.28 -23.07
CA PRO B 9 1.46 8.14 -22.21
C PRO B 9 2.70 7.40 -22.70
N ALA B 10 3.61 7.12 -21.81
CA ALA B 10 4.85 6.39 -22.22
C ALA B 10 4.49 4.96 -22.65
N ASP B 11 5.20 4.42 -23.58
CA ASP B 11 4.90 3.03 -24.04
C ASP B 11 4.75 2.11 -22.83
N ASP B 12 5.51 2.35 -21.80
CA ASP B 12 5.42 1.49 -20.58
C ASP B 12 4.05 1.66 -19.92
N LEU B 13 3.61 2.89 -19.76
CA LEU B 13 2.28 3.13 -19.12
C LEU B 13 1.17 2.67 -20.07
N LEU B 14 1.35 2.90 -21.35
CA LEU B 14 0.30 2.48 -22.32
C LEU B 14 0.32 0.96 -22.48
N ASN B 15 1.46 0.36 -22.31
CA ASN B 15 1.56 -1.12 -22.45
C ASN B 15 1.34 -1.78 -21.08
N LEU B 16 0.96 -1.02 -20.10
CA LEU B 16 0.73 -1.59 -18.74
C LEU B 16 -0.56 -2.42 -18.75
N GLU B 17 -0.54 -3.56 -18.11
CA GLU B 17 -1.76 -4.41 -18.09
C GLU B 17 -2.73 -3.88 -17.02
N GLY B 18 -4.00 -3.84 -17.33
CA GLY B 18 -4.99 -3.34 -16.33
C GLY B 18 -5.23 -1.85 -16.55
N VAL B 19 -4.65 -1.29 -17.59
CA VAL B 19 -4.84 0.16 -17.86
C VAL B 19 -5.43 0.34 -19.26
N ASP B 20 -6.44 1.15 -19.39
CA ASP B 20 -7.06 1.37 -20.74
C ASP B 20 -6.31 2.50 -21.45
N ARG B 21 -6.27 2.45 -22.76
CA ARG B 21 -5.57 3.52 -23.51
C ARG B 21 -6.04 4.88 -23.02
N ASP B 22 -7.32 5.05 -22.87
CA ASP B 22 -7.85 6.37 -22.38
C ASP B 22 -7.35 6.62 -20.96
N LEU B 23 -7.45 5.63 -20.12
CA LEU B 23 -6.98 5.80 -18.71
C LEU B 23 -5.54 6.29 -18.72
N ALA B 24 -4.72 5.73 -19.56
CA ALA B 24 -3.29 6.16 -19.63
C ALA B 24 -3.24 7.65 -20.00
N PHE B 25 -4.07 8.07 -20.92
CA PHE B 25 -4.07 9.51 -21.31
C PHE B 25 -4.33 10.37 -20.07
N LYS B 26 -5.27 9.97 -19.26
CA LYS B 26 -5.58 10.78 -18.04
C LYS B 26 -4.33 10.81 -17.14
N LEU B 27 -3.63 9.72 -17.03
CA LEU B 27 -2.41 9.69 -16.18
C LEU B 27 -1.41 10.72 -16.70
N ALA B 28 -1.18 10.73 -17.99
CA ALA B 28 -0.21 11.70 -18.57
C ALA B 28 -0.69 13.13 -18.28
N ALA B 29 -1.97 13.33 -18.29
CA ALA B 29 -2.50 14.71 -18.03
C ALA B 29 -1.83 15.29 -16.78
N ARG B 30 -1.54 14.46 -15.81
CA ARG B 30 -0.88 14.97 -14.58
C ARG B 30 0.64 14.87 -14.74
N GLY B 31 1.13 14.84 -15.95
CA GLY B 31 2.59 14.75 -16.17
C GLY B 31 3.07 13.31 -16.00
N VAL B 32 2.30 12.47 -15.35
CA VAL B 32 2.72 11.06 -15.16
C VAL B 32 2.48 10.27 -16.46
N CYS B 33 3.53 9.92 -17.15
CA CYS B 33 3.35 9.17 -18.42
C CYS B 33 4.06 7.82 -18.32
N THR B 34 5.25 7.80 -17.77
CA THR B 34 5.99 6.51 -17.65
C THR B 34 5.37 5.68 -16.53
N LEU B 35 5.28 4.39 -16.72
CA LEU B 35 4.69 3.51 -15.66
C LEU B 35 5.37 3.83 -14.33
N GLU B 36 6.66 4.01 -14.34
CA GLU B 36 7.38 4.33 -13.08
C GLU B 36 6.77 5.60 -12.47
N ASP B 37 6.57 6.61 -13.26
CA ASP B 37 5.98 7.87 -12.74
C ASP B 37 4.61 7.55 -12.11
N LEU B 38 3.86 6.67 -12.71
CA LEU B 38 2.53 6.32 -12.16
C LEU B 38 2.72 5.69 -10.77
N ALA B 39 3.68 4.83 -10.63
CA ALA B 39 3.92 4.18 -9.30
C ALA B 39 4.24 5.26 -8.27
N GLU B 40 4.94 6.29 -8.67
CA GLU B 40 5.28 7.37 -7.70
C GLU B 40 4.00 8.05 -7.23
N GLN B 41 2.99 8.08 -8.05
CA GLN B 41 1.71 8.73 -7.63
C GLN B 41 1.06 7.91 -6.52
N GLY B 42 0.23 8.53 -5.72
CA GLY B 42 -0.43 7.78 -4.62
C GLY B 42 -1.91 7.57 -4.96
N ILE B 43 -2.56 6.65 -4.32
CA ILE B 43 -4.00 6.42 -4.61
C ILE B 43 -4.77 7.74 -4.48
N ASP B 44 -4.38 8.57 -3.57
CA ASP B 44 -5.09 9.87 -3.40
C ASP B 44 -4.77 10.78 -4.60
N ASP B 45 -3.59 10.67 -5.14
CA ASP B 45 -3.23 11.52 -6.30
C ASP B 45 -3.98 11.02 -7.54
N LEU B 46 -4.23 9.74 -7.61
CA LEU B 46 -4.95 9.20 -8.79
C LEU B 46 -6.45 9.52 -8.67
N ALA B 47 -6.96 9.53 -7.47
CA ALA B 47 -8.41 9.83 -7.28
C ALA B 47 -8.72 11.23 -7.81
N ASP B 48 -7.70 12.05 -7.97
CA ASP B 48 -7.94 13.43 -8.49
C ASP B 48 -8.51 13.35 -9.91
N ILE B 49 -8.02 12.43 -10.69
CA ILE B 49 -8.54 12.31 -12.09
C ILE B 49 -9.83 11.49 -12.08
N GLU B 50 -10.87 11.98 -12.71
CA GLU B 50 -12.15 11.23 -12.74
C GLU B 50 -11.95 9.89 -13.44
N GLY B 51 -12.74 8.90 -13.11
CA GLY B 51 -12.59 7.57 -13.76
C GLY B 51 -11.64 6.71 -12.93
N LEU B 52 -10.65 7.30 -12.31
CA LEU B 52 -9.69 6.51 -11.50
C LEU B 52 -10.25 6.33 -10.09
N THR B 53 -10.33 5.12 -9.62
CA THR B 53 -10.86 4.87 -8.25
C THR B 53 -9.71 4.57 -7.30
N ASP B 54 -9.93 4.69 -6.02
CA ASP B 54 -8.84 4.41 -5.05
C ASP B 54 -8.36 2.97 -5.21
N GLU B 55 -9.26 2.06 -5.51
CA GLU B 55 -8.86 0.64 -5.69
C GLU B 55 -8.16 0.48 -7.04
N LYS B 56 -8.73 1.03 -8.09
CA LYS B 56 -8.11 0.90 -9.43
C LYS B 56 -6.76 1.63 -9.44
N ALA B 57 -6.74 2.84 -8.94
CA ALA B 57 -5.45 3.61 -8.91
C ALA B 57 -4.41 2.81 -8.13
N GLY B 58 -4.78 2.26 -7.01
CA GLY B 58 -3.81 1.48 -6.19
C GLY B 58 -3.28 0.31 -7.04
N ALA B 59 -4.16 -0.42 -7.67
CA ALA B 59 -3.71 -1.57 -8.51
C ALA B 59 -2.64 -1.10 -9.49
N LEU B 60 -2.87 -0.01 -10.16
CA LEU B 60 -1.87 0.50 -11.13
C LEU B 60 -0.56 0.83 -10.40
N ILE B 61 -0.67 1.34 -9.19
CA ILE B 61 0.56 1.69 -8.43
C ILE B 61 1.38 0.42 -8.17
N MET B 62 0.77 -0.58 -7.61
CA MET B 62 1.51 -1.85 -7.32
C MET B 62 2.15 -2.35 -8.62
N ALA B 63 1.41 -2.42 -9.68
CA ALA B 63 1.99 -2.91 -10.97
C ALA B 63 3.26 -2.12 -11.28
N ALA B 64 3.16 -0.82 -11.35
CA ALA B 64 4.36 0.00 -11.67
C ALA B 64 5.43 -0.22 -10.60
N ARG B 65 5.07 -0.14 -9.34
CA ARG B 65 6.06 -0.34 -8.26
C ARG B 65 6.66 -1.75 -8.38
N ASN B 66 5.84 -2.72 -8.65
CA ASN B 66 6.36 -4.12 -8.78
C ASN B 66 7.42 -4.17 -9.87
N ILE B 67 7.18 -3.51 -10.98
CA ILE B 67 8.18 -3.52 -12.08
C ILE B 67 9.47 -2.83 -11.61
N CYS B 68 9.34 -1.78 -10.85
CA CYS B 68 10.55 -1.06 -10.37
C CYS B 68 11.20 -1.87 -9.24
N TRP B 69 10.44 -2.23 -8.24
CA TRP B 69 11.00 -3.01 -7.11
C TRP B 69 11.50 -4.36 -7.62
N PHE B 70 10.91 -4.87 -8.68
CA PHE B 70 11.35 -6.17 -9.23
C PHE B 70 12.71 -6.01 -9.91
N GLY B 71 12.95 -4.89 -10.52
CA GLY B 71 14.26 -4.66 -11.21
C GLY B 71 15.39 -4.93 -10.22
N ASP B 72 15.20 -4.61 -8.98
CA ASP B 72 16.28 -4.83 -7.97
C ASP B 72 16.68 -6.31 -7.98
N GLU B 73 15.73 -7.20 -8.11
CA GLU B 73 16.07 -8.65 -8.13
C GLU B 73 16.97 -8.95 -9.33
N ALA B 74 16.80 -8.24 -10.40
CA ALA B 74 17.65 -8.48 -11.60
C ALA B 74 17.69 -9.99 -11.91
N PHE A 19 0.76 -12.95 24.02
CA PHE A 19 -0.05 -12.14 23.07
C PHE A 19 0.35 -10.67 23.18
N ASP A 20 1.17 -10.20 22.29
CA ASP A 20 1.60 -8.77 22.35
C ASP A 20 0.35 -7.87 22.37
N PRO A 21 0.27 -6.98 23.36
CA PRO A 21 -0.85 -6.06 23.51
C PRO A 21 -0.93 -5.06 22.34
N ILE A 22 0.19 -4.77 21.74
CA ILE A 22 0.18 -3.83 20.59
C ILE A 22 -0.52 -4.49 19.40
N LEU A 23 -0.46 -5.79 19.32
CA LEU A 23 -1.12 -6.50 18.19
C LEU A 23 -2.64 -6.51 18.42
N LEU A 24 -3.07 -6.78 19.63
CA LEU A 24 -4.54 -6.80 19.91
C LEU A 24 -5.11 -5.40 19.70
N ARG A 25 -4.35 -4.38 19.96
CA ARG A 25 -4.87 -2.99 19.76
C ARG A 25 -5.36 -2.84 18.33
N PRO A 26 -6.53 -2.22 18.14
CA PRO A 26 -7.12 -2.02 16.81
C PRO A 26 -6.31 -1.01 15.99
N VAL A 27 -5.97 -1.37 14.77
CA VAL A 27 -5.19 -0.44 13.91
C VAL A 27 -5.78 0.98 14.02
N ASP A 28 -7.04 1.08 14.35
CA ASP A 28 -7.67 2.43 14.47
C ASP A 28 -7.06 3.15 15.67
N ASP A 29 -6.66 2.42 16.67
CA ASP A 29 -6.06 3.07 17.88
C ASP A 29 -4.63 3.52 17.56
N LEU A 30 -4.11 3.10 16.43
CA LEU A 30 -2.72 3.52 16.06
C LEU A 30 -2.52 4.99 16.37
N GLU A 31 -1.50 5.33 17.11
CA GLU A 31 -1.26 6.75 17.44
C GLU A 31 -0.99 7.55 16.16
N LEU A 32 -0.47 6.90 15.15
CA LEU A 32 -0.19 7.61 13.88
C LEU A 32 -1.46 8.30 13.39
N THR A 33 -1.46 8.81 12.19
CA THR A 33 -2.68 9.50 11.66
C THR A 33 -3.67 8.45 11.17
N VAL A 34 -4.92 8.82 11.05
CA VAL A 34 -5.94 7.84 10.57
C VAL A 34 -5.47 7.24 9.23
N ARG A 35 -4.75 7.99 8.46
CA ARG A 35 -4.26 7.45 7.15
C ARG A 35 -3.56 6.11 7.37
N SER A 36 -2.71 6.03 8.36
CA SER A 36 -2.00 4.75 8.63
C SER A 36 -3.01 3.65 8.94
N ALA A 37 -3.93 3.92 9.82
CA ALA A 37 -4.95 2.89 10.18
C ALA A 37 -5.84 2.61 8.97
N ASN A 38 -6.16 3.63 8.21
CA ASN A 38 -7.02 3.42 7.01
C ASN A 38 -6.33 2.45 6.06
N CYS A 39 -5.03 2.48 5.98
CA CYS A 39 -4.31 1.55 5.06
C CYS A 39 -4.64 0.11 5.43
N LEU A 40 -4.27 -0.31 6.60
CA LEU A 40 -4.57 -1.71 7.02
C LEU A 40 -6.09 -1.93 7.05
N LYS A 41 -6.82 -1.00 7.61
CA LYS A 41 -8.30 -1.15 7.66
C LYS A 41 -8.83 -1.43 6.25
N ALA A 42 -8.31 -0.76 5.27
CA ALA A 42 -8.79 -0.98 3.87
C ALA A 42 -8.54 -2.44 3.48
N GLU A 43 -7.58 -3.08 4.10
CA GLU A 43 -7.29 -4.50 3.75
C GLU A 43 -8.16 -5.41 4.62
N ALA A 44 -9.20 -4.88 5.21
CA ALA A 44 -10.08 -5.73 6.06
C ALA A 44 -9.34 -6.09 7.35
N ILE A 45 -8.50 -5.22 7.83
CA ILE A 45 -7.75 -5.51 9.09
C ILE A 45 -8.29 -4.65 10.22
N HIS A 46 -8.65 -5.26 11.32
CA HIS A 46 -9.19 -4.47 12.46
C HIS A 46 -8.20 -4.52 13.63
N TYR A 47 -7.53 -5.62 13.81
CA TYR A 47 -6.56 -5.74 14.93
C TYR A 47 -5.13 -5.77 14.36
N ILE A 48 -4.27 -4.93 14.87
CA ILE A 48 -2.87 -4.92 14.36
C ILE A 48 -2.35 -6.35 14.27
N GLY A 49 -2.82 -7.23 15.12
CA GLY A 49 -2.34 -8.64 15.08
C GLY A 49 -2.33 -9.12 13.62
N ASP A 50 -3.38 -8.88 12.90
CA ASP A 50 -3.42 -9.32 11.47
C ASP A 50 -2.17 -8.78 10.76
N LEU A 51 -1.70 -7.64 11.19
CA LEU A 51 -0.49 -7.05 10.55
C LEU A 51 0.68 -8.03 10.69
N VAL A 52 0.93 -8.51 11.88
CA VAL A 52 2.05 -9.46 12.07
C VAL A 52 1.74 -10.76 11.31
N GLN A 53 0.49 -11.08 11.16
CA GLN A 53 0.12 -12.31 10.42
C GLN A 53 0.62 -12.20 8.99
N ARG A 54 0.60 -11.01 8.44
CA ARG A 54 1.09 -10.82 7.04
C ARG A 54 2.52 -10.28 7.07
N THR A 55 3.34 -10.71 6.14
CA THR A 55 4.75 -10.22 6.13
C THR A 55 4.78 -8.74 5.73
N GLU A 56 5.67 -7.98 6.32
CA GLU A 56 5.75 -6.53 5.97
C GLU A 56 5.90 -6.37 4.46
N VAL A 57 6.48 -7.34 3.81
CA VAL A 57 6.66 -7.25 2.34
C VAL A 57 5.31 -6.95 1.69
N GLU A 58 4.30 -7.70 2.02
CA GLU A 58 2.96 -7.46 1.42
C GLU A 58 2.59 -5.98 1.60
N LEU A 59 3.01 -5.38 2.68
CA LEU A 59 2.68 -3.95 2.92
C LEU A 59 3.47 -3.08 1.94
N LEU A 60 4.64 -3.52 1.56
CA LEU A 60 5.46 -2.73 0.61
C LEU A 60 4.82 -2.79 -0.79
N LYS A 61 4.18 -3.89 -1.10
CA LYS A 61 3.54 -4.01 -2.44
C LYS A 61 2.18 -3.30 -2.41
N THR A 62 1.70 -3.00 -1.24
CA THR A 62 0.37 -2.32 -1.13
C THR A 62 0.56 -0.82 -1.36
N PRO A 63 -0.04 -0.30 -2.45
CA PRO A 63 0.06 1.13 -2.79
C PRO A 63 -0.73 2.00 -1.81
N ASN A 64 -1.62 1.42 -1.06
CA ASN A 64 -2.43 2.21 -0.10
C ASN A 64 -1.51 3.14 0.70
N LEU A 65 -0.30 2.70 0.96
CA LEU A 65 0.65 3.56 1.72
C LEU A 65 1.72 4.10 0.78
N GLY A 66 2.06 5.36 0.90
CA GLY A 66 3.10 5.94 0.01
C GLY A 66 4.49 5.59 0.55
N LYS A 67 5.52 5.88 -0.20
CA LYS A 67 6.90 5.56 0.26
C LYS A 67 7.16 6.25 1.60
N LYS A 68 6.73 7.48 1.75
CA LYS A 68 6.95 8.21 3.03
C LYS A 68 6.19 7.49 4.15
N SER A 69 5.03 6.96 3.85
CA SER A 69 4.25 6.25 4.89
C SER A 69 5.08 5.10 5.46
N LEU A 70 5.85 4.44 4.64
CA LEU A 70 6.69 3.32 5.13
C LEU A 70 7.55 3.81 6.29
N THR A 71 7.97 5.05 6.26
CA THR A 71 8.81 5.58 7.36
C THR A 71 8.02 5.52 8.67
N GLU A 72 6.87 6.14 8.72
CA GLU A 72 6.06 6.09 9.97
C GLU A 72 5.86 4.64 10.39
N ILE A 73 5.51 3.79 9.46
CA ILE A 73 5.31 2.36 9.81
C ILE A 73 6.61 1.81 10.41
N LYS A 74 7.71 2.02 9.75
CA LYS A 74 9.01 1.54 10.30
C LYS A 74 9.20 2.12 11.70
N ASP A 75 8.82 3.35 11.89
CA ASP A 75 8.96 3.96 13.24
C ASP A 75 8.28 3.08 14.26
N VAL A 76 7.09 2.62 13.96
CA VAL A 76 6.37 1.73 14.91
C VAL A 76 7.13 0.40 15.00
N LEU A 77 7.59 -0.09 13.90
CA LEU A 77 8.35 -1.38 13.91
C LEU A 77 9.50 -1.30 14.91
N ALA A 78 9.97 -0.11 15.20
CA ALA A 78 11.09 0.02 16.17
C ALA A 78 10.67 -0.60 17.50
N SER A 79 9.40 -0.60 17.79
CA SER A 79 8.92 -1.20 19.06
C SER A 79 9.05 -2.71 18.98
N ARG A 80 9.35 -3.24 17.82
CA ARG A 80 9.48 -4.71 17.67
C ARG A 80 8.22 -5.39 18.21
N GLY A 81 7.14 -4.65 18.32
CA GLY A 81 5.88 -5.25 18.84
C GLY A 81 4.88 -5.42 17.70
N LEU A 82 5.24 -5.03 16.51
CA LEU A 82 4.29 -5.17 15.36
C LEU A 82 5.07 -5.46 14.08
N SER A 83 4.51 -6.23 13.19
CA SER A 83 5.22 -6.55 11.93
C SER A 83 6.57 -7.21 12.25
N LEU A 84 6.58 -8.16 13.14
CA LEU A 84 7.85 -8.84 13.49
C LEU A 84 8.07 -10.04 12.58
N GLY A 85 7.46 -10.04 11.43
CA GLY A 85 7.62 -11.18 10.49
C GLY A 85 7.10 -12.46 11.17
N MET A 86 6.02 -12.35 11.89
CA MET A 86 5.46 -13.55 12.58
C MET A 86 4.40 -14.20 11.70
N ARG A 87 3.93 -15.36 12.06
CA ARG A 87 2.90 -16.04 11.24
C ARG A 87 1.82 -16.61 12.16
N LEU A 88 0.60 -16.14 12.02
CA LEU A 88 -0.50 -16.67 12.88
C LEU A 88 -1.50 -17.44 12.01
N GLU A 89 -1.98 -18.54 12.51
CA GLU A 89 -2.96 -19.33 11.71
C GLU A 89 -4.27 -18.53 11.57
N ASN A 90 -4.63 -17.79 12.57
CA ASN A 90 -5.87 -16.99 12.50
C ASN A 90 -5.64 -15.62 13.16
N TRP A 91 -5.05 -15.62 14.33
CA TRP A 91 -4.78 -14.34 15.02
C TRP A 91 -4.46 -14.62 16.50
N PRO A 92 -5.42 -15.17 17.25
CA PRO A 92 -5.23 -15.49 18.67
C PRO A 92 -4.22 -16.61 18.87
N PRO A 93 -3.01 -16.27 19.36
CA PRO A 93 -1.95 -17.24 19.61
C PRO A 93 -2.28 -18.16 20.79
N ALA A 94 -1.56 -19.25 20.93
CA ALA A 94 -1.84 -20.18 22.05
C ALA A 94 -1.59 -19.47 23.38
N SER A 95 -0.91 -18.36 23.36
CA SER A 95 -0.62 -17.62 24.61
C SER A 95 -1.81 -16.70 24.94
N ILE A 96 -2.54 -16.28 23.93
CA ILE A 96 -3.70 -15.39 24.18
C ILE A 96 -4.67 -16.06 25.16
N ALA A 97 -4.62 -17.36 25.25
CA ALA A 97 -5.53 -18.08 26.18
C ALA A 97 -5.14 -17.76 27.62
N ASP A 98 -6.10 -17.57 28.49
CA ASP A 98 -5.78 -17.27 29.90
C ASP A 98 -4.95 -18.40 30.50
N GLU A 99 -5.26 -19.62 30.15
CA GLU A 99 -4.49 -20.78 30.70
C GLU A 99 -3.23 -20.99 29.86
N GLY B 5 0.04 16.82 -25.66
CA GLY B 5 1.30 16.12 -26.05
C GLY B 5 2.23 16.05 -24.83
N ASP B 6 2.40 17.13 -24.13
CA ASP B 6 3.29 17.12 -22.94
C ASP B 6 2.82 16.04 -21.96
N ASN B 7 1.53 15.91 -21.79
CA ASN B 7 1.02 14.88 -20.85
C ASN B 7 0.94 13.52 -21.56
N LYS B 8 1.47 13.43 -22.75
CA LYS B 8 1.43 12.14 -23.49
C LYS B 8 2.02 11.04 -22.62
N PRO B 9 1.32 9.90 -22.51
CA PRO B 9 1.78 8.76 -21.70
C PRO B 9 2.99 8.07 -22.34
N ALA B 10 3.89 7.58 -21.53
CA ALA B 10 5.09 6.89 -22.08
C ALA B 10 4.73 5.47 -22.49
N ASP B 11 5.53 4.86 -23.32
CA ASP B 11 5.22 3.46 -23.76
C ASP B 11 5.00 2.59 -22.52
N ASP B 12 5.75 2.81 -21.48
CA ASP B 12 5.58 2.00 -20.24
C ASP B 12 4.16 2.19 -19.70
N LEU B 13 3.73 3.41 -19.56
CA LEU B 13 2.36 3.67 -19.04
C LEU B 13 1.32 3.23 -20.06
N LEU B 14 1.59 3.44 -21.32
CA LEU B 14 0.61 3.04 -22.37
C LEU B 14 0.69 1.52 -22.58
N ASN B 15 1.84 0.94 -22.37
CA ASN B 15 1.98 -0.53 -22.56
C ASN B 15 1.75 -1.24 -21.23
N LEU B 16 1.27 -0.54 -20.24
CA LEU B 16 1.04 -1.17 -18.91
C LEU B 16 -0.23 -2.03 -18.98
N GLU B 17 -0.17 -3.24 -18.48
CA GLU B 17 -1.37 -4.12 -18.52
C GLU B 17 -2.40 -3.62 -17.51
N GLY B 18 -3.67 -3.71 -17.82
CA GLY B 18 -4.72 -3.25 -16.88
C GLY B 18 -5.03 -1.78 -17.15
N VAL B 19 -4.31 -1.15 -18.04
CA VAL B 19 -4.57 0.28 -18.34
C VAL B 19 -4.77 0.46 -19.85
N ASP B 20 -5.76 1.21 -20.24
CA ASP B 20 -6.01 1.42 -21.69
C ASP B 20 -5.51 2.81 -22.10
N ARG B 21 -5.55 3.11 -23.37
CA ARG B 21 -5.07 4.45 -23.84
C ARG B 21 -5.91 5.54 -23.19
N ASP B 22 -7.19 5.32 -23.04
CA ASP B 22 -8.06 6.36 -22.42
C ASP B 22 -7.61 6.58 -20.96
N LEU B 23 -7.30 5.52 -20.27
CA LEU B 23 -6.86 5.68 -18.85
C LEU B 23 -5.46 6.29 -18.81
N ALA B 24 -4.60 5.89 -19.70
CA ALA B 24 -3.22 6.45 -19.72
C ALA B 24 -3.29 7.95 -19.96
N PHE B 25 -4.21 8.39 -20.76
CA PHE B 25 -4.33 9.84 -21.05
C PHE B 25 -4.91 10.56 -19.83
N LYS B 26 -5.95 10.03 -19.25
CA LYS B 26 -6.55 10.67 -18.05
C LYS B 26 -5.53 10.72 -16.92
N LEU B 27 -4.82 9.65 -16.70
CA LEU B 27 -3.81 9.64 -15.60
C LEU B 27 -2.69 10.62 -15.93
N ALA B 28 -2.21 10.61 -17.16
CA ALA B 28 -1.12 11.53 -17.53
C ALA B 28 -1.55 12.98 -17.25
N ALA B 29 -2.82 13.26 -17.36
CA ALA B 29 -3.29 14.64 -17.10
C ALA B 29 -2.81 15.11 -15.73
N ARG B 30 -2.46 14.18 -14.87
CA ARG B 30 -1.98 14.56 -13.51
C ARG B 30 -0.47 14.75 -13.55
N GLY B 31 0.07 15.19 -14.66
CA GLY B 31 1.54 15.40 -14.75
C GLY B 31 2.25 14.06 -15.00
N VAL B 32 1.60 12.96 -14.73
CA VAL B 32 2.26 11.64 -14.96
C VAL B 32 2.58 11.49 -16.45
N CYS B 33 3.74 11.00 -16.78
CA CYS B 33 4.10 10.83 -18.21
C CYS B 33 4.70 9.44 -18.44
N THR B 34 5.41 8.92 -17.48
CA THR B 34 6.02 7.57 -17.66
C THR B 34 5.43 6.60 -16.62
N LEU B 35 5.25 5.37 -17.01
CA LEU B 35 4.70 4.37 -16.05
C LEU B 35 5.43 4.50 -14.71
N GLU B 36 6.71 4.74 -14.74
CA GLU B 36 7.47 4.90 -13.47
C GLU B 36 6.82 6.02 -12.64
N ASP B 37 6.57 7.14 -13.25
CA ASP B 37 5.93 8.26 -12.50
C ASP B 37 4.62 7.77 -11.89
N LEU B 38 3.87 6.99 -12.63
CA LEU B 38 2.58 6.47 -12.09
C LEU B 38 2.86 5.71 -10.79
N ALA B 39 3.83 4.84 -10.79
CA ALA B 39 4.14 4.07 -9.55
C ALA B 39 4.46 5.06 -8.42
N GLU B 40 5.05 6.18 -8.73
CA GLU B 40 5.39 7.17 -7.68
C GLU B 40 4.10 7.74 -7.09
N GLN B 41 3.02 7.67 -7.83
CA GLN B 41 1.73 8.20 -7.30
C GLN B 41 1.14 7.22 -6.28
N GLY B 42 0.24 7.67 -5.46
CA GLY B 42 -0.37 6.75 -4.45
C GLY B 42 -1.87 6.63 -4.72
N ILE B 43 -2.47 5.54 -4.34
CA ILE B 43 -3.93 5.36 -4.59
C ILE B 43 -4.66 6.65 -4.21
N ASP B 44 -4.29 7.24 -3.10
CA ASP B 44 -4.97 8.49 -2.67
C ASP B 44 -4.80 9.56 -3.75
N ASP B 45 -3.65 9.63 -4.36
CA ASP B 45 -3.42 10.64 -5.43
C ASP B 45 -4.24 10.26 -6.66
N LEU B 46 -4.49 9.01 -6.86
CA LEU B 46 -5.28 8.58 -8.04
C LEU B 46 -6.77 8.82 -7.77
N ALA B 47 -7.17 8.77 -6.53
CA ALA B 47 -8.60 9.00 -6.20
C ALA B 47 -9.03 10.38 -6.71
N ASP B 48 -8.10 11.29 -6.84
CA ASP B 48 -8.46 12.65 -7.31
C ASP B 48 -9.27 12.54 -8.61
N ILE B 49 -9.02 11.52 -9.39
CA ILE B 49 -9.78 11.37 -10.66
C ILE B 49 -10.83 10.27 -10.49
N GLU B 50 -12.08 10.59 -10.71
CA GLU B 50 -13.14 9.56 -10.56
C GLU B 50 -12.91 8.44 -11.57
N GLY B 51 -12.37 8.76 -12.71
CA GLY B 51 -12.10 7.71 -13.73
C GLY B 51 -11.29 6.57 -13.11
N LEU B 52 -10.54 6.87 -12.08
CA LEU B 52 -9.73 5.81 -11.42
C LEU B 52 -10.32 5.49 -10.04
N THR B 53 -10.37 4.23 -9.68
CA THR B 53 -10.94 3.86 -8.35
C THR B 53 -9.79 3.53 -7.39
N ASP B 54 -10.08 3.48 -6.12
CA ASP B 54 -9.01 3.16 -5.13
C ASP B 54 -8.44 1.77 -5.43
N GLU B 55 -9.27 0.85 -5.84
CA GLU B 55 -8.78 -0.52 -6.15
C GLU B 55 -8.05 -0.51 -7.48
N LYS B 56 -8.62 0.12 -8.48
CA LYS B 56 -7.95 0.15 -9.81
C LYS B 56 -6.64 0.93 -9.70
N ALA B 57 -6.63 2.00 -8.95
CA ALA B 57 -5.38 2.80 -8.80
C ALA B 57 -4.33 1.96 -8.07
N GLY B 58 -4.73 1.21 -7.08
CA GLY B 58 -3.75 0.37 -6.34
C GLY B 58 -3.14 -0.66 -7.28
N ALA B 59 -3.94 -1.26 -8.11
CA ALA B 59 -3.41 -2.29 -9.05
C ALA B 59 -2.42 -1.63 -10.02
N LEU B 60 -2.69 -0.42 -10.42
CA LEU B 60 -1.76 0.28 -11.35
C LEU B 60 -0.43 0.57 -10.65
N ILE B 61 -0.49 0.92 -9.40
CA ILE B 61 0.76 1.22 -8.65
C ILE B 61 1.59 -0.06 -8.51
N MET B 62 1.02 -1.10 -7.96
CA MET B 62 1.77 -2.37 -7.79
C MET B 62 2.37 -2.79 -9.14
N ALA B 63 1.66 -2.55 -10.21
CA ALA B 63 2.18 -2.93 -11.55
C ALA B 63 3.33 -1.99 -11.92
N ALA B 64 3.14 -0.71 -11.72
CA ALA B 64 4.21 0.27 -12.06
C ALA B 64 5.46 -0.01 -11.20
N ARG B 65 5.30 -0.10 -9.92
CA ARG B 65 6.46 -0.38 -9.04
C ARG B 65 7.12 -1.69 -9.46
N ASN B 66 6.33 -2.68 -9.76
CA ASN B 66 6.91 -3.99 -10.17
C ASN B 66 7.80 -3.79 -11.40
N ILE B 67 7.42 -2.89 -12.27
CA ILE B 67 8.26 -2.64 -13.47
C ILE B 67 9.55 -1.93 -13.06
N CYS B 68 9.46 -1.05 -12.10
CA CYS B 68 10.68 -0.31 -11.64
C CYS B 68 11.56 -1.25 -10.80
N TRP B 69 11.00 -1.88 -9.81
CA TRP B 69 11.81 -2.80 -8.96
C TRP B 69 12.38 -3.93 -9.82
N PHE B 70 11.68 -4.33 -10.84
CA PHE B 70 12.19 -5.44 -11.71
C PHE B 70 13.18 -4.87 -12.73
N GLY B 71 12.96 -3.66 -13.19
CA GLY B 71 13.89 -3.06 -14.18
C GLY B 71 14.02 -3.99 -15.39
N ASP B 72 15.22 -4.38 -15.73
CA ASP B 72 15.40 -5.29 -16.89
C ASP B 72 14.36 -6.41 -16.82
N GLU B 73 14.22 -7.03 -15.68
CA GLU B 73 13.24 -8.14 -15.55
C GLU B 73 11.82 -7.57 -15.69
N ALA B 74 10.95 -8.29 -16.35
CA ALA B 74 9.56 -7.78 -16.52
C ALA B 74 8.57 -8.86 -16.07
N PHE A 19 -0.03 -9.72 25.30
CA PHE A 19 0.86 -9.23 24.21
C PHE A 19 0.87 -7.69 24.23
N ASP A 20 1.72 -7.09 23.44
CA ASP A 20 1.78 -5.60 23.41
C ASP A 20 0.39 -5.04 23.10
N PRO A 21 0.05 -3.91 23.73
CA PRO A 21 -1.25 -3.25 23.54
C PRO A 21 -1.40 -2.73 22.11
N ILE A 22 -0.31 -2.49 21.43
CA ILE A 22 -0.39 -1.98 20.04
C ILE A 22 -0.93 -3.09 19.13
N LEU A 23 -0.68 -4.33 19.49
CA LEU A 23 -1.18 -5.46 18.66
C LEU A 23 -2.70 -5.53 18.76
N LEU A 24 -3.23 -5.29 19.94
CA LEU A 24 -4.71 -5.34 20.11
C LEU A 24 -5.31 -3.98 19.74
N ARG A 25 -4.53 -2.94 19.82
CA ARG A 25 -5.06 -1.59 19.48
C ARG A 25 -5.43 -1.54 18.00
N PRO A 26 -6.50 -0.80 17.66
CA PRO A 26 -6.97 -0.67 16.28
C PRO A 26 -6.01 0.14 15.42
N VAL A 27 -5.75 -0.30 14.22
CA VAL A 27 -4.82 0.45 13.33
C VAL A 27 -5.15 1.94 13.37
N ASP A 28 -6.41 2.27 13.53
CA ASP A 28 -6.81 3.71 13.57
C ASP A 28 -6.15 4.37 14.79
N ASP A 29 -5.93 3.63 15.84
CA ASP A 29 -5.30 4.22 17.05
C ASP A 29 -3.85 4.58 16.75
N LEU A 30 -3.34 4.16 15.61
CA LEU A 30 -1.94 4.47 15.27
C LEU A 30 -1.78 5.98 15.05
N GLU A 31 -0.70 6.54 15.52
CA GLU A 31 -0.50 8.01 15.35
C GLU A 31 -0.24 8.32 13.88
N LEU A 32 0.17 7.34 13.12
CA LEU A 32 0.44 7.57 11.67
C LEU A 32 -0.78 8.25 11.03
N THR A 33 -0.74 8.47 9.75
CA THR A 33 -1.89 9.12 9.06
C THR A 33 -2.97 8.09 8.79
N VAL A 34 -4.18 8.52 8.58
CA VAL A 34 -5.29 7.56 8.31
C VAL A 34 -4.91 6.65 7.14
N ARG A 35 -4.09 7.14 6.24
CA ARG A 35 -3.68 6.31 5.08
C ARG A 35 -3.16 4.96 5.57
N SER A 36 -2.30 4.96 6.55
CA SER A 36 -1.76 3.68 7.08
C SER A 36 -2.91 2.81 7.58
N ALA A 37 -3.77 3.36 8.41
CA ALA A 37 -4.90 2.57 8.94
C ALA A 37 -5.86 2.21 7.79
N ASN A 38 -5.96 3.07 6.82
CA ASN A 38 -6.88 2.78 5.67
C ASN A 38 -6.39 1.51 4.96
N CYS A 39 -5.10 1.35 4.84
CA CYS A 39 -4.57 0.13 4.16
C CYS A 39 -5.19 -1.12 4.79
N LEU A 40 -4.91 -1.37 6.03
CA LEU A 40 -5.49 -2.58 6.70
C LEU A 40 -7.01 -2.41 6.82
N LYS A 41 -7.46 -1.26 7.23
CA LYS A 41 -8.93 -1.04 7.36
C LYS A 41 -9.62 -1.39 6.04
N ALA A 42 -9.01 -1.04 4.95
CA ALA A 42 -9.63 -1.35 3.63
C ALA A 42 -9.65 -2.87 3.42
N GLU A 43 -8.79 -3.58 4.10
CA GLU A 43 -8.74 -5.06 3.94
C GLU A 43 -9.62 -5.72 5.01
N ALA A 44 -10.58 -5.00 5.53
CA ALA A 44 -11.46 -5.58 6.58
C ALA A 44 -10.66 -5.79 7.87
N ILE A 45 -9.53 -5.14 7.99
CA ILE A 45 -8.71 -5.29 9.22
C ILE A 45 -8.86 -4.05 10.09
N HIS A 46 -9.28 -4.21 11.32
CA HIS A 46 -9.45 -3.04 12.21
C HIS A 46 -8.44 -3.11 13.35
N TYR A 47 -7.79 -4.23 13.53
CA TYR A 47 -6.80 -4.36 14.63
C TYR A 47 -5.39 -4.52 14.05
N ILE A 48 -4.42 -3.91 14.66
CA ILE A 48 -3.02 -4.01 14.16
C ILE A 48 -2.54 -5.46 14.28
N GLY A 49 -3.06 -6.19 15.23
CA GLY A 49 -2.62 -7.61 15.40
C GLY A 49 -2.59 -8.29 14.03
N ASP A 50 -3.62 -8.14 13.25
CA ASP A 50 -3.61 -8.78 11.90
C ASP A 50 -2.34 -8.37 11.15
N LEU A 51 -1.88 -7.18 11.39
CA LEU A 51 -0.64 -6.71 10.71
C LEU A 51 0.49 -7.70 10.98
N VAL A 52 0.71 -8.03 12.23
CA VAL A 52 1.80 -9.00 12.55
C VAL A 52 1.43 -10.37 11.98
N GLN A 53 0.15 -10.67 11.93
CA GLN A 53 -0.28 -11.98 11.38
C GLN A 53 0.30 -12.14 9.97
N ARG A 54 0.39 -11.05 9.24
CA ARG A 54 0.95 -11.12 7.86
C ARG A 54 2.35 -10.48 7.86
N THR A 55 3.25 -11.01 7.09
CA THR A 55 4.63 -10.41 7.05
C THR A 55 4.61 -9.13 6.22
N GLU A 56 5.55 -8.25 6.44
CA GLU A 56 5.58 -6.99 5.65
C GLU A 56 5.62 -7.32 4.16
N VAL A 57 6.34 -8.34 3.78
CA VAL A 57 6.41 -8.71 2.35
C VAL A 57 4.99 -8.86 1.79
N GLU A 58 4.17 -9.65 2.43
CA GLU A 58 2.78 -9.84 1.94
C GLU A 58 2.10 -8.47 1.81
N LEU A 59 2.46 -7.54 2.66
CA LEU A 59 1.84 -6.19 2.57
C LEU A 59 2.52 -5.38 1.48
N LEU A 60 3.79 -5.59 1.26
CA LEU A 60 4.51 -4.84 0.19
C LEU A 60 4.01 -5.30 -1.18
N LYS A 61 3.36 -6.45 -1.24
CA LYS A 61 2.86 -6.95 -2.54
C LYS A 61 1.47 -6.36 -2.81
N THR A 62 1.07 -5.39 -2.03
CA THR A 62 -0.28 -4.78 -2.26
C THR A 62 -0.12 -3.26 -2.41
N PRO A 63 -0.93 -2.66 -3.31
CA PRO A 63 -0.90 -1.22 -3.57
C PRO A 63 -1.48 -0.42 -2.41
N ASN A 64 -2.27 -1.05 -1.58
CA ASN A 64 -2.87 -0.31 -0.42
C ASN A 64 -1.81 0.56 0.24
N LEU A 65 -0.63 0.05 0.43
CA LEU A 65 0.44 0.87 1.07
C LEU A 65 1.48 1.25 0.02
N GLY A 66 1.93 2.48 0.04
CA GLY A 66 2.95 2.91 -0.96
C GLY A 66 4.35 2.69 -0.38
N LYS A 67 5.36 3.04 -1.11
CA LYS A 67 6.76 2.85 -0.60
C LYS A 67 6.96 3.73 0.63
N LYS A 68 6.52 4.97 0.58
CA LYS A 68 6.68 5.87 1.76
C LYS A 68 5.95 5.28 2.96
N SER A 69 4.77 4.76 2.76
CA SER A 69 4.01 4.18 3.90
C SER A 69 4.87 3.11 4.59
N LEU A 70 5.48 2.25 3.82
CA LEU A 70 6.34 1.19 4.43
C LEU A 70 7.36 1.84 5.36
N THR A 71 7.98 2.90 4.94
CA THR A 71 8.97 3.58 5.82
C THR A 71 8.34 3.83 7.19
N GLU A 72 7.18 4.43 7.22
CA GLU A 72 6.52 4.70 8.53
C GLU A 72 6.40 3.38 9.30
N ILE A 73 6.05 2.32 8.62
CA ILE A 73 5.92 1.01 9.31
C ILE A 73 7.26 0.67 9.96
N LYS A 74 8.35 0.92 9.28
CA LYS A 74 9.68 0.62 9.85
C LYS A 74 9.85 1.42 11.15
N ASP A 75 9.41 2.64 11.15
CA ASP A 75 9.53 3.46 12.38
C ASP A 75 8.79 2.77 13.53
N VAL A 76 7.59 2.33 13.28
CA VAL A 76 6.82 1.64 14.35
C VAL A 76 7.46 0.28 14.62
N LEU A 77 7.93 -0.38 13.60
CA LEU A 77 8.56 -1.71 13.78
C LEU A 77 9.78 -1.56 14.69
N ALA A 78 10.39 -0.41 14.69
CA ALA A 78 11.59 -0.20 15.55
C ALA A 78 11.22 -0.45 17.00
N SER A 79 10.04 -0.06 17.40
CA SER A 79 9.61 -0.29 18.82
C SER A 79 9.15 -1.74 18.97
N ARG A 80 9.20 -2.51 17.92
CA ARG A 80 8.75 -3.93 18.02
C ARG A 80 7.26 -3.97 18.38
N GLY A 81 6.60 -2.84 18.31
CA GLY A 81 5.14 -2.82 18.64
C GLY A 81 4.37 -3.65 17.62
N LEU A 82 4.58 -3.41 16.36
CA LEU A 82 3.85 -4.19 15.31
C LEU A 82 4.77 -4.42 14.11
N SER A 83 4.37 -5.28 13.22
CA SER A 83 5.22 -5.55 12.02
C SER A 83 6.44 -6.35 12.42
N LEU A 84 6.31 -7.20 13.41
CA LEU A 84 7.47 -8.02 13.85
C LEU A 84 7.71 -9.15 12.86
N GLY A 85 6.86 -9.29 11.88
CA GLY A 85 7.04 -10.37 10.87
C GLY A 85 6.88 -11.73 11.56
N MET A 86 5.92 -11.85 12.44
CA MET A 86 5.71 -13.15 13.14
C MET A 86 4.39 -13.78 12.68
N ARG A 87 4.26 -15.07 12.83
CA ARG A 87 3.01 -15.74 12.41
C ARG A 87 2.30 -16.32 13.63
N LEU A 88 1.02 -16.10 13.75
CA LEU A 88 0.28 -16.64 14.93
C LEU A 88 -0.61 -17.79 14.49
N GLU A 89 -0.71 -18.83 15.28
CA GLU A 89 -1.56 -19.98 14.90
C GLU A 89 -3.00 -19.49 14.70
N ASN A 90 -3.44 -18.58 15.52
CA ASN A 90 -4.83 -18.04 15.37
C ASN A 90 -4.79 -16.51 15.44
N TRP A 91 -4.56 -15.97 16.61
CA TRP A 91 -4.49 -14.48 16.75
C TRP A 91 -4.34 -14.10 18.23
N PRO A 92 -5.13 -14.74 19.11
CA PRO A 92 -5.10 -14.48 20.54
C PRO A 92 -4.24 -15.51 21.30
N PRO A 93 -2.91 -15.41 21.20
CA PRO A 93 -1.99 -16.32 21.90
C PRO A 93 -2.03 -16.11 23.42
N ALA A 94 -1.49 -17.04 24.16
CA ALA A 94 -1.50 -16.89 25.64
C ALA A 94 -1.10 -15.46 26.02
N SER A 95 -0.35 -14.81 25.17
CA SER A 95 0.08 -13.42 25.47
C SER A 95 -1.13 -12.48 25.44
N ILE A 96 -1.78 -12.38 24.30
CA ILE A 96 -2.96 -11.49 24.21
C ILE A 96 -3.95 -11.82 25.34
N ALA A 97 -3.99 -13.05 25.76
CA ALA A 97 -4.93 -13.42 26.86
C ALA A 97 -4.40 -12.89 28.20
N ASP A 98 -5.29 -12.50 29.07
CA ASP A 98 -4.84 -11.96 30.39
C ASP A 98 -4.14 -13.07 31.17
N GLU A 99 -4.63 -14.28 31.08
CA GLU A 99 -3.99 -15.40 31.83
C GLU A 99 -4.03 -15.12 33.33
N GLY B 5 1.24 21.73 -17.56
CA GLY B 5 -0.17 22.06 -17.89
C GLY B 5 -0.72 21.04 -18.89
N ASP B 6 -0.02 20.83 -19.97
CA ASP B 6 -0.50 19.86 -20.99
C ASP B 6 -0.78 18.51 -20.32
N ASN B 7 0.03 18.13 -19.37
CA ASN B 7 -0.21 16.84 -18.68
C ASN B 7 -0.12 15.70 -19.71
N LYS B 8 0.87 15.71 -20.55
CA LYS B 8 1.00 14.63 -21.56
C LYS B 8 1.59 13.37 -20.91
N PRO B 9 1.01 12.20 -21.22
CA PRO B 9 1.47 10.92 -20.67
C PRO B 9 2.84 10.52 -21.24
N ALA B 10 3.74 10.10 -20.40
CA ALA B 10 5.08 9.69 -20.90
C ALA B 10 4.95 8.43 -21.75
N ASP B 11 5.86 8.23 -22.67
CA ASP B 11 5.77 7.02 -23.54
C ASP B 11 5.65 5.77 -22.67
N ASP B 12 6.31 5.77 -21.53
CA ASP B 12 6.24 4.58 -20.64
C ASP B 12 4.80 4.41 -20.12
N LEU B 13 4.22 5.47 -19.65
CA LEU B 13 2.82 5.38 -19.12
C LEU B 13 1.87 5.07 -20.27
N LEU B 14 2.09 5.63 -21.43
CA LEU B 14 1.21 5.36 -22.59
C LEU B 14 1.42 3.93 -23.08
N ASN B 15 2.62 3.42 -22.95
CA ASN B 15 2.89 2.04 -23.41
C ASN B 15 2.61 1.05 -22.26
N LEU B 16 2.06 1.54 -21.18
CA LEU B 16 1.77 0.63 -20.03
C LEU B 16 0.58 -0.26 -20.37
N GLU B 17 0.68 -1.53 -20.09
CA GLU B 17 -0.45 -2.45 -20.40
C GLU B 17 -1.52 -2.34 -19.32
N GLY B 18 -2.76 -2.40 -19.69
CA GLY B 18 -3.86 -2.31 -18.68
C GLY B 18 -4.24 -0.84 -18.49
N VAL B 19 -3.71 0.04 -19.30
CA VAL B 19 -4.05 1.49 -19.15
C VAL B 19 -4.62 2.00 -20.48
N ASP B 20 -5.78 2.61 -20.44
CA ASP B 20 -6.38 3.14 -21.69
C ASP B 20 -5.79 4.52 -22.00
N ARG B 21 -5.79 4.90 -23.25
CA ARG B 21 -5.22 6.23 -23.61
C ARG B 21 -5.84 7.31 -22.70
N ASP B 22 -7.13 7.32 -22.57
CA ASP B 22 -7.79 8.34 -21.71
C ASP B 22 -7.31 8.17 -20.26
N LEU B 23 -7.25 6.97 -19.79
CA LEU B 23 -6.78 6.74 -18.39
C LEU B 23 -5.40 7.36 -18.20
N ALA B 24 -4.51 7.16 -19.14
CA ALA B 24 -3.15 7.74 -19.03
C ALA B 24 -3.26 9.27 -18.91
N PHE B 25 -4.12 9.87 -19.68
CA PHE B 25 -4.27 11.34 -19.61
C PHE B 25 -4.67 11.75 -18.18
N LYS B 26 -5.57 11.02 -17.59
CA LYS B 26 -6.00 11.37 -16.20
C LYS B 26 -4.79 11.28 -15.26
N LEU B 27 -3.96 10.29 -15.44
CA LEU B 27 -2.77 10.15 -14.56
C LEU B 27 -1.87 11.38 -14.72
N ALA B 28 -1.61 11.78 -15.93
CA ALA B 28 -0.75 12.99 -16.15
C ALA B 28 -1.38 14.19 -15.46
N ALA B 29 -2.68 14.24 -15.38
CA ALA B 29 -3.35 15.39 -14.73
C ALA B 29 -2.79 15.58 -13.32
N ARG B 30 -2.43 14.51 -12.66
CA ARG B 30 -1.88 14.62 -11.29
C ARG B 30 -0.35 14.77 -11.36
N GLY B 31 0.17 15.20 -12.48
CA GLY B 31 1.64 15.36 -12.62
C GLY B 31 2.31 14.00 -12.90
N VAL B 32 1.64 12.93 -12.61
CA VAL B 32 2.24 11.58 -12.87
C VAL B 32 2.17 11.28 -14.37
N CYS B 33 3.29 11.25 -15.03
CA CYS B 33 3.28 10.95 -16.49
C CYS B 33 4.14 9.72 -16.77
N THR B 34 5.21 9.54 -16.06
CA THR B 34 6.08 8.36 -16.29
C THR B 34 5.58 7.17 -15.47
N LEU B 35 5.66 5.99 -16.01
CA LEU B 35 5.18 4.79 -15.25
C LEU B 35 5.79 4.83 -13.85
N GLU B 36 7.04 5.16 -13.74
CA GLU B 36 7.68 5.21 -12.40
C GLU B 36 6.88 6.15 -11.49
N ASP B 37 6.51 7.30 -11.99
CA ASP B 37 5.72 8.25 -11.16
C ASP B 37 4.44 7.56 -10.69
N LEU B 38 3.80 6.83 -11.57
CA LEU B 38 2.55 6.12 -11.19
C LEU B 38 2.83 5.18 -10.03
N ALA B 39 3.94 4.49 -10.07
CA ALA B 39 4.28 3.54 -8.96
C ALA B 39 4.42 4.34 -7.65
N GLU B 40 4.97 5.52 -7.72
CA GLU B 40 5.14 6.32 -6.48
C GLU B 40 3.76 6.71 -5.94
N GLN B 41 2.78 6.78 -6.79
CA GLN B 41 1.42 7.16 -6.31
C GLN B 41 0.76 5.95 -5.64
N GLY B 42 0.08 6.17 -4.55
CA GLY B 42 -0.59 5.03 -3.85
C GLY B 42 -2.06 4.98 -4.24
N ILE B 43 -2.73 3.90 -3.97
CA ILE B 43 -4.17 3.78 -4.33
C ILE B 43 -4.90 5.05 -3.88
N ASP B 44 -4.53 5.60 -2.76
CA ASP B 44 -5.20 6.83 -2.28
C ASP B 44 -4.92 7.98 -3.23
N ASP B 45 -3.72 8.04 -3.75
CA ASP B 45 -3.38 9.14 -4.70
C ASP B 45 -4.18 8.96 -5.99
N LEU B 46 -4.47 7.75 -6.36
CA LEU B 46 -5.25 7.51 -7.61
C LEU B 46 -6.73 7.79 -7.34
N ALA B 47 -7.17 7.63 -6.12
CA ALA B 47 -8.60 7.89 -5.80
C ALA B 47 -8.93 9.36 -6.06
N ASP B 48 -7.94 10.21 -6.08
CA ASP B 48 -8.19 11.65 -6.33
C ASP B 48 -8.99 11.81 -7.62
N ILE B 49 -8.78 10.95 -8.57
CA ILE B 49 -9.53 11.05 -9.86
C ILE B 49 -10.61 9.98 -9.90
N GLU B 50 -11.83 10.35 -10.18
CA GLU B 50 -12.93 9.35 -10.24
C GLU B 50 -12.63 8.33 -11.33
N GLY B 51 -11.99 8.75 -12.39
CA GLY B 51 -11.66 7.81 -13.49
C GLY B 51 -10.87 6.62 -12.94
N LEU B 52 -10.15 6.83 -11.87
CA LEU B 52 -9.36 5.71 -11.28
C LEU B 52 -10.09 5.16 -10.05
N THR B 53 -10.19 3.86 -9.93
CA THR B 53 -10.88 3.27 -8.75
C THR B 53 -9.84 2.71 -7.79
N ASP B 54 -10.22 2.49 -6.56
CA ASP B 54 -9.25 1.95 -5.57
C ASP B 54 -8.73 0.59 -6.05
N GLU B 55 -9.57 -0.19 -6.67
CA GLU B 55 -9.12 -1.52 -7.18
C GLU B 55 -8.30 -1.34 -8.45
N LYS B 56 -8.78 -0.54 -9.36
CA LYS B 56 -8.03 -0.32 -10.63
C LYS B 56 -6.71 0.40 -10.33
N ALA B 57 -6.74 1.35 -9.44
CA ALA B 57 -5.50 2.09 -9.10
C ALA B 57 -4.50 1.14 -8.44
N GLY B 58 -4.97 0.31 -7.55
CA GLY B 58 -4.04 -0.65 -6.87
C GLY B 58 -3.41 -1.58 -7.91
N ALA B 59 -4.20 -2.10 -8.80
CA ALA B 59 -3.65 -3.02 -9.84
C ALA B 59 -2.59 -2.28 -10.67
N LEU B 60 -2.84 -1.04 -11.00
CA LEU B 60 -1.85 -0.28 -11.81
C LEU B 60 -0.56 -0.09 -11.00
N ILE B 61 -0.68 0.19 -9.73
CA ILE B 61 0.54 0.39 -8.90
C ILE B 61 1.37 -0.89 -8.89
N MET B 62 0.79 -1.99 -8.49
CA MET B 62 1.56 -3.27 -8.47
C MET B 62 2.18 -3.52 -9.84
N ALA B 63 1.44 -3.30 -10.89
CA ALA B 63 1.98 -3.53 -12.25
C ALA B 63 3.09 -2.51 -12.53
N ALA B 64 2.83 -1.25 -12.31
CA ALA B 64 3.87 -0.22 -12.56
C ALA B 64 5.09 -0.50 -11.69
N ARG B 65 4.88 -0.77 -10.43
CA ARG B 65 6.03 -1.05 -9.52
C ARG B 65 6.81 -2.25 -10.05
N ASN B 66 6.12 -3.29 -10.45
CA ASN B 66 6.82 -4.49 -10.98
C ASN B 66 7.71 -4.10 -12.16
N ILE B 67 7.19 -3.29 -13.04
CA ILE B 67 8.00 -2.86 -14.23
C ILE B 67 9.26 -2.14 -13.75
N CYS B 68 9.15 -1.36 -12.71
CA CYS B 68 10.35 -0.63 -12.21
C CYS B 68 11.23 -1.59 -11.39
N TRP B 69 10.65 -2.27 -10.43
CA TRP B 69 11.45 -3.21 -9.60
C TRP B 69 12.07 -4.28 -10.50
N PHE B 70 11.30 -4.84 -11.40
CA PHE B 70 11.85 -5.89 -12.29
C PHE B 70 12.71 -5.23 -13.38
N GLY B 71 12.28 -4.11 -13.90
CA GLY B 71 13.07 -3.43 -14.96
C GLY B 71 12.95 -4.20 -16.26
N ASP B 72 11.81 -4.78 -16.53
CA ASP B 72 11.64 -5.55 -17.79
C ASP B 72 11.96 -4.66 -18.99
N GLU B 73 11.63 -3.40 -18.90
CA GLU B 73 11.93 -2.48 -20.04
C GLU B 73 13.44 -2.43 -20.29
N ALA B 74 14.22 -2.55 -19.25
CA ALA B 74 15.70 -2.51 -19.43
C ALA B 74 16.26 -3.92 -19.27
N PHE A 19 3.27 -11.37 23.48
CA PHE A 19 2.74 -10.43 22.45
C PHE A 19 2.42 -9.09 23.11
N ASP A 20 3.09 -8.05 22.71
CA ASP A 20 2.81 -6.71 23.31
C ASP A 20 1.37 -6.29 22.99
N PRO A 21 0.80 -5.43 23.84
CA PRO A 21 -0.59 -4.95 23.66
C PRO A 21 -0.73 -4.10 22.38
N ILE A 22 0.35 -3.51 21.93
CA ILE A 22 0.27 -2.69 20.69
C ILE A 22 -0.08 -3.60 19.52
N LEU A 23 0.35 -4.84 19.59
CA LEU A 23 0.05 -5.80 18.49
C LEU A 23 -1.43 -6.18 18.57
N LEU A 24 -2.00 -6.12 19.74
CA LEU A 24 -3.44 -6.47 19.88
C LEU A 24 -4.30 -5.22 19.71
N ARG A 25 -3.74 -4.07 19.96
CA ARG A 25 -4.51 -2.81 19.80
C ARG A 25 -5.07 -2.74 18.38
N PRO A 26 -6.24 -2.10 18.20
CA PRO A 26 -6.87 -1.95 16.89
C PRO A 26 -6.09 -1.00 15.98
N VAL A 27 -5.82 -1.41 14.78
CA VAL A 27 -5.06 -0.53 13.84
C VAL A 27 -5.60 0.90 13.93
N ASP A 28 -6.85 1.06 14.30
CA ASP A 28 -7.43 2.42 14.41
C ASP A 28 -6.69 3.21 15.50
N ASP A 29 -6.21 2.53 16.50
CA ASP A 29 -5.47 3.23 17.59
C ASP A 29 -4.10 3.67 17.08
N LEU A 30 -3.68 3.19 15.95
CA LEU A 30 -2.36 3.58 15.41
C LEU A 30 -2.20 5.10 15.52
N GLU A 31 -1.04 5.56 15.92
CA GLU A 31 -0.82 7.02 16.04
C GLU A 31 -0.79 7.66 14.65
N LEU A 32 -0.62 6.86 13.63
CA LEU A 32 -0.57 7.41 12.24
C LEU A 32 -1.93 8.03 11.90
N THR A 33 -2.00 8.74 10.80
CA THR A 33 -3.29 9.37 10.42
C THR A 33 -4.29 8.30 9.97
N VAL A 34 -5.54 8.63 9.91
CA VAL A 34 -6.56 7.63 9.47
C VAL A 34 -6.13 6.98 8.16
N ARG A 35 -5.42 7.70 7.33
CA ARG A 35 -4.98 7.11 6.03
C ARG A 35 -4.15 5.85 6.30
N SER A 36 -3.25 5.93 7.24
CA SER A 36 -2.41 4.73 7.56
C SER A 36 -3.32 3.58 8.00
N ALA A 37 -4.20 3.81 8.92
CA ALA A 37 -5.10 2.72 9.37
C ALA A 37 -6.01 2.29 8.22
N ASN A 38 -6.55 3.23 7.49
CA ASN A 38 -7.43 2.87 6.35
C ASN A 38 -6.71 1.90 5.42
N CYS A 39 -5.41 2.02 5.31
CA CYS A 39 -4.64 1.10 4.43
C CYS A 39 -4.76 -0.33 4.95
N LEU A 40 -4.38 -0.56 6.17
CA LEU A 40 -4.47 -1.94 6.73
C LEU A 40 -5.95 -2.34 6.85
N LYS A 41 -6.76 -1.49 7.42
CA LYS A 41 -8.20 -1.83 7.57
C LYS A 41 -8.78 -2.18 6.19
N ALA A 42 -8.37 -1.50 5.16
CA ALA A 42 -8.90 -1.78 3.80
C ALA A 42 -8.69 -3.26 3.48
N GLU A 43 -7.69 -3.87 4.04
CA GLU A 43 -7.42 -5.31 3.76
C GLU A 43 -8.20 -6.17 4.77
N ALA A 44 -9.25 -5.64 5.34
CA ALA A 44 -10.04 -6.43 6.32
C ALA A 44 -9.20 -6.64 7.59
N ILE A 45 -8.49 -5.64 8.01
CA ILE A 45 -7.65 -5.79 9.24
C ILE A 45 -8.16 -4.83 10.32
N HIS A 46 -8.47 -5.33 11.49
CA HIS A 46 -8.97 -4.45 12.58
C HIS A 46 -7.97 -4.45 13.73
N TYR A 47 -7.26 -5.53 13.92
CA TYR A 47 -6.29 -5.59 15.04
C TYR A 47 -4.86 -5.62 14.46
N ILE A 48 -3.99 -4.80 14.98
CA ILE A 48 -2.59 -4.78 14.46
C ILE A 48 -2.08 -6.22 14.35
N GLY A 49 -2.52 -7.09 15.23
CA GLY A 49 -2.06 -8.50 15.17
C GLY A 49 -2.11 -9.00 13.72
N ASP A 50 -3.21 -8.77 13.04
CA ASP A 50 -3.30 -9.22 11.64
C ASP A 50 -2.10 -8.68 10.86
N LEU A 51 -1.66 -7.50 11.19
CA LEU A 51 -0.49 -6.92 10.48
C LEU A 51 0.66 -7.92 10.51
N VAL A 52 0.99 -8.43 11.66
CA VAL A 52 2.10 -9.42 11.73
C VAL A 52 1.68 -10.69 10.99
N GLN A 53 0.40 -10.98 10.96
CA GLN A 53 -0.06 -12.19 10.24
C GLN A 53 0.44 -12.12 8.81
N ARG A 54 0.47 -10.94 8.23
CA ARG A 54 0.97 -10.80 6.83
C ARG A 54 2.35 -10.16 6.87
N THR A 55 3.25 -10.60 6.02
CA THR A 55 4.61 -10.01 6.01
C THR A 55 4.54 -8.55 5.58
N GLU A 56 5.33 -7.70 6.18
CA GLU A 56 5.32 -6.26 5.81
C GLU A 56 5.53 -6.13 4.30
N VAL A 57 6.14 -7.10 3.68
CA VAL A 57 6.36 -7.04 2.21
C VAL A 57 5.03 -6.75 1.52
N GLU A 58 4.02 -7.51 1.81
CA GLU A 58 2.69 -7.28 1.17
C GLU A 58 2.32 -5.80 1.34
N LEU A 59 2.63 -5.22 2.46
CA LEU A 59 2.29 -3.78 2.67
C LEU A 59 3.02 -2.94 1.63
N LEU A 60 4.28 -3.21 1.41
CA LEU A 60 5.04 -2.42 0.41
C LEU A 60 4.40 -2.59 -0.97
N LYS A 61 3.77 -3.71 -1.21
CA LYS A 61 3.11 -3.93 -2.52
C LYS A 61 1.75 -3.25 -2.54
N THR A 62 1.20 -3.00 -1.38
CA THR A 62 -0.14 -2.34 -1.32
C THR A 62 0.02 -0.83 -1.54
N PRO A 63 -0.55 -0.31 -2.63
CA PRO A 63 -0.47 1.12 -2.97
C PRO A 63 -1.30 1.98 -2.02
N ASN A 64 -2.09 1.35 -1.18
CA ASN A 64 -2.93 2.14 -0.23
C ASN A 64 -2.02 2.97 0.68
N LEU A 65 -0.90 2.41 1.07
CA LEU A 65 0.03 3.17 1.95
C LEU A 65 1.16 3.77 1.12
N GLY A 66 1.52 5.00 1.38
CA GLY A 66 2.63 5.63 0.60
C GLY A 66 3.97 5.29 1.24
N LYS A 67 5.05 5.57 0.57
CA LYS A 67 6.39 5.26 1.14
C LYS A 67 6.62 6.10 2.40
N LYS A 68 6.15 7.33 2.40
CA LYS A 68 6.35 8.19 3.59
C LYS A 68 5.73 7.52 4.82
N SER A 69 4.57 6.94 4.67
CA SER A 69 3.92 6.27 5.83
C SER A 69 4.80 5.10 6.30
N LEU A 70 5.46 4.44 5.38
CA LEU A 70 6.33 3.30 5.77
C LEU A 70 7.36 3.77 6.80
N THR A 71 7.80 5.00 6.70
CA THR A 71 8.81 5.51 7.68
C THR A 71 8.20 5.48 9.08
N GLU A 72 7.05 6.05 9.25
CA GLU A 72 6.41 6.04 10.60
C GLU A 72 6.12 4.60 11.02
N ILE A 73 5.57 3.82 10.15
CA ILE A 73 5.27 2.40 10.50
C ILE A 73 6.58 1.72 10.91
N LYS A 74 7.61 1.89 10.14
CA LYS A 74 8.91 1.26 10.50
C LYS A 74 9.28 1.66 11.94
N ASP A 75 9.04 2.90 12.29
CA ASP A 75 9.35 3.34 13.67
C ASP A 75 8.58 2.47 14.66
N VAL A 76 7.32 2.23 14.39
CA VAL A 76 6.51 1.37 15.30
C VAL A 76 7.10 -0.04 15.31
N LEU A 77 7.60 -0.48 14.20
CA LEU A 77 8.21 -1.85 14.12
C LEU A 77 9.37 -1.93 15.10
N ALA A 78 9.98 -0.82 15.41
CA ALA A 78 11.13 -0.83 16.35
C ALA A 78 10.69 -1.44 17.69
N SER A 79 9.46 -1.22 18.05
CA SER A 79 8.95 -1.78 19.33
C SER A 79 9.03 -3.31 19.29
N ARG A 80 9.22 -3.86 18.13
CA ARG A 80 9.30 -5.34 18.02
C ARG A 80 7.91 -5.96 18.28
N GLY A 81 6.92 -5.14 18.45
CA GLY A 81 5.55 -5.68 18.72
C GLY A 81 4.67 -5.47 17.47
N LEU A 82 5.27 -5.19 16.35
CA LEU A 82 4.47 -4.98 15.12
C LEU A 82 5.24 -5.49 13.91
N SER A 83 4.57 -6.14 12.99
CA SER A 83 5.27 -6.67 11.79
C SER A 83 6.56 -7.39 12.21
N LEU A 84 6.44 -8.40 13.02
CA LEU A 84 7.66 -9.14 13.46
C LEU A 84 7.93 -10.29 12.50
N GLY A 85 7.24 -10.33 11.39
CA GLY A 85 7.46 -11.44 10.42
C GLY A 85 6.99 -12.76 11.03
N MET A 86 5.95 -12.73 11.81
CA MET A 86 5.45 -13.98 12.45
C MET A 86 4.06 -14.30 11.90
N ARG A 87 3.69 -15.56 11.89
CA ARG A 87 2.34 -15.93 11.38
C ARG A 87 1.58 -16.72 12.45
N LEU A 88 0.41 -16.30 12.80
CA LEU A 88 -0.37 -17.04 13.83
C LEU A 88 -1.47 -17.87 13.15
N GLU A 89 -1.67 -19.07 13.61
CA GLU A 89 -2.73 -19.93 13.00
C GLU A 89 -4.09 -19.24 13.16
N ASN A 90 -4.29 -18.56 14.26
CA ASN A 90 -5.59 -17.86 14.47
C ASN A 90 -5.33 -16.38 14.78
N TRP A 91 -4.77 -16.10 15.92
CA TRP A 91 -4.50 -14.67 16.26
C TRP A 91 -4.18 -14.56 17.76
N PRO A 92 -5.15 -14.91 18.62
CA PRO A 92 -4.97 -14.85 20.08
C PRO A 92 -3.97 -15.89 20.59
N PRO A 93 -2.78 -15.43 21.00
CA PRO A 93 -1.73 -16.32 21.51
C PRO A 93 -2.04 -16.80 22.92
N ALA A 94 -1.38 -17.82 23.38
CA ALA A 94 -1.64 -18.34 24.75
C ALA A 94 -1.25 -17.27 25.78
N SER A 95 -0.57 -16.23 25.35
CA SER A 95 -0.17 -15.16 26.30
C SER A 95 -1.40 -14.33 26.70
N ILE A 96 -2.22 -13.99 25.75
CA ILE A 96 -3.42 -13.17 26.07
C ILE A 96 -4.60 -14.10 26.38
N ALA A 97 -4.44 -15.38 26.19
CA ALA A 97 -5.55 -16.33 26.47
C ALA A 97 -5.92 -16.25 27.96
N ASP A 98 -7.18 -16.30 28.27
CA ASP A 98 -7.60 -16.25 29.69
C ASP A 98 -6.98 -17.41 30.46
N GLU A 99 -6.88 -18.55 29.84
CA GLU A 99 -6.27 -19.73 30.54
C GLU A 99 -4.81 -19.86 30.13
N GLY B 5 -0.49 18.02 -24.43
CA GLY B 5 0.79 17.51 -24.99
C GLY B 5 1.81 17.35 -23.87
N ASP B 6 1.95 18.34 -23.02
CA ASP B 6 2.93 18.24 -21.91
C ASP B 6 2.54 17.08 -20.98
N ASN B 7 1.26 16.80 -20.87
CA ASN B 7 0.83 15.68 -19.99
C ASN B 7 0.78 14.38 -20.80
N LYS B 8 1.17 14.43 -22.05
CA LYS B 8 1.13 13.19 -22.89
C LYS B 8 1.89 12.07 -22.16
N PRO B 9 1.25 10.89 -22.03
CA PRO B 9 1.85 9.74 -21.37
C PRO B 9 3.00 9.14 -22.18
N ALA B 10 4.04 8.70 -21.54
CA ALA B 10 5.18 8.10 -22.29
C ALA B 10 4.79 6.71 -22.79
N ASP B 11 5.32 6.31 -23.91
CA ASP B 11 4.98 4.95 -24.44
C ASP B 11 5.08 3.92 -23.32
N ASP B 12 6.05 4.07 -22.46
CA ASP B 12 6.20 3.10 -21.34
C ASP B 12 4.93 3.08 -20.50
N LEU B 13 4.38 4.23 -20.21
CA LEU B 13 3.13 4.28 -19.39
C LEU B 13 1.98 3.66 -20.18
N LEU B 14 2.01 3.78 -21.48
CA LEU B 14 0.92 3.20 -22.31
C LEU B 14 1.16 1.70 -22.50
N ASN B 15 2.39 1.28 -22.51
CA ASN B 15 2.68 -0.17 -22.69
C ASN B 15 2.36 -0.92 -21.40
N LEU B 16 1.97 -0.23 -20.37
CA LEU B 16 1.64 -0.92 -19.09
C LEU B 16 0.37 -1.75 -19.27
N GLU B 17 0.37 -2.97 -18.80
CA GLU B 17 -0.84 -3.83 -18.95
C GLU B 17 -1.90 -3.38 -17.95
N GLY B 18 -3.14 -3.41 -18.34
CA GLY B 18 -4.23 -3.00 -17.40
C GLY B 18 -4.48 -1.49 -17.55
N VAL B 19 -3.88 -0.87 -18.53
CA VAL B 19 -4.09 0.59 -18.71
C VAL B 19 -4.51 0.86 -20.16
N ASP B 20 -5.58 1.58 -20.35
CA ASP B 20 -6.04 1.89 -21.74
C ASP B 20 -5.50 3.24 -22.17
N ARG B 21 -5.43 3.49 -23.45
CA ARG B 21 -4.91 4.80 -23.93
C ARG B 21 -5.63 5.94 -23.20
N ASP B 22 -6.94 5.88 -23.14
CA ASP B 22 -7.69 6.96 -22.43
C ASP B 22 -7.30 6.98 -20.96
N LEU B 23 -7.34 5.84 -20.30
CA LEU B 23 -6.97 5.80 -18.86
C LEU B 23 -5.56 6.37 -18.68
N ALA B 24 -4.67 6.06 -19.58
CA ALA B 24 -3.28 6.60 -19.46
C ALA B 24 -3.32 8.12 -19.47
N PHE B 25 -4.12 8.70 -20.33
CA PHE B 25 -4.21 10.19 -20.40
C PHE B 25 -4.70 10.72 -19.05
N LYS B 26 -5.74 10.14 -18.51
CA LYS B 26 -6.27 10.62 -17.21
C LYS B 26 -5.16 10.53 -16.16
N LEU B 27 -4.46 9.44 -16.11
CA LEU B 27 -3.36 9.29 -15.11
C LEU B 27 -2.25 10.31 -15.42
N ALA B 28 -1.91 10.47 -16.67
CA ALA B 28 -0.85 11.44 -17.04
C ALA B 28 -1.30 12.85 -16.65
N ALA B 29 -2.58 13.09 -16.65
CA ALA B 29 -3.08 14.46 -16.28
C ALA B 29 -2.48 14.87 -14.94
N ARG B 30 -2.02 13.93 -14.16
CA ARG B 30 -1.44 14.27 -12.83
C ARG B 30 0.07 14.47 -12.98
N GLY B 31 0.52 14.90 -14.12
CA GLY B 31 1.99 15.11 -14.32
C GLY B 31 2.68 13.78 -14.61
N VAL B 32 2.05 12.67 -14.30
CA VAL B 32 2.69 11.36 -14.57
C VAL B 32 2.94 11.21 -16.08
N CYS B 33 4.09 10.73 -16.46
CA CYS B 33 4.38 10.58 -17.91
C CYS B 33 5.03 9.21 -18.16
N THR B 34 5.84 8.75 -17.25
CA THR B 34 6.51 7.42 -17.45
C THR B 34 5.94 6.40 -16.46
N LEU B 35 6.10 5.14 -16.75
CA LEU B 35 5.58 4.10 -15.83
C LEU B 35 6.10 4.37 -14.41
N GLU B 36 7.36 4.69 -14.29
CA GLU B 36 7.91 4.97 -12.94
C GLU B 36 7.09 6.07 -12.28
N ASP B 37 6.76 7.10 -13.02
CA ASP B 37 5.95 8.20 -12.42
C ASP B 37 4.64 7.62 -11.89
N LEU B 38 4.02 6.74 -12.63
CA LEU B 38 2.75 6.13 -12.15
C LEU B 38 2.99 5.45 -10.79
N ALA B 39 4.06 4.72 -10.67
CA ALA B 39 4.34 4.04 -9.38
C ALA B 39 4.43 5.09 -8.27
N GLU B 40 4.97 6.25 -8.56
CA GLU B 40 5.07 7.31 -7.53
C GLU B 40 3.68 7.77 -7.12
N GLN B 41 2.74 7.76 -8.03
CA GLN B 41 1.36 8.19 -7.70
C GLN B 41 0.77 7.28 -6.62
N GLY B 42 -0.20 7.74 -5.91
CA GLY B 42 -0.82 6.90 -4.84
C GLY B 42 -2.32 6.77 -5.09
N ILE B 43 -2.91 5.70 -4.63
CA ILE B 43 -4.38 5.51 -4.85
C ILE B 43 -5.12 6.78 -4.41
N ASP B 44 -4.68 7.40 -3.35
CA ASP B 44 -5.36 8.64 -2.87
C ASP B 44 -5.26 9.71 -3.96
N ASP B 45 -4.13 9.81 -4.60
CA ASP B 45 -3.97 10.84 -5.67
C ASP B 45 -4.83 10.46 -6.88
N LEU B 46 -5.00 9.18 -7.12
CA LEU B 46 -5.82 8.75 -8.28
C LEU B 46 -7.31 8.90 -7.94
N ALA B 47 -7.66 8.79 -6.69
CA ALA B 47 -9.08 8.93 -6.30
C ALA B 47 -9.59 10.33 -6.66
N ASP B 48 -8.69 11.28 -6.76
CA ASP B 48 -9.12 12.66 -7.11
C ASP B 48 -9.88 12.63 -8.43
N ILE B 49 -9.51 11.76 -9.33
CA ILE B 49 -10.22 11.69 -10.64
C ILE B 49 -11.17 10.50 -10.64
N GLU B 50 -12.41 10.71 -11.00
CA GLU B 50 -13.38 9.59 -11.02
C GLU B 50 -12.92 8.54 -12.04
N GLY B 51 -12.25 8.95 -13.07
CA GLY B 51 -11.77 7.98 -14.10
C GLY B 51 -10.98 6.87 -13.42
N LEU B 52 -10.29 7.19 -12.36
CA LEU B 52 -9.48 6.14 -11.65
C LEU B 52 -10.17 5.76 -10.35
N THR B 53 -10.30 4.49 -10.08
CA THR B 53 -10.97 4.06 -8.82
C THR B 53 -9.91 3.60 -7.81
N ASP B 54 -10.26 3.54 -6.55
CA ASP B 54 -9.27 3.10 -5.54
C ASP B 54 -8.77 1.70 -5.87
N GLU B 55 -9.62 0.86 -6.38
CA GLU B 55 -9.19 -0.53 -6.73
C GLU B 55 -8.39 -0.49 -8.04
N LYS B 56 -8.87 0.21 -9.02
CA LYS B 56 -8.15 0.28 -10.32
C LYS B 56 -6.83 1.03 -10.12
N ALA B 57 -6.85 2.10 -9.36
CA ALA B 57 -5.60 2.87 -9.13
C ALA B 57 -4.58 2.01 -8.39
N GLY B 58 -5.02 1.32 -7.37
CA GLY B 58 -4.07 0.45 -6.61
C GLY B 58 -3.49 -0.63 -7.53
N ALA B 59 -4.32 -1.21 -8.37
CA ALA B 59 -3.81 -2.27 -9.29
C ALA B 59 -2.74 -1.68 -10.20
N LEU B 60 -2.93 -0.48 -10.68
CA LEU B 60 -1.92 0.14 -11.57
C LEU B 60 -0.62 0.38 -10.79
N ILE B 61 -0.72 0.93 -9.62
CA ILE B 61 0.50 1.19 -8.80
C ILE B 61 1.29 -0.12 -8.62
N MET B 62 0.66 -1.13 -8.10
CA MET B 62 1.37 -2.42 -7.89
C MET B 62 2.02 -2.87 -9.21
N ALA B 63 1.32 -2.73 -10.30
CA ALA B 63 1.89 -3.15 -11.62
C ALA B 63 3.13 -2.30 -11.93
N ALA B 64 3.05 -1.01 -11.71
CA ALA B 64 4.22 -0.13 -12.00
C ALA B 64 5.37 -0.49 -11.06
N ARG B 65 5.11 -0.57 -9.78
CA ARG B 65 6.19 -0.91 -8.81
C ARG B 65 6.81 -2.26 -9.19
N ASN B 66 6.00 -3.23 -9.48
CA ASN B 66 6.55 -4.57 -9.84
C ASN B 66 7.47 -4.44 -11.06
N ILE B 67 7.10 -3.60 -12.00
CA ILE B 67 7.96 -3.42 -13.21
C ILE B 67 9.24 -2.67 -12.82
N CYS B 68 9.14 -1.74 -11.92
CA CYS B 68 10.34 -0.97 -11.51
C CYS B 68 11.19 -1.81 -10.55
N TRP B 69 10.59 -2.33 -9.52
CA TRP B 69 11.35 -3.16 -8.54
C TRP B 69 11.90 -4.41 -9.23
N PHE B 70 11.08 -5.08 -10.00
CA PHE B 70 11.57 -6.31 -10.71
C PHE B 70 12.04 -5.94 -12.11
N GLY B 71 12.23 -4.68 -12.37
CA GLY B 71 12.69 -4.26 -13.72
C GLY B 71 14.20 -4.50 -13.84
N ASP B 72 14.64 -5.12 -14.90
CA ASP B 72 16.10 -5.39 -15.07
C ASP B 72 16.88 -4.11 -14.76
N GLU B 73 16.39 -2.98 -15.19
CA GLU B 73 17.11 -1.71 -14.93
C GLU B 73 17.27 -1.52 -13.42
N ALA B 74 16.32 -1.94 -12.65
CA ALA B 74 16.42 -1.78 -11.18
C ALA B 74 17.47 -2.76 -10.63
N PHE A 19 1.14 -11.97 25.45
CA PHE A 19 0.47 -11.30 24.29
C PHE A 19 0.92 -9.84 24.23
N ASP A 20 1.83 -9.51 23.35
CA ASP A 20 2.30 -8.10 23.25
C ASP A 20 1.09 -7.19 23.05
N PRO A 21 0.94 -6.18 23.92
CA PRO A 21 -0.17 -5.24 23.86
C PRO A 21 -0.12 -4.38 22.58
N ILE A 22 1.05 -4.21 22.03
CA ILE A 22 1.16 -3.41 20.78
C ILE A 22 0.39 -4.13 19.67
N LEU A 23 0.37 -5.43 19.69
CA LEU A 23 -0.37 -6.19 18.65
C LEU A 23 -1.87 -6.09 18.93
N LEU A 24 -2.25 -6.21 20.17
CA LEU A 24 -3.70 -6.14 20.52
C LEU A 24 -4.20 -4.69 20.35
N ARG A 25 -3.35 -3.73 20.57
CA ARG A 25 -3.79 -2.32 20.43
C ARG A 25 -4.35 -2.12 19.02
N PRO A 26 -5.46 -1.39 18.91
CA PRO A 26 -6.10 -1.12 17.61
C PRO A 26 -5.24 -0.22 16.72
N VAL A 27 -5.04 -0.60 15.50
CA VAL A 27 -4.21 0.23 14.59
C VAL A 27 -4.62 1.71 14.74
N ASP A 28 -5.83 1.95 15.13
CA ASP A 28 -6.30 3.36 15.30
C ASP A 28 -5.56 3.98 16.49
N ASP A 29 -5.21 3.19 17.47
CA ASP A 29 -4.49 3.73 18.65
C ASP A 29 -3.07 4.14 18.24
N LEU A 30 -2.62 3.67 17.12
CA LEU A 30 -1.25 4.03 16.66
C LEU A 30 -1.11 5.55 16.59
N GLU A 31 0.00 6.08 17.04
CA GLU A 31 0.20 7.56 16.99
C GLU A 31 0.25 8.03 15.54
N LEU A 32 0.46 7.13 14.62
CA LEU A 32 0.52 7.52 13.18
C LEU A 32 -0.73 8.31 12.82
N THR A 33 -0.88 8.66 11.57
CA THR A 33 -2.08 9.43 11.15
C THR A 33 -3.21 8.46 10.79
N VAL A 34 -4.43 8.92 10.83
CA VAL A 34 -5.57 8.02 10.49
C VAL A 34 -5.31 7.34 9.15
N ARG A 35 -4.70 8.04 8.22
CA ARG A 35 -4.42 7.43 6.90
C ARG A 35 -3.58 6.17 7.08
N SER A 36 -2.55 6.24 7.89
CA SER A 36 -1.69 5.05 8.12
C SER A 36 -2.55 3.90 8.66
N ALA A 37 -3.37 4.18 9.64
CA ALA A 37 -4.23 3.10 10.21
C ALA A 37 -5.28 2.71 9.17
N ASN A 38 -5.83 3.66 8.48
CA ASN A 38 -6.86 3.33 7.46
C ASN A 38 -6.29 2.33 6.45
N CYS A 39 -5.03 2.44 6.15
CA CYS A 39 -4.41 1.49 5.18
C CYS A 39 -4.62 0.06 5.67
N LEU A 40 -4.03 -0.28 6.79
CA LEU A 40 -4.20 -1.67 7.32
C LEU A 40 -5.68 -1.98 7.49
N LYS A 41 -6.42 -1.09 8.10
CA LYS A 41 -7.88 -1.34 8.30
C LYS A 41 -8.53 -1.63 6.95
N ALA A 42 -8.10 -0.96 5.92
CA ALA A 42 -8.70 -1.19 4.57
C ALA A 42 -8.66 -2.70 4.26
N GLU A 43 -7.69 -3.40 4.78
CA GLU A 43 -7.60 -4.85 4.51
C GLU A 43 -8.37 -5.62 5.58
N ALA A 44 -9.35 -4.99 6.18
CA ALA A 44 -10.15 -5.68 7.23
C ALA A 44 -9.26 -5.94 8.45
N ILE A 45 -8.47 -4.97 8.83
CA ILE A 45 -7.59 -5.16 10.01
C ILE A 45 -7.99 -4.18 11.11
N HIS A 46 -8.28 -4.67 12.29
CA HIS A 46 -8.68 -3.76 13.39
C HIS A 46 -7.59 -3.74 14.46
N TYR A 47 -7.02 -4.87 14.77
CA TYR A 47 -5.94 -4.91 15.79
C TYR A 47 -4.58 -5.09 15.11
N ILE A 48 -3.60 -4.34 15.51
CA ILE A 48 -2.26 -4.47 14.87
C ILE A 48 -1.89 -5.95 14.78
N GLY A 49 -2.35 -6.75 15.69
CA GLY A 49 -2.03 -8.21 15.65
C GLY A 49 -2.25 -8.72 14.23
N ASP A 50 -3.36 -8.38 13.63
CA ASP A 50 -3.63 -8.85 12.24
C ASP A 50 -2.45 -8.48 11.36
N LEU A 51 -1.84 -7.36 11.62
CA LEU A 51 -0.66 -6.94 10.80
C LEU A 51 0.37 -8.06 10.81
N VAL A 52 0.72 -8.56 11.97
CA VAL A 52 1.72 -9.65 12.04
C VAL A 52 1.14 -10.90 11.37
N GLN A 53 -0.16 -10.98 11.29
CA GLN A 53 -0.79 -12.15 10.63
C GLN A 53 -0.46 -12.13 9.14
N ARG A 54 -0.35 -10.97 8.57
CA ARG A 54 -0.03 -10.88 7.12
C ARG A 54 1.49 -10.66 6.95
N THR A 55 2.01 -10.95 5.80
CA THR A 55 3.47 -10.77 5.59
C THR A 55 3.76 -9.29 5.27
N GLU A 56 4.82 -8.76 5.82
CA GLU A 56 5.16 -7.33 5.55
C GLU A 56 5.34 -7.12 4.05
N VAL A 57 5.82 -8.12 3.36
CA VAL A 57 6.02 -7.99 1.90
C VAL A 57 4.73 -7.51 1.25
N GLU A 58 3.63 -8.16 1.54
CA GLU A 58 2.33 -7.74 0.94
C GLU A 58 2.09 -6.26 1.25
N LEU A 59 2.52 -5.80 2.39
CA LEU A 59 2.33 -4.37 2.74
C LEU A 59 3.11 -3.49 1.77
N LEU A 60 4.32 -3.86 1.46
CA LEU A 60 5.13 -3.04 0.52
C LEU A 60 4.50 -3.09 -0.87
N LYS A 61 3.74 -4.11 -1.14
CA LYS A 61 3.09 -4.23 -2.48
C LYS A 61 1.71 -3.56 -2.44
N THR A 62 1.26 -3.19 -1.28
CA THR A 62 -0.08 -2.54 -1.18
C THR A 62 0.06 -1.04 -1.41
N PRO A 63 -0.52 -0.54 -2.51
CA PRO A 63 -0.47 0.89 -2.85
C PRO A 63 -1.35 1.73 -1.92
N ASN A 64 -2.31 1.13 -1.29
CA ASN A 64 -3.19 1.89 -0.35
C ASN A 64 -2.32 2.69 0.62
N LEU A 65 -1.09 2.28 0.81
CA LEU A 65 -0.19 3.01 1.74
C LEU A 65 0.57 4.10 0.97
N GLY A 66 0.72 5.26 1.54
CA GLY A 66 1.45 6.34 0.84
C GLY A 66 2.95 6.23 1.16
N LYS A 67 3.77 6.95 0.45
CA LYS A 67 5.24 6.88 0.72
C LYS A 67 5.50 7.21 2.18
N LYS A 68 4.88 8.24 2.70
CA LYS A 68 5.09 8.62 4.11
C LYS A 68 4.45 7.56 5.02
N SER A 69 3.32 7.04 4.64
CA SER A 69 2.65 6.01 5.48
C SER A 69 3.59 4.81 5.66
N LEU A 70 4.12 4.29 4.59
CA LEU A 70 5.05 3.12 4.71
C LEU A 70 6.16 3.47 5.69
N THR A 71 6.75 4.63 5.55
CA THR A 71 7.85 5.01 6.48
C THR A 71 7.39 4.83 7.92
N GLU A 72 6.24 5.38 8.26
CA GLU A 72 5.73 5.23 9.65
C GLU A 72 5.69 3.74 10.01
N ILE A 73 5.32 2.91 9.07
CA ILE A 73 5.27 1.46 9.36
C ILE A 73 6.65 0.97 9.78
N LYS A 74 7.66 1.34 9.04
CA LYS A 74 9.04 0.91 9.40
C LYS A 74 9.36 1.36 10.82
N ASP A 75 8.89 2.52 11.20
CA ASP A 75 9.16 3.02 12.58
C ASP A 75 8.53 2.05 13.59
N VAL A 76 7.30 1.68 13.39
CA VAL A 76 6.64 0.73 14.34
C VAL A 76 7.34 -0.63 14.25
N LEU A 77 7.73 -1.03 13.06
CA LEU A 77 8.42 -2.34 12.91
C LEU A 77 9.63 -2.38 13.84
N ALA A 78 10.17 -1.24 14.16
CA ALA A 78 11.36 -1.21 15.07
C ALA A 78 11.00 -1.87 16.41
N SER A 79 9.78 -1.69 16.86
CA SER A 79 9.38 -2.30 18.16
C SER A 79 9.47 -3.83 18.05
N ARG A 80 9.24 -4.37 16.88
CA ARG A 80 9.31 -5.84 16.68
C ARG A 80 8.00 -6.51 17.11
N GLY A 81 7.25 -5.89 17.99
CA GLY A 81 5.97 -6.50 18.44
C GLY A 81 5.04 -6.69 17.24
N LEU A 82 5.26 -5.96 16.18
CA LEU A 82 4.40 -6.10 14.98
C LEU A 82 5.25 -6.41 13.75
N SER A 83 4.67 -6.95 12.72
CA SER A 83 5.45 -7.27 11.49
C SER A 83 6.28 -8.54 11.72
N LEU A 84 7.46 -8.60 11.17
CA LEU A 84 8.31 -9.81 11.36
C LEU A 84 7.62 -11.02 10.73
N GLY A 85 6.61 -10.79 9.93
CA GLY A 85 5.90 -11.92 9.26
C GLY A 85 5.63 -13.02 10.30
N MET A 86 5.04 -12.68 11.41
CA MET A 86 4.76 -13.71 12.45
C MET A 86 3.68 -14.66 11.94
N ARG A 87 3.40 -15.70 12.68
CA ARG A 87 2.37 -16.67 12.23
C ARG A 87 1.42 -16.97 13.39
N LEU A 88 0.15 -16.70 13.23
CA LEU A 88 -0.82 -16.97 14.32
C LEU A 88 -1.92 -17.92 13.82
N GLU A 89 -2.35 -18.83 14.64
CA GLU A 89 -3.42 -19.78 14.20
C GLU A 89 -4.70 -18.99 13.95
N ASN A 90 -4.97 -18.01 14.76
CA ASN A 90 -6.20 -17.19 14.58
C ASN A 90 -5.89 -15.74 14.92
N TRP A 91 -5.25 -15.51 16.03
CA TRP A 91 -4.91 -14.12 16.43
C TRP A 91 -4.52 -14.09 17.92
N PRO A 92 -5.51 -14.32 18.81
CA PRO A 92 -5.28 -14.32 20.26
C PRO A 92 -4.45 -15.52 20.71
N PRO A 93 -3.20 -15.27 21.14
CA PRO A 93 -2.30 -16.33 21.61
C PRO A 93 -2.75 -16.91 22.95
N ALA A 94 -2.39 -18.13 23.25
CA ALA A 94 -2.80 -18.73 24.54
C ALA A 94 -2.47 -17.78 25.68
N SER A 95 -1.55 -16.88 25.48
CA SER A 95 -1.19 -15.92 26.56
C SER A 95 -2.41 -15.07 26.92
N ILE A 96 -3.13 -14.60 25.93
CA ILE A 96 -4.33 -13.77 26.21
C ILE A 96 -5.26 -14.52 27.16
N ALA A 97 -5.45 -15.80 26.94
CA ALA A 97 -6.34 -16.58 27.84
C ALA A 97 -5.71 -16.69 29.23
N ASP A 98 -4.41 -16.70 29.29
CA ASP A 98 -3.74 -16.80 30.62
C ASP A 98 -4.30 -15.73 31.57
N GLU A 99 -4.54 -14.56 31.06
CA GLU A 99 -5.08 -13.47 31.92
C GLU A 99 -5.83 -12.45 31.05
N GLY B 5 1.67 20.78 -19.72
CA GLY B 5 0.44 21.22 -20.42
C GLY B 5 -0.01 20.14 -21.40
N ASP B 6 0.87 19.66 -22.23
CA ASP B 6 0.50 18.60 -23.20
C ASP B 6 -0.12 17.42 -22.46
N ASN B 7 0.41 17.08 -21.32
CA ASN B 7 -0.14 15.94 -20.54
C ASN B 7 -0.08 14.68 -21.40
N LYS B 8 1.03 14.44 -22.05
CA LYS B 8 1.15 13.22 -22.90
C LYS B 8 1.80 12.10 -22.09
N PRO B 9 1.27 10.87 -22.23
CA PRO B 9 1.79 9.69 -21.51
C PRO B 9 3.16 9.27 -22.04
N ALA B 10 4.10 9.03 -21.16
CA ALA B 10 5.46 8.61 -21.62
C ALA B 10 5.36 7.26 -22.34
N ASP B 11 6.25 7.01 -23.26
CA ASP B 11 6.21 5.71 -23.99
C ASP B 11 6.18 4.56 -22.99
N ASP B 12 6.90 4.68 -21.90
CA ASP B 12 6.92 3.59 -20.89
C ASP B 12 5.51 3.41 -20.33
N LEU B 13 4.84 4.48 -20.00
CA LEU B 13 3.46 4.36 -19.45
C LEU B 13 2.51 3.88 -20.55
N LEU B 14 2.72 4.32 -21.76
CA LEU B 14 1.82 3.89 -22.87
C LEU B 14 2.07 2.40 -23.17
N ASN B 15 3.27 1.94 -22.99
CA ASN B 15 3.56 0.50 -23.26
C ASN B 15 3.31 -0.31 -21.99
N LEU B 16 2.72 0.29 -20.98
CA LEU B 16 2.45 -0.46 -19.72
C LEU B 16 1.19 -1.31 -19.90
N GLU B 17 1.24 -2.56 -19.52
CA GLU B 17 0.05 -3.42 -19.66
C GLU B 17 -0.95 -3.12 -18.55
N GLY B 18 -2.22 -3.19 -18.83
CA GLY B 18 -3.25 -2.90 -17.79
C GLY B 18 -3.64 -1.41 -17.87
N VAL B 19 -3.13 -0.70 -18.83
CA VAL B 19 -3.47 0.74 -18.95
C VAL B 19 -4.00 1.02 -20.37
N ASP B 20 -5.17 1.60 -20.47
CA ASP B 20 -5.72 1.90 -21.82
C ASP B 20 -5.16 3.23 -22.32
N ARG B 21 -5.06 3.40 -23.61
CA ARG B 21 -4.52 4.68 -24.15
C ARG B 21 -5.26 5.85 -23.51
N ASP B 22 -6.56 5.79 -23.44
CA ASP B 22 -7.32 6.91 -22.82
C ASP B 22 -6.98 6.98 -21.34
N LEU B 23 -6.96 5.87 -20.66
CA LEU B 23 -6.63 5.88 -19.21
C LEU B 23 -5.26 6.52 -19.00
N ALA B 24 -4.29 6.17 -19.81
CA ALA B 24 -2.94 6.76 -19.66
C ALA B 24 -3.04 8.28 -19.80
N PHE B 25 -3.81 8.74 -20.75
CA PHE B 25 -3.95 10.22 -20.93
C PHE B 25 -4.47 10.85 -19.65
N LYS B 26 -5.46 10.24 -19.03
CA LYS B 26 -5.99 10.81 -17.77
C LYS B 26 -4.88 10.89 -16.72
N LEU B 27 -4.04 9.90 -16.66
CA LEU B 27 -2.93 9.92 -15.67
C LEU B 27 -2.01 11.11 -15.97
N ALA B 28 -1.78 11.38 -17.22
CA ALA B 28 -0.89 12.53 -17.59
C ALA B 28 -1.55 13.84 -17.13
N ALA B 29 -2.85 13.90 -17.15
CA ALA B 29 -3.53 15.15 -16.71
C ALA B 29 -2.94 15.61 -15.38
N ARG B 30 -2.62 14.70 -14.51
CA ARG B 30 -2.04 15.09 -13.20
C ARG B 30 -0.52 15.16 -13.31
N GLY B 31 -0.01 15.35 -14.50
CA GLY B 31 1.47 15.43 -14.67
C GLY B 31 2.09 14.03 -14.68
N VAL B 32 1.39 13.04 -14.17
CA VAL B 32 1.95 11.66 -14.17
C VAL B 32 1.86 11.06 -15.57
N CYS B 33 2.97 10.91 -16.24
CA CYS B 33 2.93 10.34 -17.62
C CYS B 33 3.92 9.17 -17.71
N THR B 34 5.05 9.28 -17.08
CA THR B 34 6.05 8.18 -17.14
C THR B 34 5.63 7.07 -16.16
N LEU B 35 5.88 5.84 -16.52
CA LEU B 35 5.50 4.73 -15.61
C LEU B 35 5.97 5.05 -14.19
N GLU B 36 7.17 5.56 -14.07
CA GLU B 36 7.69 5.91 -12.72
C GLU B 36 6.72 6.87 -12.03
N ASP B 37 6.26 7.87 -12.73
CA ASP B 37 5.31 8.83 -12.13
C ASP B 37 4.09 8.06 -11.62
N LEU B 38 3.59 7.14 -12.40
CA LEU B 38 2.40 6.35 -11.96
C LEU B 38 2.70 5.71 -10.60
N ALA B 39 3.85 5.12 -10.47
CA ALA B 39 4.20 4.46 -9.17
C ALA B 39 4.19 5.51 -8.06
N GLU B 40 4.61 6.71 -8.36
CA GLU B 40 4.62 7.78 -7.31
C GLU B 40 3.18 8.13 -6.93
N GLN B 41 2.26 7.95 -7.83
CA GLN B 41 0.83 8.26 -7.51
C GLN B 41 0.26 7.17 -6.61
N GLY B 42 -0.53 7.54 -5.64
CA GLY B 42 -1.12 6.51 -4.73
C GLY B 42 -2.56 6.21 -5.19
N ILE B 43 -3.14 5.15 -4.69
CA ILE B 43 -4.53 4.80 -5.10
C ILE B 43 -5.42 6.03 -4.95
N ASP B 44 -5.16 6.86 -3.97
CA ASP B 44 -5.99 8.07 -3.78
C ASP B 44 -5.76 9.04 -4.95
N ASP B 45 -4.53 9.18 -5.38
CA ASP B 45 -4.24 10.10 -6.52
C ASP B 45 -4.95 9.61 -7.77
N LEU B 46 -5.11 8.32 -7.91
CA LEU B 46 -5.80 7.78 -9.12
C LEU B 46 -7.32 7.85 -8.92
N ALA B 47 -7.77 7.80 -7.70
CA ALA B 47 -9.24 7.86 -7.44
C ALA B 47 -9.77 9.23 -7.85
N ASP B 48 -8.91 10.22 -7.91
CA ASP B 48 -9.37 11.58 -8.29
C ASP B 48 -10.16 11.52 -9.59
N ILE B 49 -9.82 10.60 -10.46
CA ILE B 49 -10.56 10.49 -11.75
C ILE B 49 -11.57 9.35 -11.67
N GLU B 50 -12.80 9.61 -12.02
CA GLU B 50 -13.84 8.53 -11.96
C GLU B 50 -13.40 7.36 -12.83
N GLY B 51 -12.76 7.63 -13.94
CA GLY B 51 -12.31 6.53 -14.83
C GLY B 51 -11.43 5.56 -14.04
N LEU B 52 -10.72 6.04 -13.06
CA LEU B 52 -9.84 5.15 -12.25
C LEU B 52 -10.56 4.79 -10.95
N THR B 53 -10.59 3.52 -10.62
CA THR B 53 -11.27 3.10 -9.36
C THR B 53 -10.21 2.77 -8.30
N ASP B 54 -10.60 2.74 -7.06
CA ASP B 54 -9.62 2.43 -5.98
C ASP B 54 -8.96 1.08 -6.25
N GLU B 55 -9.71 0.13 -6.74
CA GLU B 55 -9.12 -1.22 -7.04
C GLU B 55 -8.26 -1.14 -8.30
N LYS B 56 -8.76 -0.51 -9.33
CA LYS B 56 -7.97 -0.40 -10.59
C LYS B 56 -6.68 0.37 -10.31
N ALA B 57 -6.78 1.48 -9.62
CA ALA B 57 -5.57 2.29 -9.32
C ALA B 57 -4.58 1.44 -8.51
N GLY B 58 -5.07 0.74 -7.52
CA GLY B 58 -4.16 -0.12 -6.70
C GLY B 58 -3.43 -1.12 -7.60
N ALA B 59 -4.16 -1.79 -8.45
CA ALA B 59 -3.52 -2.78 -9.36
C ALA B 59 -2.48 -2.08 -10.24
N LEU B 60 -2.75 -0.86 -10.64
CA LEU B 60 -1.79 -0.13 -11.50
C LEU B 60 -0.51 0.18 -10.72
N ILE B 61 -0.65 0.62 -9.49
CA ILE B 61 0.55 0.94 -8.68
C ILE B 61 1.40 -0.33 -8.49
N MET B 62 0.80 -1.38 -7.97
CA MET B 62 1.57 -2.63 -7.76
C MET B 62 2.26 -3.03 -9.08
N ALA B 63 1.61 -2.81 -10.19
CA ALA B 63 2.23 -3.17 -11.50
C ALA B 63 3.41 -2.23 -11.76
N ALA B 64 3.19 -0.95 -11.68
CA ALA B 64 4.29 0.03 -11.93
C ALA B 64 5.36 -0.15 -10.84
N ARG B 65 4.97 -0.14 -9.59
CA ARG B 65 5.96 -0.30 -8.50
C ARG B 65 6.83 -1.52 -8.79
N ASN B 66 6.22 -2.63 -9.14
CA ASN B 66 7.02 -3.84 -9.45
C ASN B 66 8.02 -3.54 -10.56
N ILE B 67 7.58 -2.85 -11.58
CA ILE B 67 8.51 -2.51 -12.70
C ILE B 67 9.66 -1.66 -12.16
N CYS B 68 9.38 -0.79 -11.25
CA CYS B 68 10.46 0.07 -10.68
C CYS B 68 11.29 -0.74 -9.67
N TRP B 69 10.64 -1.39 -8.75
CA TRP B 69 11.38 -2.19 -7.74
C TRP B 69 12.20 -3.28 -8.46
N PHE B 70 11.61 -3.93 -9.42
CA PHE B 70 12.34 -5.00 -10.15
C PHE B 70 13.20 -4.36 -11.25
N GLY B 71 12.80 -3.23 -11.75
CA GLY B 71 13.59 -2.56 -12.82
C GLY B 71 13.59 -3.44 -14.07
N ASP B 72 14.75 -3.76 -14.58
CA ASP B 72 14.82 -4.61 -15.80
C ASP B 72 15.29 -6.02 -15.42
N GLU B 73 14.37 -6.91 -15.14
CA GLU B 73 14.77 -8.29 -14.76
C GLU B 73 15.75 -8.84 -15.79
N ALA B 74 16.71 -9.60 -15.35
CA ALA B 74 17.71 -10.18 -16.30
C ALA B 74 17.47 -11.68 -16.44
N PHE A 19 1.79 -11.78 24.77
CA PHE A 19 1.03 -11.02 23.75
C PHE A 19 1.53 -9.57 23.71
N ASP A 20 2.12 -9.18 22.62
CA ASP A 20 2.64 -7.78 22.52
C ASP A 20 1.47 -6.79 22.56
N PRO A 21 1.60 -5.72 23.36
CA PRO A 21 0.55 -4.71 23.50
C PRO A 21 0.33 -3.95 22.20
N ILE A 22 1.35 -3.82 21.38
CA ILE A 22 1.19 -3.11 20.09
C ILE A 22 0.14 -3.84 19.24
N LEU A 23 0.02 -5.12 19.42
CA LEU A 23 -0.97 -5.89 18.63
C LEU A 23 -2.37 -5.60 19.16
N LEU A 24 -2.54 -5.57 20.45
CA LEU A 24 -3.88 -5.29 21.04
C LEU A 24 -4.34 -3.90 20.62
N ARG A 25 -3.41 -3.01 20.37
CA ARG A 25 -3.80 -1.63 19.94
C ARG A 25 -4.25 -1.65 18.48
N PRO A 26 -5.30 -0.88 18.16
CA PRO A 26 -5.85 -0.80 16.81
C PRO A 26 -4.90 -0.06 15.85
N VAL A 27 -4.80 -0.52 14.64
CA VAL A 27 -3.90 0.16 13.65
C VAL A 27 -4.11 1.67 13.76
N ASP A 28 -5.32 2.11 13.95
CA ASP A 28 -5.57 3.58 14.06
C ASP A 28 -4.77 4.14 15.23
N ASP A 29 -4.56 3.36 16.25
CA ASP A 29 -3.78 3.86 17.43
C ASP A 29 -2.30 3.91 17.08
N LEU A 30 -1.92 3.33 15.97
CA LEU A 30 -0.48 3.35 15.58
C LEU A 30 0.02 4.80 15.55
N GLU A 31 1.29 5.01 15.77
CA GLU A 31 1.84 6.39 15.76
C GLU A 31 1.69 6.99 14.37
N LEU A 32 1.60 6.17 13.37
CA LEU A 32 1.45 6.71 11.98
C LEU A 32 0.21 7.59 11.90
N THR A 33 0.05 8.34 10.85
CA THR A 33 -1.13 9.22 10.72
C THR A 33 -2.33 8.40 10.21
N VAL A 34 -3.51 8.94 10.33
CA VAL A 34 -4.71 8.18 9.86
C VAL A 34 -4.46 7.65 8.45
N ARG A 35 -3.87 8.45 7.60
CA ARG A 35 -3.60 7.99 6.21
C ARG A 35 -2.92 6.62 6.25
N SER A 36 -1.95 6.45 7.11
CA SER A 36 -1.26 5.14 7.19
C SER A 36 -2.20 4.11 7.82
N ALA A 37 -2.85 4.45 8.89
CA ALA A 37 -3.79 3.49 9.54
C ALA A 37 -4.90 3.11 8.55
N ASN A 38 -5.48 4.08 7.89
CA ASN A 38 -6.55 3.77 6.91
C ASN A 38 -6.03 2.79 5.87
N CYS A 39 -4.77 2.90 5.51
CA CYS A 39 -4.21 1.97 4.49
C CYS A 39 -4.53 0.52 4.89
N LEU A 40 -4.00 0.07 5.98
CA LEU A 40 -4.29 -1.33 6.42
C LEU A 40 -5.78 -1.48 6.70
N LYS A 41 -6.36 -0.53 7.40
CA LYS A 41 -7.82 -0.61 7.69
C LYS A 41 -8.60 -0.83 6.40
N ALA A 42 -8.21 -0.16 5.35
CA ALA A 42 -8.93 -0.33 4.06
C ALA A 42 -9.01 -1.82 3.72
N GLU A 43 -8.14 -2.62 4.27
CA GLU A 43 -8.18 -4.07 4.00
C GLU A 43 -8.99 -4.79 5.08
N ALA A 44 -9.82 -4.07 5.77
CA ALA A 44 -10.64 -4.70 6.85
C ALA A 44 -9.74 -5.05 8.04
N ILE A 45 -8.77 -4.23 8.32
CA ILE A 45 -7.86 -4.51 9.46
C ILE A 45 -7.88 -3.33 10.44
N HIS A 46 -8.50 -3.50 11.57
CA HIS A 46 -8.56 -2.37 12.56
C HIS A 46 -7.64 -2.70 13.73
N TYR A 47 -7.17 -3.91 13.82
CA TYR A 47 -6.27 -4.29 14.94
C TYR A 47 -4.87 -4.56 14.41
N ILE A 48 -3.86 -4.03 15.06
CA ILE A 48 -2.47 -4.26 14.57
C ILE A 48 -2.17 -5.76 14.58
N GLY A 49 -2.78 -6.49 15.48
CA GLY A 49 -2.53 -7.96 15.53
C GLY A 49 -2.73 -8.55 14.14
N ASP A 50 -3.75 -8.13 13.44
CA ASP A 50 -4.00 -8.66 12.08
C ASP A 50 -2.72 -8.50 11.24
N LEU A 51 -2.01 -7.43 11.45
CA LEU A 51 -0.76 -7.22 10.68
C LEU A 51 0.18 -8.40 10.90
N VAL A 52 0.37 -8.79 12.13
CA VAL A 52 1.28 -9.94 12.41
C VAL A 52 0.61 -11.23 11.91
N GLN A 53 -0.69 -11.23 11.82
CA GLN A 53 -1.41 -12.45 11.34
C GLN A 53 -1.03 -12.70 9.87
N ARG A 54 -0.81 -11.66 9.13
CA ARG A 54 -0.44 -11.84 7.70
C ARG A 54 0.99 -11.34 7.46
N THR A 55 1.72 -11.97 6.59
CA THR A 55 3.12 -11.53 6.32
C THR A 55 3.10 -10.10 5.77
N GLU A 56 4.00 -9.27 6.20
CA GLU A 56 4.04 -7.87 5.70
C GLU A 56 4.33 -7.88 4.19
N VAL A 57 5.01 -8.89 3.72
CA VAL A 57 5.32 -8.95 2.26
C VAL A 57 4.03 -8.80 1.45
N GLU A 58 3.03 -9.58 1.76
CA GLU A 58 1.74 -9.48 1.01
C GLU A 58 1.22 -8.05 1.10
N LEU A 59 1.44 -7.39 2.20
CA LEU A 59 0.95 -5.99 2.35
C LEU A 59 1.86 -5.06 1.53
N LEU A 60 3.13 -5.31 1.53
CA LEU A 60 4.07 -4.44 0.76
C LEU A 60 3.69 -4.48 -0.72
N LYS A 61 3.15 -5.58 -1.17
CA LYS A 61 2.77 -5.68 -2.60
C LYS A 61 1.34 -5.15 -2.79
N THR A 62 0.85 -4.41 -1.83
CA THR A 62 -0.53 -3.87 -1.95
C THR A 62 -0.47 -2.35 -2.17
N PRO A 63 -1.29 -1.84 -3.10
CA PRO A 63 -1.33 -0.40 -3.41
C PRO A 63 -1.95 0.41 -2.27
N ASN A 64 -2.75 -0.22 -1.45
CA ASN A 64 -3.38 0.52 -0.32
C ASN A 64 -2.28 1.18 0.53
N LEU A 65 -1.10 0.65 0.50
CA LEU A 65 0.01 1.24 1.30
C LEU A 65 0.60 2.43 0.55
N GLY A 66 0.88 3.51 1.25
CA GLY A 66 1.46 4.70 0.59
C GLY A 66 2.99 4.67 0.70
N LYS A 67 3.67 5.14 -0.29
CA LYS A 67 5.17 5.13 -0.23
C LYS A 67 5.63 5.86 1.03
N LYS A 68 5.02 6.97 1.35
CA LYS A 68 5.42 7.73 2.56
C LYS A 68 5.06 6.92 3.80
N SER A 69 3.92 6.27 3.79
CA SER A 69 3.51 5.47 4.98
C SER A 69 4.50 4.32 5.17
N LEU A 70 4.99 3.75 4.09
CA LEU A 70 5.95 2.62 4.22
C LEU A 70 7.12 3.06 5.12
N THR A 71 7.60 4.26 4.96
CA THR A 71 8.73 4.72 5.80
C THR A 71 8.30 4.72 7.27
N GLU A 72 7.19 5.33 7.58
CA GLU A 72 6.71 5.34 9.00
C GLU A 72 6.55 3.91 9.49
N ILE A 73 5.94 3.06 8.71
CA ILE A 73 5.75 1.66 9.14
C ILE A 73 7.11 1.04 9.44
N LYS A 74 8.06 1.21 8.57
CA LYS A 74 9.41 0.64 8.81
C LYS A 74 9.91 1.10 10.18
N ASP A 75 9.64 2.33 10.53
CA ASP A 75 10.09 2.84 11.86
C ASP A 75 9.41 2.00 12.96
N VAL A 76 8.14 1.73 12.80
CA VAL A 76 7.43 0.92 13.83
C VAL A 76 7.94 -0.51 13.79
N LEU A 77 8.28 -0.99 12.62
CA LEU A 77 8.80 -2.38 12.51
C LEU A 77 10.13 -2.49 13.27
N ALA A 78 10.84 -1.41 13.41
CA ALA A 78 12.13 -1.45 14.13
C ALA A 78 11.89 -1.96 15.56
N SER A 79 10.79 -1.59 16.14
CA SER A 79 10.49 -2.05 17.52
C SER A 79 10.23 -3.56 17.50
N ARG A 80 9.98 -4.11 16.35
CA ARG A 80 9.73 -5.58 16.26
C ARG A 80 8.44 -5.91 17.03
N GLY A 81 7.70 -4.90 17.41
CA GLY A 81 6.43 -5.16 18.17
C GLY A 81 5.34 -5.58 17.19
N LEU A 82 5.45 -5.21 15.94
CA LEU A 82 4.41 -5.59 14.96
C LEU A 82 5.07 -6.04 13.65
N SER A 83 4.47 -6.97 12.96
CA SER A 83 5.06 -7.44 11.67
C SER A 83 6.23 -8.39 11.97
N LEU A 84 6.11 -9.21 12.96
CA LEU A 84 7.21 -10.16 13.29
C LEU A 84 7.02 -11.45 12.49
N GLY A 85 6.18 -11.43 11.51
CA GLY A 85 5.94 -12.67 10.70
C GLY A 85 5.41 -13.77 11.60
N MET A 86 4.53 -13.45 12.51
CA MET A 86 3.97 -14.48 13.42
C MET A 86 2.72 -15.10 12.79
N ARG A 87 2.30 -16.24 13.28
CA ARG A 87 1.08 -16.89 12.71
C ARG A 87 0.29 -17.56 13.83
N LEU A 88 -0.95 -17.20 13.98
CA LEU A 88 -1.78 -17.80 15.06
C LEU A 88 -3.11 -18.26 14.47
N GLU A 89 -3.61 -19.39 14.89
CA GLU A 89 -4.91 -19.87 14.36
C GLU A 89 -5.90 -18.70 14.36
N ASN A 90 -5.82 -17.87 15.36
CA ASN A 90 -6.73 -16.68 15.44
C ASN A 90 -5.89 -15.43 15.67
N TRP A 91 -5.36 -15.29 16.86
CA TRP A 91 -4.50 -14.10 17.18
C TRP A 91 -4.42 -13.91 18.70
N PRO A 92 -5.57 -13.76 19.36
CA PRO A 92 -5.61 -13.57 20.83
C PRO A 92 -5.14 -14.81 21.59
N PRO A 93 -3.95 -14.73 22.19
CA PRO A 93 -3.36 -15.84 22.96
C PRO A 93 -4.07 -16.02 24.31
N ALA A 94 -3.86 -17.13 24.95
CA ALA A 94 -4.52 -17.36 26.27
C ALA A 94 -4.42 -16.09 27.12
N SER A 95 -3.42 -15.29 26.88
CA SER A 95 -3.27 -14.03 27.68
C SER A 95 -4.48 -13.14 27.46
N ILE A 96 -4.74 -12.77 26.23
CA ILE A 96 -5.92 -11.89 25.95
C ILE A 96 -7.17 -12.51 26.53
N ALA A 97 -7.30 -13.82 26.45
CA ALA A 97 -8.50 -14.49 27.01
C ALA A 97 -8.61 -14.20 28.50
N ASP A 98 -9.80 -14.06 29.02
CA ASP A 98 -9.97 -13.77 30.47
C ASP A 98 -9.28 -14.88 31.28
N GLU A 99 -9.37 -16.11 30.83
CA GLU A 99 -8.74 -17.22 31.57
C GLU A 99 -7.35 -17.49 30.99
N GLY B 5 -1.92 21.93 -18.97
CA GLY B 5 -0.79 20.97 -19.10
C GLY B 5 -1.12 19.93 -20.18
N ASP B 6 -0.21 19.67 -21.07
CA ASP B 6 -0.46 18.67 -22.13
C ASP B 6 -0.87 17.34 -21.50
N ASN B 7 -0.30 17.00 -20.38
CA ASN B 7 -0.66 15.72 -19.72
C ASN B 7 -0.33 14.55 -20.65
N LYS B 8 0.81 14.59 -21.29
CA LYS B 8 1.18 13.48 -22.22
C LYS B 8 1.88 12.37 -21.43
N PRO B 9 1.35 11.14 -21.51
CA PRO B 9 1.92 9.99 -20.80
C PRO B 9 3.25 9.55 -21.42
N ALA B 10 4.23 9.29 -20.61
CA ALA B 10 5.56 8.86 -21.14
C ALA B 10 5.44 7.44 -21.71
N ASP B 11 6.43 7.01 -22.45
CA ASP B 11 6.37 5.63 -23.04
C ASP B 11 6.22 4.61 -21.90
N ASP B 12 6.88 4.84 -20.80
CA ASP B 12 6.77 3.88 -19.66
C ASP B 12 5.31 3.84 -19.18
N LEU B 13 4.72 4.98 -18.95
CA LEU B 13 3.31 5.01 -18.48
C LEU B 13 2.41 4.45 -19.58
N LEU B 14 2.70 4.75 -20.81
CA LEU B 14 1.85 4.24 -21.93
C LEU B 14 2.12 2.74 -22.12
N ASN B 15 3.33 2.32 -21.91
CA ASN B 15 3.66 0.88 -22.09
C ASN B 15 3.34 0.12 -20.80
N LEU B 16 2.70 0.76 -19.86
CA LEU B 16 2.36 0.08 -18.58
C LEU B 16 1.23 -0.92 -18.83
N GLU B 17 1.39 -2.13 -18.36
CA GLU B 17 0.33 -3.16 -18.57
C GLU B 17 -0.87 -2.83 -17.67
N GLY B 18 -2.06 -3.06 -18.17
CA GLY B 18 -3.26 -2.77 -17.34
C GLY B 18 -3.71 -1.32 -17.59
N VAL B 19 -3.10 -0.65 -18.53
CA VAL B 19 -3.49 0.76 -18.81
C VAL B 19 -3.52 0.98 -20.32
N ASP B 20 -4.59 1.51 -20.84
CA ASP B 20 -4.67 1.75 -22.30
C ASP B 20 -4.34 3.22 -22.60
N ARG B 21 -4.43 3.61 -23.85
CA ARG B 21 -4.11 5.02 -24.21
C ARG B 21 -5.11 5.96 -23.50
N ASP B 22 -6.36 5.62 -23.50
CA ASP B 22 -7.37 6.48 -22.84
C ASP B 22 -7.08 6.54 -21.33
N LEU B 23 -7.02 5.42 -20.69
CA LEU B 23 -6.75 5.40 -19.22
C LEU B 23 -5.43 6.13 -18.96
N ALA B 24 -4.44 5.91 -19.78
CA ALA B 24 -3.13 6.60 -19.58
C ALA B 24 -3.33 8.11 -19.64
N PHE B 25 -4.21 8.57 -20.49
CA PHE B 25 -4.45 10.04 -20.58
C PHE B 25 -5.09 10.53 -19.29
N LYS B 26 -6.04 9.81 -18.77
CA LYS B 26 -6.71 10.24 -17.51
C LYS B 26 -5.68 10.30 -16.38
N LEU B 27 -4.81 9.33 -16.30
CA LEU B 27 -3.78 9.33 -15.23
C LEU B 27 -2.88 10.55 -15.39
N ALA B 28 -2.46 10.83 -16.60
CA ALA B 28 -1.57 12.01 -16.82
C ALA B 28 -2.30 13.29 -16.41
N ALA B 29 -3.61 13.28 -16.49
CA ALA B 29 -4.38 14.50 -16.11
C ALA B 29 -4.03 14.90 -14.67
N ARG B 30 -3.46 14.00 -13.92
CA ARG B 30 -3.10 14.34 -12.51
C ARG B 30 -1.67 14.86 -12.46
N GLY B 31 -1.21 15.46 -13.53
CA GLY B 31 0.19 16.00 -13.54
C GLY B 31 1.20 14.86 -13.81
N VAL B 32 0.80 13.63 -13.60
CA VAL B 32 1.74 12.50 -13.84
C VAL B 32 2.11 12.45 -15.33
N CYS B 33 3.35 12.18 -15.63
CA CYS B 33 3.76 12.12 -17.07
C CYS B 33 4.63 10.88 -17.30
N THR B 34 5.45 10.52 -16.34
CA THR B 34 6.32 9.33 -16.52
C THR B 34 5.78 8.16 -15.70
N LEU B 35 6.02 6.96 -16.13
CA LEU B 35 5.53 5.78 -15.36
C LEU B 35 5.97 5.90 -13.91
N GLU B 36 7.16 6.39 -13.67
CA GLU B 36 7.64 6.54 -12.27
C GLU B 36 6.67 7.44 -11.51
N ASP B 37 6.31 8.56 -12.10
CA ASP B 37 5.35 9.48 -11.42
C ASP B 37 4.08 8.71 -11.07
N LEU B 38 3.58 7.93 -11.99
CA LEU B 38 2.33 7.16 -11.72
C LEU B 38 2.55 6.31 -10.48
N ALA B 39 3.70 5.69 -10.35
CA ALA B 39 3.96 4.84 -9.15
C ALA B 39 3.87 5.71 -7.89
N GLU B 40 4.30 6.95 -7.99
CA GLU B 40 4.24 7.85 -6.80
C GLU B 40 2.77 8.18 -6.49
N GLN B 41 1.88 7.87 -7.40
CA GLN B 41 0.45 8.16 -7.15
C GLN B 41 -0.12 7.15 -6.16
N GLY B 42 -1.07 7.55 -5.35
CA GLY B 42 -1.65 6.62 -4.36
C GLY B 42 -3.05 6.21 -4.81
N ILE B 43 -3.54 5.09 -4.34
CA ILE B 43 -4.90 4.64 -4.74
C ILE B 43 -5.90 5.77 -4.52
N ASP B 44 -5.70 6.56 -3.50
CA ASP B 44 -6.65 7.68 -3.23
C ASP B 44 -6.50 8.74 -4.33
N ASP B 45 -5.31 8.97 -4.80
CA ASP B 45 -5.12 9.99 -5.87
C ASP B 45 -5.72 9.48 -7.18
N LEU B 46 -5.69 8.19 -7.39
CA LEU B 46 -6.27 7.63 -8.65
C LEU B 46 -7.80 7.66 -8.56
N ALA B 47 -8.34 7.54 -7.38
CA ALA B 47 -9.82 7.57 -7.24
C ALA B 47 -10.37 8.90 -7.77
N ASP B 48 -9.56 9.91 -7.79
CA ASP B 48 -10.04 11.23 -8.30
C ASP B 48 -10.66 11.05 -9.69
N ILE B 49 -10.17 10.10 -10.45
CA ILE B 49 -10.74 9.88 -11.81
C ILE B 49 -11.66 8.66 -11.78
N GLU B 50 -12.86 8.81 -12.27
CA GLU B 50 -13.81 7.66 -12.28
C GLU B 50 -13.26 6.55 -13.18
N GLY B 51 -12.62 6.91 -14.26
CA GLY B 51 -12.05 5.88 -15.17
C GLY B 51 -11.18 4.91 -14.38
N LEU B 52 -10.59 5.37 -13.30
CA LEU B 52 -9.72 4.48 -12.49
C LEU B 52 -10.48 4.02 -11.24
N THR B 53 -10.42 2.76 -10.92
CA THR B 53 -11.14 2.25 -9.72
C THR B 53 -10.13 2.02 -8.60
N ASP B 54 -10.61 1.92 -7.38
CA ASP B 54 -9.67 1.68 -6.24
C ASP B 54 -8.87 0.41 -6.49
N GLU B 55 -9.50 -0.60 -7.05
CA GLU B 55 -8.78 -1.87 -7.32
C GLU B 55 -7.88 -1.69 -8.54
N LYS B 56 -8.40 -1.11 -9.59
CA LYS B 56 -7.57 -0.92 -10.81
C LYS B 56 -6.46 0.08 -10.52
N ALA B 57 -6.79 1.18 -9.88
CA ALA B 57 -5.74 2.19 -9.56
C ALA B 57 -4.66 1.54 -8.70
N GLY B 58 -5.03 0.78 -7.72
CA GLY B 58 -4.02 0.12 -6.86
C GLY B 58 -3.13 -0.79 -7.71
N ALA B 59 -3.73 -1.56 -8.58
CA ALA B 59 -2.92 -2.47 -9.44
C ALA B 59 -1.89 -1.64 -10.23
N LEU B 60 -2.26 -0.45 -10.62
CA LEU B 60 -1.31 0.40 -11.39
C LEU B 60 -0.18 0.86 -10.47
N ILE B 61 -0.47 1.02 -9.20
CA ILE B 61 0.59 1.47 -8.25
C ILE B 61 1.62 0.35 -8.06
N MET B 62 1.17 -0.82 -7.68
CA MET B 62 2.12 -1.94 -7.47
C MET B 62 2.89 -2.19 -8.77
N ALA B 63 2.22 -2.20 -9.88
CA ALA B 63 2.91 -2.45 -11.17
C ALA B 63 3.95 -1.34 -11.40
N ALA B 64 3.53 -0.11 -11.40
CA ALA B 64 4.49 1.01 -11.62
C ALA B 64 5.53 1.01 -10.50
N ARG B 65 5.11 0.88 -9.27
CA ARG B 65 6.08 0.87 -8.15
C ARG B 65 7.13 -0.23 -8.38
N ASN B 66 6.69 -1.40 -8.74
CA ASN B 66 7.65 -2.51 -8.98
C ASN B 66 8.65 -2.10 -10.07
N ILE B 67 8.17 -1.46 -11.10
CA ILE B 67 9.07 -1.02 -12.20
C ILE B 67 10.20 -0.15 -11.62
N CYS B 68 9.89 0.66 -10.66
CA CYS B 68 10.94 1.54 -10.05
C CYS B 68 11.77 0.73 -9.05
N TRP B 69 11.14 0.08 -8.12
CA TRP B 69 11.89 -0.72 -7.11
C TRP B 69 12.67 -1.84 -7.82
N PHE B 70 12.05 -2.56 -8.70
CA PHE B 70 12.76 -3.66 -9.40
C PHE B 70 13.69 -3.06 -10.46
N GLY B 71 13.31 -1.96 -11.05
CA GLY B 71 14.19 -1.33 -12.08
C GLY B 71 15.52 -0.92 -11.44
N ASP B 72 15.52 -0.59 -10.18
CA ASP B 72 16.78 -0.18 -9.51
C ASP B 72 17.76 -1.36 -9.52
N GLU B 73 17.27 -2.55 -9.37
CA GLU B 73 18.17 -3.74 -9.37
C GLU B 73 18.98 -3.76 -10.67
N ALA B 74 20.22 -4.18 -10.61
CA ALA B 74 21.05 -4.21 -11.83
C ALA B 74 20.50 -5.26 -12.80
N PHE A 19 3.12 -11.90 24.15
CA PHE A 19 3.02 -11.09 22.89
C PHE A 19 3.05 -9.60 23.25
N ASP A 20 3.62 -8.79 22.39
CA ASP A 20 3.68 -7.33 22.67
C ASP A 20 2.26 -6.75 22.67
N PRO A 21 1.99 -5.81 23.58
CA PRO A 21 0.68 -5.17 23.70
C PRO A 21 0.35 -4.33 22.47
N ILE A 22 1.36 -3.92 21.74
CA ILE A 22 1.10 -3.10 20.52
C ILE A 22 0.41 -3.96 19.47
N LEU A 23 0.62 -5.26 19.53
CA LEU A 23 -0.03 -6.15 18.53
C LEU A 23 -1.52 -6.29 18.86
N LEU A 24 -1.84 -6.49 20.12
CA LEU A 24 -3.27 -6.64 20.50
C LEU A 24 -3.98 -5.30 20.34
N ARG A 25 -3.27 -4.21 20.52
CA ARG A 25 -3.90 -2.87 20.38
C ARG A 25 -4.45 -2.71 18.96
N PRO A 26 -5.64 -2.12 18.83
CA PRO A 26 -6.28 -1.90 17.53
C PRO A 26 -5.56 -0.84 16.70
N VAL A 27 -5.33 -1.09 15.44
CA VAL A 27 -4.63 -0.08 14.59
C VAL A 27 -5.20 1.31 14.87
N ASP A 28 -6.46 1.38 15.19
CA ASP A 28 -7.08 2.71 15.48
C ASP A 28 -6.42 3.31 16.72
N ASP A 29 -5.99 2.48 17.63
CA ASP A 29 -5.34 2.99 18.87
C ASP A 29 -3.92 3.46 18.55
N LEU A 30 -3.42 3.10 17.40
CA LEU A 30 -2.04 3.53 17.02
C LEU A 30 -1.93 5.05 17.11
N GLU A 31 -0.85 5.54 17.66
CA GLU A 31 -0.69 7.02 17.78
C GLU A 31 -0.62 7.64 16.38
N LEU A 32 -0.36 6.85 15.38
CA LEU A 32 -0.28 7.39 14.00
C LEU A 32 -1.63 8.00 13.61
N THR A 33 -1.66 8.76 12.54
CA THR A 33 -2.95 9.38 12.12
C THR A 33 -3.86 8.30 11.52
N VAL A 34 -5.10 8.62 11.29
CA VAL A 34 -6.04 7.61 10.70
C VAL A 34 -5.42 7.00 9.45
N ARG A 35 -4.62 7.75 8.75
CA ARG A 35 -3.98 7.21 7.51
C ARG A 35 -3.31 5.88 7.83
N SER A 36 -2.56 5.82 8.90
CA SER A 36 -1.88 4.55 9.26
C SER A 36 -2.93 3.45 9.48
N ALA A 37 -3.92 3.72 10.28
CA ALA A 37 -4.97 2.70 10.54
C ALA A 37 -5.77 2.45 9.26
N ASN A 38 -5.87 3.43 8.41
CA ASN A 38 -6.63 3.26 7.15
C ASN A 38 -5.96 2.18 6.30
N CYS A 39 -4.65 2.19 6.21
CA CYS A 39 -3.95 1.17 5.40
C CYS A 39 -4.40 -0.23 5.83
N LEU A 40 -4.23 -0.55 7.08
CA LEU A 40 -4.66 -1.90 7.57
C LEU A 40 -6.18 -1.94 7.67
N LYS A 41 -6.79 -0.88 8.11
CA LYS A 41 -8.27 -0.87 8.22
C LYS A 41 -8.90 -1.15 6.85
N ALA A 42 -8.36 -0.57 5.82
CA ALA A 42 -8.93 -0.81 4.46
C ALA A 42 -8.68 -2.27 4.06
N GLU A 43 -7.73 -2.92 4.66
CA GLU A 43 -7.44 -4.33 4.31
C GLU A 43 -8.29 -5.26 5.19
N ALA A 44 -9.36 -4.76 5.73
CA ALA A 44 -10.23 -5.60 6.59
C ALA A 44 -9.50 -5.91 7.90
N ILE A 45 -8.47 -5.16 8.21
CA ILE A 45 -7.72 -5.42 9.47
C ILE A 45 -8.02 -4.32 10.48
N HIS A 46 -8.45 -4.69 11.66
CA HIS A 46 -8.78 -3.67 12.68
C HIS A 46 -7.79 -3.79 13.85
N TYR A 47 -7.23 -4.95 14.05
CA TYR A 47 -6.26 -5.14 15.17
C TYR A 47 -4.84 -5.20 14.59
N ILE A 48 -3.89 -4.62 15.28
CA ILE A 48 -2.49 -4.66 14.77
C ILE A 48 -2.00 -6.10 14.75
N GLY A 49 -2.48 -6.92 15.66
CA GLY A 49 -2.05 -8.34 15.68
C GLY A 49 -2.20 -8.95 14.28
N ASP A 50 -3.31 -8.71 13.64
CA ASP A 50 -3.51 -9.27 12.27
C ASP A 50 -2.33 -8.87 11.38
N LEU A 51 -1.84 -7.67 11.55
CA LEU A 51 -0.68 -7.22 10.73
C LEU A 51 0.44 -8.26 10.82
N VAL A 52 0.77 -8.68 12.02
CA VAL A 52 1.84 -9.70 12.17
C VAL A 52 1.35 -11.01 11.57
N GLN A 53 0.05 -11.20 11.50
CA GLN A 53 -0.49 -12.46 10.92
C GLN A 53 -0.05 -12.54 9.46
N ARG A 54 0.01 -11.41 8.80
CA ARG A 54 0.44 -11.41 7.37
C ARG A 54 1.86 -10.83 7.28
N THR A 55 2.68 -11.37 6.43
CA THR A 55 4.08 -10.86 6.31
C THR A 55 4.04 -9.40 5.82
N GLU A 56 4.86 -8.56 6.39
CA GLU A 56 4.87 -7.14 5.96
C GLU A 56 5.08 -7.07 4.45
N VAL A 57 5.76 -8.04 3.90
CA VAL A 57 5.99 -8.05 2.42
C VAL A 57 4.65 -7.89 1.71
N GLU A 58 3.67 -8.66 2.09
CA GLU A 58 2.34 -8.55 1.44
C GLU A 58 1.89 -7.09 1.46
N LEU A 59 2.22 -6.37 2.51
CA LEU A 59 1.82 -4.94 2.58
C LEU A 59 2.55 -4.16 1.48
N LEU A 60 3.82 -4.42 1.32
CA LEU A 60 4.59 -3.71 0.26
C LEU A 60 4.01 -4.08 -1.10
N LYS A 61 3.27 -5.15 -1.17
CA LYS A 61 2.67 -5.58 -2.47
C LYS A 61 1.27 -4.99 -2.59
N THR A 62 1.01 -3.89 -1.95
CA THR A 62 -0.34 -3.27 -2.05
C THR A 62 -0.20 -1.75 -2.20
N PRO A 63 -0.75 -1.19 -3.28
CA PRO A 63 -0.70 0.25 -3.56
C PRO A 63 -1.58 1.05 -2.59
N ASN A 64 -2.53 0.42 -1.97
CA ASN A 64 -3.42 1.14 -1.03
C ASN A 64 -2.57 1.94 -0.03
N LEU A 65 -1.34 1.54 0.15
CA LEU A 65 -0.46 2.27 1.11
C LEU A 65 0.38 3.29 0.34
N GLY A 66 0.28 4.55 0.70
CA GLY A 66 1.07 5.59 -0.01
C GLY A 66 2.48 5.65 0.59
N LYS A 67 3.43 6.13 -0.16
CA LYS A 67 4.82 6.21 0.36
C LYS A 67 4.82 6.85 1.75
N LYS A 68 4.00 7.85 1.95
CA LYS A 68 3.96 8.51 3.28
C LYS A 68 3.49 7.51 4.33
N SER A 69 2.46 6.76 4.04
CA SER A 69 1.97 5.76 5.03
C SER A 69 3.04 4.70 5.26
N LEU A 70 3.53 4.10 4.21
CA LEU A 70 4.57 3.05 4.36
C LEU A 70 5.73 3.59 5.22
N THR A 71 6.08 4.84 5.02
CA THR A 71 7.20 5.43 5.81
C THR A 71 6.87 5.35 7.31
N GLU A 72 5.69 5.77 7.68
CA GLU A 72 5.31 5.72 9.12
C GLU A 72 5.34 4.27 9.60
N ILE A 73 4.88 3.36 8.78
CA ILE A 73 4.89 1.93 9.19
C ILE A 73 6.32 1.50 9.52
N LYS A 74 7.24 1.75 8.62
CA LYS A 74 8.65 1.36 8.87
C LYS A 74 9.10 1.98 10.20
N ASP A 75 8.70 3.19 10.46
CA ASP A 75 9.10 3.85 11.74
C ASP A 75 8.65 3.00 12.91
N VAL A 76 7.45 2.48 12.85
CA VAL A 76 6.95 1.62 13.97
C VAL A 76 7.67 0.28 13.94
N LEU A 77 7.85 -0.30 12.79
CA LEU A 77 8.55 -1.61 12.71
C LEU A 77 9.92 -1.51 13.40
N ALA A 78 10.48 -0.33 13.44
CA ALA A 78 11.80 -0.17 14.10
C ALA A 78 11.72 -0.61 15.56
N SER A 79 10.60 -0.34 16.19
CA SER A 79 10.44 -0.75 17.62
C SER A 79 10.38 -2.27 17.71
N ARG A 80 10.05 -2.93 16.63
CA ARG A 80 9.97 -4.41 16.66
C ARG A 80 8.79 -4.84 17.53
N GLY A 81 7.99 -3.90 17.96
CA GLY A 81 6.82 -4.25 18.82
C GLY A 81 5.69 -4.80 17.94
N LEU A 82 5.71 -4.48 16.67
CA LEU A 82 4.63 -4.98 15.78
C LEU A 82 5.25 -5.45 14.45
N SER A 83 4.60 -6.33 13.75
CA SER A 83 5.14 -6.82 12.45
C SER A 83 6.29 -7.80 12.72
N LEU A 84 6.06 -8.78 13.55
CA LEU A 84 7.14 -9.77 13.84
C LEU A 84 7.02 -10.96 12.89
N GLY A 85 6.36 -10.77 11.78
CA GLY A 85 6.20 -11.91 10.81
C GLY A 85 5.76 -13.15 11.56
N MET A 86 4.79 -13.03 12.44
CA MET A 86 4.32 -14.22 13.20
C MET A 86 2.83 -14.42 12.94
N ARG A 87 2.41 -15.65 12.79
CA ARG A 87 0.97 -15.93 12.55
C ARG A 87 0.30 -16.36 13.85
N LEU A 88 -0.88 -15.87 14.12
CA LEU A 88 -1.58 -16.25 15.38
C LEU A 88 -2.94 -16.87 15.05
N GLU A 89 -3.09 -18.14 15.28
CA GLU A 89 -4.41 -18.79 15.01
C GLU A 89 -5.39 -18.43 16.12
N ASN A 90 -4.88 -18.22 17.31
CA ASN A 90 -5.77 -17.85 18.45
C ASN A 90 -4.91 -17.32 19.59
N TRP A 91 -3.77 -16.78 19.28
CA TRP A 91 -2.87 -16.23 20.34
C TRP A 91 -3.68 -15.44 21.36
N PRO A 92 -3.92 -16.04 22.54
CA PRO A 92 -4.66 -15.41 23.62
C PRO A 92 -3.75 -14.81 24.70
N PRO A 93 -3.06 -13.70 24.36
CA PRO A 93 -2.15 -13.04 25.31
C PRO A 93 -2.92 -12.35 26.45
N ALA A 94 -2.27 -12.16 27.57
CA ALA A 94 -2.95 -11.50 28.72
C ALA A 94 -3.24 -10.04 28.36
N SER A 95 -2.44 -9.46 27.51
CA SER A 95 -2.66 -8.03 27.12
C SER A 95 -4.05 -7.89 26.50
N ILE A 96 -4.45 -8.85 25.70
CA ILE A 96 -5.80 -8.77 25.07
C ILE A 96 -6.87 -8.81 26.15
N ALA A 97 -6.55 -9.34 27.30
CA ALA A 97 -7.54 -9.42 28.40
C ALA A 97 -7.82 -8.01 28.94
N ASP A 98 -9.03 -7.73 29.31
CA ASP A 98 -9.34 -6.38 29.85
C ASP A 98 -8.42 -6.05 31.03
N GLU A 99 -8.10 -7.03 31.83
CA GLU A 99 -7.19 -6.79 32.98
C GLU A 99 -5.83 -7.42 32.71
N GLY B 5 1.44 18.25 -24.23
CA GLY B 5 2.41 19.03 -23.42
C GLY B 5 3.07 18.12 -22.39
N ASP B 6 3.48 18.67 -21.27
CA ASP B 6 4.13 17.84 -20.23
C ASP B 6 3.16 16.76 -19.75
N ASN B 7 1.90 17.08 -19.71
CA ASN B 7 0.90 16.07 -19.25
C ASN B 7 0.96 14.83 -20.15
N LYS B 8 1.40 15.00 -21.37
CA LYS B 8 1.48 13.84 -22.30
C LYS B 8 2.22 12.68 -21.61
N PRO B 9 1.66 11.47 -21.68
CA PRO B 9 2.25 10.29 -21.07
C PRO B 9 3.51 9.83 -21.81
N ALA B 10 4.55 9.49 -21.08
CA ALA B 10 5.81 9.04 -21.74
C ALA B 10 5.55 7.71 -22.45
N ASP B 11 6.40 7.36 -23.38
CA ASP B 11 6.21 6.08 -24.12
C ASP B 11 6.09 4.93 -23.11
N ASP B 12 6.78 5.02 -22.01
CA ASP B 12 6.70 3.94 -20.99
C ASP B 12 5.29 3.87 -20.41
N LEU B 13 4.75 4.99 -20.00
CA LEU B 13 3.38 4.99 -19.42
C LEU B 13 2.38 4.59 -20.51
N LEU B 14 2.58 5.04 -21.71
CA LEU B 14 1.63 4.68 -22.81
C LEU B 14 1.85 3.23 -23.22
N ASN B 15 3.06 2.74 -23.14
CA ASN B 15 3.33 1.33 -23.52
C ASN B 15 3.09 0.42 -22.31
N LEU B 16 2.53 0.96 -21.26
CA LEU B 16 2.28 0.12 -20.05
C LEU B 16 1.05 -0.75 -20.28
N GLU B 17 1.14 -2.02 -19.96
CA GLU B 17 -0.03 -2.92 -20.16
C GLU B 17 -1.05 -2.70 -19.05
N GLY B 18 -2.31 -2.75 -19.37
CA GLY B 18 -3.36 -2.54 -18.33
C GLY B 18 -3.77 -1.06 -18.31
N VAL B 19 -3.21 -0.27 -19.19
CA VAL B 19 -3.58 1.17 -19.21
C VAL B 19 -3.91 1.60 -20.64
N ASP B 20 -5.02 2.23 -20.84
CA ASP B 20 -5.41 2.67 -22.21
C ASP B 20 -4.87 4.08 -22.47
N ARG B 21 -4.66 4.43 -23.71
CA ARG B 21 -4.14 5.79 -24.02
C ARG B 21 -4.97 6.84 -23.29
N ASP B 22 -6.26 6.67 -23.25
CA ASP B 22 -7.14 7.66 -22.56
C ASP B 22 -6.85 7.62 -21.05
N LEU B 23 -6.76 6.46 -20.48
CA LEU B 23 -6.48 6.36 -19.03
C LEU B 23 -5.14 7.02 -18.71
N ALA B 24 -4.15 6.78 -19.53
CA ALA B 24 -2.81 7.40 -19.28
C ALA B 24 -2.95 8.92 -19.26
N PHE B 25 -3.65 9.48 -20.20
CA PHE B 25 -3.83 10.96 -20.23
C PHE B 25 -4.48 11.42 -18.93
N LYS B 26 -5.48 10.72 -18.47
CA LYS B 26 -6.15 11.12 -17.21
C LYS B 26 -5.15 11.10 -16.05
N LEU B 27 -4.46 10.00 -15.88
CA LEU B 27 -3.47 9.91 -14.77
C LEU B 27 -2.32 10.90 -15.03
N ALA B 28 -1.87 11.00 -16.25
CA ALA B 28 -0.76 11.94 -16.55
C ALA B 28 -1.16 13.35 -16.11
N ALA B 29 -2.43 13.64 -16.08
CA ALA B 29 -2.88 15.00 -15.66
C ALA B 29 -2.15 15.39 -14.38
N ARG B 30 -1.69 14.44 -13.62
CA ARG B 30 -0.98 14.77 -12.35
C ARG B 30 0.51 14.94 -12.63
N GLY B 31 0.87 15.31 -13.83
CA GLY B 31 2.31 15.49 -14.17
C GLY B 31 2.98 14.14 -14.43
N VAL B 32 2.39 13.05 -13.99
CA VAL B 32 3.00 11.72 -14.23
C VAL B 32 3.12 11.47 -15.74
N CYS B 33 4.28 11.08 -16.19
CA CYS B 33 4.44 10.83 -17.65
C CYS B 33 5.20 9.50 -17.87
N THR B 34 6.14 9.21 -17.01
CA THR B 34 6.91 7.95 -17.18
C THR B 34 6.33 6.86 -16.27
N LEU B 35 6.48 5.62 -16.63
CA LEU B 35 5.94 4.52 -15.79
C LEU B 35 6.37 4.73 -14.34
N GLU B 36 7.60 5.14 -14.13
CA GLU B 36 8.07 5.37 -12.74
C GLU B 36 7.13 6.36 -12.05
N ASP B 37 6.85 7.46 -12.67
CA ASP B 37 5.93 8.46 -12.05
C ASP B 37 4.60 7.77 -11.71
N LEU B 38 4.14 6.92 -12.58
CA LEU B 38 2.85 6.21 -12.32
C LEU B 38 2.96 5.48 -10.98
N ALA B 39 4.06 4.84 -10.73
CA ALA B 39 4.24 4.11 -9.44
C ALA B 39 4.27 5.13 -8.29
N GLU B 40 4.68 6.33 -8.57
CA GLU B 40 4.74 7.36 -7.50
C GLU B 40 3.31 7.75 -7.08
N GLN B 41 2.35 7.50 -7.93
CA GLN B 41 0.94 7.85 -7.58
C GLN B 41 0.36 6.78 -6.67
N GLY B 42 -0.60 7.12 -5.86
CA GLY B 42 -1.22 6.11 -4.94
C GLY B 42 -2.69 5.94 -5.29
N ILE B 43 -3.24 4.78 -5.03
CA ILE B 43 -4.68 4.56 -5.35
C ILE B 43 -5.50 5.78 -4.91
N ASP B 44 -5.13 6.38 -3.81
CA ASP B 44 -5.89 7.57 -3.32
C ASP B 44 -5.75 8.70 -4.34
N ASP B 45 -4.61 8.82 -4.96
CA ASP B 45 -4.42 9.90 -5.96
C ASP B 45 -5.12 9.52 -7.27
N LEU B 46 -5.18 8.25 -7.57
CA LEU B 46 -5.86 7.81 -8.82
C LEU B 46 -7.36 7.96 -8.67
N ALA B 47 -7.88 7.70 -7.49
CA ALA B 47 -9.34 7.82 -7.27
C ALA B 47 -9.78 9.26 -7.53
N ASP B 48 -8.91 10.21 -7.32
CA ASP B 48 -9.28 11.64 -7.57
C ASP B 48 -9.68 11.82 -9.02
N ILE B 49 -9.07 11.08 -9.91
CA ILE B 49 -9.42 11.23 -11.36
C ILE B 49 -10.64 10.34 -11.67
N GLU B 50 -11.62 10.89 -12.34
CA GLU B 50 -12.82 10.08 -12.68
C GLU B 50 -12.45 9.04 -13.73
N GLY B 51 -13.12 7.91 -13.73
CA GLY B 51 -12.81 6.87 -14.74
C GLY B 51 -11.94 5.78 -14.11
N LEU B 52 -11.15 6.15 -13.13
CA LEU B 52 -10.27 5.14 -12.47
C LEU B 52 -10.90 4.69 -11.16
N THR B 53 -10.88 3.42 -10.88
CA THR B 53 -11.49 2.92 -9.61
C THR B 53 -10.37 2.57 -8.62
N ASP B 54 -10.71 2.47 -7.36
CA ASP B 54 -9.66 2.13 -6.35
C ASP B 54 -8.99 0.81 -6.71
N GLU B 55 -9.74 -0.13 -7.21
CA GLU B 55 -9.14 -1.44 -7.60
C GLU B 55 -8.31 -1.26 -8.87
N LYS B 56 -8.84 -0.59 -9.85
CA LYS B 56 -8.08 -0.38 -11.11
C LYS B 56 -6.81 0.42 -10.82
N ALA B 57 -6.94 1.47 -10.06
CA ALA B 57 -5.74 2.30 -9.73
C ALA B 57 -4.69 1.42 -9.03
N GLY B 58 -5.12 0.59 -8.13
CA GLY B 58 -4.14 -0.29 -7.42
C GLY B 58 -3.44 -1.20 -8.42
N ALA B 59 -4.19 -1.81 -9.30
CA ALA B 59 -3.57 -2.72 -10.31
C ALA B 59 -2.55 -1.94 -11.13
N LEU B 60 -2.84 -0.71 -11.46
CA LEU B 60 -1.88 0.09 -12.27
C LEU B 60 -0.62 0.36 -11.45
N ILE B 61 -0.77 0.54 -10.15
CA ILE B 61 0.43 0.81 -9.31
C ILE B 61 1.28 -0.46 -9.21
N MET B 62 0.70 -1.54 -8.76
CA MET B 62 1.47 -2.80 -8.63
C MET B 62 2.15 -3.12 -9.96
N ALA B 63 1.48 -2.86 -11.05
CA ALA B 63 2.09 -3.14 -12.38
C ALA B 63 3.33 -2.28 -12.57
N ALA B 64 3.21 -0.99 -12.35
CA ALA B 64 4.38 -0.09 -12.51
C ALA B 64 5.45 -0.46 -11.47
N ARG B 65 5.07 -0.56 -10.23
CA ARG B 65 6.06 -0.92 -9.17
C ARG B 65 6.80 -2.20 -9.58
N ASN B 66 6.08 -3.20 -10.01
CA ASN B 66 6.74 -4.48 -10.41
C ASN B 66 7.75 -4.19 -11.52
N ILE B 67 7.36 -3.43 -12.51
CA ILE B 67 8.28 -3.12 -13.63
C ILE B 67 9.54 -2.43 -13.07
N CYS B 68 9.37 -1.55 -12.11
CA CYS B 68 10.54 -0.85 -11.53
C CYS B 68 11.31 -1.81 -10.61
N TRP B 69 10.62 -2.47 -9.73
CA TRP B 69 11.30 -3.42 -8.81
C TRP B 69 12.01 -4.50 -9.62
N PHE B 70 11.38 -4.99 -10.66
CA PHE B 70 12.01 -6.04 -11.49
C PHE B 70 12.63 -5.41 -12.73
N GLY B 71 12.69 -4.11 -12.78
CA GLY B 71 13.28 -3.42 -13.97
C GLY B 71 14.79 -3.62 -13.96
N ASP B 72 15.35 -4.03 -15.07
CA ASP B 72 16.82 -4.24 -15.13
C ASP B 72 17.54 -2.95 -14.75
N GLU B 73 17.05 -1.83 -15.19
CA GLU B 73 17.69 -0.53 -14.86
C GLU B 73 17.75 -0.37 -13.34
N ALA B 74 16.75 -0.85 -12.64
CA ALA B 74 16.75 -0.72 -11.15
C ALA B 74 17.69 -1.77 -10.55
N PHE A 19 1.24 -11.81 24.69
CA PHE A 19 1.47 -11.03 23.44
C PHE A 19 1.43 -9.53 23.75
N ASP A 20 2.26 -8.76 23.10
CA ASP A 20 2.27 -7.30 23.36
C ASP A 20 0.89 -6.71 22.99
N PRO A 21 0.39 -5.79 23.80
CA PRO A 21 -0.92 -5.15 23.56
C PRO A 21 -0.91 -4.33 22.28
N ILE A 22 0.20 -3.72 21.95
CA ILE A 22 0.26 -2.93 20.69
C ILE A 22 -0.20 -3.85 19.55
N LEU A 23 0.13 -5.11 19.64
CA LEU A 23 -0.28 -6.07 18.59
C LEU A 23 -1.77 -6.36 18.75
N LEU A 24 -2.30 -6.11 19.92
CA LEU A 24 -3.76 -6.36 20.15
C LEU A 24 -4.54 -5.08 19.81
N ARG A 25 -3.91 -3.95 19.89
CA ARG A 25 -4.61 -2.67 19.57
C ARG A 25 -4.99 -2.66 18.09
N PRO A 26 -6.13 -2.03 17.75
CA PRO A 26 -6.61 -1.93 16.37
C PRO A 26 -5.73 -1.00 15.54
N VAL A 27 -5.49 -1.34 14.30
CA VAL A 27 -4.65 -0.47 13.43
C VAL A 27 -5.06 0.98 13.63
N ASP A 28 -6.32 1.23 13.85
CA ASP A 28 -6.78 2.63 14.04
C ASP A 28 -6.10 3.22 15.28
N ASP A 29 -5.80 2.39 16.25
CA ASP A 29 -5.14 2.91 17.49
C ASP A 29 -3.66 3.17 17.20
N LEU A 30 -3.16 2.68 16.10
CA LEU A 30 -1.73 2.90 15.77
C LEU A 30 -1.38 4.37 16.01
N GLU A 31 -0.16 4.66 16.36
CA GLU A 31 0.24 6.08 16.60
C GLU A 31 0.13 6.87 15.30
N LEU A 32 0.12 6.19 14.18
CA LEU A 32 0.02 6.91 12.88
C LEU A 32 -1.33 7.63 12.79
N THR A 33 -1.50 8.48 11.81
CA THR A 33 -2.78 9.21 11.68
C THR A 33 -3.84 8.30 11.06
N VAL A 34 -5.09 8.61 11.24
CA VAL A 34 -6.17 7.75 10.66
C VAL A 34 -5.82 7.43 9.20
N ARG A 35 -5.26 8.36 8.49
CA ARG A 35 -4.91 8.11 7.06
C ARG A 35 -4.05 6.84 6.97
N SER A 36 -3.06 6.73 7.81
CA SER A 36 -2.20 5.51 7.76
C SER A 36 -3.03 4.27 8.10
N ALA A 37 -3.76 4.31 9.19
CA ALA A 37 -4.59 3.14 9.57
C ALA A 37 -5.65 2.90 8.48
N ASN A 38 -6.15 3.95 7.89
CA ASN A 38 -7.18 3.78 6.82
C ASN A 38 -6.60 2.94 5.69
N CYS A 39 -5.32 3.06 5.43
CA CYS A 39 -4.69 2.27 4.34
C CYS A 39 -4.82 0.78 4.67
N LEU A 40 -4.19 0.34 5.73
CA LEU A 40 -4.28 -1.11 6.10
C LEU A 40 -5.74 -1.48 6.30
N LYS A 41 -6.48 -0.70 7.05
CA LYS A 41 -7.92 -1.02 7.28
C LYS A 41 -8.61 -1.23 5.94
N ALA A 42 -8.18 -0.55 4.92
CA ALA A 42 -8.82 -0.72 3.58
C ALA A 42 -8.66 -2.17 3.13
N GLU A 43 -7.75 -2.90 3.73
CA GLU A 43 -7.55 -4.31 3.33
C GLU A 43 -8.35 -5.23 4.27
N ALA A 44 -9.34 -4.70 4.91
CA ALA A 44 -10.16 -5.54 5.83
C ALA A 44 -9.35 -5.86 7.09
N ILE A 45 -8.38 -5.05 7.40
CA ILE A 45 -7.56 -5.31 8.62
C ILE A 45 -7.82 -4.22 9.65
N HIS A 46 -8.51 -4.54 10.71
CA HIS A 46 -8.80 -3.51 11.76
C HIS A 46 -7.96 -3.81 12.99
N TYR A 47 -7.31 -4.93 13.03
CA TYR A 47 -6.47 -5.28 14.21
C TYR A 47 -5.00 -5.33 13.80
N ILE A 48 -4.13 -4.69 14.54
CA ILE A 48 -2.69 -4.72 14.18
C ILE A 48 -2.24 -6.17 14.04
N GLY A 49 -2.74 -7.05 14.86
CA GLY A 49 -2.34 -8.48 14.78
C GLY A 49 -2.38 -8.93 13.32
N ASP A 50 -3.44 -8.63 12.62
CA ASP A 50 -3.50 -9.05 11.18
C ASP A 50 -2.25 -8.55 10.47
N LEU A 51 -1.76 -7.41 10.86
CA LEU A 51 -0.52 -6.86 10.21
C LEU A 51 0.58 -7.92 10.27
N VAL A 52 0.83 -8.47 11.43
CA VAL A 52 1.89 -9.51 11.53
C VAL A 52 1.45 -10.75 10.77
N GLN A 53 0.17 -10.99 10.68
CA GLN A 53 -0.30 -12.19 9.93
C GLN A 53 0.22 -12.10 8.50
N ARG A 54 0.33 -10.92 7.97
CA ARG A 54 0.84 -10.77 6.58
C ARG A 54 2.34 -10.43 6.64
N THR A 55 3.05 -10.66 5.57
CA THR A 55 4.52 -10.36 5.58
C THR A 55 4.74 -8.88 5.28
N GLU A 56 5.67 -8.26 5.95
CA GLU A 56 5.94 -6.81 5.70
C GLU A 56 6.17 -6.60 4.20
N VAL A 57 6.71 -7.56 3.53
CA VAL A 57 6.96 -7.42 2.07
C VAL A 57 5.66 -6.98 1.38
N GLU A 58 4.59 -7.70 1.62
CA GLU A 58 3.30 -7.33 0.99
C GLU A 58 3.02 -5.84 1.27
N LEU A 59 3.35 -5.39 2.44
CA LEU A 59 3.12 -3.95 2.77
C LEU A 59 3.88 -3.06 1.80
N LEU A 60 5.14 -3.36 1.57
CA LEU A 60 5.93 -2.54 0.63
C LEU A 60 5.28 -2.58 -0.76
N LYS A 61 4.68 -3.68 -1.11
CA LYS A 61 4.02 -3.77 -2.45
C LYS A 61 2.62 -3.15 -2.37
N THR A 62 2.10 -3.00 -1.18
CA THR A 62 0.73 -2.40 -1.04
C THR A 62 0.82 -0.89 -1.23
N PRO A 63 0.22 -0.38 -2.32
CA PRO A 63 0.23 1.06 -2.63
C PRO A 63 -0.67 1.86 -1.69
N ASN A 64 -1.63 1.21 -1.07
CA ASN A 64 -2.53 1.95 -0.13
C ASN A 64 -1.69 2.74 0.88
N LEU A 65 -0.46 2.36 1.07
CA LEU A 65 0.41 3.09 2.04
C LEU A 65 1.34 4.04 1.28
N GLY A 66 1.28 5.31 1.57
CA GLY A 66 2.17 6.27 0.87
C GLY A 66 3.61 6.11 1.38
N LYS A 67 4.57 6.52 0.60
CA LYS A 67 5.99 6.39 1.03
C LYS A 67 6.14 6.96 2.44
N LYS A 68 5.46 8.03 2.73
CA LYS A 68 5.58 8.64 4.09
C LYS A 68 4.95 7.70 5.11
N SER A 69 3.82 7.11 4.80
CA SER A 69 3.17 6.19 5.76
C SER A 69 4.12 5.04 6.09
N LEU A 70 4.73 4.45 5.09
CA LEU A 70 5.67 3.33 5.35
C LEU A 70 6.72 3.78 6.38
N THR A 71 7.24 4.96 6.22
CA THR A 71 8.26 5.45 7.20
C THR A 71 7.71 5.32 8.62
N GLU A 72 6.54 5.84 8.87
CA GLU A 72 5.95 5.73 10.22
C GLU A 72 5.94 4.26 10.65
N ILE A 73 5.58 3.38 9.76
CA ILE A 73 5.56 1.93 10.11
C ILE A 73 6.96 1.49 10.55
N LYS A 74 7.97 1.98 9.88
CA LYS A 74 9.36 1.60 10.25
C LYS A 74 9.65 2.06 11.68
N ASP A 75 9.12 3.20 12.06
CA ASP A 75 9.36 3.70 13.44
C ASP A 75 8.70 2.76 14.45
N VAL A 76 7.44 2.45 14.25
CA VAL A 76 6.76 1.53 15.19
C VAL A 76 7.27 0.10 14.97
N LEU A 77 7.53 -0.26 13.75
CA LEU A 77 8.04 -1.63 13.47
C LEU A 77 9.36 -1.84 14.20
N ALA A 78 10.09 -0.78 14.46
CA ALA A 78 11.39 -0.92 15.17
C ALA A 78 11.17 -1.59 16.52
N SER A 79 10.02 -1.40 17.11
CA SER A 79 9.74 -2.03 18.43
C SER A 79 9.61 -3.54 18.26
N ARG A 80 9.60 -4.00 17.03
CA ARG A 80 9.46 -5.47 16.80
C ARG A 80 8.12 -5.95 17.36
N GLY A 81 7.25 -5.05 17.68
CA GLY A 81 5.93 -5.45 18.24
C GLY A 81 4.91 -5.54 17.10
N LEU A 82 5.31 -5.22 15.90
CA LEU A 82 4.35 -5.29 14.75
C LEU A 82 5.06 -5.89 13.54
N SER A 83 4.33 -6.52 12.66
CA SER A 83 4.97 -7.13 11.46
C SER A 83 6.22 -7.90 11.88
N LEU A 84 6.04 -8.98 12.59
CA LEU A 84 7.21 -9.79 13.03
C LEU A 84 7.35 -11.02 12.13
N GLY A 85 6.63 -11.04 11.03
CA GLY A 85 6.72 -12.20 10.11
C GLY A 85 6.06 -13.42 10.75
N MET A 86 5.13 -13.20 11.64
CA MET A 86 4.46 -14.36 12.31
C MET A 86 3.04 -14.51 11.76
N ARG A 87 2.53 -15.71 11.75
CA ARG A 87 1.14 -15.92 11.25
C ARG A 87 0.31 -16.65 12.31
N LEU A 88 -0.95 -16.35 12.41
CA LEU A 88 -1.79 -17.03 13.43
C LEU A 88 -2.99 -17.70 12.75
N GLU A 89 -3.36 -18.88 13.20
CA GLU A 89 -4.51 -19.57 12.58
C GLU A 89 -5.80 -18.81 12.91
N ASN A 90 -5.84 -18.18 14.05
CA ASN A 90 -7.06 -17.40 14.42
C ASN A 90 -6.66 -15.95 14.69
N TRP A 91 -6.12 -15.68 15.84
CA TRP A 91 -5.70 -14.29 16.16
C TRP A 91 -5.34 -14.18 17.64
N PRO A 92 -6.29 -14.51 18.54
CA PRO A 92 -6.08 -14.46 19.99
C PRO A 92 -5.09 -15.52 20.46
N PRO A 93 -3.88 -15.10 20.84
CA PRO A 93 -2.84 -16.02 21.32
C PRO A 93 -3.14 -16.54 22.72
N ALA A 94 -2.47 -17.57 23.15
CA ALA A 94 -2.72 -18.12 24.51
C ALA A 94 -2.42 -17.04 25.55
N SER A 95 -1.65 -16.05 25.20
CA SER A 95 -1.32 -14.97 26.17
C SER A 95 -2.52 -14.02 26.30
N ILE A 96 -3.18 -13.74 25.22
CA ILE A 96 -4.36 -12.84 25.27
C ILE A 96 -5.42 -13.43 26.19
N ALA A 97 -5.34 -14.70 26.47
CA ALA A 97 -6.35 -15.34 27.36
C ALA A 97 -6.10 -14.90 28.81
N ASP A 98 -7.14 -14.78 29.58
CA ASP A 98 -6.96 -14.36 31.01
C ASP A 98 -6.05 -15.36 31.71
N GLU A 99 -6.18 -16.62 31.42
CA GLU A 99 -5.32 -17.64 32.09
C GLU A 99 -4.44 -18.33 31.04
N GLY B 5 -0.94 20.78 -19.14
CA GLY B 5 -0.43 20.67 -20.53
C GLY B 5 -1.02 19.44 -21.21
N ASP B 6 -0.52 19.08 -22.35
CA ASP B 6 -1.06 17.87 -23.05
C ASP B 6 -0.96 16.65 -22.14
N ASN B 7 0.06 16.59 -21.32
CA ASN B 7 0.21 15.42 -20.42
C ASN B 7 0.24 14.14 -21.24
N LYS B 8 0.96 14.14 -22.33
CA LYS B 8 1.03 12.91 -23.18
C LYS B 8 1.64 11.77 -22.37
N PRO B 9 0.97 10.60 -22.38
CA PRO B 9 1.44 9.41 -21.65
C PRO B 9 2.68 8.81 -22.30
N ALA B 10 3.63 8.39 -21.51
CA ALA B 10 4.87 7.78 -22.09
C ALA B 10 4.56 6.38 -22.61
N ASP B 11 5.35 5.89 -23.52
CA ASP B 11 5.10 4.52 -24.06
C ASP B 11 5.07 3.51 -22.92
N ASP B 12 5.86 3.72 -21.90
CA ASP B 12 5.88 2.77 -20.75
C ASP B 12 4.57 2.87 -19.99
N LEU B 13 4.03 4.05 -19.86
CA LEU B 13 2.75 4.21 -19.12
C LEU B 13 1.61 3.59 -19.94
N LEU B 14 1.71 3.67 -21.24
CA LEU B 14 0.63 3.09 -22.11
C LEU B 14 0.90 1.61 -22.36
N ASN B 15 2.14 1.21 -22.39
CA ASN B 15 2.45 -0.23 -22.65
C ASN B 15 2.27 -1.04 -21.36
N LEU B 16 1.78 -0.42 -20.33
CA LEU B 16 1.58 -1.16 -19.04
C LEU B 16 0.31 -2.01 -19.15
N GLU B 17 0.39 -3.25 -18.73
CA GLU B 17 -0.81 -4.13 -18.80
C GLU B 17 -1.83 -3.68 -17.76
N GLY B 18 -3.09 -3.68 -18.11
CA GLY B 18 -4.14 -3.24 -17.14
C GLY B 18 -4.39 -1.75 -17.29
N VAL B 19 -3.84 -1.15 -18.32
CA VAL B 19 -4.05 0.32 -18.52
C VAL B 19 -4.50 0.56 -19.96
N ASP B 20 -5.55 1.32 -20.15
CA ASP B 20 -6.04 1.60 -21.53
C ASP B 20 -5.57 2.99 -21.96
N ARG B 21 -5.52 3.23 -23.24
CA ARG B 21 -5.08 4.58 -23.72
C ARG B 21 -5.87 5.67 -22.99
N ASP B 22 -7.17 5.57 -22.99
CA ASP B 22 -7.99 6.61 -22.29
C ASP B 22 -7.61 6.64 -20.81
N LEU B 23 -7.54 5.50 -20.17
CA LEU B 23 -7.17 5.48 -18.73
C LEU B 23 -5.82 6.18 -18.53
N ALA B 24 -4.89 5.92 -19.41
CA ALA B 24 -3.56 6.57 -19.27
C ALA B 24 -3.72 8.09 -19.31
N PHE B 25 -4.48 8.59 -20.24
CA PHE B 25 -4.69 10.06 -20.33
C PHE B 25 -5.23 10.58 -19.00
N LYS B 26 -6.18 9.90 -18.42
CA LYS B 26 -6.74 10.35 -17.12
C LYS B 26 -5.63 10.39 -16.07
N LEU B 27 -4.81 9.38 -16.01
CA LEU B 27 -3.71 9.36 -15.01
C LEU B 27 -2.63 10.35 -15.43
N ALA B 28 -2.34 10.42 -16.70
CA ALA B 28 -1.28 11.37 -17.17
C ALA B 28 -1.73 12.80 -16.89
N ALA B 29 -3.01 13.04 -16.86
CA ALA B 29 -3.50 14.43 -16.58
C ALA B 29 -2.95 14.90 -15.23
N ARG B 30 -2.48 13.99 -14.42
CA ARG B 30 -1.93 14.40 -13.09
C ARG B 30 -0.42 14.64 -13.22
N GLY B 31 0.03 15.06 -14.37
CA GLY B 31 1.49 15.31 -14.54
C GLY B 31 2.24 13.99 -14.78
N VAL B 32 1.65 12.88 -14.45
CA VAL B 32 2.34 11.58 -14.66
C VAL B 32 2.54 11.36 -16.16
N CYS B 33 3.69 10.87 -16.56
CA CYS B 33 3.94 10.64 -18.00
C CYS B 33 4.59 9.26 -18.21
N THR B 34 5.43 8.85 -17.29
CA THR B 34 6.09 7.52 -17.45
C THR B 34 5.65 6.58 -16.33
N LEU B 35 5.80 5.31 -16.53
CA LEU B 35 5.38 4.32 -15.48
C LEU B 35 6.01 4.73 -14.13
N GLU B 36 7.23 5.18 -14.16
CA GLU B 36 7.90 5.59 -12.89
C GLU B 36 7.05 6.66 -12.20
N ASP B 37 6.63 7.66 -12.94
CA ASP B 37 5.80 8.73 -12.33
C ASP B 37 4.54 8.10 -11.74
N LEU B 38 3.96 7.15 -12.42
CA LEU B 38 2.73 6.49 -11.89
C LEU B 38 3.05 5.85 -10.53
N ALA B 39 4.15 5.16 -10.44
CA ALA B 39 4.52 4.51 -9.15
C ALA B 39 4.61 5.57 -8.05
N GLU B 40 5.15 6.72 -8.38
CA GLU B 40 5.26 7.80 -7.35
C GLU B 40 3.86 8.22 -6.89
N GLN B 41 2.88 8.04 -7.72
CA GLN B 41 1.50 8.44 -7.33
C GLN B 41 0.93 7.39 -6.37
N GLY B 42 0.11 7.80 -5.44
CA GLY B 42 -0.48 6.83 -4.48
C GLY B 42 -1.95 6.61 -4.82
N ILE B 43 -2.49 5.47 -4.45
CA ILE B 43 -3.92 5.19 -4.76
C ILE B 43 -4.75 6.43 -4.43
N ASP B 44 -4.41 7.14 -3.39
CA ASP B 44 -5.18 8.35 -3.02
C ASP B 44 -5.07 9.39 -4.14
N ASP B 45 -3.90 9.54 -4.72
CA ASP B 45 -3.75 10.53 -5.81
C ASP B 45 -4.54 10.07 -7.03
N LEU B 46 -4.79 8.79 -7.15
CA LEU B 46 -5.57 8.29 -8.31
C LEU B 46 -7.06 8.38 -8.00
N ALA B 47 -7.43 8.39 -6.74
CA ALA B 47 -8.86 8.48 -6.38
C ALA B 47 -9.45 9.78 -6.94
N ASP B 48 -8.62 10.77 -7.17
CA ASP B 48 -9.12 12.06 -7.71
C ASP B 48 -9.96 11.79 -8.96
N ILE B 49 -9.63 10.78 -9.70
CA ILE B 49 -10.41 10.47 -10.93
C ILE B 49 -11.43 9.36 -10.64
N GLU B 50 -12.68 9.61 -10.89
CA GLU B 50 -13.72 8.58 -10.62
C GLU B 50 -13.46 7.35 -11.50
N GLY B 51 -12.99 7.57 -12.70
CA GLY B 51 -12.72 6.41 -13.61
C GLY B 51 -11.80 5.43 -12.91
N LEU B 52 -10.92 5.91 -12.07
CA LEU B 52 -9.99 4.99 -11.36
C LEU B 52 -10.48 4.77 -9.93
N THR B 53 -10.46 3.55 -9.47
CA THR B 53 -10.93 3.27 -8.09
C THR B 53 -9.73 3.03 -7.17
N ASP B 54 -9.92 3.09 -5.88
CA ASP B 54 -8.78 2.87 -4.95
C ASP B 54 -8.15 1.52 -5.22
N GLU B 55 -8.95 0.52 -5.50
CA GLU B 55 -8.39 -0.84 -5.77
C GLU B 55 -7.71 -0.84 -7.14
N LYS B 56 -8.34 -0.28 -8.13
CA LYS B 56 -7.72 -0.25 -9.49
C LYS B 56 -6.41 0.54 -9.43
N ALA B 57 -6.42 1.69 -8.80
CA ALA B 57 -5.19 2.50 -8.71
C ALA B 57 -4.09 1.68 -8.01
N GLY B 58 -4.45 0.97 -6.96
CA GLY B 58 -3.43 0.16 -6.24
C GLY B 58 -2.82 -0.86 -7.21
N ALA B 59 -3.64 -1.52 -7.97
CA ALA B 59 -3.10 -2.53 -8.93
C ALA B 59 -2.12 -1.85 -9.89
N LEU B 60 -2.39 -0.63 -10.26
CA LEU B 60 -1.47 0.09 -11.20
C LEU B 60 -0.15 0.39 -10.48
N ILE B 61 -0.23 0.85 -9.26
CA ILE B 61 1.03 1.16 -8.52
C ILE B 61 1.88 -0.10 -8.40
N MET B 62 1.33 -1.16 -7.85
CA MET B 62 2.12 -2.41 -7.71
C MET B 62 2.71 -2.79 -9.08
N ALA B 63 1.94 -2.72 -10.11
CA ALA B 63 2.45 -3.08 -11.46
C ALA B 63 3.64 -2.17 -11.80
N ALA B 64 3.48 -0.88 -11.65
CA ALA B 64 4.60 0.05 -11.97
C ALA B 64 5.73 -0.14 -10.95
N ARG B 65 5.40 -0.18 -9.69
CA ARG B 65 6.45 -0.37 -8.66
C ARG B 65 7.25 -1.65 -8.96
N ASN B 66 6.57 -2.71 -9.27
CA ASN B 66 7.29 -3.98 -9.58
C ASN B 66 8.20 -3.77 -10.80
N ILE B 67 7.73 -3.07 -11.79
CA ILE B 67 8.56 -2.83 -13.00
C ILE B 67 9.74 -1.93 -12.63
N CYS B 68 9.52 -0.96 -11.79
CA CYS B 68 10.63 -0.05 -11.39
C CYS B 68 11.65 -0.82 -10.57
N TRP B 69 11.21 -1.54 -9.57
CA TRP B 69 12.16 -2.32 -8.73
C TRP B 69 12.77 -3.46 -9.55
N PHE B 70 11.98 -4.09 -10.38
CA PHE B 70 12.51 -5.21 -11.22
C PHE B 70 13.18 -4.63 -12.47
N GLY B 71 12.96 -3.38 -12.75
CA GLY B 71 13.59 -2.77 -13.96
C GLY B 71 15.12 -2.92 -13.87
N ASP B 72 15.67 -2.81 -12.69
CA ASP B 72 17.14 -2.95 -12.53
C ASP B 72 17.58 -4.31 -13.10
N GLU B 73 16.81 -5.33 -12.88
CA GLU B 73 17.19 -6.67 -13.40
C GLU B 73 16.29 -7.05 -14.58
N ALA B 74 16.83 -7.66 -15.60
CA ALA B 74 16.00 -8.04 -16.76
C ALA B 74 15.31 -6.80 -17.33
N PHE A 19 1.49 -12.01 24.02
CA PHE A 19 0.58 -11.23 23.14
C PHE A 19 0.83 -9.73 23.35
N ASP A 20 1.68 -9.16 22.55
CA ASP A 20 1.97 -7.70 22.70
C ASP A 20 0.65 -6.92 22.64
N PRO A 21 0.48 -5.94 23.54
CA PRO A 21 -0.73 -5.12 23.60
C PRO A 21 -0.87 -4.24 22.35
N ILE A 22 0.22 -3.83 21.77
CA ILE A 22 0.12 -2.99 20.55
C ILE A 22 -0.54 -3.82 19.44
N LEU A 23 -0.40 -5.12 19.48
CA LEU A 23 -1.03 -5.98 18.44
C LEU A 23 -2.54 -6.06 18.69
N LEU A 24 -2.94 -6.24 19.92
CA LEU A 24 -4.40 -6.33 20.22
C LEU A 24 -5.06 -4.98 19.93
N ARG A 25 -4.37 -3.91 20.18
CA ARG A 25 -4.98 -2.57 19.92
C ARG A 25 -5.43 -2.50 18.46
N PRO A 26 -6.58 -1.88 18.21
CA PRO A 26 -7.14 -1.74 16.85
C PRO A 26 -6.28 -0.81 16.00
N VAL A 27 -5.93 -1.23 14.82
CA VAL A 27 -5.10 -0.35 13.93
C VAL A 27 -5.64 1.08 13.99
N ASP A 28 -6.92 1.24 14.10
CA ASP A 28 -7.50 2.61 14.16
C ASP A 28 -6.94 3.34 15.39
N ASP A 29 -6.65 2.61 16.44
CA ASP A 29 -6.11 3.26 17.66
C ASP A 29 -4.63 3.60 17.46
N LEU A 30 -4.03 3.04 16.44
CA LEU A 30 -2.58 3.34 16.18
C LEU A 30 -2.34 4.85 16.32
N GLU A 31 -1.23 5.24 16.89
CA GLU A 31 -0.95 6.68 17.05
C GLU A 31 -0.79 7.34 15.67
N LEU A 32 -0.39 6.57 14.69
CA LEU A 32 -0.22 7.15 13.33
C LEU A 32 -1.50 7.88 12.91
N THR A 33 -1.57 8.32 11.69
CA THR A 33 -2.79 9.04 11.23
C THR A 33 -3.84 8.03 10.76
N VAL A 34 -5.08 8.41 10.72
CA VAL A 34 -6.15 7.47 10.28
C VAL A 34 -5.80 6.92 8.90
N ARG A 35 -5.17 7.72 8.07
CA ARG A 35 -4.80 7.23 6.71
C ARG A 35 -3.98 5.94 6.84
N SER A 36 -3.02 5.92 7.72
CA SER A 36 -2.19 4.69 7.89
C SER A 36 -3.08 3.55 8.40
N ALA A 37 -3.90 3.82 9.37
CA ALA A 37 -4.80 2.75 9.91
C ALA A 37 -5.82 2.36 8.86
N ASN A 38 -6.34 3.30 8.13
CA ASN A 38 -7.35 2.98 7.07
C ASN A 38 -6.73 1.99 6.08
N CYS A 39 -5.45 2.08 5.85
CA CYS A 39 -4.81 1.15 4.88
C CYS A 39 -5.06 -0.30 5.34
N LEU A 40 -4.52 -0.67 6.46
CA LEU A 40 -4.73 -2.07 6.95
C LEU A 40 -6.23 -2.35 7.06
N LYS A 41 -6.97 -1.45 7.66
CA LYS A 41 -8.44 -1.67 7.81
C LYS A 41 -9.04 -1.93 6.42
N ALA A 42 -8.56 -1.25 5.43
CA ALA A 42 -9.12 -1.45 4.06
C ALA A 42 -9.07 -2.93 3.70
N GLU A 43 -8.24 -3.69 4.36
CA GLU A 43 -8.15 -5.14 4.06
C GLU A 43 -9.03 -5.92 5.04
N ALA A 44 -9.99 -5.27 5.64
CA ALA A 44 -10.89 -5.97 6.59
C ALA A 44 -10.10 -6.32 7.86
N ILE A 45 -9.09 -5.55 8.18
CA ILE A 45 -8.28 -5.83 9.39
C ILE A 45 -8.42 -4.67 10.38
N HIS A 46 -9.07 -4.89 11.49
CA HIS A 46 -9.23 -3.80 12.48
C HIS A 46 -8.28 -4.02 13.66
N TYR A 47 -7.67 -5.17 13.72
CA TYR A 47 -6.73 -5.46 14.85
C TYR A 47 -5.28 -5.39 14.34
N ILE A 48 -4.39 -4.89 15.15
CA ILE A 48 -2.96 -4.81 14.70
C ILE A 48 -2.36 -6.22 14.68
N GLY A 49 -2.81 -7.09 15.54
CA GLY A 49 -2.26 -8.48 15.56
C GLY A 49 -2.21 -9.01 14.12
N ASP A 50 -3.30 -8.87 13.40
CA ASP A 50 -3.32 -9.37 12.00
C ASP A 50 -2.13 -8.76 11.25
N LEU A 51 -1.79 -7.54 11.56
CA LEU A 51 -0.64 -6.89 10.88
C LEU A 51 0.57 -7.80 11.00
N VAL A 52 0.84 -8.31 12.18
CA VAL A 52 2.01 -9.22 12.34
C VAL A 52 1.72 -10.52 11.60
N GLN A 53 0.46 -10.82 11.39
CA GLN A 53 0.11 -12.07 10.65
C GLN A 53 0.66 -11.98 9.23
N ARG A 54 0.66 -10.80 8.67
CA ARG A 54 1.20 -10.62 7.30
C ARG A 54 2.61 -10.04 7.38
N THR A 55 3.50 -10.49 6.54
CA THR A 55 4.89 -9.94 6.58
C THR A 55 4.92 -8.55 5.94
N GLU A 56 5.78 -7.70 6.43
CA GLU A 56 5.86 -6.32 5.84
C GLU A 56 5.99 -6.42 4.32
N VAL A 57 6.68 -7.43 3.85
CA VAL A 57 6.85 -7.59 2.38
C VAL A 57 5.48 -7.54 1.71
N GLU A 58 4.55 -8.32 2.16
CA GLU A 58 3.19 -8.31 1.55
C GLU A 58 2.67 -6.88 1.52
N LEU A 59 2.94 -6.11 2.55
CA LEU A 59 2.46 -4.70 2.58
C LEU A 59 3.21 -3.89 1.51
N LEU A 60 4.49 -4.14 1.37
CA LEU A 60 5.27 -3.38 0.35
C LEU A 60 4.72 -3.70 -1.05
N LYS A 61 4.11 -4.84 -1.20
CA LYS A 61 3.56 -5.22 -2.54
C LYS A 61 2.13 -4.68 -2.66
N THR A 62 1.75 -3.75 -1.82
CA THR A 62 0.38 -3.20 -1.89
C THR A 62 0.45 -1.71 -2.23
N PRO A 63 -0.43 -1.25 -3.13
CA PRO A 63 -0.47 0.16 -3.57
C PRO A 63 -1.02 1.07 -2.47
N ASN A 64 -1.90 0.57 -1.65
CA ASN A 64 -2.48 1.41 -0.56
C ASN A 64 -1.36 2.06 0.25
N LEU A 65 -0.17 1.51 0.19
CA LEU A 65 0.96 2.09 0.96
C LEU A 65 1.90 2.84 0.00
N GLY A 66 2.15 4.10 0.27
CA GLY A 66 3.05 4.87 -0.63
C GLY A 66 4.49 4.81 -0.09
N LYS A 67 5.43 5.33 -0.82
CA LYS A 67 6.84 5.30 -0.35
C LYS A 67 6.92 5.84 1.08
N LYS A 68 6.25 6.93 1.35
CA LYS A 68 6.29 7.50 2.73
C LYS A 68 5.50 6.59 3.68
N SER A 69 4.43 6.01 3.22
CA SER A 69 3.64 5.11 4.11
C SER A 69 4.55 4.03 4.67
N LEU A 70 5.27 3.33 3.83
CA LEU A 70 6.17 2.26 4.32
C LEU A 70 7.09 2.83 5.41
N THR A 71 7.56 4.03 5.23
CA THR A 71 8.45 4.64 6.25
C THR A 71 7.73 4.70 7.59
N GLU A 72 6.53 5.22 7.60
CA GLU A 72 5.76 5.30 8.89
C GLU A 72 5.70 3.91 9.52
N ILE A 73 5.41 2.91 8.73
CA ILE A 73 5.34 1.53 9.29
C ILE A 73 6.69 1.20 9.95
N LYS A 74 7.77 1.59 9.32
CA LYS A 74 9.11 1.30 9.91
C LYS A 74 9.20 1.98 11.27
N ASP A 75 8.69 3.17 11.38
CA ASP A 75 8.73 3.89 12.68
C ASP A 75 8.03 3.04 13.74
N VAL A 76 6.87 2.52 13.42
CA VAL A 76 6.14 1.67 14.40
C VAL A 76 6.89 0.35 14.57
N LEU A 77 7.47 -0.15 13.51
CA LEU A 77 8.24 -1.42 13.58
C LEU A 77 9.43 -1.23 14.52
N ALA A 78 9.91 -0.04 14.65
CA ALA A 78 11.07 0.21 15.55
C ALA A 78 10.72 -0.24 16.96
N SER A 79 9.46 -0.19 17.32
CA SER A 79 9.05 -0.62 18.67
C SER A 79 9.23 -2.14 18.79
N ARG A 80 9.44 -2.81 17.69
CA ARG A 80 9.61 -4.29 17.73
C ARG A 80 8.38 -4.93 18.38
N GLY A 81 7.31 -4.18 18.47
CA GLY A 81 6.07 -4.75 19.09
C GLY A 81 5.02 -4.99 18.00
N LEU A 82 5.20 -4.42 16.84
CA LEU A 82 4.22 -4.61 15.75
C LEU A 82 4.96 -4.83 14.43
N SER A 83 4.53 -5.78 13.64
CA SER A 83 5.20 -6.04 12.35
C SER A 83 6.55 -6.73 12.59
N LEU A 84 6.60 -7.66 13.49
CA LEU A 84 7.89 -8.36 13.78
C LEU A 84 7.99 -9.61 12.91
N GLY A 85 7.13 -9.73 11.92
CA GLY A 85 7.18 -10.93 11.04
C GLY A 85 6.75 -12.17 11.83
N MET A 86 5.78 -12.01 12.71
CA MET A 86 5.31 -13.17 13.51
C MET A 86 4.27 -13.96 12.71
N ARG A 87 3.89 -15.11 13.18
CA ARG A 87 2.88 -15.93 12.45
C ARG A 87 1.94 -16.59 13.44
N LEU A 88 0.65 -16.46 13.24
CA LEU A 88 -0.32 -17.09 14.17
C LEU A 88 -1.40 -17.82 13.37
N GLU A 89 -1.76 -19.01 13.77
CA GLU A 89 -2.81 -19.76 13.03
C GLU A 89 -4.05 -18.88 12.90
N ASN A 90 -4.38 -18.15 13.93
CA ASN A 90 -5.58 -17.27 13.87
C ASN A 90 -5.20 -15.87 14.34
N TRP A 91 -4.84 -15.73 15.58
CA TRP A 91 -4.44 -14.39 16.10
C TRP A 91 -4.37 -14.44 17.63
N PRO A 92 -5.52 -14.64 18.30
CA PRO A 92 -5.59 -14.69 19.77
C PRO A 92 -4.90 -15.94 20.33
N PRO A 93 -3.72 -15.75 20.97
CA PRO A 93 -2.96 -16.85 21.57
C PRO A 93 -3.63 -17.37 22.84
N ALA A 94 -3.28 -18.56 23.26
CA ALA A 94 -3.90 -19.12 24.50
C ALA A 94 -3.71 -18.13 25.65
N SER A 95 -2.77 -17.23 25.53
CA SER A 95 -2.53 -16.25 26.63
C SER A 95 -3.76 -15.37 26.80
N ILE A 96 -4.26 -14.82 25.73
CA ILE A 96 -5.47 -13.94 25.84
C ILE A 96 -6.56 -14.68 26.62
N ALA A 97 -6.68 -15.96 26.45
CA ALA A 97 -7.72 -16.73 27.18
C ALA A 97 -7.35 -16.81 28.66
N ASP A 98 -8.32 -16.85 29.53
CA ASP A 98 -8.02 -16.93 30.98
C ASP A 98 -7.22 -18.20 31.27
N GLU A 99 -7.55 -19.28 30.62
CA GLU A 99 -6.81 -20.55 30.85
C GLU A 99 -6.89 -20.92 32.33
N GLY B 5 0.39 16.82 -25.45
CA GLY B 5 1.78 17.30 -25.64
C GLY B 5 2.58 17.12 -24.34
N ASP B 6 2.56 18.10 -23.48
CA ASP B 6 3.31 17.98 -22.20
C ASP B 6 2.75 16.80 -21.39
N ASN B 7 1.47 16.56 -21.49
CA ASN B 7 0.89 15.42 -20.72
C ASN B 7 0.95 14.15 -21.58
N LYS B 8 1.80 14.13 -22.56
CA LYS B 8 1.91 12.93 -23.43
C LYS B 8 2.35 11.73 -22.58
N PRO B 9 1.54 10.66 -22.56
CA PRO B 9 1.85 9.45 -21.80
C PRO B 9 3.03 8.67 -22.40
N ALA B 10 3.97 8.30 -21.58
CA ALA B 10 5.14 7.54 -22.10
C ALA B 10 4.69 6.17 -22.59
N ASP B 11 5.40 5.59 -23.52
CA ASP B 11 5.01 4.26 -24.04
C ASP B 11 4.86 3.28 -22.87
N ASP B 12 5.61 3.48 -21.82
CA ASP B 12 5.52 2.56 -20.65
C ASP B 12 4.14 2.71 -19.99
N LEU B 13 3.74 3.92 -19.71
CA LEU B 13 2.41 4.13 -19.06
C LEU B 13 1.30 3.74 -20.05
N LEU B 14 1.45 4.12 -21.29
CA LEU B 14 0.41 3.79 -22.30
C LEU B 14 0.46 2.28 -22.60
N ASN B 15 1.60 1.67 -22.43
CA ASN B 15 1.71 0.21 -22.71
C ASN B 15 1.56 -0.58 -21.41
N LEU B 16 1.21 0.09 -20.34
CA LEU B 16 1.05 -0.62 -19.04
C LEU B 16 -0.30 -1.36 -19.03
N GLU B 17 -0.27 -2.66 -18.87
CA GLU B 17 -1.54 -3.43 -18.85
C GLU B 17 -2.41 -2.94 -17.69
N GLY B 18 -3.70 -2.86 -17.91
CA GLY B 18 -4.61 -2.38 -16.82
C GLY B 18 -4.87 -0.89 -16.99
N VAL B 19 -4.25 -0.26 -17.94
CA VAL B 19 -4.47 1.19 -18.16
C VAL B 19 -5.01 1.44 -19.57
N ASP B 20 -6.08 2.18 -19.68
CA ASP B 20 -6.66 2.45 -21.03
C ASP B 20 -5.98 3.66 -21.65
N ARG B 21 -5.95 3.75 -22.94
CA ARG B 21 -5.31 4.92 -23.60
C ARG B 21 -5.82 6.21 -22.97
N ASP B 22 -7.11 6.31 -22.78
CA ASP B 22 -7.68 7.54 -22.16
C ASP B 22 -7.23 7.63 -20.70
N LEU B 23 -7.34 6.55 -19.97
CA LEU B 23 -6.91 6.57 -18.55
C LEU B 23 -5.47 7.09 -18.45
N ALA B 24 -4.62 6.67 -19.36
CA ALA B 24 -3.22 7.15 -19.33
C ALA B 24 -3.21 8.68 -19.46
N PHE B 25 -4.01 9.22 -20.32
CA PHE B 25 -4.06 10.70 -20.48
C PHE B 25 -4.42 11.34 -19.14
N LYS B 26 -5.33 10.75 -18.43
CA LYS B 26 -5.72 11.32 -17.10
C LYS B 26 -4.52 11.32 -16.17
N LEU B 27 -3.76 10.25 -16.17
CA LEU B 27 -2.56 10.20 -15.28
C LEU B 27 -1.58 11.30 -15.67
N ALA B 28 -1.34 11.47 -16.94
CA ALA B 28 -0.39 12.53 -17.38
C ALA B 28 -0.89 13.89 -16.89
N ALA B 29 -2.17 14.11 -16.96
CA ALA B 29 -2.72 15.42 -16.49
C ALA B 29 -2.10 15.78 -15.13
N ARG B 30 -1.83 14.79 -14.32
CA ARG B 30 -1.23 15.07 -12.98
C ARG B 30 0.30 15.03 -13.10
N GLY B 31 0.83 15.24 -14.27
CA GLY B 31 2.31 15.22 -14.43
C GLY B 31 2.82 13.78 -14.50
N VAL B 32 2.05 12.82 -14.05
CA VAL B 32 2.51 11.41 -14.10
C VAL B 32 2.23 10.83 -15.49
N CYS B 33 3.25 10.59 -16.26
CA CYS B 33 3.06 10.03 -17.63
C CYS B 33 3.91 8.78 -17.81
N THR B 34 5.08 8.77 -17.24
CA THR B 34 5.97 7.58 -17.37
C THR B 34 5.52 6.49 -16.39
N LEU B 35 5.55 5.25 -16.82
CA LEU B 35 5.12 4.15 -15.90
C LEU B 35 5.76 4.36 -14.54
N GLU B 36 7.01 4.71 -14.49
CA GLU B 36 7.68 4.94 -13.18
C GLU B 36 6.96 6.07 -12.43
N ASP B 37 6.68 7.15 -13.11
CA ASP B 37 5.96 8.27 -12.44
C ASP B 37 4.67 7.75 -11.82
N LEU B 38 4.01 6.84 -12.48
CA LEU B 38 2.74 6.28 -11.93
C LEU B 38 3.05 5.54 -10.63
N ALA B 39 4.10 4.77 -10.61
CA ALA B 39 4.46 4.02 -9.38
C ALA B 39 4.66 5.00 -8.23
N GLU B 40 5.24 6.15 -8.50
CA GLU B 40 5.47 7.15 -7.43
C GLU B 40 4.12 7.63 -6.89
N GLN B 41 3.11 7.66 -7.73
CA GLN B 41 1.77 8.13 -7.27
C GLN B 41 1.13 7.05 -6.38
N GLY B 42 0.34 7.47 -5.42
CA GLY B 42 -0.30 6.47 -4.52
C GLY B 42 -1.80 6.38 -4.86
N ILE B 43 -2.41 5.27 -4.57
CA ILE B 43 -3.86 5.12 -4.88
C ILE B 43 -4.60 6.39 -4.42
N ASP B 44 -4.19 6.97 -3.34
CA ASP B 44 -4.86 8.20 -2.84
C ASP B 44 -4.72 9.31 -3.89
N ASP B 45 -3.59 9.36 -4.55
CA ASP B 45 -3.38 10.41 -5.58
C ASP B 45 -4.25 10.10 -6.81
N LEU B 46 -4.52 8.84 -7.04
CA LEU B 46 -5.35 8.47 -8.21
C LEU B 46 -6.83 8.61 -7.85
N ALA B 47 -7.17 8.41 -6.61
CA ALA B 47 -8.59 8.53 -6.20
C ALA B 47 -9.09 9.94 -6.53
N ASP B 48 -8.21 10.90 -6.61
CA ASP B 48 -8.63 12.29 -6.92
C ASP B 48 -9.51 12.28 -8.17
N ILE B 49 -9.25 11.39 -9.09
CA ILE B 49 -10.05 11.33 -10.33
C ILE B 49 -11.05 10.17 -10.24
N GLU B 50 -12.31 10.44 -10.47
CA GLU B 50 -13.33 9.35 -10.38
C GLU B 50 -12.98 8.26 -11.40
N GLY B 51 -12.39 8.63 -12.50
CA GLY B 51 -12.03 7.61 -13.53
C GLY B 51 -11.10 6.57 -12.91
N LEU B 52 -10.37 6.93 -11.90
CA LEU B 52 -9.44 5.96 -11.26
C LEU B 52 -10.04 5.45 -9.95
N THR B 53 -10.09 4.16 -9.76
CA THR B 53 -10.68 3.61 -8.51
C THR B 53 -9.55 3.14 -7.58
N ASP B 54 -9.83 2.96 -6.33
CA ASP B 54 -8.77 2.52 -5.38
C ASP B 54 -8.16 1.21 -5.88
N GLU B 55 -8.96 0.33 -6.41
CA GLU B 55 -8.42 -0.97 -6.92
C GLU B 55 -7.73 -0.74 -8.27
N LYS B 56 -8.37 -0.01 -9.15
CA LYS B 56 -7.76 0.24 -10.49
C LYS B 56 -6.45 1.02 -10.31
N ALA B 57 -6.46 2.04 -9.51
CA ALA B 57 -5.22 2.84 -9.28
C ALA B 57 -4.18 1.97 -8.58
N GLY B 58 -4.57 1.27 -7.56
CA GLY B 58 -3.60 0.41 -6.82
C GLY B 58 -3.08 -0.68 -7.75
N ALA B 59 -3.96 -1.41 -8.39
CA ALA B 59 -3.51 -2.49 -9.32
C ALA B 59 -2.49 -1.92 -10.30
N LEU B 60 -2.74 -0.74 -10.81
CA LEU B 60 -1.79 -0.12 -11.77
C LEU B 60 -0.49 0.22 -11.05
N ILE B 61 -0.58 0.74 -9.86
CA ILE B 61 0.66 1.10 -9.11
C ILE B 61 1.54 -0.15 -8.97
N MET B 62 1.02 -1.20 -8.42
CA MET B 62 1.82 -2.43 -8.26
C MET B 62 2.42 -2.83 -9.61
N ALA B 63 1.62 -2.80 -10.65
CA ALA B 63 2.14 -3.18 -11.99
C ALA B 63 3.34 -2.28 -12.33
N ALA B 64 3.13 -1.00 -12.40
CA ALA B 64 4.25 -0.07 -12.72
C ALA B 64 5.39 -0.30 -11.72
N ARG B 65 5.07 -0.43 -10.46
CA ARG B 65 6.13 -0.65 -9.44
C ARG B 65 6.88 -1.94 -9.77
N ASN B 66 6.18 -2.97 -10.17
CA ASN B 66 6.86 -4.25 -10.52
C ASN B 66 7.88 -3.99 -11.63
N ILE B 67 7.52 -3.20 -12.60
CA ILE B 67 8.47 -2.90 -13.70
C ILE B 67 9.64 -2.07 -13.17
N CYS B 68 9.36 -1.15 -12.29
CA CYS B 68 10.45 -0.31 -11.73
C CYS B 68 11.33 -1.16 -10.81
N TRP B 69 10.75 -1.86 -9.89
CA TRP B 69 11.55 -2.71 -8.96
C TRP B 69 12.30 -3.77 -9.77
N PHE B 70 11.68 -4.32 -10.78
CA PHE B 70 12.35 -5.36 -11.61
C PHE B 70 13.37 -4.69 -12.54
N GLY B 71 13.04 -3.53 -13.04
CA GLY B 71 13.99 -2.84 -13.96
C GLY B 71 14.39 -3.78 -15.10
N ASP B 72 15.66 -3.95 -15.32
CA ASP B 72 16.11 -4.86 -16.41
C ASP B 72 15.45 -6.23 -16.24
N GLU B 73 15.39 -6.71 -15.03
CA GLU B 73 14.76 -8.05 -14.80
C GLU B 73 13.35 -8.05 -15.37
N ALA B 74 12.67 -6.93 -15.32
CA ALA B 74 11.28 -6.88 -15.86
C ALA B 74 10.67 -5.52 -15.53
N PHE A 19 1.66 -11.28 25.42
CA PHE A 19 1.10 -10.62 24.20
C PHE A 19 1.30 -9.11 24.31
N ASP A 20 2.07 -8.53 23.42
CA ASP A 20 2.31 -7.07 23.48
C ASP A 20 1.01 -6.34 23.09
N PRO A 21 0.68 -5.27 23.82
CA PRO A 21 -0.53 -4.48 23.56
C PRO A 21 -0.47 -3.78 22.21
N ILE A 22 0.72 -3.50 21.72
CA ILE A 22 0.84 -2.83 20.40
C ILE A 22 0.45 -3.83 19.31
N LEU A 23 0.64 -5.09 19.56
CA LEU A 23 0.27 -6.12 18.54
C LEU A 23 -1.25 -6.27 18.51
N LEU A 24 -1.90 -5.98 19.61
CA LEU A 24 -3.38 -6.10 19.64
C LEU A 24 -4.01 -4.71 19.52
N ARG A 25 -3.26 -3.69 19.81
CA ARG A 25 -3.80 -2.31 19.70
C ARG A 25 -4.35 -2.10 18.29
N PRO A 26 -5.40 -1.29 18.16
CA PRO A 26 -6.03 -1.00 16.87
C PRO A 26 -5.12 -0.15 15.97
N VAL A 27 -4.97 -0.53 14.73
CA VAL A 27 -4.11 0.26 13.81
C VAL A 27 -4.42 1.76 13.98
N ASP A 28 -5.64 2.08 14.32
CA ASP A 28 -6.01 3.51 14.51
C ASP A 28 -5.22 4.08 15.69
N ASP A 29 -4.90 3.25 16.66
CA ASP A 29 -4.14 3.75 17.83
C ASP A 29 -2.71 4.07 17.40
N LEU A 30 -2.30 3.59 16.26
CA LEU A 30 -0.92 3.86 15.77
C LEU A 30 -0.71 5.37 15.67
N GLU A 31 0.48 5.84 15.97
CA GLU A 31 0.74 7.30 15.89
C GLU A 31 0.63 7.77 14.43
N LEU A 32 0.61 6.85 13.50
CA LEU A 32 0.50 7.24 12.07
C LEU A 32 -0.81 8.00 11.84
N THR A 33 -1.01 8.53 10.66
CA THR A 33 -2.26 9.27 10.38
C THR A 33 -3.42 8.30 10.22
N VAL A 34 -4.63 8.79 10.16
CA VAL A 34 -5.80 7.88 10.00
C VAL A 34 -5.69 7.14 8.66
N ARG A 35 -5.12 7.77 7.68
CA ARG A 35 -4.98 7.09 6.35
C ARG A 35 -4.16 5.81 6.52
N SER A 36 -3.07 5.89 7.24
CA SER A 36 -2.23 4.67 7.44
C SER A 36 -3.09 3.57 8.08
N ALA A 37 -3.77 3.87 9.14
CA ALA A 37 -4.63 2.85 9.80
C ALA A 37 -5.77 2.48 8.87
N ASN A 38 -6.26 3.43 8.12
CA ASN A 38 -7.38 3.13 7.17
C ASN A 38 -6.93 2.09 6.16
N CYS A 39 -5.71 2.18 5.71
CA CYS A 39 -5.20 1.19 4.72
C CYS A 39 -5.50 -0.22 5.22
N LEU A 40 -4.99 -0.58 6.37
CA LEU A 40 -5.25 -1.94 6.91
C LEU A 40 -6.74 -2.09 7.20
N LYS A 41 -7.33 -1.13 7.86
CA LYS A 41 -8.79 -1.22 8.17
C LYS A 41 -9.56 -1.46 6.88
N ALA A 42 -9.17 -0.82 5.80
CA ALA A 42 -9.89 -1.02 4.52
C ALA A 42 -10.00 -2.51 4.22
N GLU A 43 -9.11 -3.31 4.76
CA GLU A 43 -9.17 -4.77 4.51
C GLU A 43 -9.97 -5.45 5.63
N ALA A 44 -10.83 -4.72 6.28
CA ALA A 44 -11.63 -5.32 7.38
C ALA A 44 -10.71 -5.69 8.54
N ILE A 45 -9.63 -4.97 8.71
CA ILE A 45 -8.69 -5.28 9.82
C ILE A 45 -8.49 -4.05 10.70
N HIS A 46 -9.03 -4.06 11.88
CA HIS A 46 -8.87 -2.88 12.78
C HIS A 46 -7.78 -3.17 13.81
N TYR A 47 -7.28 -4.38 13.84
CA TYR A 47 -6.21 -4.72 14.82
C TYR A 47 -4.86 -4.81 14.10
N ILE A 48 -3.81 -4.33 14.72
CA ILE A 48 -2.48 -4.40 14.07
C ILE A 48 -1.96 -5.84 14.08
N GLY A 49 -2.35 -6.60 15.06
CA GLY A 49 -1.89 -8.02 15.12
C GLY A 49 -2.03 -8.66 13.73
N ASP A 50 -3.16 -8.51 13.11
CA ASP A 50 -3.33 -9.09 11.75
C ASP A 50 -2.18 -8.63 10.86
N LEU A 51 -1.72 -7.42 11.08
CA LEU A 51 -0.58 -6.90 10.26
C LEU A 51 0.56 -7.91 10.33
N VAL A 52 0.97 -8.29 11.51
CA VAL A 52 2.08 -9.28 11.63
C VAL A 52 1.64 -10.58 10.97
N GLN A 53 0.35 -10.84 10.96
CA GLN A 53 -0.14 -12.10 10.32
C GLN A 53 0.31 -12.11 8.86
N ARG A 54 0.29 -10.98 8.22
CA ARG A 54 0.73 -10.91 6.80
C ARG A 54 2.18 -10.43 6.74
N THR A 55 2.97 -11.00 5.87
CA THR A 55 4.40 -10.58 5.77
C THR A 55 4.48 -9.10 5.34
N GLU A 56 5.39 -8.37 5.91
CA GLU A 56 5.53 -6.93 5.53
C GLU A 56 5.66 -6.82 4.02
N VAL A 57 6.18 -7.83 3.37
CA VAL A 57 6.32 -7.77 1.89
C VAL A 57 4.98 -7.40 1.26
N GLU A 58 3.94 -8.11 1.60
CA GLU A 58 2.61 -7.79 1.03
C GLU A 58 2.31 -6.31 1.23
N LEU A 59 2.78 -5.74 2.30
CA LEU A 59 2.54 -4.29 2.55
C LEU A 59 3.25 -3.47 1.47
N LEU A 60 4.50 -3.78 1.21
CA LEU A 60 5.24 -3.03 0.17
C LEU A 60 4.55 -3.19 -1.19
N LYS A 61 3.91 -4.31 -1.40
CA LYS A 61 3.21 -4.53 -2.69
C LYS A 61 1.82 -3.89 -2.65
N THR A 62 1.31 -3.67 -1.47
CA THR A 62 -0.04 -3.05 -1.35
C THR A 62 0.07 -1.54 -1.50
N PRO A 63 -0.55 -0.98 -2.56
CA PRO A 63 -0.53 0.46 -2.83
C PRO A 63 -1.39 1.23 -1.82
N ASN A 64 -2.36 0.59 -1.23
CA ASN A 64 -3.23 1.29 -0.24
C ASN A 64 -2.37 2.08 0.73
N LEU A 65 -1.13 1.70 0.90
CA LEU A 65 -0.24 2.43 1.84
C LEU A 65 0.59 3.45 1.06
N GLY A 66 0.77 4.63 1.59
CA GLY A 66 1.57 5.66 0.87
C GLY A 66 3.04 5.51 1.24
N LYS A 67 3.93 6.10 0.47
CA LYS A 67 5.37 5.99 0.78
C LYS A 67 5.61 6.36 2.24
N LYS A 68 5.02 7.43 2.70
CA LYS A 68 5.22 7.83 4.12
C LYS A 68 4.61 6.77 5.04
N SER A 69 3.46 6.28 4.70
CA SER A 69 2.82 5.24 5.56
C SER A 69 3.78 4.06 5.73
N LEU A 70 4.23 3.50 4.65
CA LEU A 70 5.18 2.35 4.74
C LEU A 70 6.37 2.74 5.60
N THR A 71 6.94 3.89 5.35
CA THR A 71 8.11 4.34 6.16
C THR A 71 7.77 4.21 7.65
N GLU A 72 6.67 4.77 8.08
CA GLU A 72 6.29 4.68 9.51
C GLU A 72 6.26 3.20 9.92
N ILE A 73 5.81 2.35 9.06
CA ILE A 73 5.77 0.90 9.41
C ILE A 73 7.18 0.43 9.75
N LYS A 74 8.15 0.78 8.96
CA LYS A 74 9.54 0.36 9.25
C LYS A 74 9.96 0.90 10.61
N ASP A 75 9.58 2.12 10.92
CA ASP A 75 9.94 2.71 12.23
C ASP A 75 9.29 1.90 13.35
N VAL A 76 8.01 1.67 13.24
CA VAL A 76 7.30 0.89 14.30
C VAL A 76 7.87 -0.53 14.34
N LEU A 77 8.13 -1.11 13.20
CA LEU A 77 8.69 -2.49 13.18
C LEU A 77 9.95 -2.55 14.04
N ALA A 78 10.63 -1.44 14.18
CA ALA A 78 11.87 -1.42 15.01
C ALA A 78 11.52 -1.87 16.44
N SER A 79 10.42 -1.43 16.95
CA SER A 79 10.02 -1.83 18.34
C SER A 79 9.66 -3.32 18.35
N ARG A 80 9.59 -3.93 17.20
CA ARG A 80 9.24 -5.38 17.16
C ARG A 80 7.80 -5.57 17.64
N GLY A 81 7.09 -4.49 17.82
CA GLY A 81 5.67 -4.61 18.29
C GLY A 81 4.80 -5.14 17.16
N LEU A 82 5.14 -4.84 15.93
CA LEU A 82 4.32 -5.33 14.79
C LEU A 82 5.23 -5.56 13.58
N SER A 83 4.70 -6.12 12.52
CA SER A 83 5.53 -6.36 11.31
C SER A 83 6.67 -7.32 11.66
N LEU A 84 6.46 -8.21 12.59
CA LEU A 84 7.54 -9.16 12.97
C LEU A 84 7.60 -10.30 11.95
N GLY A 85 6.68 -10.32 11.03
CA GLY A 85 6.68 -11.41 10.00
C GLY A 85 6.28 -12.73 10.65
N MET A 86 5.34 -12.70 11.56
CA MET A 86 4.90 -13.96 12.22
C MET A 86 3.51 -14.35 11.70
N ARG A 87 3.13 -15.59 11.88
CA ARG A 87 1.79 -16.03 11.39
C ARG A 87 1.03 -16.71 12.52
N LEU A 88 -0.23 -16.37 12.69
CA LEU A 88 -1.03 -16.99 13.78
C LEU A 88 -2.18 -17.80 13.16
N GLU A 89 -2.51 -18.91 13.75
CA GLU A 89 -3.62 -19.74 13.20
C GLU A 89 -4.91 -18.91 13.18
N ASN A 90 -5.08 -18.04 14.14
CA ASN A 90 -6.30 -17.19 14.18
C ASN A 90 -5.90 -15.75 14.48
N TRP A 91 -5.43 -15.49 15.67
CA TRP A 91 -5.02 -14.10 16.02
C TRP A 91 -4.58 -14.06 17.50
N PRO A 92 -5.52 -14.32 18.43
CA PRO A 92 -5.23 -14.31 19.87
C PRO A 92 -4.32 -15.48 20.28
N PRO A 93 -3.04 -15.18 20.59
CA PRO A 93 -2.08 -16.20 21.00
C PRO A 93 -2.36 -16.71 22.42
N ALA A 94 -1.78 -17.81 22.79
CA ALA A 94 -2.01 -18.36 24.15
C ALA A 94 -1.69 -17.29 25.19
N SER A 95 -0.94 -16.29 24.81
CA SER A 95 -0.58 -15.22 25.77
C SER A 95 -1.84 -14.45 26.17
N ILE A 96 -2.63 -14.05 25.21
CA ILE A 96 -3.88 -13.30 25.53
C ILE A 96 -4.70 -14.07 26.56
N ALA A 97 -4.66 -15.38 26.50
CA ALA A 97 -5.44 -16.19 27.48
C ALA A 97 -4.96 -15.88 28.90
N ASP A 98 -5.85 -15.93 29.86
CA ASP A 98 -5.44 -15.63 31.26
C ASP A 98 -4.39 -16.64 31.72
N GLU A 99 -4.52 -17.88 31.33
CA GLU A 99 -3.53 -18.90 31.73
C GLU A 99 -2.23 -18.70 30.94
N GLY B 5 1.28 18.09 -26.47
CA GLY B 5 1.26 17.05 -25.40
C GLY B 5 1.97 17.57 -24.16
N ASP B 6 1.39 18.51 -23.48
CA ASP B 6 2.03 19.07 -22.25
C ASP B 6 2.22 17.95 -21.23
N ASN B 7 1.35 16.98 -21.22
CA ASN B 7 1.49 15.86 -20.25
C ASN B 7 1.53 14.54 -21.00
N LYS B 8 2.17 14.51 -22.13
CA LYS B 8 2.25 13.24 -22.93
C LYS B 8 2.72 12.10 -22.02
N PRO B 9 2.08 10.94 -22.13
CA PRO B 9 2.43 9.76 -21.33
C PRO B 9 3.78 9.16 -21.77
N ALA B 10 4.58 8.71 -20.84
CA ALA B 10 5.90 8.13 -21.21
C ALA B 10 5.69 6.73 -21.81
N ASP B 11 6.70 6.21 -22.45
CA ASP B 11 6.55 4.85 -23.07
C ASP B 11 6.26 3.82 -21.97
N ASP B 12 6.81 4.01 -20.80
CA ASP B 12 6.57 3.05 -19.69
C ASP B 12 5.08 3.07 -19.33
N LEU B 13 4.53 4.24 -19.14
CA LEU B 13 3.09 4.34 -18.80
C LEU B 13 2.24 3.87 -19.99
N LEU B 14 2.64 4.22 -21.18
CA LEU B 14 1.85 3.81 -22.38
C LEU B 14 2.07 2.31 -22.63
N ASN B 15 3.25 1.82 -22.38
CA ASN B 15 3.53 0.37 -22.60
C ASN B 15 3.17 -0.42 -21.34
N LEU B 16 2.62 0.24 -20.35
CA LEU B 16 2.26 -0.48 -19.09
C LEU B 16 1.04 -1.37 -19.35
N GLU B 17 1.10 -2.61 -18.92
CA GLU B 17 -0.06 -3.52 -19.15
C GLU B 17 -1.17 -3.19 -18.15
N GLY B 18 -2.41 -3.25 -18.59
CA GLY B 18 -3.53 -2.94 -17.65
C GLY B 18 -3.89 -1.46 -17.77
N VAL B 19 -3.33 -0.77 -18.73
CA VAL B 19 -3.65 0.67 -18.90
C VAL B 19 -4.12 0.94 -20.32
N ASP B 20 -5.22 1.64 -20.47
CA ASP B 20 -5.73 1.92 -21.84
C ASP B 20 -5.28 3.32 -22.27
N ARG B 21 -5.30 3.60 -23.54
CA ARG B 21 -4.87 4.93 -24.03
C ARG B 21 -5.64 6.02 -23.26
N ASP B 22 -6.90 5.82 -23.04
CA ASP B 22 -7.70 6.84 -22.29
C ASP B 22 -7.21 6.90 -20.85
N LEU B 23 -6.96 5.78 -20.24
CA LEU B 23 -6.48 5.78 -18.83
C LEU B 23 -5.11 6.44 -18.75
N ALA B 24 -4.24 6.14 -19.68
CA ALA B 24 -2.88 6.76 -19.66
C ALA B 24 -3.02 8.28 -19.73
N PHE B 25 -3.91 8.77 -20.56
CA PHE B 25 -4.09 10.24 -20.67
C PHE B 25 -4.59 10.81 -19.34
N LYS B 26 -5.49 10.11 -18.70
CA LYS B 26 -6.00 10.60 -17.39
C LYS B 26 -4.86 10.70 -16.38
N LEU B 27 -3.99 9.73 -16.38
CA LEU B 27 -2.85 9.77 -15.41
C LEU B 27 -1.94 10.96 -15.74
N ALA B 28 -1.74 11.21 -17.00
CA ALA B 28 -0.85 12.36 -17.38
C ALA B 28 -1.51 13.67 -16.97
N ALA B 29 -2.81 13.76 -17.10
CA ALA B 29 -3.51 15.02 -16.72
C ALA B 29 -3.13 15.41 -15.29
N ARG B 30 -2.89 14.44 -14.44
CA ARG B 30 -2.52 14.74 -13.04
C ARG B 30 -0.99 14.88 -12.93
N GLY B 31 -0.34 15.18 -14.03
CA GLY B 31 1.15 15.32 -13.99
C GLY B 31 1.81 13.94 -14.02
N VAL B 32 1.10 12.90 -13.69
CA VAL B 32 1.72 11.54 -13.70
C VAL B 32 1.72 11.00 -15.13
N CYS B 33 2.86 10.95 -15.76
CA CYS B 33 2.92 10.43 -17.16
C CYS B 33 3.91 9.28 -17.24
N THR B 34 5.05 9.41 -16.62
CA THR B 34 6.05 8.32 -16.67
C THR B 34 5.57 7.14 -15.80
N LEU B 35 5.79 5.94 -16.25
CA LEU B 35 5.36 4.76 -15.43
C LEU B 35 5.90 4.90 -14.02
N GLU B 36 7.10 5.39 -13.88
CA GLU B 36 7.68 5.57 -12.51
C GLU B 36 6.82 6.57 -11.74
N ASP B 37 6.38 7.61 -12.39
CA ASP B 37 5.54 8.63 -11.69
C ASP B 37 4.25 7.94 -11.21
N LEU B 38 3.66 7.10 -12.03
CA LEU B 38 2.42 6.42 -11.62
C LEU B 38 2.70 5.58 -10.36
N ALA B 39 3.82 4.92 -10.32
CA ALA B 39 4.14 4.11 -9.11
C ALA B 39 4.23 5.02 -7.89
N GLU B 40 4.68 6.22 -8.07
CA GLU B 40 4.80 7.16 -6.92
C GLU B 40 3.39 7.60 -6.47
N GLN B 41 2.45 7.57 -7.37
CA GLN B 41 1.07 7.99 -7.02
C GLN B 41 0.47 6.98 -6.04
N GLY B 42 -0.58 7.34 -5.37
CA GLY B 42 -1.22 6.40 -4.40
C GLY B 42 -2.67 6.15 -4.81
N ILE B 43 -3.24 5.05 -4.39
CA ILE B 43 -4.65 4.75 -4.76
C ILE B 43 -5.54 5.96 -4.39
N ASP B 44 -5.22 6.63 -3.32
CA ASP B 44 -6.04 7.80 -2.91
C ASP B 44 -5.86 8.93 -3.93
N ASP B 45 -4.67 9.08 -4.45
CA ASP B 45 -4.43 10.16 -5.45
C ASP B 45 -5.11 9.81 -6.77
N LEU B 46 -5.21 8.54 -7.07
CA LEU B 46 -5.86 8.13 -8.35
C LEU B 46 -7.38 8.29 -8.22
N ALA B 47 -7.88 8.23 -7.02
CA ALA B 47 -9.35 8.38 -6.82
C ALA B 47 -9.81 9.75 -7.34
N ASP B 48 -8.91 10.70 -7.40
CA ASP B 48 -9.29 12.04 -7.91
C ASP B 48 -10.06 11.91 -9.22
N ILE B 49 -9.73 10.92 -10.01
CA ILE B 49 -10.44 10.74 -11.30
C ILE B 49 -11.44 9.59 -11.18
N GLU B 50 -12.68 9.82 -11.54
CA GLU B 50 -13.69 8.74 -11.44
C GLU B 50 -13.29 7.57 -12.36
N GLY B 51 -12.66 7.87 -13.46
CA GLY B 51 -12.24 6.80 -14.39
C GLY B 51 -11.37 5.78 -13.65
N LEU B 52 -10.63 6.22 -12.67
CA LEU B 52 -9.76 5.28 -11.91
C LEU B 52 -10.43 4.93 -10.58
N THR B 53 -10.50 3.67 -10.25
CA THR B 53 -11.15 3.26 -8.98
C THR B 53 -10.06 2.88 -7.96
N ASP B 54 -10.41 2.82 -6.70
CA ASP B 54 -9.39 2.46 -5.67
C ASP B 54 -8.80 1.08 -6.00
N GLU B 55 -9.60 0.18 -6.47
CA GLU B 55 -9.08 -1.18 -6.80
C GLU B 55 -8.26 -1.11 -8.09
N LYS B 56 -8.76 -0.44 -9.10
CA LYS B 56 -8.01 -0.33 -10.38
C LYS B 56 -6.72 0.45 -10.15
N ALA B 57 -6.79 1.53 -9.40
CA ALA B 57 -5.57 2.33 -9.13
C ALA B 57 -4.53 1.48 -8.40
N GLY B 58 -4.95 0.75 -7.39
CA GLY B 58 -3.99 -0.11 -6.64
C GLY B 58 -3.31 -1.08 -7.61
N ALA B 59 -4.07 -1.70 -8.46
CA ALA B 59 -3.47 -2.67 -9.44
C ALA B 59 -2.43 -1.94 -10.28
N LEU B 60 -2.71 -0.75 -10.71
CA LEU B 60 -1.74 0.00 -11.55
C LEU B 60 -0.48 0.28 -10.73
N ILE B 61 -0.64 0.56 -9.46
CA ILE B 61 0.55 0.85 -8.60
C ILE B 61 1.40 -0.42 -8.46
N MET B 62 0.81 -1.50 -8.02
CA MET B 62 1.58 -2.76 -7.86
C MET B 62 2.32 -3.07 -9.16
N ALA B 63 1.70 -2.81 -10.28
CA ALA B 63 2.37 -3.09 -11.58
C ALA B 63 3.53 -2.12 -11.78
N ALA B 64 3.25 -0.85 -11.74
CA ALA B 64 4.33 0.16 -11.92
C ALA B 64 5.35 0.03 -10.77
N ARG B 65 4.88 0.05 -9.56
CA ARG B 65 5.81 -0.08 -8.40
C ARG B 65 6.79 -1.23 -8.67
N ASN B 66 6.28 -2.37 -9.07
CA ASN B 66 7.19 -3.52 -9.35
C ASN B 66 8.18 -3.13 -10.44
N ILE B 67 7.74 -2.44 -11.45
CA ILE B 67 8.66 -2.04 -12.54
C ILE B 67 9.79 -1.19 -11.97
N CYS B 68 9.49 -0.35 -11.00
CA CYS B 68 10.55 0.50 -10.40
C CYS B 68 11.49 -0.37 -9.57
N TRP B 69 10.96 -1.20 -8.71
CA TRP B 69 11.83 -2.07 -7.87
C TRP B 69 12.49 -3.13 -8.75
N PHE B 70 11.74 -3.71 -9.66
CA PHE B 70 12.32 -4.76 -10.54
C PHE B 70 13.13 -4.10 -11.66
N GLY B 71 12.68 -2.99 -12.15
CA GLY B 71 13.43 -2.30 -13.25
C GLY B 71 13.37 -3.17 -14.51
N ASP B 72 12.59 -4.20 -14.50
CA ASP B 72 12.49 -5.08 -15.70
C ASP B 72 13.84 -5.75 -15.94
N GLU B 73 14.81 -5.01 -16.41
CA GLU B 73 16.15 -5.62 -16.67
C GLU B 73 17.03 -5.47 -15.42
N ALA B 74 17.94 -6.38 -15.22
CA ALA B 74 18.82 -6.29 -14.01
C ALA B 74 18.02 -6.66 -12.76
#